data_9G7I
#
_entry.id   9G7I
#
_cell.length_a   298.077
_cell.length_b   298.077
_cell.length_c   127.526
_cell.angle_alpha   90.00
_cell.angle_beta   90.00
_cell.angle_gamma   90.00
#
_symmetry.space_group_name_H-M   'P 42 21 2'
#
loop_
_entity.id
_entity.type
_entity.pdbx_description
1 polymer 'CO-methylating acetyl-CoA synthase'
2 polymer 'Carbon monoxide dehydrogenase'
3 non-polymer 'IRON/SULFUR CLUSTER'
4 non-polymer 'NICKEL (II) ION'
5 non-polymer 1,2-ETHANEDIOL
6 non-polymer 2-{2-[2-(2-{2-[2-(2-ETHOXY-ETHOXY)-ETHOXY]-ETHOXY}-ETHOXY)-ETHOXY]-ETHOXY}-ETHANOL
7 non-polymer GLYCEROL
8 non-polymer DI(HYDROXYETHYL)ETHER
9 non-polymer 'CALCIUM ION'
10 non-polymer 'CHLORIDE ION'
11 non-polymer 'FE(4)-NI(1)-S(4) CLUSTER'
12 non-polymer 'ACETYL COENZYME *A'
13 non-polymer 2-AMINO-2-HYDROXYMETHYL-PROPANE-1,3-DIOL
14 water water
#
loop_
_entity_poly.entity_id
_entity_poly.type
_entity_poly.pdbx_seq_one_letter_code
_entity_poly.pdbx_strand_id
1 'polypeptide(L)'
;MNLFQTVFTGSKQALAAAEGIVKQAVDEKGRDYKVAFPDTAYSLPVIFAATGKKITNVGELEGALDIVRSLIVEEEMLDK
LLNSGLATAVAAEIIEAAKYVLSDAPYAEPCVGFISDPIIRSLGVPLVTGDIPGVAVILGECPDSETAAKIIKDYQSKGL
LTCLVGKVIDQAIEGKVKMGLDLRVIPLGYDVTSVIHVVTIAIRAALIFGGIKGGQLNDILKYTAERVPAFVNAFGPLSE
LVVSAGAGAIALGFPVLTDQVVPEVPTLLLTQKDYDKMVKTSLEARNIKIKITEIPIPVSFAAAFEGERIRKNDMLAEFG
GNKTKAWELVMCADQGEVEDHKIEVIGPDIDTIDKAPGRMPLGMLIKVSGTNMQKDFEPVLERRLHYFLNYIEGVMHVGQ
RNLTWVRIGKEAFEKGFRLKHFGEVIYAKMLDEFGSVVDKCEVTIITDPGKAEELEGKYAVPRYKERDARLESLVDEKVD
TFYSCNLCQSFAPAHVCIVTPERLGLCGAVSWLDAKATLELNPTGPCQAVPKEGVVDENLGIWEKVNETVSKISQGAVTS
VTLYSILQDPMTSCGCFECITGIMPEANGVVMVNREFGATTPLGMTFGELASMTGGGVQTPGFMGHGRQFIASKKFMKGE
GGLGRIVWMPKELKDFVAEKLNKTAKELYNIDNFADMICDETIATESEEVVKFLEEKGHPALKMDPIM
;
A,D
2 'polypeptide(L)'
;MEEKAKSIDQATLQLLDKAKQDGVETVWDRKADMKVQCGFGSAGVCCRNCSMGPCRVSPVPGKGVERGICGATADVIVSR
NFARMVAAGTAAHSDHGRSIALSLYHTSKDGDIKVKDENKLKEVAKSFNVETEGRDIYDIAHDVAKEGLSNYGKQLGEVT
LPPSLPEKRKELWRKLGVYPRAVDREIAAVMHSTHIGCNADAEAMIKMSMRCSLTDGWMGSFMGTEFSDIMFGTPHSIDT
EANLGVLEKNSVNVVLHGHEPLLSEMVVEAASDPELVELAKSVGADGINLCGMCCTGNEVSMRHGIKIAGNFMQQELAVV
TGAVDGLIVDVQCIMPALAKLSKSYHTKFITTSPKAHITDSIYMEFDEENPLDSAKKILKEAILNFKNRDQSKVMIPELK
CKAILGYSVEEIINKLDKVVNTQIGPMQTVKPLADVLVSGVLRGAAAVVGCNNPKVVQDSAHIETIKGLIKNDVIVVVTG
CAAQAAAKYGLLQKEAAEKYAGPGLATVCKLVDIPPVLHMGSCVDISRILDLVGRVANLLGVDMSDLPVAGVAPEWMSEK
AVAIGTYVVTSGIDTWLGVAPPVTGGPEVVDILTNKMEDWVGAKFFIETDPHKAVEQIVNRMNEKRKKLGI
;
B,C
#
loop_
_chem_comp.id
_chem_comp.type
_chem_comp.name
_chem_comp.formula
ACO non-polymer 'ACETYL COENZYME *A' 'C23 H38 N7 O17 P3 S'
CA non-polymer 'CALCIUM ION' 'Ca 2'
CL non-polymer 'CHLORIDE ION' 'Cl -1'
EDO non-polymer 1,2-ETHANEDIOL 'C2 H6 O2'
GOL non-polymer GLYCEROL 'C3 H8 O3'
NI non-polymer 'NICKEL (II) ION' 'Ni 2'
PE4 non-polymer 2-{2-[2-(2-{2-[2-(2-ETHOXY-ETHOXY)-ETHOXY]-ETHOXY}-ETHOXY)-ETHOXY]-ETHOXY}-ETHANOL 'C16 H34 O8'
PEG non-polymer DI(HYDROXYETHYL)ETHER 'C4 H10 O3'
SF4 non-polymer 'IRON/SULFUR CLUSTER' 'Fe4 S4'
TRS non-polymer 2-AMINO-2-HYDROXYMETHYL-PROPANE-1,3-DIOL 'C4 H12 N O3 1'
XCC non-polymer 'FE(4)-NI(1)-S(4) CLUSTER' 'Fe4 Ni S4'
#
# COMPACT_ATOMS: atom_id res chain seq x y z
N MET A 1 -19.61 -34.06 -43.85
CA MET A 1 -18.31 -34.04 -44.51
C MET A 1 -17.88 -32.62 -44.77
N ASN A 2 -16.57 -32.37 -44.79
CA ASN A 2 -16.05 -31.04 -45.09
C ASN A 2 -16.14 -30.81 -46.62
N LEU A 3 -15.86 -29.58 -47.08
CA LEU A 3 -15.92 -29.28 -48.52
C LEU A 3 -15.02 -30.22 -49.32
N PHE A 4 -13.81 -30.49 -48.83
CA PHE A 4 -12.86 -31.35 -49.52
C PHE A 4 -13.40 -32.75 -49.74
N GLN A 5 -13.78 -33.44 -48.67
CA GLN A 5 -14.28 -34.80 -48.77
C GLN A 5 -15.55 -34.87 -49.63
N THR A 6 -16.40 -33.84 -49.58
CA THR A 6 -17.61 -33.80 -50.40
C THR A 6 -17.23 -33.79 -51.89
N VAL A 7 -16.26 -32.96 -52.27
CA VAL A 7 -15.79 -32.86 -53.65
C VAL A 7 -15.15 -34.20 -54.09
N PHE A 8 -14.28 -34.78 -53.25
CA PHE A 8 -13.64 -36.04 -53.61
C PHE A 8 -14.72 -37.09 -53.85
N THR A 9 -15.66 -37.21 -52.91
CA THR A 9 -16.76 -38.17 -53.03
C THR A 9 -17.52 -38.05 -54.35
N GLY A 10 -17.92 -36.83 -54.72
CA GLY A 10 -18.65 -36.58 -55.95
C GLY A 10 -17.83 -36.88 -57.18
N SER A 11 -16.49 -36.64 -57.11
CA SER A 11 -15.59 -36.91 -58.23
C SER A 11 -15.49 -38.41 -58.43
N LYS A 12 -15.42 -39.19 -57.34
CA LYS A 12 -15.38 -40.64 -57.43
C LYS A 12 -16.69 -41.15 -58.03
N GLN A 13 -17.83 -40.55 -57.65
CA GLN A 13 -19.14 -40.90 -58.18
C GLN A 13 -19.17 -40.61 -59.70
N ALA A 14 -18.60 -39.45 -60.10
CA ALA A 14 -18.52 -39.05 -61.52
C ALA A 14 -17.69 -40.07 -62.29
N LEU A 15 -16.56 -40.51 -61.72
CA LEU A 15 -15.72 -41.51 -62.37
C LEU A 15 -16.49 -42.83 -62.47
N ALA A 16 -17.18 -43.25 -61.41
CA ALA A 16 -17.96 -44.49 -61.39
C ALA A 16 -19.04 -44.47 -62.48
N ALA A 17 -19.66 -43.30 -62.70
CA ALA A 17 -20.68 -43.14 -63.73
C ALA A 17 -20.05 -43.23 -65.13
N ALA A 18 -18.85 -42.68 -65.28
CA ALA A 18 -18.13 -42.71 -66.56
C ALA A 18 -17.57 -44.08 -66.88
N GLU A 19 -17.33 -44.91 -65.86
CA GLU A 19 -16.82 -46.26 -66.07
C GLU A 19 -17.98 -47.12 -66.57
N GLY A 20 -19.16 -46.94 -65.97
CA GLY A 20 -20.36 -47.68 -66.33
C GLY A 20 -20.89 -47.42 -67.72
N ILE A 21 -20.84 -46.15 -68.14
CA ILE A 21 -21.34 -45.78 -69.49
C ILE A 21 -20.32 -46.25 -70.54
N VAL A 22 -19.04 -46.11 -70.24
CA VAL A 22 -17.99 -46.50 -71.19
C VAL A 22 -18.08 -48.02 -71.41
N LYS A 23 -18.37 -48.80 -70.34
CA LYS A 23 -18.50 -50.26 -70.47
C LYS A 23 -19.62 -50.60 -71.47
N GLN A 24 -20.74 -49.87 -71.42
CA GLN A 24 -21.86 -50.11 -72.34
C GLN A 24 -21.41 -49.88 -73.79
N ALA A 25 -20.58 -48.87 -74.04
CA ALA A 25 -20.08 -48.58 -75.38
C ALA A 25 -19.12 -49.66 -75.87
N VAL A 26 -18.30 -50.25 -74.98
CA VAL A 26 -17.37 -51.29 -75.42
C VAL A 26 -18.13 -52.59 -75.67
N ASP A 27 -19.12 -52.90 -74.82
CA ASP A 27 -19.92 -54.12 -74.94
C ASP A 27 -20.96 -54.03 -76.07
N GLU A 28 -21.40 -52.81 -76.44
CA GLU A 28 -22.43 -52.63 -77.46
C GLU A 28 -21.91 -52.18 -78.82
N LYS A 29 -20.85 -51.34 -78.88
CA LYS A 29 -20.33 -50.85 -80.15
C LYS A 29 -18.87 -51.24 -80.44
N GLY A 30 -18.18 -51.85 -79.48
CA GLY A 30 -16.80 -52.26 -79.67
C GLY A 30 -15.82 -51.15 -79.40
N ARG A 31 -14.53 -51.50 -79.19
CA ARG A 31 -13.49 -50.51 -78.89
C ARG A 31 -12.95 -49.76 -80.11
N ASP A 32 -13.48 -50.01 -81.31
CA ASP A 32 -13.02 -49.32 -82.52
C ASP A 32 -14.06 -48.33 -83.07
N TYR A 33 -15.29 -48.34 -82.51
CA TYR A 33 -16.37 -47.45 -82.95
C TYR A 33 -15.95 -45.98 -82.80
N LYS A 34 -16.28 -45.14 -83.79
CA LYS A 34 -15.92 -43.73 -83.78
C LYS A 34 -16.66 -42.91 -82.74
N VAL A 35 -15.91 -42.15 -81.94
CA VAL A 35 -16.48 -41.27 -80.92
C VAL A 35 -16.18 -39.84 -81.35
N ALA A 36 -17.22 -39.00 -81.43
CA ALA A 36 -17.07 -37.62 -81.84
C ALA A 36 -18.31 -36.80 -81.46
N PHE A 37 -18.14 -35.49 -81.31
CA PHE A 37 -19.26 -34.61 -80.98
C PHE A 37 -19.72 -33.92 -82.28
N PRO A 38 -21.00 -33.53 -82.40
CA PRO A 38 -21.46 -32.92 -83.66
C PRO A 38 -20.80 -31.59 -84.05
N ASP A 39 -20.19 -31.57 -85.25
CA ASP A 39 -19.58 -30.38 -85.82
C ASP A 39 -18.68 -29.60 -84.84
N THR A 40 -17.47 -30.11 -84.61
CA THR A 40 -16.49 -29.48 -83.74
C THR A 40 -15.09 -29.81 -84.24
N ALA A 41 -14.20 -28.82 -84.23
CA ALA A 41 -12.82 -29.03 -84.69
C ALA A 41 -11.86 -29.33 -83.53
N TYR A 42 -12.39 -29.60 -82.34
CA TYR A 42 -11.52 -29.83 -81.16
C TYR A 42 -11.89 -31.15 -80.48
N SER A 43 -12.44 -32.10 -81.24
CA SER A 43 -12.77 -33.44 -80.67
C SER A 43 -13.47 -33.29 -79.31
N LEU A 44 -12.83 -33.77 -78.24
CA LEU A 44 -13.39 -33.58 -76.88
C LEU A 44 -12.68 -32.34 -76.32
N PRO A 45 -13.31 -31.14 -76.33
CA PRO A 45 -12.62 -29.92 -75.91
C PRO A 45 -11.89 -30.03 -74.57
N VAL A 46 -12.57 -30.51 -73.54
CA VAL A 46 -11.96 -30.59 -72.17
C VAL A 46 -10.67 -31.40 -72.27
N ILE A 47 -10.76 -32.65 -72.72
CA ILE A 47 -9.55 -33.53 -72.82
C ILE A 47 -8.53 -32.85 -73.74
N PHE A 48 -9.00 -32.24 -74.83
CA PHE A 48 -8.09 -31.61 -75.78
C PHE A 48 -7.38 -30.43 -75.12
N ALA A 49 -8.05 -29.72 -74.21
CA ALA A 49 -7.43 -28.59 -73.52
C ALA A 49 -6.40 -29.06 -72.50
N ALA A 50 -6.72 -30.11 -71.75
CA ALA A 50 -5.82 -30.63 -70.71
C ALA A 50 -4.63 -31.44 -71.25
N THR A 51 -4.87 -32.34 -72.22
CA THR A 51 -3.83 -33.20 -72.77
C THR A 51 -3.33 -32.81 -74.15
N GLY A 52 -4.11 -32.04 -74.90
CA GLY A 52 -3.74 -31.66 -76.26
C GLY A 52 -3.92 -32.78 -77.26
N LYS A 53 -4.46 -33.93 -76.81
CA LYS A 53 -4.69 -35.11 -77.64
C LYS A 53 -6.16 -35.16 -78.02
N LYS A 54 -6.47 -35.83 -79.15
CA LYS A 54 -7.85 -35.96 -79.62
C LYS A 54 -8.34 -37.39 -79.43
N ILE A 55 -9.58 -37.55 -78.98
CA ILE A 55 -10.19 -38.86 -78.75
C ILE A 55 -11.03 -39.18 -79.99
N THR A 56 -10.66 -40.23 -80.74
CA THR A 56 -11.35 -40.61 -81.97
C THR A 56 -12.15 -41.92 -81.88
N ASN A 57 -11.70 -42.91 -81.08
CA ASN A 57 -12.43 -44.19 -80.97
C ASN A 57 -12.81 -44.53 -79.53
N VAL A 58 -13.75 -45.48 -79.36
CA VAL A 58 -14.22 -45.92 -78.04
C VAL A 58 -13.04 -46.43 -77.17
N GLY A 59 -12.04 -47.04 -77.79
CA GLY A 59 -10.87 -47.52 -77.07
C GLY A 59 -10.10 -46.37 -76.47
N GLU A 60 -9.95 -45.28 -77.24
CA GLU A 60 -9.27 -44.06 -76.78
C GLU A 60 -10.10 -43.39 -75.68
N LEU A 61 -11.43 -43.39 -75.82
CA LEU A 61 -12.35 -42.83 -74.81
C LEU A 61 -12.20 -43.61 -73.50
N GLU A 62 -11.97 -44.93 -73.59
CA GLU A 62 -11.77 -45.76 -72.41
C GLU A 62 -10.46 -45.33 -71.71
N GLY A 63 -9.42 -45.07 -72.50
CA GLY A 63 -8.13 -44.62 -71.98
C GLY A 63 -8.21 -43.28 -71.27
N ALA A 64 -9.10 -42.40 -71.76
CA ALA A 64 -9.30 -41.07 -71.16
C ALA A 64 -9.79 -41.18 -69.71
N LEU A 65 -10.33 -42.35 -69.30
CA LEU A 65 -10.78 -42.53 -67.91
C LEU A 65 -9.60 -42.38 -66.95
N ASP A 66 -8.37 -42.72 -67.38
CA ASP A 66 -7.17 -42.59 -66.54
C ASP A 66 -6.86 -41.12 -66.22
N ILE A 67 -7.29 -40.18 -67.10
CA ILE A 67 -7.09 -38.74 -66.86
C ILE A 67 -7.94 -38.35 -65.65
N VAL A 68 -9.18 -38.86 -65.59
CA VAL A 68 -10.09 -38.60 -64.48
C VAL A 68 -9.47 -39.13 -63.19
N ARG A 69 -8.93 -40.35 -63.22
CA ARG A 69 -8.32 -40.98 -62.06
C ARG A 69 -7.09 -40.19 -61.59
N SER A 70 -6.26 -39.72 -62.53
CA SER A 70 -5.06 -38.96 -62.21
C SER A 70 -5.36 -37.60 -61.55
N LEU A 71 -6.48 -36.98 -61.90
CA LEU A 71 -6.86 -35.70 -61.33
C LEU A 71 -7.44 -35.83 -59.92
N ILE A 72 -7.86 -37.03 -59.48
CA ILE A 72 -8.40 -37.21 -58.13
C ILE A 72 -7.29 -37.64 -57.17
N VAL A 73 -6.84 -36.71 -56.31
CA VAL A 73 -5.81 -36.98 -55.31
C VAL A 73 -6.41 -36.54 -53.98
N GLU A 74 -6.84 -37.52 -53.18
CA GLU A 74 -7.52 -37.22 -51.88
C GLU A 74 -6.53 -36.70 -50.85
N GLU A 75 -6.12 -35.44 -50.97
CA GLU A 75 -5.24 -34.76 -50.02
C GLU A 75 -5.85 -33.39 -49.84
N GLU A 76 -6.07 -32.97 -48.59
CA GLU A 76 -6.73 -31.68 -48.34
C GLU A 76 -5.83 -30.45 -48.54
N MET A 77 -5.76 -30.02 -49.81
CA MET A 77 -5.01 -28.79 -50.18
C MET A 77 -5.75 -28.20 -51.39
N LEU A 78 -5.87 -26.88 -51.49
CA LEU A 78 -6.70 -26.27 -52.57
C LEU A 78 -6.45 -26.94 -53.93
N ASP A 79 -5.21 -26.88 -54.44
CA ASP A 79 -4.90 -27.42 -55.80
C ASP A 79 -5.58 -28.78 -55.99
N LYS A 80 -5.56 -29.64 -54.98
CA LYS A 80 -6.10 -31.00 -55.08
C LYS A 80 -7.61 -30.92 -55.30
N LEU A 81 -8.27 -30.03 -54.55
CA LEU A 81 -9.74 -29.85 -54.67
C LEU A 81 -10.06 -29.40 -56.10
N LEU A 82 -9.33 -28.39 -56.60
CA LEU A 82 -9.62 -27.88 -57.94
C LEU A 82 -9.37 -28.96 -59.01
N ASN A 83 -8.29 -29.76 -58.88
CA ASN A 83 -8.03 -30.84 -59.83
C ASN A 83 -9.13 -31.89 -59.76
N SER A 84 -9.66 -32.16 -58.56
CA SER A 84 -10.77 -33.10 -58.38
C SER A 84 -12.00 -32.58 -59.15
N GLY A 85 -12.18 -31.26 -59.15
CA GLY A 85 -13.25 -30.63 -59.88
C GLY A 85 -13.06 -30.81 -61.37
N LEU A 86 -11.80 -30.69 -61.85
CA LEU A 86 -11.49 -30.89 -63.28
C LEU A 86 -11.68 -32.37 -63.63
N ALA A 87 -11.50 -33.29 -62.67
CA ALA A 87 -11.71 -34.71 -62.90
C ALA A 87 -13.20 -34.91 -63.19
N THR A 88 -14.09 -34.24 -62.43
CA THR A 88 -15.53 -34.32 -62.62
C THR A 88 -15.89 -33.77 -64.00
N ALA A 89 -15.23 -32.68 -64.43
CA ALA A 89 -15.49 -32.11 -65.74
C ALA A 89 -15.08 -33.09 -66.84
N VAL A 90 -13.90 -33.73 -66.72
CA VAL A 90 -13.45 -34.70 -67.72
C VAL A 90 -14.39 -35.92 -67.72
N ALA A 91 -14.84 -36.36 -66.54
CA ALA A 91 -15.76 -37.49 -66.43
C ALA A 91 -17.08 -37.18 -67.12
N ALA A 92 -17.59 -35.94 -66.95
CA ALA A 92 -18.85 -35.50 -67.56
C ALA A 92 -18.72 -35.50 -69.08
N GLU A 93 -17.56 -35.10 -69.61
CA GLU A 93 -17.32 -35.08 -71.05
C GLU A 93 -17.34 -36.50 -71.57
N ILE A 94 -16.67 -37.43 -70.89
CA ILE A 94 -16.64 -38.83 -71.31
C ILE A 94 -18.07 -39.40 -71.30
N ILE A 95 -18.83 -39.15 -70.23
CA ILE A 95 -20.22 -39.62 -70.14
C ILE A 95 -21.06 -39.10 -71.33
N GLU A 96 -20.90 -37.81 -71.67
CA GLU A 96 -21.64 -37.19 -72.78
C GLU A 96 -21.16 -37.69 -74.14
N ALA A 97 -19.85 -37.90 -74.32
CA ALA A 97 -19.29 -38.40 -75.57
C ALA A 97 -19.83 -39.82 -75.81
N ALA A 98 -19.90 -40.62 -74.74
CA ALA A 98 -20.42 -41.97 -74.81
C ALA A 98 -21.91 -41.94 -75.20
N LYS A 99 -22.67 -40.95 -74.70
CA LYS A 99 -24.09 -40.78 -75.02
C LYS A 99 -24.28 -40.67 -76.54
N TYR A 100 -23.39 -39.92 -77.21
CA TYR A 100 -23.42 -39.74 -78.67
C TYR A 100 -22.96 -41.00 -79.43
N VAL A 101 -22.29 -41.94 -78.74
CA VAL A 101 -21.85 -43.19 -79.35
C VAL A 101 -23.03 -44.17 -79.31
N LEU A 102 -23.62 -44.37 -78.13
CA LEU A 102 -24.75 -45.28 -77.96
C LEU A 102 -26.03 -44.80 -78.65
N SER A 103 -26.07 -43.53 -79.10
CA SER A 103 -27.23 -42.96 -79.78
C SER A 103 -26.76 -41.85 -80.71
N ASP A 104 -27.13 -41.90 -82.00
CA ASP A 104 -26.69 -40.90 -82.97
C ASP A 104 -27.09 -39.48 -82.54
N ALA A 105 -28.38 -39.29 -82.21
CA ALA A 105 -28.88 -38.00 -81.75
C ALA A 105 -29.46 -38.22 -80.35
N PRO A 106 -28.62 -38.23 -79.29
CA PRO A 106 -29.16 -38.49 -77.96
C PRO A 106 -30.09 -37.41 -77.44
N TYR A 107 -29.91 -36.15 -77.87
CA TYR A 107 -30.75 -35.05 -77.41
C TYR A 107 -31.88 -34.72 -78.38
N ALA A 108 -32.89 -34.04 -77.87
CA ALA A 108 -34.06 -33.62 -78.64
C ALA A 108 -34.68 -32.40 -77.95
N GLU A 109 -35.38 -31.54 -78.70
CA GLU A 109 -36.00 -30.34 -78.12
C GLU A 109 -36.84 -30.67 -76.87
N PRO A 110 -36.85 -29.84 -75.81
CA PRO A 110 -36.18 -28.53 -75.66
C PRO A 110 -34.66 -28.61 -75.53
N CYS A 111 -34.15 -29.62 -74.83
CA CYS A 111 -32.70 -29.74 -74.62
C CYS A 111 -31.88 -29.77 -75.91
N VAL A 112 -30.70 -29.16 -75.86
CA VAL A 112 -29.81 -29.03 -77.01
C VAL A 112 -28.65 -30.01 -76.96
N GLY A 113 -28.04 -30.16 -75.80
CA GLY A 113 -26.89 -31.03 -75.65
C GLY A 113 -25.63 -30.33 -76.09
N PHE A 114 -24.83 -30.98 -76.95
CA PHE A 114 -23.58 -30.39 -77.41
C PHE A 114 -23.83 -29.13 -78.23
N ILE A 115 -22.98 -28.11 -78.05
CA ILE A 115 -23.07 -26.84 -78.79
C ILE A 115 -22.00 -26.86 -79.87
N SER A 116 -22.40 -26.81 -81.14
CA SER A 116 -21.47 -26.87 -82.27
C SER A 116 -20.59 -25.61 -82.38
N ASP A 117 -19.39 -25.76 -82.99
CA ASP A 117 -18.43 -24.66 -83.16
C ASP A 117 -19.04 -23.40 -83.81
N PRO A 118 -19.87 -23.49 -84.87
CA PRO A 118 -20.45 -22.27 -85.44
C PRO A 118 -21.19 -21.43 -84.41
N ILE A 119 -21.85 -22.07 -83.44
CA ILE A 119 -22.56 -21.33 -82.39
C ILE A 119 -21.53 -20.61 -81.51
N ILE A 120 -20.40 -21.28 -81.19
CA ILE A 120 -19.33 -20.70 -80.38
C ILE A 120 -18.78 -19.45 -81.09
N ARG A 121 -18.67 -19.51 -82.43
CA ARG A 121 -18.18 -18.39 -83.21
C ARG A 121 -19.21 -17.26 -83.15
N SER A 122 -20.49 -17.60 -83.36
CA SER A 122 -21.60 -16.66 -83.34
C SER A 122 -21.73 -15.94 -81.99
N LEU A 123 -21.56 -16.64 -80.87
CA LEU A 123 -21.68 -16.07 -79.53
C LEU A 123 -20.37 -15.51 -78.99
N GLY A 124 -19.25 -15.98 -79.49
CA GLY A 124 -17.95 -15.54 -79.01
C GLY A 124 -17.66 -14.08 -79.26
N VAL A 125 -18.03 -13.57 -80.44
CA VAL A 125 -17.77 -12.17 -80.76
C VAL A 125 -18.57 -11.24 -79.82
N PRO A 126 -19.91 -11.38 -79.69
CA PRO A 126 -20.64 -10.51 -78.75
C PRO A 126 -20.14 -10.66 -77.31
N LEU A 127 -19.59 -11.83 -76.95
CA LEU A 127 -19.04 -12.02 -75.61
C LEU A 127 -17.82 -11.13 -75.46
N VAL A 128 -16.94 -11.12 -76.48
CA VAL A 128 -15.72 -10.30 -76.47
C VAL A 128 -16.08 -8.82 -76.47
N THR A 129 -17.03 -8.41 -77.31
CA THR A 129 -17.44 -7.00 -77.38
C THR A 129 -18.21 -6.55 -76.12
N GLY A 130 -18.59 -7.48 -75.26
CA GLY A 130 -19.34 -7.15 -74.05
C GLY A 130 -20.83 -7.05 -74.25
N ASP A 131 -21.33 -7.27 -75.48
CA ASP A 131 -22.77 -7.21 -75.76
C ASP A 131 -23.52 -8.30 -74.96
N ILE A 132 -22.82 -9.41 -74.63
CA ILE A 132 -23.32 -10.48 -73.77
C ILE A 132 -22.49 -10.24 -72.50
N PRO A 133 -23.03 -9.54 -71.48
CA PRO A 133 -22.21 -9.24 -70.29
C PRO A 133 -21.80 -10.44 -69.44
N GLY A 134 -22.60 -11.50 -69.43
CA GLY A 134 -22.30 -12.66 -68.62
C GLY A 134 -22.98 -13.91 -69.08
N VAL A 135 -22.52 -15.06 -68.56
CA VAL A 135 -23.08 -16.36 -68.88
C VAL A 135 -23.57 -16.99 -67.59
N ALA A 136 -24.90 -16.96 -67.38
CA ALA A 136 -25.53 -17.51 -66.19
C ALA A 136 -25.79 -19.00 -66.36
N VAL A 137 -25.05 -19.86 -65.66
CA VAL A 137 -25.26 -21.30 -65.74
C VAL A 137 -26.20 -21.67 -64.60
N ILE A 138 -27.52 -21.66 -64.87
CA ILE A 138 -28.52 -22.00 -63.81
C ILE A 138 -28.60 -23.52 -63.72
N LEU A 139 -28.47 -24.09 -62.52
CA LEU A 139 -28.44 -25.57 -62.38
C LEU A 139 -29.26 -26.01 -61.16
N GLY A 140 -30.11 -27.03 -61.33
CA GLY A 140 -30.87 -27.57 -60.18
C GLY A 140 -32.36 -27.29 -60.26
N GLU A 141 -33.02 -27.13 -59.11
CA GLU A 141 -34.45 -26.89 -59.05
C GLU A 141 -34.77 -25.72 -58.11
N CYS A 142 -35.70 -24.87 -58.53
CA CYS A 142 -36.13 -23.70 -57.74
C CYS A 142 -37.31 -24.09 -56.85
N PRO A 143 -37.65 -23.31 -55.80
CA PRO A 143 -38.81 -23.68 -54.97
C PRO A 143 -40.11 -23.78 -55.78
N ASP A 144 -40.27 -22.90 -56.78
CA ASP A 144 -41.45 -22.89 -57.64
C ASP A 144 -41.10 -22.29 -59.01
N SER A 145 -41.93 -22.55 -60.03
CA SER A 145 -41.69 -22.03 -61.37
C SER A 145 -41.70 -20.49 -61.37
N GLU A 146 -42.45 -19.88 -60.45
CA GLU A 146 -42.54 -18.43 -60.37
C GLU A 146 -41.16 -17.81 -60.07
N THR A 147 -40.37 -18.42 -59.16
CA THR A 147 -39.03 -17.88 -58.83
C THR A 147 -38.04 -18.18 -59.97
N ALA A 148 -38.19 -19.34 -60.65
CA ALA A 148 -37.28 -19.69 -61.74
C ALA A 148 -37.49 -18.66 -62.85
N ALA A 149 -38.71 -18.56 -63.40
CA ALA A 149 -39.01 -17.60 -64.45
C ALA A 149 -38.60 -16.18 -64.09
N LYS A 150 -38.87 -15.76 -62.84
CA LYS A 150 -38.51 -14.43 -62.36
C LYS A 150 -37.01 -14.17 -62.56
N ILE A 151 -36.17 -15.13 -62.15
CA ILE A 151 -34.71 -15.02 -62.26
C ILE A 151 -34.26 -15.09 -63.72
N ILE A 152 -34.67 -16.14 -64.46
CA ILE A 152 -34.26 -16.28 -65.86
C ILE A 152 -34.63 -15.05 -66.69
N LYS A 153 -35.88 -14.60 -66.60
CA LYS A 153 -36.32 -13.42 -67.34
C LYS A 153 -35.52 -12.18 -66.95
N ASP A 154 -35.04 -12.11 -65.71
CA ASP A 154 -34.25 -10.98 -65.24
C ASP A 154 -32.85 -11.05 -65.85
N TYR A 155 -32.22 -12.24 -65.89
CA TYR A 155 -30.89 -12.37 -66.48
C TYR A 155 -30.97 -12.05 -67.97
N GLN A 156 -31.99 -12.59 -68.67
CA GLN A 156 -32.17 -12.33 -70.09
C GLN A 156 -32.43 -10.84 -70.35
N SER A 157 -33.06 -10.13 -69.39
CA SER A 157 -33.34 -8.69 -69.52
C SER A 157 -32.05 -7.88 -69.58
N LYS A 158 -30.97 -8.37 -68.95
CA LYS A 158 -29.70 -7.67 -68.96
C LYS A 158 -28.76 -8.13 -70.10
N GLY A 159 -29.30 -8.88 -71.07
CA GLY A 159 -28.53 -9.37 -72.20
C GLY A 159 -27.58 -10.51 -71.89
N LEU A 160 -27.78 -11.18 -70.76
CA LEU A 160 -26.90 -12.29 -70.37
C LEU A 160 -27.33 -13.56 -71.09
N LEU A 161 -26.37 -14.48 -71.30
CA LEU A 161 -26.66 -15.76 -71.92
C LEU A 161 -26.94 -16.74 -70.80
N THR A 162 -28.19 -17.18 -70.69
CA THR A 162 -28.59 -18.11 -69.65
C THR A 162 -28.56 -19.53 -70.19
N CYS A 163 -27.98 -20.48 -69.44
CA CYS A 163 -27.91 -21.89 -69.83
C CYS A 163 -28.56 -22.69 -68.72
N LEU A 164 -29.55 -23.51 -69.04
CA LEU A 164 -30.27 -24.26 -68.03
C LEU A 164 -29.97 -25.76 -68.04
N VAL A 165 -29.76 -26.31 -66.84
CA VAL A 165 -29.57 -27.78 -66.70
C VAL A 165 -30.40 -28.26 -65.50
N GLY A 166 -31.08 -29.39 -65.63
CA GLY A 166 -31.89 -29.98 -64.56
C GLY A 166 -33.36 -29.67 -64.63
N LYS A 167 -34.05 -29.81 -63.48
CA LYS A 167 -35.48 -29.55 -63.38
C LYS A 167 -35.83 -28.08 -63.63
N VAL A 168 -34.85 -27.16 -63.52
CA VAL A 168 -35.10 -25.74 -63.77
C VAL A 168 -35.56 -25.52 -65.23
N ILE A 169 -35.28 -26.46 -66.15
CA ILE A 169 -35.71 -26.34 -67.55
C ILE A 169 -37.25 -26.42 -67.58
N ASP A 170 -37.82 -27.44 -66.91
CA ASP A 170 -39.26 -27.64 -66.85
C ASP A 170 -39.94 -26.44 -66.18
N GLN A 171 -39.31 -25.88 -65.14
CA GLN A 171 -39.84 -24.72 -64.45
C GLN A 171 -39.84 -23.49 -65.35
N ALA A 172 -38.80 -23.30 -66.18
CA ALA A 172 -38.74 -22.15 -67.10
C ALA A 172 -39.88 -22.26 -68.11
N ILE A 173 -40.18 -23.47 -68.58
CA ILE A 173 -41.26 -23.71 -69.54
C ILE A 173 -42.59 -23.40 -68.84
N GLU A 174 -42.81 -23.98 -67.65
N GLU A 174 -42.82 -23.99 -67.65
CA GLU A 174 -44.03 -23.78 -66.87
CA GLU A 174 -44.06 -23.77 -66.89
C GLU A 174 -44.28 -22.29 -66.60
C GLU A 174 -44.28 -22.30 -66.56
N GLY A 175 -43.21 -21.55 -66.32
CA GLY A 175 -43.31 -20.13 -66.02
C GLY A 175 -43.34 -19.24 -67.25
N LYS A 176 -43.56 -19.83 -68.44
CA LYS A 176 -43.65 -19.13 -69.72
C LYS A 176 -42.39 -18.32 -70.08
N VAL A 177 -41.23 -18.98 -70.17
CA VAL A 177 -39.98 -18.32 -70.53
C VAL A 177 -39.72 -18.58 -72.02
N LYS A 178 -39.35 -17.52 -72.77
CA LYS A 178 -39.07 -17.65 -74.20
C LYS A 178 -37.67 -18.24 -74.35
N MET A 179 -37.55 -19.49 -74.79
CA MET A 179 -36.24 -20.14 -74.92
C MET A 179 -35.76 -20.29 -76.36
N GLY A 180 -34.48 -20.01 -76.57
CA GLY A 180 -33.84 -20.11 -77.87
C GLY A 180 -32.49 -19.43 -77.88
N LEU A 181 -31.70 -19.65 -78.93
CA LEU A 181 -30.37 -19.05 -79.04
C LEU A 181 -30.50 -17.54 -79.23
N ASP A 182 -31.45 -17.10 -80.05
CA ASP A 182 -31.68 -15.67 -80.27
C ASP A 182 -32.21 -15.02 -78.98
N LEU A 183 -33.01 -15.78 -78.19
CA LEU A 183 -33.58 -15.31 -76.92
C LEU A 183 -32.59 -15.44 -75.74
N ARG A 184 -31.35 -15.89 -76.01
CA ARG A 184 -30.27 -16.05 -75.04
C ARG A 184 -30.59 -16.94 -73.83
N VAL A 185 -31.43 -17.96 -74.05
CA VAL A 185 -31.77 -18.94 -72.97
C VAL A 185 -31.65 -20.33 -73.57
N ILE A 186 -30.57 -21.07 -73.28
CA ILE A 186 -30.35 -22.39 -73.93
C ILE A 186 -30.48 -23.52 -72.92
N PRO A 187 -31.47 -24.43 -73.05
CA PRO A 187 -31.58 -25.59 -72.17
C PRO A 187 -30.62 -26.68 -72.67
N LEU A 188 -29.61 -27.03 -71.86
CA LEU A 188 -28.61 -27.99 -72.31
C LEU A 188 -29.01 -29.44 -72.09
N GLY A 189 -29.56 -29.75 -70.92
CA GLY A 189 -29.98 -31.10 -70.61
C GLY A 189 -30.51 -31.25 -69.20
N TYR A 190 -31.11 -32.41 -68.90
CA TYR A 190 -31.65 -32.67 -67.57
C TYR A 190 -30.58 -33.26 -66.64
N ASP A 191 -29.61 -34.01 -67.19
CA ASP A 191 -28.54 -34.60 -66.39
C ASP A 191 -27.56 -33.55 -65.91
N VAL A 192 -26.88 -33.81 -64.80
CA VAL A 192 -25.88 -32.86 -64.27
C VAL A 192 -24.70 -32.79 -65.23
N THR A 193 -24.33 -33.91 -65.85
CA THR A 193 -23.22 -33.96 -66.79
C THR A 193 -23.40 -33.01 -67.97
N SER A 194 -24.63 -32.59 -68.27
CA SER A 194 -24.84 -31.73 -69.46
C SER A 194 -24.30 -30.31 -69.19
N VAL A 195 -23.89 -30.03 -67.95
CA VAL A 195 -23.30 -28.73 -67.64
C VAL A 195 -22.00 -28.59 -68.48
N ILE A 196 -21.29 -29.72 -68.73
CA ILE A 196 -20.05 -29.70 -69.51
C ILE A 196 -20.23 -29.01 -70.87
N HIS A 197 -21.46 -28.99 -71.42
CA HIS A 197 -21.72 -28.38 -72.73
C HIS A 197 -21.57 -26.85 -72.72
N VAL A 198 -21.58 -26.23 -71.53
CA VAL A 198 -21.32 -24.77 -71.47
C VAL A 198 -19.84 -24.58 -71.10
N VAL A 199 -19.27 -25.52 -70.35
CA VAL A 199 -17.85 -25.47 -70.03
C VAL A 199 -17.04 -25.51 -71.33
N THR A 200 -17.45 -26.35 -72.31
CA THR A 200 -16.75 -26.42 -73.60
C THR A 200 -16.88 -25.10 -74.37
N ILE A 201 -17.93 -24.30 -74.13
CA ILE A 201 -18.07 -23.00 -74.80
C ILE A 201 -16.94 -22.10 -74.30
N ALA A 202 -16.70 -22.09 -72.98
CA ALA A 202 -15.65 -21.29 -72.40
C ALA A 202 -14.28 -21.80 -72.84
N ILE A 203 -14.05 -23.13 -72.83
CA ILE A 203 -12.76 -23.68 -73.24
C ILE A 203 -12.50 -23.39 -74.72
N ARG A 204 -13.51 -23.58 -75.57
CA ARG A 204 -13.34 -23.32 -77.01
C ARG A 204 -13.14 -21.83 -77.29
N ALA A 205 -13.67 -20.94 -76.44
CA ALA A 205 -13.45 -19.49 -76.62
C ALA A 205 -11.95 -19.20 -76.46
N ALA A 206 -11.29 -19.91 -75.55
CA ALA A 206 -9.86 -19.77 -75.31
C ALA A 206 -9.07 -20.30 -76.51
N LEU A 207 -9.53 -21.39 -77.12
CA LEU A 207 -8.84 -21.98 -78.28
C LEU A 207 -9.06 -21.19 -79.56
N ILE A 208 -10.27 -20.66 -79.77
CA ILE A 208 -10.57 -19.92 -81.00
C ILE A 208 -10.14 -18.44 -80.94
N PHE A 209 -10.70 -17.67 -79.99
CA PHE A 209 -10.40 -16.25 -79.87
C PHE A 209 -9.10 -16.00 -79.13
N GLY A 210 -8.87 -16.76 -78.06
CA GLY A 210 -7.66 -16.63 -77.28
C GLY A 210 -6.41 -17.14 -77.99
N GLY A 211 -6.60 -17.91 -79.05
CA GLY A 211 -5.49 -18.46 -79.83
C GLY A 211 -4.58 -19.37 -79.03
N ILE A 212 -5.09 -19.98 -77.96
CA ILE A 212 -4.28 -20.88 -77.14
C ILE A 212 -4.33 -22.27 -77.78
N LYS A 213 -3.27 -23.07 -77.58
CA LYS A 213 -3.20 -24.41 -78.15
C LYS A 213 -3.47 -25.47 -77.08
N GLY A 214 -3.94 -26.64 -77.51
CA GLY A 214 -4.25 -27.73 -76.60
C GLY A 214 -3.07 -28.10 -75.72
N GLY A 215 -3.35 -28.54 -74.51
CA GLY A 215 -2.29 -28.89 -73.57
C GLY A 215 -1.87 -27.74 -72.67
N GLN A 216 -2.12 -26.49 -73.11
CA GLN A 216 -1.79 -25.32 -72.30
C GLN A 216 -2.94 -25.09 -71.34
N LEU A 217 -3.20 -26.07 -70.47
CA LEU A 217 -4.30 -26.01 -69.52
C LEU A 217 -4.25 -24.78 -68.63
N ASN A 218 -3.09 -24.47 -68.06
CA ASN A 218 -2.97 -23.31 -67.19
C ASN A 218 -3.30 -22.02 -67.94
N ASP A 219 -2.91 -21.92 -69.22
CA ASP A 219 -3.20 -20.74 -70.01
C ASP A 219 -4.70 -20.67 -70.35
N ILE A 220 -5.33 -21.82 -70.58
CA ILE A 220 -6.77 -21.89 -70.89
C ILE A 220 -7.56 -21.55 -69.62
N LEU A 221 -7.20 -22.16 -68.48
CA LEU A 221 -7.87 -21.89 -67.22
C LEU A 221 -7.73 -20.41 -66.83
N LYS A 222 -6.65 -19.75 -67.27
CA LYS A 222 -6.41 -18.33 -67.01
C LYS A 222 -7.30 -17.50 -67.93
N TYR A 223 -7.47 -17.92 -69.19
CA TYR A 223 -8.31 -17.22 -70.14
C TYR A 223 -9.76 -17.27 -69.68
N THR A 224 -10.27 -18.46 -69.31
CA THR A 224 -11.67 -18.56 -68.85
C THR A 224 -11.87 -17.72 -67.59
N ALA A 225 -10.96 -17.85 -66.62
CA ALA A 225 -11.07 -17.10 -65.38
C ALA A 225 -11.02 -15.60 -65.57
N GLU A 226 -10.26 -15.10 -66.55
CA GLU A 226 -10.14 -13.66 -66.77
C GLU A 226 -10.95 -13.10 -67.94
N ARG A 227 -11.36 -13.92 -68.92
CA ARG A 227 -12.07 -13.43 -70.09
C ARG A 227 -13.49 -13.97 -70.33
N VAL A 228 -13.86 -15.11 -69.75
CA VAL A 228 -15.22 -15.65 -69.96
C VAL A 228 -16.09 -15.26 -68.74
N PRO A 229 -17.03 -14.31 -68.87
CA PRO A 229 -17.82 -13.90 -67.70
C PRO A 229 -18.94 -14.86 -67.27
N ALA A 230 -18.60 -16.10 -66.94
CA ALA A 230 -19.59 -17.09 -66.54
C ALA A 230 -19.65 -17.26 -65.02
N PHE A 231 -20.78 -17.77 -64.53
CA PHE A 231 -20.99 -18.04 -63.11
C PHE A 231 -22.08 -19.10 -62.97
N VAL A 232 -22.07 -19.85 -61.87
CA VAL A 232 -23.06 -20.90 -61.66
C VAL A 232 -24.06 -20.50 -60.58
N ASN A 233 -25.34 -20.80 -60.84
CA ASN A 233 -26.40 -20.52 -59.83
C ASN A 233 -27.07 -21.86 -59.53
N ALA A 234 -26.59 -22.57 -58.51
CA ALA A 234 -27.11 -23.90 -58.18
C ALA A 234 -28.26 -23.79 -57.19
N PHE A 235 -29.46 -24.25 -57.59
CA PHE A 235 -30.63 -24.18 -56.73
C PHE A 235 -31.09 -25.56 -56.27
N GLY A 236 -31.78 -25.61 -55.13
CA GLY A 236 -32.28 -26.87 -54.60
C GLY A 236 -31.20 -27.76 -54.01
N PRO A 237 -31.57 -28.89 -53.39
CA PRO A 237 -30.56 -29.77 -52.78
C PRO A 237 -29.41 -30.14 -53.71
N LEU A 238 -28.17 -29.98 -53.23
CA LEU A 238 -26.98 -30.29 -54.04
C LEU A 238 -26.37 -31.61 -53.61
N SER A 239 -26.19 -32.52 -54.55
CA SER A 239 -25.57 -33.81 -54.26
C SER A 239 -24.06 -33.63 -54.22
N GLU A 240 -23.32 -34.68 -53.80
CA GLU A 240 -21.85 -34.60 -53.76
C GLU A 240 -21.33 -34.41 -55.19
N LEU A 241 -21.99 -35.04 -56.18
CA LEU A 241 -21.60 -34.92 -57.58
C LEU A 241 -21.76 -33.47 -58.05
N VAL A 242 -22.88 -32.82 -57.67
CA VAL A 242 -23.13 -31.43 -58.06
C VAL A 242 -22.09 -30.53 -57.42
N VAL A 243 -21.74 -30.77 -56.14
CA VAL A 243 -20.71 -29.96 -55.45
C VAL A 243 -19.38 -30.16 -56.17
N SER A 244 -19.06 -31.41 -56.52
CA SER A 244 -17.85 -31.74 -57.25
C SER A 244 -17.83 -31.00 -58.61
N ALA A 245 -18.98 -30.94 -59.29
CA ALA A 245 -19.11 -30.23 -60.56
C ALA A 245 -18.85 -28.72 -60.35
N GLY A 246 -19.33 -28.19 -59.22
CA GLY A 246 -19.16 -26.80 -58.83
C GLY A 246 -17.68 -26.47 -58.64
N ALA A 247 -16.91 -27.44 -58.13
CA ALA A 247 -15.46 -27.27 -57.95
C ALA A 247 -14.81 -27.12 -59.33
N GLY A 248 -15.33 -27.83 -60.34
CA GLY A 248 -14.83 -27.75 -61.72
C GLY A 248 -15.10 -26.38 -62.29
N ALA A 249 -16.28 -25.79 -61.98
CA ALA A 249 -16.63 -24.45 -62.43
C ALA A 249 -15.69 -23.45 -61.74
N ILE A 250 -15.41 -23.66 -60.44
CA ILE A 250 -14.50 -22.82 -59.65
C ILE A 250 -13.09 -22.94 -60.23
N ALA A 251 -12.67 -24.15 -60.67
CA ALA A 251 -11.37 -24.38 -61.28
C ALA A 251 -11.19 -23.54 -62.56
N LEU A 252 -12.28 -23.27 -63.29
CA LEU A 252 -12.22 -22.42 -64.48
C LEU A 252 -12.37 -20.92 -64.12
N GLY A 253 -12.36 -20.60 -62.82
CA GLY A 253 -12.51 -19.24 -62.33
C GLY A 253 -13.94 -18.73 -62.27
N PHE A 254 -14.94 -19.64 -62.32
CA PHE A 254 -16.34 -19.23 -62.28
C PHE A 254 -16.94 -19.34 -60.86
N PRO A 255 -17.47 -18.24 -60.27
CA PRO A 255 -18.06 -18.35 -58.93
C PRO A 255 -19.37 -19.12 -58.91
N VAL A 256 -19.55 -19.95 -57.89
CA VAL A 256 -20.75 -20.76 -57.71
C VAL A 256 -21.57 -20.14 -56.60
N LEU A 257 -22.81 -19.74 -56.88
CA LEU A 257 -23.71 -19.14 -55.89
C LEU A 257 -24.89 -20.07 -55.74
N THR A 258 -25.16 -20.51 -54.52
CA THR A 258 -26.27 -21.44 -54.25
C THR A 258 -27.21 -20.94 -53.17
N ASP A 259 -28.44 -21.44 -53.18
CA ASP A 259 -29.43 -21.08 -52.16
C ASP A 259 -29.34 -22.05 -50.96
N GLN A 260 -28.40 -22.99 -51.02
CA GLN A 260 -28.28 -24.02 -49.94
C GLN A 260 -27.10 -23.69 -49.02
N VAL A 261 -27.14 -24.21 -47.79
CA VAL A 261 -26.09 -23.98 -46.80
C VAL A 261 -24.90 -24.89 -47.14
N VAL A 262 -23.77 -24.27 -47.54
CA VAL A 262 -22.55 -24.99 -47.93
C VAL A 262 -21.32 -24.30 -47.30
N PRO A 263 -20.15 -24.97 -47.18
CA PRO A 263 -18.97 -24.27 -46.63
C PRO A 263 -18.50 -23.16 -47.58
N GLU A 264 -18.98 -21.94 -47.37
CA GLU A 264 -18.68 -20.80 -48.22
C GLU A 264 -17.20 -20.50 -48.32
N VAL A 265 -16.74 -20.13 -49.53
CA VAL A 265 -15.36 -19.73 -49.80
C VAL A 265 -15.49 -18.33 -50.39
N PRO A 266 -14.96 -17.28 -49.75
CA PRO A 266 -15.12 -15.93 -50.31
C PRO A 266 -14.86 -15.81 -51.80
N THR A 267 -15.72 -15.08 -52.52
CA THR A 267 -15.63 -14.82 -53.96
C THR A 267 -15.73 -16.06 -54.86
N LEU A 268 -15.77 -17.29 -54.31
CA LEU A 268 -15.81 -18.49 -55.15
C LEU A 268 -17.05 -19.38 -54.92
N LEU A 269 -17.43 -19.63 -53.65
CA LEU A 269 -18.60 -20.45 -53.33
C LEU A 269 -19.43 -19.66 -52.33
N LEU A 270 -20.63 -19.20 -52.73
CA LEU A 270 -21.46 -18.38 -51.86
C LEU A 270 -22.87 -18.90 -51.66
N THR A 271 -23.52 -18.49 -50.56
CA THR A 271 -24.89 -18.89 -50.22
C THR A 271 -25.86 -17.71 -50.08
N GLN A 272 -26.75 -17.51 -51.06
CA GLN A 272 -27.74 -16.44 -51.03
C GLN A 272 -29.14 -17.07 -51.02
N LYS A 273 -29.91 -16.86 -49.95
CA LYS A 273 -31.23 -17.46 -49.83
C LYS A 273 -32.31 -16.57 -50.44
N ASP A 274 -32.13 -15.23 -50.42
CA ASP A 274 -33.12 -14.31 -50.97
C ASP A 274 -33.07 -14.35 -52.49
N TYR A 275 -34.03 -15.04 -53.11
CA TYR A 275 -34.09 -15.16 -54.57
C TYR A 275 -34.24 -13.81 -55.25
N ASP A 276 -34.94 -12.86 -54.60
CA ASP A 276 -35.11 -11.52 -55.16
C ASP A 276 -33.79 -10.74 -55.23
N LYS A 277 -32.69 -11.28 -54.66
CA LYS A 277 -31.36 -10.65 -54.67
C LYS A 277 -30.30 -11.49 -55.39
N MET A 278 -30.62 -12.76 -55.73
CA MET A 278 -29.67 -13.66 -56.41
C MET A 278 -29.08 -13.08 -57.70
N VAL A 279 -29.86 -12.29 -58.47
CA VAL A 279 -29.34 -11.72 -59.72
C VAL A 279 -28.24 -10.69 -59.40
N LYS A 280 -28.55 -9.66 -58.57
CA LYS A 280 -27.57 -8.62 -58.19
C LYS A 280 -26.35 -9.26 -57.54
N THR A 281 -26.56 -10.31 -56.75
CA THR A 281 -25.49 -11.03 -56.05
C THR A 281 -24.55 -11.67 -57.07
N SER A 282 -25.09 -12.41 -58.06
CA SER A 282 -24.27 -13.09 -59.06
C SER A 282 -23.54 -12.09 -59.96
N LEU A 283 -24.20 -11.01 -60.39
CA LEU A 283 -23.56 -10.02 -61.24
C LEU A 283 -22.37 -9.39 -60.51
N GLU A 284 -22.52 -9.13 -59.20
CA GLU A 284 -21.42 -8.56 -58.41
C GLU A 284 -20.31 -9.61 -58.25
N ALA A 285 -20.68 -10.85 -57.90
CA ALA A 285 -19.73 -11.94 -57.70
C ALA A 285 -18.82 -12.17 -58.91
N ARG A 286 -19.28 -11.85 -60.13
CA ARG A 286 -18.49 -12.02 -61.34
C ARG A 286 -18.12 -10.68 -62.00
N ASN A 287 -18.10 -9.59 -61.21
CA ASN A 287 -17.77 -8.25 -61.68
C ASN A 287 -18.48 -7.82 -62.97
N ILE A 288 -19.71 -8.30 -63.20
CA ILE A 288 -20.50 -7.92 -64.38
C ILE A 288 -21.20 -6.61 -64.06
N LYS A 289 -20.85 -5.53 -64.77
CA LYS A 289 -21.50 -4.24 -64.53
C LYS A 289 -22.47 -3.99 -65.68
N ILE A 290 -23.74 -3.78 -65.37
CA ILE A 290 -24.75 -3.54 -66.40
C ILE A 290 -24.87 -2.03 -66.59
N LYS A 291 -25.00 -1.58 -67.85
CA LYS A 291 -25.10 -0.17 -68.19
C LYS A 291 -26.42 0.42 -67.65
N ILE A 292 -27.52 -0.32 -67.84
CA ILE A 292 -28.85 0.09 -67.37
C ILE A 292 -28.90 -0.10 -65.84
N THR A 293 -29.34 0.92 -65.11
CA THR A 293 -29.42 0.85 -63.65
C THR A 293 -30.87 1.00 -63.20
N PRO A 296 -36.49 2.35 -61.70
CA PRO A 296 -37.47 2.32 -60.61
C PRO A 296 -38.39 3.56 -60.66
N ILE A 297 -38.25 4.39 -61.71
CA ILE A 297 -39.04 5.66 -61.84
C ILE A 297 -39.68 5.71 -63.24
N PRO A 298 -41.02 5.88 -63.37
CA PRO A 298 -41.70 5.88 -64.67
C PRO A 298 -41.08 6.85 -65.68
N VAL A 299 -40.64 8.03 -65.24
CA VAL A 299 -40.13 9.05 -66.19
C VAL A 299 -38.71 8.67 -66.64
N SER A 300 -38.33 9.04 -67.87
CA SER A 300 -37.00 8.74 -68.41
C SER A 300 -35.87 9.35 -67.58
N PHE A 301 -34.69 8.69 -67.60
CA PHE A 301 -33.49 9.12 -66.87
C PHE A 301 -32.26 8.91 -67.78
N ALA A 302 -31.62 10.02 -68.22
CA ALA A 302 -30.46 9.94 -69.11
C ALA A 302 -29.70 11.28 -69.16
N ALA A 303 -28.44 11.25 -69.62
CA ALA A 303 -27.63 12.46 -69.74
C ALA A 303 -28.23 13.49 -70.71
N ALA A 304 -29.18 13.08 -71.57
CA ALA A 304 -29.83 13.99 -72.51
C ALA A 304 -30.69 15.04 -71.80
N PHE A 305 -31.21 14.72 -70.60
CA PHE A 305 -32.04 15.63 -69.82
C PHE A 305 -31.19 16.49 -68.87
N GLU A 306 -29.89 16.64 -69.16
CA GLU A 306 -28.99 17.45 -68.34
C GLU A 306 -29.21 18.94 -68.59
N GLY A 307 -29.48 19.31 -69.85
CA GLY A 307 -29.72 20.70 -70.24
C GLY A 307 -30.84 21.35 -69.46
N GLU A 308 -32.01 20.72 -69.45
CA GLU A 308 -33.17 21.25 -68.69
C GLU A 308 -34.24 20.16 -68.59
N ASN A 313 -43.06 26.08 -70.77
CA ASN A 313 -43.59 25.17 -69.75
C ASN A 313 -43.43 25.75 -68.35
N ASP A 314 -44.40 25.47 -67.47
CA ASP A 314 -44.39 25.95 -66.08
C ASP A 314 -44.05 24.80 -65.12
N MET A 315 -43.91 25.12 -63.83
CA MET A 315 -43.53 24.10 -62.82
C MET A 315 -44.71 23.81 -61.90
N LEU A 316 -44.88 22.55 -61.51
CA LEU A 316 -45.94 22.14 -60.57
C LEU A 316 -45.55 22.59 -59.16
N ALA A 317 -44.28 22.33 -58.77
CA ALA A 317 -43.77 22.70 -57.46
C ALA A 317 -42.34 23.19 -57.58
N GLU A 318 -42.04 24.32 -56.93
CA GLU A 318 -40.63 24.80 -56.93
C GLU A 318 -40.15 24.81 -55.47
N PHE A 319 -38.88 24.44 -55.26
CA PHE A 319 -38.34 24.38 -53.87
C PHE A 319 -36.94 24.99 -53.82
N GLY A 320 -36.69 25.84 -52.82
CA GLY A 320 -35.32 26.38 -52.63
C GLY A 320 -35.16 27.78 -53.19
N GLY A 321 -33.99 28.05 -53.79
CA GLY A 321 -33.69 29.37 -54.33
C GLY A 321 -33.99 30.44 -53.30
N ASN A 322 -34.71 31.48 -53.70
CA ASN A 322 -35.07 32.56 -52.79
C ASN A 322 -36.58 32.54 -52.51
N LYS A 323 -37.21 31.36 -52.53
CA LYS A 323 -38.64 31.22 -52.27
C LYS A 323 -38.90 30.34 -51.04
N THR A 324 -38.21 29.20 -50.98
CA THR A 324 -38.34 28.33 -49.79
C THR A 324 -36.96 27.86 -49.36
N LYS A 325 -36.84 27.39 -48.11
CA LYS A 325 -35.53 26.95 -47.57
C LYS A 325 -35.32 25.46 -47.84
N ALA A 326 -34.65 25.12 -48.95
CA ALA A 326 -34.33 23.71 -49.23
C ALA A 326 -32.83 23.49 -48.98
N TRP A 327 -32.41 22.23 -48.85
CA TRP A 327 -30.98 21.93 -48.55
C TRP A 327 -30.65 20.49 -48.91
N GLU A 328 -29.39 20.22 -49.26
CA GLU A 328 -28.98 18.82 -49.55
C GLU A 328 -27.75 18.46 -48.68
N LEU A 329 -27.63 17.20 -48.27
CA LEU A 329 -26.53 16.80 -47.35
C LEU A 329 -26.26 15.30 -47.46
N VAL A 330 -25.00 14.93 -47.67
CA VAL A 330 -24.62 13.52 -47.71
C VAL A 330 -23.71 13.31 -46.50
N MET A 331 -24.17 12.52 -45.54
CA MET A 331 -23.37 12.28 -44.31
C MET A 331 -23.02 10.79 -44.20
N CYS A 332 -21.76 10.48 -43.86
CA CYS A 332 -21.34 9.07 -43.66
C CYS A 332 -21.38 8.75 -42.17
N ALA A 333 -22.27 7.85 -41.74
CA ALA A 333 -22.42 7.53 -40.31
C ALA A 333 -22.88 6.09 -40.08
N ASP A 334 -22.15 5.32 -39.28
CA ASP A 334 -22.47 3.88 -39.05
C ASP A 334 -23.69 3.71 -38.14
N GLN A 335 -24.06 4.74 -37.37
CA GLN A 335 -25.31 4.61 -36.56
C GLN A 335 -26.07 5.93 -36.42
N GLY A 336 -26.96 6.02 -35.44
CA GLY A 336 -27.81 7.23 -35.28
C GLY A 336 -29.15 7.09 -35.99
N GLU A 337 -29.26 6.14 -36.92
CA GLU A 337 -30.51 5.94 -37.68
C GLU A 337 -30.45 4.60 -38.41
N VAL A 338 -31.58 4.14 -38.97
CA VAL A 338 -31.58 2.86 -39.75
C VAL A 338 -30.76 3.07 -41.02
N GLU A 339 -29.61 2.40 -41.13
CA GLU A 339 -28.77 2.50 -42.34
C GLU A 339 -29.24 1.46 -43.36
N ASP A 340 -30.03 1.88 -44.34
CA ASP A 340 -30.56 0.94 -45.36
C ASP A 340 -31.12 1.75 -46.52
N HIS A 341 -31.67 1.07 -47.53
CA HIS A 341 -32.29 1.76 -48.69
C HIS A 341 -33.67 2.13 -48.16
N LYS A 342 -33.70 3.00 -47.16
CA LYS A 342 -34.99 3.39 -46.55
C LYS A 342 -35.32 4.60 -47.44
N ILE A 343 -36.33 4.46 -48.30
CA ILE A 343 -36.80 5.64 -49.09
C ILE A 343 -37.92 6.22 -48.23
N GLU A 344 -37.64 7.36 -47.59
CA GLU A 344 -38.63 7.94 -46.64
C GLU A 344 -38.91 9.41 -46.99
N VAL A 345 -40.18 9.80 -47.02
CA VAL A 345 -40.59 11.17 -47.29
C VAL A 345 -41.35 11.66 -46.07
N ILE A 346 -40.82 12.67 -45.35
CA ILE A 346 -41.48 13.20 -44.16
C ILE A 346 -41.93 14.64 -44.38
N GLY A 347 -43.16 14.82 -44.86
CA GLY A 347 -43.73 16.14 -45.11
C GLY A 347 -44.84 16.12 -46.15
N PRO A 348 -45.55 17.26 -46.33
CA PRO A 348 -46.63 17.28 -47.33
C PRO A 348 -46.14 16.91 -48.73
N ASP A 349 -46.74 15.88 -49.33
CA ASP A 349 -46.35 15.43 -50.66
C ASP A 349 -46.71 16.46 -51.74
N ILE A 350 -46.19 16.27 -52.96
CA ILE A 350 -46.45 17.27 -54.04
C ILE A 350 -47.92 17.19 -54.48
N ASP A 351 -48.53 16.00 -54.44
CA ASP A 351 -49.93 15.86 -54.91
C ASP A 351 -50.82 16.89 -54.21
N THR A 352 -50.47 17.27 -52.98
CA THR A 352 -51.27 18.23 -52.20
C THR A 352 -51.38 19.58 -52.93
N ILE A 353 -50.33 19.96 -53.68
CA ILE A 353 -50.29 21.22 -54.41
C ILE A 353 -51.36 21.25 -55.51
N ASP A 354 -52.12 22.36 -55.59
CA ASP A 354 -53.19 22.55 -56.58
C ASP A 354 -52.80 23.61 -57.62
N LYS A 355 -51.97 24.60 -57.24
CA LYS A 355 -51.52 25.67 -58.14
C LYS A 355 -50.02 25.90 -57.97
N ALA A 356 -49.33 26.32 -59.05
CA ALA A 356 -47.87 26.56 -59.05
C ALA A 356 -47.36 27.24 -57.78
N MET A 360 -42.59 25.18 -51.47
CA MET A 360 -42.38 24.18 -50.39
C MET A 360 -40.87 23.93 -50.24
N PRO A 361 -40.39 23.44 -49.07
CA PRO A 361 -38.98 23.09 -48.92
C PRO A 361 -38.70 21.69 -49.49
N LEU A 362 -37.43 21.31 -49.60
CA LEU A 362 -37.09 19.96 -50.13
C LEU A 362 -35.82 19.46 -49.43
N GLY A 363 -35.95 18.96 -48.20
CA GLY A 363 -34.73 18.56 -47.48
C GLY A 363 -34.22 17.22 -48.00
N MET A 364 -32.91 17.08 -48.16
CA MET A 364 -32.36 15.82 -48.73
C MET A 364 -31.18 15.33 -47.89
N LEU A 365 -31.44 14.49 -46.89
CA LEU A 365 -30.36 13.94 -46.08
C LEU A 365 -30.09 12.49 -46.48
N ILE A 366 -28.89 12.23 -47.01
CA ILE A 366 -28.48 10.90 -47.45
C ILE A 366 -27.46 10.34 -46.47
N LYS A 367 -27.63 9.07 -46.10
CA LYS A 367 -26.72 8.44 -45.12
C LYS A 367 -26.09 7.18 -45.73
N VAL A 368 -24.76 7.11 -45.74
CA VAL A 368 -24.07 5.90 -46.26
C VAL A 368 -22.89 5.53 -45.36
N SER A 369 -22.86 4.29 -44.87
CA SER A 369 -21.82 3.84 -43.93
C SER A 369 -21.08 2.59 -44.39
N GLY A 370 -20.92 2.42 -45.69
CA GLY A 370 -20.20 1.26 -46.23
C GLY A 370 -18.71 1.34 -45.94
N THR A 371 -18.00 0.21 -46.03
CA THR A 371 -16.56 0.17 -45.77
C THR A 371 -15.78 1.10 -46.69
N ASN A 372 -14.62 1.58 -46.21
CA ASN A 372 -13.72 2.46 -46.96
C ASN A 372 -14.37 3.81 -47.32
N MET A 373 -15.11 4.41 -46.38
CA MET A 373 -15.75 5.71 -46.62
C MET A 373 -15.17 6.76 -45.67
N GLN A 374 -14.42 7.73 -46.22
CA GLN A 374 -13.80 8.80 -45.43
C GLN A 374 -14.77 9.95 -45.22
N LYS A 375 -14.60 10.72 -44.13
CA LYS A 375 -15.46 11.85 -43.83
C LYS A 375 -15.27 13.06 -44.75
N ASP A 376 -14.15 13.09 -45.50
CA ASP A 376 -13.86 14.19 -46.42
C ASP A 376 -14.13 13.69 -47.86
N PHE A 377 -14.71 12.49 -47.97
CA PHE A 377 -15.05 11.93 -49.30
C PHE A 377 -16.49 12.33 -49.63
N GLU A 378 -17.27 12.72 -48.61
CA GLU A 378 -18.71 13.05 -48.81
C GLU A 378 -18.91 14.17 -49.85
N PRO A 379 -18.19 15.31 -49.78
CA PRO A 379 -18.44 16.41 -50.73
C PRO A 379 -18.58 15.90 -52.16
N VAL A 380 -17.75 14.91 -52.54
CA VAL A 380 -17.77 14.37 -53.93
C VAL A 380 -19.17 13.83 -54.18
N LEU A 381 -19.89 13.47 -53.10
CA LEU A 381 -21.26 12.92 -53.23
C LEU A 381 -22.26 14.06 -53.42
N GLU A 382 -22.17 15.10 -52.60
CA GLU A 382 -23.10 16.26 -52.72
C GLU A 382 -23.11 16.75 -54.17
N ARG A 383 -21.97 16.68 -54.86
CA ARG A 383 -21.89 17.24 -56.24
C ARG A 383 -22.64 16.30 -57.20
N ARG A 384 -22.37 14.99 -57.10
CA ARG A 384 -23.01 14.04 -58.01
C ARG A 384 -24.54 14.05 -57.90
N LEU A 385 -25.11 14.51 -56.77
CA LEU A 385 -26.58 14.57 -56.62
C LEU A 385 -27.16 15.48 -57.70
N HIS A 386 -26.47 16.62 -57.98
CA HIS A 386 -26.87 17.59 -59.00
C HIS A 386 -27.05 16.90 -60.35
N TYR A 387 -26.13 15.99 -60.70
CA TYR A 387 -26.19 15.27 -61.97
C TYR A 387 -27.31 14.24 -61.98
N PHE A 388 -27.46 13.44 -60.91
CA PHE A 388 -28.52 12.42 -60.84
C PHE A 388 -29.90 13.07 -60.93
N LEU A 389 -30.12 14.17 -60.19
CA LEU A 389 -31.42 14.84 -60.18
C LEU A 389 -31.72 15.56 -61.51
N ASN A 390 -30.66 15.94 -62.24
CA ASN A 390 -30.86 16.64 -63.54
C ASN A 390 -31.33 15.64 -64.61
N TYR A 391 -30.80 14.42 -64.59
CA TYR A 391 -31.15 13.42 -65.61
C TYR A 391 -32.63 13.03 -65.55
N ILE A 392 -33.30 13.25 -64.40
CA ILE A 392 -34.72 12.93 -64.27
C ILE A 392 -35.51 13.85 -65.22
N GLU A 393 -36.33 13.26 -66.10
CA GLU A 393 -37.11 14.02 -67.08
C GLU A 393 -38.10 14.98 -66.43
N GLY A 394 -37.86 16.28 -66.59
CA GLY A 394 -38.71 17.32 -66.03
C GLY A 394 -38.28 17.86 -64.69
N VAL A 395 -37.09 17.49 -64.21
CA VAL A 395 -36.57 17.98 -62.92
C VAL A 395 -35.20 18.61 -63.16
N MET A 396 -34.96 19.76 -62.53
CA MET A 396 -33.69 20.50 -62.65
C MET A 396 -33.14 20.82 -61.27
N HIS A 397 -31.82 20.67 -61.11
CA HIS A 397 -31.19 20.92 -59.79
C HIS A 397 -30.03 21.89 -59.95
N VAL A 398 -30.03 22.98 -59.20
CA VAL A 398 -28.84 23.89 -59.22
C VAL A 398 -28.62 24.36 -57.79
N GLY A 399 -27.56 25.12 -57.56
CA GLY A 399 -27.22 25.51 -56.18
C GLY A 399 -26.40 24.42 -55.53
N GLN A 400 -25.63 24.71 -54.47
CA GLN A 400 -24.71 23.65 -53.96
C GLN A 400 -25.10 22.78 -52.76
N ARG A 401 -25.21 23.35 -51.56
CA ARG A 401 -25.51 22.52 -50.37
C ARG A 401 -26.71 23.09 -49.63
N ASN A 402 -26.51 24.23 -48.94
CA ASN A 402 -27.60 24.78 -48.10
C ASN A 402 -28.40 25.59 -49.12
N LEU A 403 -27.71 26.36 -49.97
CA LEU A 403 -28.39 27.20 -50.99
C LEU A 403 -28.69 26.33 -52.21
N THR A 404 -29.78 25.57 -52.19
CA THR A 404 -30.05 24.64 -53.32
C THR A 404 -31.38 25.01 -53.98
N TRP A 405 -31.46 24.86 -55.30
CA TRP A 405 -32.69 25.25 -56.04
C TRP A 405 -33.14 24.12 -56.97
N VAL A 406 -34.33 23.57 -56.72
CA VAL A 406 -34.88 22.50 -57.56
C VAL A 406 -36.27 22.90 -58.03
N ARG A 407 -36.58 22.62 -59.30
CA ARG A 407 -37.93 22.94 -59.84
C ARG A 407 -38.51 21.68 -60.51
N ILE A 408 -39.53 21.08 -59.89
CA ILE A 408 -40.20 19.88 -60.49
C ILE A 408 -41.18 20.30 -61.59
N GLY A 409 -41.20 19.58 -62.72
CA GLY A 409 -42.08 19.95 -63.84
C GLY A 409 -43.48 19.35 -63.83
N LYS A 410 -44.43 20.01 -64.51
CA LYS A 410 -45.80 19.51 -64.57
C LYS A 410 -45.81 18.15 -65.26
N GLU A 411 -45.07 18.03 -66.36
CA GLU A 411 -45.02 16.75 -67.10
C GLU A 411 -44.75 15.62 -66.11
N ALA A 412 -43.77 15.81 -65.23
CA ALA A 412 -43.42 14.79 -64.22
C ALA A 412 -44.65 14.48 -63.35
N PHE A 413 -45.34 15.54 -62.90
CA PHE A 413 -46.58 15.32 -62.12
C PHE A 413 -47.56 14.53 -63.00
N GLU A 414 -47.65 14.89 -64.27
CA GLU A 414 -48.52 14.14 -65.23
C GLU A 414 -47.95 12.73 -65.35
N LYS A 415 -46.63 12.59 -65.25
CA LYS A 415 -45.98 11.24 -65.30
C LYS A 415 -46.20 10.54 -63.96
N GLY A 416 -46.68 11.28 -62.94
CA GLY A 416 -46.94 10.68 -61.62
C GLY A 416 -45.66 10.47 -60.84
N PHE A 417 -44.55 11.05 -61.29
CA PHE A 417 -43.27 10.94 -60.55
C PHE A 417 -43.51 11.30 -59.09
N ARG A 418 -42.80 10.63 -58.16
CA ARG A 418 -42.94 11.02 -56.73
C ARG A 418 -41.58 11.25 -56.08
N LEU A 419 -41.56 12.06 -54.99
CA LEU A 419 -40.29 12.25 -54.24
C LEU A 419 -39.67 10.90 -53.88
N LYS A 420 -40.50 9.85 -53.84
CA LYS A 420 -39.98 8.50 -53.52
C LYS A 420 -38.91 8.13 -54.55
N HIS A 421 -39.14 8.49 -55.82
CA HIS A 421 -38.18 8.11 -56.89
C HIS A 421 -36.87 8.89 -56.71
N PHE A 422 -36.91 10.00 -55.98
CA PHE A 422 -35.68 10.76 -55.74
C PHE A 422 -34.77 9.88 -54.90
N GLY A 423 -35.25 9.41 -53.75
CA GLY A 423 -34.47 8.55 -52.87
C GLY A 423 -33.96 7.29 -53.55
N GLU A 424 -34.76 6.73 -54.49
CA GLU A 424 -34.38 5.53 -55.22
C GLU A 424 -33.26 5.82 -56.23
N VAL A 425 -33.40 6.90 -57.02
CA VAL A 425 -32.38 7.29 -58.00
C VAL A 425 -31.05 7.60 -57.29
N ILE A 426 -31.11 8.24 -56.12
CA ILE A 426 -29.90 8.60 -55.38
C ILE A 426 -29.23 7.30 -54.89
N TYR A 427 -29.91 6.53 -54.05
CA TYR A 427 -29.32 5.25 -53.57
C TYR A 427 -28.80 4.34 -54.68
N ALA A 428 -29.57 4.21 -55.76
CA ALA A 428 -29.22 3.27 -56.84
C ALA A 428 -27.95 3.75 -57.54
N LYS A 429 -27.84 5.06 -57.79
CA LYS A 429 -26.66 5.64 -58.44
C LYS A 429 -25.47 5.67 -57.46
N MET A 430 -25.75 5.80 -56.17
CA MET A 430 -24.67 5.80 -55.15
C MET A 430 -23.99 4.43 -55.14
N LEU A 431 -24.77 3.35 -55.23
CA LEU A 431 -24.22 2.00 -55.21
C LEU A 431 -23.50 1.69 -56.53
N ASP A 432 -23.97 2.25 -57.66
CA ASP A 432 -23.36 2.04 -58.97
C ASP A 432 -22.02 2.76 -59.09
N GLU A 433 -21.99 4.07 -58.77
CA GLU A 433 -20.76 4.86 -58.87
C GLU A 433 -19.82 4.66 -57.68
N PHE A 434 -20.37 4.74 -56.46
CA PHE A 434 -19.50 4.67 -55.25
C PHE A 434 -19.51 3.25 -54.65
N GLY A 435 -19.76 2.24 -55.48
CA GLY A 435 -19.72 0.85 -55.05
C GLY A 435 -18.52 0.37 -54.28
N SER A 436 -17.33 0.90 -54.61
CA SER A 436 -16.09 0.51 -53.96
C SER A 436 -15.91 1.16 -52.57
N VAL A 437 -16.60 2.28 -52.31
CA VAL A 437 -16.49 2.97 -51.02
C VAL A 437 -17.77 2.88 -50.17
N VAL A 438 -18.89 2.54 -50.81
CA VAL A 438 -20.19 2.42 -50.07
C VAL A 438 -20.36 0.97 -49.61
N THR A 444 -33.25 10.47 -47.24
CA THR A 444 -34.50 10.86 -46.52
C THR A 444 -34.95 12.24 -46.99
N ILE A 445 -36.11 12.33 -47.65
CA ILE A 445 -36.63 13.64 -48.13
C ILE A 445 -37.49 14.27 -47.03
N ILE A 446 -37.44 15.60 -46.92
CA ILE A 446 -38.26 16.32 -45.90
C ILE A 446 -38.98 17.50 -46.55
N THR A 447 -40.29 17.38 -46.76
CA THR A 447 -41.06 18.54 -47.30
C THR A 447 -41.82 19.18 -46.13
N ASP A 448 -41.49 18.79 -44.89
CA ASP A 448 -42.12 19.38 -43.69
C ASP A 448 -41.21 20.50 -43.17
N PRO A 449 -41.73 21.72 -42.92
CA PRO A 449 -40.89 22.84 -42.48
C PRO A 449 -40.08 22.54 -41.22
N GLY A 450 -40.73 21.99 -40.18
CA GLY A 450 -40.01 21.80 -38.93
C GLY A 450 -38.78 20.93 -39.08
N LYS A 451 -38.94 19.77 -39.71
CA LYS A 451 -37.82 18.84 -39.86
C LYS A 451 -36.74 19.50 -40.72
N ALA A 452 -37.11 20.08 -41.86
CA ALA A 452 -36.15 20.88 -42.61
C ALA A 452 -35.34 21.84 -41.77
N GLU A 453 -36.00 22.55 -40.86
CA GLU A 453 -35.30 23.57 -40.04
C GLU A 453 -34.23 22.90 -39.17
N GLU A 454 -34.65 22.14 -38.16
CA GLU A 454 -33.69 21.51 -37.21
C GLU A 454 -32.60 20.82 -38.03
N LEU A 455 -32.96 19.87 -38.89
CA LEU A 455 -31.95 19.10 -39.66
C LEU A 455 -30.98 20.02 -40.41
N GLU A 456 -31.50 21.09 -41.04
CA GLU A 456 -30.62 22.04 -41.79
C GLU A 456 -29.39 22.32 -40.93
N GLY A 457 -29.61 22.77 -39.69
CA GLY A 457 -28.48 23.13 -38.80
C GLY A 457 -27.98 22.05 -37.87
N LYS A 458 -28.72 20.95 -37.72
CA LYS A 458 -28.32 19.85 -36.80
C LYS A 458 -27.15 19.11 -37.44
N TYR A 459 -27.19 18.89 -38.76
CA TYR A 459 -26.12 18.08 -39.40
C TYR A 459 -25.45 18.80 -40.56
N ALA A 460 -26.25 19.37 -41.48
CA ALA A 460 -25.67 20.01 -42.69
C ALA A 460 -24.77 21.17 -42.25
N VAL A 461 -25.36 22.23 -41.66
CA VAL A 461 -24.51 23.41 -41.33
C VAL A 461 -23.21 22.94 -40.67
N PRO A 462 -23.24 22.09 -39.62
CA PRO A 462 -22.01 21.57 -39.03
C PRO A 462 -21.10 20.99 -40.12
N ARG A 463 -21.60 19.98 -40.84
CA ARG A 463 -20.80 19.34 -41.91
C ARG A 463 -20.18 20.42 -42.80
N TYR A 464 -20.99 21.40 -43.23
CA TYR A 464 -20.47 22.50 -44.09
C TYR A 464 -19.41 23.28 -43.35
N LYS A 465 -19.77 23.84 -42.19
CA LYS A 465 -18.83 24.68 -41.46
C LYS A 465 -17.48 23.99 -41.30
N GLU A 466 -17.49 22.74 -40.84
CA GLU A 466 -16.26 21.96 -40.75
C GLU A 466 -15.63 21.80 -42.14
N ARG A 467 -16.46 21.68 -43.17
CA ARG A 467 -15.94 21.57 -44.54
C ARG A 467 -15.26 22.85 -44.96
N ASP A 468 -15.99 23.97 -44.93
CA ASP A 468 -15.38 25.27 -45.31
C ASP A 468 -14.19 25.56 -44.40
N ALA A 469 -14.27 25.12 -43.14
CA ALA A 469 -13.20 25.44 -42.16
C ALA A 469 -11.85 25.01 -42.74
N ARG A 470 -11.82 23.91 -43.49
CA ARG A 470 -10.55 23.41 -44.09
C ARG A 470 -9.84 24.56 -44.82
N LEU A 471 -10.47 25.09 -45.88
CA LEU A 471 -9.84 26.17 -46.68
C LEU A 471 -10.12 27.52 -46.00
N GLU A 472 -10.68 27.51 -44.79
CA GLU A 472 -11.02 28.77 -44.11
C GLU A 472 -9.76 29.62 -43.91
N SER A 473 -8.65 28.99 -43.53
CA SER A 473 -7.40 29.74 -43.27
C SER A 473 -6.29 29.28 -44.22
N LEU A 474 -6.51 28.18 -44.95
CA LEU A 474 -5.47 27.64 -45.86
C LEU A 474 -5.18 28.65 -46.97
N VAL A 475 -3.93 28.69 -47.45
CA VAL A 475 -3.55 29.62 -48.55
C VAL A 475 -2.82 28.82 -49.63
N ASP A 476 -2.94 29.24 -50.89
CA ASP A 476 -2.29 28.53 -52.03
C ASP A 476 -0.78 28.63 -51.86
N GLU A 477 -0.35 29.41 -50.85
CA GLU A 477 1.10 29.62 -50.61
C GLU A 477 1.79 28.27 -50.37
N LYS A 478 1.04 27.17 -50.17
CA LYS A 478 1.70 25.88 -49.77
C LYS A 478 1.24 24.64 -50.56
N VAL A 479 0.68 24.81 -51.75
CA VAL A 479 0.30 23.63 -52.59
C VAL A 479 1.40 23.35 -53.62
N ASP A 480 1.57 22.09 -54.04
CA ASP A 480 2.55 21.79 -55.08
C ASP A 480 1.88 21.35 -56.40
N THR A 481 0.57 21.11 -56.39
CA THR A 481 -0.15 20.68 -57.58
C THR A 481 -1.62 21.15 -57.53
N PHE A 482 -2.15 21.57 -58.69
CA PHE A 482 -3.54 22.00 -58.81
C PHE A 482 -4.36 20.88 -59.45
N TYR A 483 -5.70 20.99 -59.47
CA TYR A 483 -6.55 19.95 -60.05
C TYR A 483 -7.41 20.51 -61.18
N SER A 484 -7.43 19.81 -62.32
CA SER A 484 -8.20 20.21 -63.49
C SER A 484 -9.43 19.33 -63.68
N CYS A 485 -10.62 19.95 -63.76
CA CYS A 485 -11.87 19.21 -63.96
C CYS A 485 -12.42 19.48 -65.36
N ASN A 486 -12.97 18.44 -66.00
CA ASN A 486 -13.54 18.55 -67.34
C ASN A 486 -14.95 17.94 -67.40
N LEU A 487 -15.67 17.95 -66.26
CA LEU A 487 -17.03 17.41 -66.19
C LEU A 487 -18.01 18.33 -66.93
N CYS A 488 -17.75 19.63 -66.93
CA CYS A 488 -18.63 20.60 -67.63
C CYS A 488 -18.38 20.56 -69.14
N GLN A 489 -17.46 19.71 -69.59
CA GLN A 489 -17.13 19.66 -71.02
C GLN A 489 -18.27 19.03 -71.85
N SER A 490 -19.32 18.50 -71.19
CA SER A 490 -20.47 17.91 -71.87
C SER A 490 -21.18 18.99 -72.70
N PHE A 491 -21.31 20.21 -72.15
CA PHE A 491 -21.96 21.33 -72.84
C PHE A 491 -20.92 22.32 -73.37
N ALA A 492 -19.88 22.63 -72.59
CA ALA A 492 -18.81 23.54 -73.01
C ALA A 492 -17.61 22.73 -73.52
N PRO A 493 -17.50 22.40 -74.82
CA PRO A 493 -16.38 21.57 -75.28
C PRO A 493 -14.94 22.01 -75.02
N ALA A 494 -14.69 23.29 -74.73
CA ALA A 494 -13.32 23.76 -74.46
C ALA A 494 -13.13 24.23 -73.01
N HIS A 495 -14.06 23.90 -72.11
CA HIS A 495 -13.94 24.32 -70.71
C HIS A 495 -13.08 23.37 -69.90
N VAL A 496 -12.02 23.90 -69.29
CA VAL A 496 -11.11 23.15 -68.43
C VAL A 496 -11.03 23.93 -67.14
N CYS A 497 -11.76 23.50 -66.12
CA CYS A 497 -11.81 24.29 -64.86
C CYS A 497 -10.62 23.98 -63.94
N ILE A 498 -9.67 24.91 -63.82
CA ILE A 498 -8.54 24.72 -62.87
C ILE A 498 -9.10 25.03 -61.47
N VAL A 499 -8.59 24.38 -60.44
CA VAL A 499 -9.17 24.56 -59.07
C VAL A 499 -8.03 24.80 -58.07
N THR A 500 -8.17 25.83 -57.23
CA THR A 500 -7.09 26.13 -56.26
C THR A 500 -7.72 26.38 -54.89
N PRO A 501 -6.99 26.16 -53.77
CA PRO A 501 -7.55 26.43 -52.44
C PRO A 501 -8.17 27.84 -52.38
N GLU A 502 -7.85 28.70 -53.35
CA GLU A 502 -8.42 30.07 -53.38
C GLU A 502 -9.35 30.24 -54.58
N ARG A 503 -8.98 29.77 -55.78
CA ARG A 503 -9.93 29.84 -56.93
C ARG A 503 -10.77 28.57 -56.92
N LEU A 504 -12.10 28.67 -56.72
CA LEU A 504 -12.87 27.40 -56.60
C LEU A 504 -13.51 27.03 -57.92
N GLY A 505 -13.96 25.77 -58.04
CA GLY A 505 -14.68 25.35 -59.25
C GLY A 505 -15.84 26.29 -59.53
N LEU A 506 -15.95 26.80 -60.74
CA LEU A 506 -16.99 27.78 -61.06
C LEU A 506 -18.37 27.31 -60.58
N CYS A 507 -18.57 26.00 -60.41
CA CYS A 507 -19.94 25.59 -60.00
C CYS A 507 -20.17 25.92 -58.53
N GLY A 508 -19.10 26.13 -57.75
CA GLY A 508 -19.22 26.52 -56.34
C GLY A 508 -19.14 25.33 -55.40
N ALA A 509 -19.21 24.12 -55.96
CA ALA A 509 -19.20 22.90 -55.12
C ALA A 509 -17.78 22.32 -55.03
N VAL A 510 -17.24 21.85 -56.15
CA VAL A 510 -15.90 21.20 -56.14
C VAL A 510 -14.86 22.17 -55.56
N SER A 511 -14.22 21.79 -54.45
CA SER A 511 -13.16 22.63 -53.85
C SER A 511 -11.80 21.95 -54.12
N TRP A 512 -10.70 22.68 -53.97
CA TRP A 512 -9.38 22.06 -54.32
C TRP A 512 -9.26 20.71 -53.61
N LEU A 513 -9.98 20.52 -52.50
CA LEU A 513 -9.89 19.24 -51.75
C LEU A 513 -10.88 18.18 -52.23
N ASP A 514 -12.08 18.58 -52.63
CA ASP A 514 -13.08 17.64 -53.13
C ASP A 514 -12.51 17.08 -54.43
N ALA A 515 -11.81 17.92 -55.23
CA ALA A 515 -11.17 17.51 -56.48
C ALA A 515 -10.06 16.48 -56.21
N LYS A 516 -9.40 16.59 -55.05
CA LYS A 516 -8.35 15.66 -54.62
C LYS A 516 -8.99 14.31 -54.30
N ALA A 517 -10.13 14.32 -53.59
CA ALA A 517 -10.88 13.12 -53.23
C ALA A 517 -11.43 12.45 -54.50
N THR A 518 -11.85 13.25 -55.50
CA THR A 518 -12.39 12.73 -56.77
C THR A 518 -11.32 11.89 -57.50
N LEU A 519 -10.05 12.31 -57.42
CA LEU A 519 -8.95 11.56 -58.04
C LEU A 519 -8.67 10.26 -57.27
N GLU A 520 -8.85 10.27 -55.94
CA GLU A 520 -8.64 9.10 -55.11
C GLU A 520 -9.70 8.04 -55.45
N LEU A 521 -10.97 8.47 -55.53
CA LEU A 521 -12.08 7.58 -55.86
C LEU A 521 -12.01 7.14 -57.32
N ASN A 522 -11.94 8.09 -58.26
CA ASN A 522 -11.89 7.81 -59.69
C ASN A 522 -10.53 8.26 -60.25
N PRO A 523 -9.50 7.40 -60.24
CA PRO A 523 -8.19 7.81 -60.78
C PRO A 523 -8.27 8.32 -62.21
N THR A 524 -9.20 7.77 -63.02
CA THR A 524 -9.39 8.18 -64.41
C THR A 524 -10.68 9.01 -64.54
N GLY A 525 -10.91 9.90 -63.57
CA GLY A 525 -12.08 10.75 -63.53
C GLY A 525 -11.84 12.14 -64.09
N PRO A 526 -12.75 13.09 -63.83
CA PRO A 526 -12.56 14.44 -64.37
C PRO A 526 -11.47 15.23 -63.65
N CYS A 527 -11.42 15.15 -62.32
CA CYS A 527 -10.43 15.85 -61.52
C CYS A 527 -9.08 15.15 -61.62
N GLN A 528 -8.15 15.73 -62.38
CA GLN A 528 -6.80 15.16 -62.56
C GLN A 528 -5.73 16.13 -62.07
N ALA A 529 -4.59 15.60 -61.64
CA ALA A 529 -3.49 16.41 -61.12
C ALA A 529 -2.78 17.23 -62.19
N VAL A 530 -2.36 18.44 -61.83
CA VAL A 530 -1.63 19.37 -62.69
C VAL A 530 -0.49 19.93 -61.84
N PRO A 531 0.76 19.46 -61.96
CA PRO A 531 1.83 19.97 -61.09
C PRO A 531 2.13 21.46 -61.28
N LYS A 532 2.29 22.20 -60.16
CA LYS A 532 2.56 23.63 -60.20
C LYS A 532 4.03 23.91 -60.51
N GLU A 533 4.37 23.96 -61.82
CA GLU A 533 5.75 24.22 -62.25
C GLU A 533 5.79 25.33 -63.31
N GLY A 534 6.95 25.97 -63.43
CA GLY A 534 7.15 27.05 -64.39
C GLY A 534 6.41 28.30 -63.99
N VAL A 535 6.75 28.86 -62.84
CA VAL A 535 6.10 30.08 -62.35
C VAL A 535 6.52 31.26 -63.21
N VAL A 536 5.55 31.96 -63.81
CA VAL A 536 5.83 33.12 -64.65
C VAL A 536 5.36 34.41 -63.95
N ASP A 537 4.15 34.40 -63.38
CA ASP A 537 3.60 35.55 -62.68
C ASP A 537 2.74 35.10 -61.51
N GLU A 538 2.94 35.70 -60.33
CA GLU A 538 2.19 35.35 -59.12
C GLU A 538 0.92 36.20 -58.99
N ASN A 539 0.93 37.44 -59.50
CA ASN A 539 -0.24 38.33 -59.41
C ASN A 539 -1.31 37.92 -60.43
N LEU A 540 -0.91 37.56 -61.65
CA LEU A 540 -1.85 37.14 -62.69
C LEU A 540 -2.14 35.62 -62.66
N GLY A 541 -1.23 34.84 -62.10
CA GLY A 541 -1.38 33.40 -62.01
C GLY A 541 -1.10 32.71 -63.32
N ILE A 542 0.19 32.65 -63.71
CA ILE A 542 0.58 32.02 -64.97
C ILE A 542 1.64 30.95 -64.72
N TRP A 543 1.27 29.67 -64.84
CA TRP A 543 2.19 28.55 -64.67
C TRP A 543 2.25 27.81 -66.00
N GLU A 544 3.47 27.52 -66.48
CA GLU A 544 3.67 26.85 -67.78
C GLU A 544 2.97 25.50 -67.88
N LYS A 545 2.92 24.74 -66.79
CA LYS A 545 2.24 23.42 -66.79
C LYS A 545 0.72 23.65 -66.84
N VAL A 546 0.22 24.61 -66.06
CA VAL A 546 -1.22 24.87 -65.99
C VAL A 546 -1.72 25.23 -67.40
N ASN A 547 -0.99 26.07 -68.12
CA ASN A 547 -1.39 26.39 -69.51
C ASN A 547 -1.35 25.12 -70.35
N GLU A 548 -0.28 24.33 -70.21
CA GLU A 548 -0.09 23.14 -71.04
C GLU A 548 -1.23 22.12 -70.86
N THR A 549 -1.59 21.79 -69.61
CA THR A 549 -2.66 20.82 -69.36
C THR A 549 -4.01 21.30 -69.90
N VAL A 550 -4.25 22.62 -69.89
CA VAL A 550 -5.49 23.19 -70.42
C VAL A 550 -5.53 22.99 -71.95
N SER A 551 -4.38 23.15 -72.63
CA SER A 551 -4.28 22.97 -74.06
C SER A 551 -4.64 21.56 -74.51
N LYS A 552 -4.28 20.54 -73.70
CA LYS A 552 -4.57 19.15 -74.02
C LYS A 552 -6.05 18.84 -73.92
N ILE A 553 -6.70 19.25 -72.82
CA ILE A 553 -8.11 18.99 -72.61
C ILE A 553 -8.98 19.82 -73.57
N SER A 554 -8.64 21.10 -73.77
CA SER A 554 -9.41 21.95 -74.69
C SER A 554 -9.22 21.60 -76.17
N GLN A 555 -8.24 20.74 -76.50
CA GLN A 555 -7.95 20.31 -77.87
C GLN A 555 -7.41 21.45 -78.74
N GLY A 556 -6.51 22.26 -78.17
CA GLY A 556 -5.90 23.36 -78.88
C GLY A 556 -6.70 24.65 -78.92
N ALA A 557 -7.92 24.65 -78.37
CA ALA A 557 -8.76 25.85 -78.37
C ALA A 557 -8.24 26.89 -77.36
N VAL A 558 -7.91 26.47 -76.13
CA VAL A 558 -7.40 27.35 -75.09
C VAL A 558 -5.93 27.02 -74.86
N THR A 559 -5.01 27.94 -75.20
CA THR A 559 -3.57 27.72 -75.04
C THR A 559 -2.99 28.56 -73.90
N SER A 560 -3.18 29.90 -73.93
CA SER A 560 -2.66 30.79 -72.88
C SER A 560 -3.78 31.07 -71.88
N VAL A 561 -3.45 31.15 -70.58
CA VAL A 561 -4.46 31.40 -69.55
C VAL A 561 -3.85 32.02 -68.27
N THR A 562 -4.68 32.79 -67.54
CA THR A 562 -4.33 33.45 -66.28
C THR A 562 -5.37 33.01 -65.25
N LEU A 563 -4.92 32.78 -64.01
CA LEU A 563 -5.80 32.32 -62.93
C LEU A 563 -6.42 33.48 -62.14
N TYR A 564 -5.70 34.60 -61.98
CA TYR A 564 -6.21 35.75 -61.22
C TYR A 564 -6.30 37.02 -62.10
N SER A 565 -6.95 36.91 -63.26
CA SER A 565 -7.11 38.06 -64.16
C SER A 565 -8.32 37.83 -65.06
N ILE A 566 -9.16 38.87 -65.22
CA ILE A 566 -10.36 38.77 -66.05
C ILE A 566 -10.17 39.36 -67.45
N LEU A 567 -9.10 40.15 -67.68
CA LEU A 567 -8.88 40.76 -68.99
C LEU A 567 -7.79 40.02 -69.79
N GLN A 568 -6.60 39.82 -69.21
CA GLN A 568 -5.51 39.12 -69.91
C GLN A 568 -5.76 37.62 -69.89
N ASP A 569 -5.92 36.99 -71.08
CA ASP A 569 -6.17 35.54 -71.25
C ASP A 569 -6.95 34.94 -70.07
N PRO A 570 -8.23 35.28 -69.87
CA PRO A 570 -8.96 34.76 -68.71
C PRO A 570 -9.29 33.27 -68.75
N MET A 571 -9.69 32.73 -67.60
CA MET A 571 -10.08 31.34 -67.49
C MET A 571 -11.47 31.20 -68.11
N THR A 572 -11.69 30.16 -68.92
CA THR A 572 -12.98 29.96 -69.58
C THR A 572 -14.10 29.69 -68.57
N SER A 573 -15.33 30.05 -68.94
CA SER A 573 -16.51 29.85 -68.08
C SER A 573 -17.44 28.79 -68.70
N CYS A 574 -18.21 28.08 -67.87
CA CYS A 574 -19.10 27.02 -68.35
C CYS A 574 -20.60 27.41 -68.40
N GLY A 575 -21.31 27.33 -67.27
CA GLY A 575 -22.73 27.68 -67.22
C GLY A 575 -23.40 27.45 -65.88
N CYS A 576 -22.66 26.96 -64.89
CA CYS A 576 -23.16 26.69 -63.53
C CYS A 576 -22.78 27.77 -62.53
N PHE A 577 -22.25 28.89 -63.02
CA PHE A 577 -21.82 30.00 -62.14
C PHE A 577 -23.03 30.60 -61.43
N GLU A 578 -22.94 30.78 -60.11
CA GLU A 578 -24.07 31.42 -59.38
C GLU A 578 -23.95 32.94 -59.50
N CYS A 579 -22.72 33.47 -59.54
CA CYS A 579 -22.51 34.90 -59.68
C CYS A 579 -21.69 35.21 -60.93
N ILE A 580 -21.91 36.40 -61.51
CA ILE A 580 -21.18 36.83 -62.69
C ILE A 580 -20.56 38.19 -62.36
N THR A 581 -19.37 38.45 -62.91
CA THR A 581 -18.65 39.70 -62.69
C THR A 581 -18.31 40.33 -64.04
N GLY A 582 -18.91 41.48 -64.34
CA GLY A 582 -18.69 42.21 -65.58
C GLY A 582 -18.00 43.54 -65.40
N ILE A 583 -17.10 43.89 -66.34
CA ILE A 583 -16.35 45.14 -66.28
C ILE A 583 -17.22 46.38 -66.57
N MET A 584 -17.05 47.44 -65.76
CA MET A 584 -17.77 48.71 -65.91
C MET A 584 -16.70 49.80 -66.02
N PRO A 585 -16.16 50.06 -67.22
CA PRO A 585 -15.10 51.08 -67.35
C PRO A 585 -15.48 52.50 -66.93
N GLU A 586 -16.73 52.92 -67.13
CA GLU A 586 -17.16 54.28 -66.75
C GLU A 586 -16.96 54.54 -65.24
N ALA A 587 -17.06 53.49 -64.40
CA ALA A 587 -16.87 53.59 -62.95
C ALA A 587 -15.49 53.03 -62.52
N ASN A 588 -14.56 52.83 -63.47
CA ASN A 588 -13.21 52.28 -63.22
C ASN A 588 -13.26 51.04 -62.32
N GLY A 589 -14.31 50.24 -62.48
CA GLY A 589 -14.46 49.05 -61.66
C GLY A 589 -15.14 47.87 -62.33
N VAL A 590 -15.91 47.13 -61.51
CA VAL A 590 -16.66 45.95 -62.03
C VAL A 590 -17.98 45.85 -61.25
N VAL A 591 -18.95 45.11 -61.80
CA VAL A 591 -20.27 44.91 -61.18
C VAL A 591 -20.46 43.41 -60.93
N MET A 592 -21.38 43.04 -60.03
CA MET A 592 -21.63 41.63 -59.72
C MET A 592 -23.12 41.35 -59.69
N VAL A 593 -23.51 40.16 -60.13
CA VAL A 593 -24.95 39.78 -60.17
C VAL A 593 -25.10 38.31 -59.81
N ASN A 594 -26.12 37.97 -59.02
CA ASN A 594 -26.36 36.59 -58.61
C ASN A 594 -27.53 36.03 -59.44
N ARG A 595 -27.60 34.69 -59.57
CA ARG A 595 -28.66 34.05 -60.36
C ARG A 595 -30.07 34.39 -59.87
N GLU A 596 -30.21 34.75 -58.58
CA GLU A 596 -31.52 35.09 -57.99
C GLU A 596 -32.08 36.41 -58.52
N PHE A 597 -31.20 37.38 -58.82
CA PHE A 597 -31.59 38.70 -59.31
C PHE A 597 -32.22 38.64 -60.68
N GLY A 598 -33.41 39.21 -60.82
CA GLY A 598 -34.14 39.21 -62.09
C GLY A 598 -34.34 40.59 -62.71
N ALA A 599 -33.68 41.62 -62.16
CA ALA A 599 -33.79 42.98 -62.68
C ALA A 599 -32.51 43.36 -63.46
N THR A 600 -32.54 44.47 -64.22
CA THR A 600 -31.38 44.91 -65.00
C THR A 600 -30.25 45.40 -64.07
N THR A 601 -29.03 45.48 -64.62
CA THR A 601 -27.85 45.91 -63.87
C THR A 601 -27.28 47.18 -64.50
N PRO A 602 -26.24 47.82 -63.94
CA PRO A 602 -25.71 49.04 -64.57
C PRO A 602 -25.25 48.84 -66.01
N LEU A 603 -24.82 47.62 -66.36
CA LEU A 603 -24.38 47.32 -67.73
C LEU A 603 -25.56 47.12 -68.70
N GLY A 604 -26.78 47.37 -68.25
CA GLY A 604 -27.97 47.22 -69.07
C GLY A 604 -28.27 45.79 -69.45
N MET A 605 -27.83 44.83 -68.62
CA MET A 605 -28.06 43.42 -68.90
C MET A 605 -28.56 42.68 -67.66
N THR A 606 -29.41 41.67 -67.87
CA THR A 606 -29.93 40.85 -66.78
C THR A 606 -28.96 39.68 -66.57
N PHE A 607 -29.12 38.90 -65.49
CA PHE A 607 -28.22 37.77 -65.21
C PHE A 607 -28.12 36.80 -66.40
N GLY A 608 -29.26 36.47 -67.01
CA GLY A 608 -29.31 35.57 -68.15
C GLY A 608 -28.57 36.10 -69.36
N GLU A 609 -28.61 37.42 -69.57
CA GLU A 609 -27.90 38.06 -70.68
C GLU A 609 -26.41 38.07 -70.41
N LEU A 610 -26.02 38.31 -69.15
CA LEU A 610 -24.59 38.29 -68.73
C LEU A 610 -24.05 36.87 -68.90
N ALA A 611 -24.83 35.86 -68.50
CA ALA A 611 -24.40 34.45 -68.54
C ALA A 611 -24.06 34.04 -69.97
N SER A 612 -24.83 34.53 -70.94
CA SER A 612 -24.59 34.24 -72.35
C SER A 612 -23.30 34.94 -72.88
N MET A 613 -22.69 35.77 -72.03
CA MET A 613 -21.47 36.51 -72.45
C MET A 613 -20.24 35.90 -71.75
N THR A 614 -20.45 35.08 -70.72
CA THR A 614 -19.31 34.48 -69.97
C THR A 614 -19.06 33.01 -70.29
N GLY A 615 -20.10 32.19 -70.25
CA GLY A 615 -19.93 30.73 -70.45
C GLY A 615 -19.64 30.30 -71.87
N GLY A 616 -19.91 29.04 -72.17
CA GLY A 616 -19.66 28.44 -73.49
C GLY A 616 -18.25 27.93 -73.70
N GLY A 617 -17.43 27.95 -72.65
CA GLY A 617 -16.05 27.50 -72.74
C GLY A 617 -15.19 28.40 -73.62
N VAL A 618 -15.48 29.72 -73.63
CA VAL A 618 -14.73 30.67 -74.46
C VAL A 618 -13.97 31.66 -73.59
N GLN A 619 -12.79 32.10 -74.04
CA GLN A 619 -11.98 33.06 -73.31
C GLN A 619 -12.64 34.44 -73.48
N THR A 620 -13.36 34.89 -72.45
CA THR A 620 -14.10 36.18 -72.57
C THR A 620 -13.45 37.24 -71.68
N PRO A 621 -12.62 38.16 -72.21
CA PRO A 621 -12.04 39.24 -71.40
C PRO A 621 -13.10 40.24 -70.91
N GLY A 622 -12.98 40.64 -69.65
CA GLY A 622 -13.88 41.59 -69.03
C GLY A 622 -15.00 40.95 -68.23
N PHE A 623 -15.45 39.76 -68.63
CA PHE A 623 -16.54 39.08 -67.93
C PHE A 623 -16.13 37.68 -67.46
N MET A 624 -16.61 37.25 -66.30
CA MET A 624 -16.27 35.94 -65.75
C MET A 624 -17.38 35.39 -64.84
N GLY A 625 -17.41 34.06 -64.69
CA GLY A 625 -18.36 33.36 -63.83
C GLY A 625 -17.67 32.76 -62.63
N HIS A 626 -18.27 32.87 -61.45
CA HIS A 626 -17.67 32.35 -60.21
C HIS A 626 -18.74 32.06 -59.15
N GLY A 627 -18.34 31.36 -58.08
CA GLY A 627 -19.23 31.03 -56.98
C GLY A 627 -19.41 32.17 -56.00
N ARG A 628 -20.08 31.89 -54.88
CA ARG A 628 -20.34 32.96 -53.87
C ARG A 628 -19.15 33.09 -52.93
N GLN A 629 -18.21 32.14 -52.96
CA GLN A 629 -17.06 32.16 -52.03
C GLN A 629 -15.89 32.98 -52.60
N PHE A 630 -15.71 32.96 -53.92
CA PHE A 630 -14.57 33.67 -54.57
C PHE A 630 -14.64 35.17 -54.27
N ILE A 631 -15.85 35.71 -54.12
CA ILE A 631 -16.02 37.17 -53.87
C ILE A 631 -15.04 37.62 -52.79
N ALA A 632 -15.06 36.98 -51.62
CA ALA A 632 -14.21 37.42 -50.51
C ALA A 632 -12.72 37.07 -50.69
N SER A 633 -12.40 36.08 -51.53
CA SER A 633 -11.03 35.66 -51.78
C SER A 633 -10.12 36.82 -52.19
N LYS A 634 -8.88 36.81 -51.71
CA LYS A 634 -7.91 37.86 -52.05
C LYS A 634 -7.54 37.77 -53.54
N LYS A 635 -7.54 36.55 -54.08
CA LYS A 635 -7.13 36.35 -55.50
C LYS A 635 -8.31 36.71 -56.43
N PHE A 636 -9.32 37.39 -55.90
CA PHE A 636 -10.45 37.82 -56.75
C PHE A 636 -10.09 39.08 -57.53
N MET A 637 -9.81 38.93 -58.83
CA MET A 637 -9.50 40.10 -59.70
C MET A 637 -8.32 40.85 -59.08
N LYS A 638 -7.45 40.15 -58.34
CA LYS A 638 -6.30 40.80 -57.68
C LYS A 638 -5.46 41.51 -58.73
N GLY A 639 -5.31 40.89 -59.90
CA GLY A 639 -4.52 41.51 -60.99
C GLY A 639 -5.12 42.82 -61.44
N GLU A 640 -6.37 43.07 -61.07
CA GLU A 640 -7.07 44.32 -61.49
C GLU A 640 -7.31 45.23 -60.28
N GLY A 641 -6.85 44.81 -59.08
CA GLY A 641 -7.03 45.62 -57.87
C GLY A 641 -7.76 44.89 -56.77
N GLY A 642 -8.17 43.65 -57.03
CA GLY A 642 -8.84 42.83 -55.99
C GLY A 642 -10.31 43.23 -55.91
N LEU A 643 -10.93 43.00 -54.75
CA LEU A 643 -12.38 43.28 -54.57
C LEU A 643 -12.62 44.80 -54.56
N GLY A 644 -11.57 45.60 -54.36
CA GLY A 644 -11.70 47.07 -54.38
C GLY A 644 -12.44 47.54 -55.61
N ARG A 645 -12.41 46.76 -56.70
CA ARG A 645 -13.08 47.16 -57.97
C ARG A 645 -14.59 46.94 -57.87
N ILE A 646 -15.09 46.18 -56.89
CA ILE A 646 -16.56 45.89 -56.90
C ILE A 646 -17.31 47.20 -56.66
N VAL A 647 -18.17 47.59 -57.61
CA VAL A 647 -18.88 48.90 -57.51
C VAL A 647 -20.36 48.65 -57.26
N TRP A 648 -20.99 47.77 -58.06
CA TRP A 648 -22.41 47.50 -57.90
C TRP A 648 -22.61 46.03 -57.54
N MET A 649 -23.65 45.75 -56.74
CA MET A 649 -23.96 44.39 -56.30
C MET A 649 -25.41 44.36 -55.79
N PRO A 650 -26.22 43.30 -56.06
CA PRO A 650 -27.58 43.28 -55.51
C PRO A 650 -27.60 43.30 -53.99
N LYS A 651 -28.60 43.94 -53.37
CA LYS A 651 -28.70 44.01 -51.91
C LYS A 651 -28.65 42.59 -51.32
N GLU A 652 -29.45 41.66 -51.86
CA GLU A 652 -29.48 40.27 -51.37
C GLU A 652 -28.09 39.63 -51.22
N LEU A 653 -27.24 39.76 -52.24
CA LEU A 653 -25.88 39.21 -52.20
C LEU A 653 -25.00 40.06 -51.28
N LYS A 654 -25.20 41.37 -51.33
CA LYS A 654 -24.40 42.26 -50.46
C LYS A 654 -24.58 41.85 -49.00
N ASP A 655 -25.83 41.73 -48.54
CA ASP A 655 -26.09 41.40 -47.14
C ASP A 655 -25.52 40.03 -46.76
N PHE A 656 -25.62 39.04 -47.65
CA PHE A 656 -25.08 37.71 -47.37
C PHE A 656 -23.56 37.78 -47.20
N VAL A 657 -22.84 38.26 -48.21
CA VAL A 657 -21.38 38.41 -48.12
C VAL A 657 -21.10 39.84 -47.69
N ALA A 658 -21.32 40.16 -46.41
CA ALA A 658 -21.08 41.51 -45.91
C ALA A 658 -19.90 41.53 -44.92
N GLU A 659 -19.93 40.68 -43.89
CA GLU A 659 -18.86 40.63 -42.91
C GLU A 659 -17.61 39.96 -43.51
N LYS A 660 -17.80 39.01 -44.44
CA LYS A 660 -16.67 38.33 -45.07
C LYS A 660 -15.92 39.27 -46.02
N LEU A 661 -16.63 40.26 -46.63
CA LEU A 661 -15.99 41.22 -47.52
C LEU A 661 -15.39 42.36 -46.70
N ASN A 662 -16.10 42.81 -45.65
CA ASN A 662 -15.61 43.91 -44.80
C ASN A 662 -14.29 43.57 -44.12
N LYS A 663 -14.05 42.28 -43.81
CA LYS A 663 -12.79 41.86 -43.17
C LYS A 663 -11.69 41.74 -44.21
N THR A 664 -11.95 41.05 -45.34
CA THR A 664 -10.93 40.90 -46.39
C THR A 664 -10.58 42.27 -46.97
N ALA A 665 -11.55 43.20 -47.08
CA ALA A 665 -11.30 44.55 -47.57
C ALA A 665 -10.39 45.32 -46.62
N LYS A 666 -10.56 45.13 -45.30
CA LYS A 666 -9.72 45.79 -44.32
C LYS A 666 -8.27 45.25 -44.40
N GLU A 667 -8.14 43.96 -44.71
CA GLU A 667 -6.79 43.35 -44.84
C GLU A 667 -6.06 43.97 -46.05
N LEU A 668 -6.80 44.65 -46.93
CA LEU A 668 -6.17 45.19 -48.16
C LEU A 668 -6.24 46.71 -48.16
N TYR A 669 -7.43 47.30 -48.32
CA TYR A 669 -7.52 48.79 -48.41
C TYR A 669 -7.91 49.36 -47.06
N ASN A 670 -7.94 48.50 -46.02
CA ASN A 670 -8.30 48.94 -44.64
C ASN A 670 -9.73 49.44 -44.60
N ILE A 671 -10.44 49.37 -45.73
CA ILE A 671 -11.88 49.78 -45.74
C ILE A 671 -12.61 48.93 -44.69
N ASP A 672 -13.37 49.58 -43.81
CA ASP A 672 -14.06 48.84 -42.72
C ASP A 672 -15.53 48.63 -43.09
N ASN A 673 -16.04 49.42 -44.02
CA ASN A 673 -17.46 49.26 -44.45
C ASN A 673 -17.54 49.23 -45.98
N PHE A 674 -16.78 48.34 -46.62
CA PHE A 674 -16.79 48.25 -48.07
C PHE A 674 -18.24 48.08 -48.51
N ALA A 675 -18.97 47.10 -47.94
CA ALA A 675 -20.38 46.87 -48.28
C ALA A 675 -21.22 48.15 -48.37
N ASP A 676 -20.98 49.10 -47.45
CA ASP A 676 -21.71 50.37 -47.45
C ASP A 676 -21.35 51.22 -48.69
N MET A 677 -20.10 51.09 -49.17
CA MET A 677 -19.62 51.83 -50.35
C MET A 677 -20.14 51.24 -51.67
N ILE A 678 -20.54 49.97 -51.62
CA ILE A 678 -21.06 49.29 -52.85
C ILE A 678 -22.47 49.80 -53.14
N CYS A 679 -22.76 50.07 -54.41
CA CYS A 679 -24.09 50.51 -54.81
C CYS A 679 -25.00 49.29 -55.01
N ASP A 680 -26.32 49.47 -54.96
CA ASP A 680 -27.27 48.37 -55.14
C ASP A 680 -28.56 48.86 -55.80
N GLU A 681 -29.45 47.94 -56.22
CA GLU A 681 -30.71 48.31 -56.86
C GLU A 681 -31.55 49.29 -56.01
N THR A 682 -31.37 49.25 -54.67
CA THR A 682 -32.09 50.12 -53.75
C THR A 682 -31.63 51.56 -53.94
N ILE A 683 -30.31 51.77 -54.06
CA ILE A 683 -29.74 53.10 -54.25
C ILE A 683 -30.01 53.56 -55.70
N ALA A 684 -29.52 52.81 -56.70
CA ALA A 684 -29.71 53.12 -58.13
C ALA A 684 -29.08 52.05 -59.02
N THR A 685 -29.56 51.94 -60.27
CA THR A 685 -29.02 50.97 -61.23
C THR A 685 -28.34 51.69 -62.41
N GLU A 686 -28.92 52.82 -62.87
CA GLU A 686 -28.36 53.60 -63.98
C GLU A 686 -26.90 54.00 -63.72
N SER A 687 -26.01 53.77 -64.69
CA SER A 687 -24.57 54.07 -64.57
C SER A 687 -24.30 55.49 -64.08
N GLU A 688 -24.96 56.51 -64.66
CA GLU A 688 -24.76 57.90 -64.26
C GLU A 688 -25.08 58.11 -62.78
N GLU A 689 -26.17 57.50 -62.29
CA GLU A 689 -26.55 57.63 -60.89
C GLU A 689 -25.61 56.81 -59.99
N VAL A 690 -25.10 55.67 -60.50
CA VAL A 690 -24.18 54.83 -59.73
C VAL A 690 -22.85 55.56 -59.54
N VAL A 691 -22.31 56.19 -60.61
CA VAL A 691 -21.04 56.91 -60.49
C VAL A 691 -21.18 58.09 -59.52
N LYS A 692 -22.36 58.73 -59.45
CA LYS A 692 -22.57 59.86 -58.54
C LYS A 692 -22.47 59.37 -57.09
N PHE A 693 -23.14 58.25 -56.78
CA PHE A 693 -23.11 57.66 -55.45
C PHE A 693 -21.68 57.29 -55.04
N LEU A 694 -20.90 56.76 -56.00
CA LEU A 694 -19.51 56.36 -55.78
C LEU A 694 -18.64 57.56 -55.44
N GLU A 695 -18.88 58.70 -56.11
CA GLU A 695 -18.12 59.93 -55.87
C GLU A 695 -18.46 60.50 -54.49
N GLU A 696 -19.73 60.45 -54.09
CA GLU A 696 -20.18 60.96 -52.80
C GLU A 696 -19.53 60.19 -51.64
N LYS A 697 -19.48 58.85 -51.74
CA LYS A 697 -18.89 58.01 -50.71
C LYS A 697 -17.36 58.04 -50.73
N GLY A 698 -16.78 57.90 -51.92
CA GLY A 698 -15.30 57.86 -52.04
C GLY A 698 -14.80 56.44 -52.21
N HIS A 699 -15.27 55.73 -53.24
CA HIS A 699 -14.85 54.32 -53.49
C HIS A 699 -13.37 54.30 -53.93
N PRO A 700 -12.56 53.31 -53.51
CA PRO A 700 -11.16 53.22 -53.94
C PRO A 700 -11.09 53.06 -55.46
N ALA A 701 -12.06 52.37 -56.06
CA ALA A 701 -11.97 52.14 -57.51
C ALA A 701 -11.76 53.44 -58.28
N LEU A 702 -12.34 54.56 -57.80
CA LEU A 702 -12.19 55.85 -58.48
C LEU A 702 -10.74 56.35 -58.40
N LYS A 703 -10.06 56.12 -57.27
CA LYS A 703 -8.68 56.55 -57.09
C LYS A 703 -7.66 55.44 -57.47
N MET A 704 -8.14 54.30 -57.99
CA MET A 704 -7.27 53.19 -58.41
C MET A 704 -6.76 53.47 -59.83
N ASP A 705 -5.79 52.67 -60.30
CA ASP A 705 -5.24 52.83 -61.65
C ASP A 705 -6.32 52.44 -62.68
N PRO A 706 -6.27 52.93 -63.94
CA PRO A 706 -7.31 52.53 -64.91
C PRO A 706 -7.39 51.01 -65.07
N ILE A 707 -8.59 50.44 -64.87
CA ILE A 707 -8.80 48.99 -64.98
C ILE A 707 -8.35 48.43 -66.34
N MET A 708 -8.66 49.13 -67.43
CA MET A 708 -8.27 48.69 -68.78
C MET A 708 -7.19 49.62 -69.33
N GLU B 3 32.68 -24.15 -35.46
CA GLU B 3 31.82 -23.25 -34.69
C GLU B 3 30.49 -23.04 -35.42
N LYS B 4 29.39 -22.95 -34.66
CA LYS B 4 28.07 -22.74 -35.24
C LYS B 4 27.91 -21.27 -35.69
N ALA B 5 27.10 -21.02 -36.72
CA ALA B 5 26.89 -19.66 -37.21
C ALA B 5 26.18 -18.83 -36.16
N LYS B 6 26.51 -17.54 -36.06
CA LYS B 6 25.91 -16.68 -35.00
C LYS B 6 24.54 -16.16 -35.46
N SER B 7 24.34 -16.00 -36.76
CA SER B 7 23.08 -15.47 -37.30
C SER B 7 22.93 -15.86 -38.77
N ILE B 8 21.72 -15.70 -39.31
CA ILE B 8 21.43 -15.98 -40.72
C ILE B 8 21.46 -14.67 -41.54
N ASP B 9 21.18 -13.52 -40.88
CA ASP B 9 21.16 -12.20 -41.53
C ASP B 9 22.56 -11.74 -41.93
N GLN B 10 22.74 -11.35 -43.21
CA GLN B 10 24.05 -10.91 -43.70
C GLN B 10 24.51 -9.60 -43.08
N ALA B 11 23.60 -8.64 -42.86
CA ALA B 11 23.97 -7.36 -42.25
C ALA B 11 24.53 -7.61 -40.83
N THR B 12 23.90 -8.52 -40.08
CA THR B 12 24.31 -8.89 -38.72
C THR B 12 25.70 -9.53 -38.75
N LEU B 13 25.95 -10.44 -39.69
CA LEU B 13 27.23 -11.11 -39.80
C LEU B 13 28.33 -10.13 -40.19
N GLN B 14 28.02 -9.13 -41.03
CA GLN B 14 28.99 -8.13 -41.44
C GLN B 14 29.46 -7.33 -40.24
N LEU B 15 28.53 -6.78 -39.46
CA LEU B 15 28.87 -5.97 -38.30
C LEU B 15 29.50 -6.79 -37.18
N LEU B 16 29.23 -8.11 -37.12
CA LEU B 16 29.87 -8.95 -36.10
C LEU B 16 31.37 -9.01 -36.39
N ASP B 17 31.78 -8.99 -37.68
CA ASP B 17 33.18 -8.98 -38.06
C ASP B 17 33.76 -7.63 -37.61
N LYS B 18 33.05 -6.52 -37.88
CA LYS B 18 33.51 -5.20 -37.47
C LYS B 18 33.68 -5.13 -35.96
N ALA B 19 32.75 -5.72 -35.20
CA ALA B 19 32.82 -5.74 -33.74
C ALA B 19 34.12 -6.40 -33.28
N LYS B 20 34.54 -7.47 -33.96
CA LYS B 20 35.77 -8.18 -33.65
C LYS B 20 36.96 -7.28 -33.94
N GLN B 21 36.98 -6.63 -35.12
CA GLN B 21 38.06 -5.73 -35.53
C GLN B 21 38.15 -4.54 -34.58
N ASP B 22 37.01 -3.98 -34.19
CA ASP B 22 36.98 -2.86 -33.25
C ASP B 22 37.39 -3.30 -31.83
N GLY B 23 37.36 -4.60 -31.56
CA GLY B 23 37.71 -5.16 -30.27
C GLY B 23 36.64 -4.91 -29.23
N VAL B 24 35.36 -5.13 -29.59
CA VAL B 24 34.24 -4.92 -28.66
C VAL B 24 33.49 -6.23 -28.37
N GLU B 25 32.87 -6.32 -27.19
CA GLU B 25 32.14 -7.51 -26.78
C GLU B 25 30.70 -7.47 -27.24
N THR B 26 30.15 -8.65 -27.59
CA THR B 26 28.76 -8.79 -28.03
C THR B 26 28.09 -9.92 -27.23
N VAL B 27 26.74 -10.00 -27.28
CA VAL B 27 25.98 -11.03 -26.58
C VAL B 27 26.50 -12.43 -26.93
N TRP B 28 27.00 -12.63 -28.17
CA TRP B 28 27.54 -13.92 -28.59
C TRP B 28 28.86 -14.22 -27.89
N ASP B 29 29.69 -13.19 -27.66
CA ASP B 29 30.97 -13.37 -26.98
C ASP B 29 30.73 -13.75 -25.52
N ARG B 30 29.79 -13.05 -24.86
CA ARG B 30 29.47 -13.34 -23.47
C ARG B 30 28.81 -14.70 -23.31
N LYS B 31 28.08 -15.18 -24.33
CA LYS B 31 27.45 -16.50 -24.27
C LYS B 31 28.56 -17.56 -24.26
N ALA B 32 29.58 -17.38 -25.12
CA ALA B 32 30.70 -18.30 -25.19
C ALA B 32 31.46 -18.33 -23.88
N ASP B 33 31.65 -17.15 -23.26
CA ASP B 33 32.36 -17.04 -21.97
C ASP B 33 31.67 -17.81 -20.86
N MET B 34 30.35 -18.00 -20.95
CA MET B 34 29.60 -18.73 -19.94
C MET B 34 29.85 -20.26 -20.01
N LYS B 35 30.57 -20.74 -21.06
CA LYS B 35 30.92 -22.16 -21.25
C LYS B 35 29.72 -23.10 -20.96
N VAL B 36 29.91 -24.26 -20.29
CA VAL B 36 28.78 -25.14 -19.98
C VAL B 36 28.02 -24.50 -18.83
N GLN B 37 26.84 -23.99 -19.17
CA GLN B 37 26.02 -23.28 -18.16
C GLN B 37 25.59 -24.31 -17.12
N CYS B 38 25.16 -23.84 -15.96
CA CYS B 38 24.85 -24.81 -14.88
C CYS B 38 23.68 -25.72 -15.29
N GLY B 39 23.71 -26.96 -14.83
CA GLY B 39 22.65 -27.93 -15.18
C GLY B 39 21.54 -27.93 -14.15
N PHE B 40 21.79 -27.52 -12.92
CA PHE B 40 20.69 -27.42 -11.94
C PHE B 40 19.79 -26.24 -12.31
N GLY B 41 20.40 -25.12 -12.70
CA GLY B 41 19.63 -23.96 -13.11
C GLY B 41 18.90 -24.22 -14.42
N SER B 42 19.53 -24.97 -15.34
CA SER B 42 18.97 -25.31 -16.64
C SER B 42 17.76 -26.24 -16.49
N ALA B 43 17.86 -27.24 -15.61
CA ALA B 43 16.75 -28.17 -15.38
C ALA B 43 15.70 -27.58 -14.41
N GLY B 44 16.05 -26.48 -13.74
CA GLY B 44 15.15 -25.81 -12.82
C GLY B 44 15.10 -26.43 -11.45
N VAL B 45 16.13 -27.20 -11.05
CA VAL B 45 16.15 -27.85 -9.75
C VAL B 45 17.04 -27.17 -8.72
N CYS B 46 17.29 -25.85 -8.89
CA CYS B 46 18.09 -25.11 -7.93
C CYS B 46 17.15 -24.12 -7.26
N CYS B 47 17.13 -24.08 -5.92
CA CYS B 47 16.24 -23.17 -5.20
C CYS B 47 16.99 -22.19 -4.32
N ARG B 48 16.62 -20.90 -4.39
CA ARG B 48 17.21 -19.85 -3.58
C ARG B 48 16.09 -18.98 -3.01
N ASN B 49 15.03 -19.61 -2.50
CA ASN B 49 13.86 -18.85 -1.99
C ASN B 49 14.01 -18.59 -0.49
N CYS B 50 15.12 -19.03 0.11
CA CYS B 50 15.36 -18.72 1.54
C CYS B 50 16.85 -18.87 1.84
N SER B 51 17.30 -18.32 2.97
CA SER B 51 18.76 -18.31 3.30
C SER B 51 19.20 -19.65 3.89
N MET B 52 18.28 -20.61 4.02
CA MET B 52 18.71 -21.97 4.46
C MET B 52 19.48 -22.53 3.27
N GLY B 53 19.15 -22.04 2.07
CA GLY B 53 19.84 -22.48 0.84
C GLY B 53 21.15 -21.76 0.60
N PRO B 54 21.79 -21.91 -0.59
CA PRO B 54 21.13 -22.44 -1.78
C PRO B 54 20.96 -23.96 -1.73
N CYS B 55 19.97 -24.49 -2.47
CA CYS B 55 19.76 -25.96 -2.51
C CYS B 55 19.70 -26.43 -3.98
N ARG B 56 20.19 -27.64 -4.25
CA ARG B 56 20.19 -28.20 -5.63
C ARG B 56 19.87 -29.69 -5.58
N VAL B 57 18.65 -30.07 -5.98
CA VAL B 57 18.22 -31.49 -6.00
C VAL B 57 18.59 -32.10 -7.36
N SER B 58 18.44 -33.42 -7.51
CA SER B 58 18.80 -34.11 -8.78
C SER B 58 17.63 -34.10 -9.75
N PRO B 59 17.82 -33.69 -11.02
CA PRO B 59 16.76 -33.74 -12.02
C PRO B 59 16.50 -35.21 -12.41
N VAL B 60 17.47 -36.09 -12.18
CA VAL B 60 17.32 -37.50 -12.50
C VAL B 60 16.72 -38.19 -11.29
N PRO B 61 15.44 -38.62 -11.31
CA PRO B 61 14.88 -39.28 -10.12
C PRO B 61 15.65 -40.53 -9.73
N GLY B 62 15.68 -40.81 -8.43
CA GLY B 62 16.36 -41.98 -7.89
C GLY B 62 17.77 -41.71 -7.37
N LYS B 63 18.58 -40.97 -8.12
CA LYS B 63 19.96 -40.68 -7.71
C LYS B 63 20.13 -39.25 -7.19
N GLY B 64 21.21 -38.99 -6.47
CA GLY B 64 21.52 -37.68 -5.91
C GLY B 64 20.61 -37.25 -4.77
N VAL B 65 20.66 -35.95 -4.42
CA VAL B 65 19.82 -35.40 -3.33
C VAL B 65 18.37 -35.33 -3.80
N GLU B 66 17.44 -35.83 -2.97
CA GLU B 66 16.02 -35.87 -3.32
C GLU B 66 15.21 -34.62 -2.95
N ARG B 67 15.46 -34.02 -1.78
CA ARG B 67 14.68 -32.86 -1.33
C ARG B 67 15.58 -31.71 -0.85
N GLY B 68 15.00 -30.51 -0.77
CA GLY B 68 15.72 -29.33 -0.31
C GLY B 68 15.84 -29.33 1.20
N ILE B 69 16.39 -28.26 1.78
CA ILE B 69 16.59 -28.29 3.26
C ILE B 69 15.21 -28.25 3.94
N CYS B 70 14.26 -27.48 3.39
CA CYS B 70 12.90 -27.45 3.93
C CYS B 70 12.10 -28.73 3.66
N GLY B 71 12.59 -29.59 2.76
CA GLY B 71 11.90 -30.83 2.40
C GLY B 71 11.20 -30.76 1.05
N ALA B 72 11.43 -29.67 0.30
CA ALA B 72 10.81 -29.46 -1.01
C ALA B 72 11.35 -30.42 -2.06
N THR B 73 10.45 -31.19 -2.70
CA THR B 73 10.86 -32.13 -3.73
C THR B 73 11.16 -31.38 -5.04
N ALA B 74 11.87 -32.03 -5.98
CA ALA B 74 12.23 -31.41 -7.25
C ALA B 74 11.03 -30.77 -7.98
N ASP B 75 9.90 -31.49 -8.07
CA ASP B 75 8.71 -30.96 -8.75
C ASP B 75 8.21 -29.66 -8.12
N VAL B 76 8.38 -29.51 -6.80
CA VAL B 76 7.96 -28.31 -6.10
C VAL B 76 8.93 -27.20 -6.52
N ILE B 77 10.23 -27.42 -6.34
CA ILE B 77 11.26 -26.45 -6.72
C ILE B 77 11.07 -25.95 -8.16
N VAL B 78 10.93 -26.88 -9.10
CA VAL B 78 10.75 -26.55 -10.52
C VAL B 78 9.47 -25.72 -10.73
N SER B 79 8.33 -26.19 -10.18
CA SER B 79 7.05 -25.48 -10.33
C SER B 79 7.07 -24.08 -9.70
N ARG B 80 7.80 -23.88 -8.60
CA ARG B 80 7.88 -22.56 -7.98
C ARG B 80 8.74 -21.65 -8.85
N ASN B 81 9.85 -22.17 -9.39
CA ASN B 81 10.73 -21.41 -10.26
C ASN B 81 10.00 -21.00 -11.53
N PHE B 82 9.18 -21.90 -12.08
CA PHE B 82 8.41 -21.61 -13.28
C PHE B 82 7.37 -20.52 -13.01
N ALA B 83 6.65 -20.64 -11.89
CA ALA B 83 5.63 -19.67 -11.53
C ALA B 83 6.22 -18.27 -11.35
N ARG B 84 7.42 -18.16 -10.77
CA ARG B 84 8.04 -16.85 -10.58
C ARG B 84 8.37 -16.20 -11.93
N MET B 85 8.69 -16.99 -12.96
CA MET B 85 8.97 -16.45 -14.28
C MET B 85 7.67 -15.82 -14.84
N VAL B 86 6.53 -16.48 -14.61
CA VAL B 86 5.23 -15.99 -15.07
C VAL B 86 4.90 -14.70 -14.31
N ALA B 87 5.08 -14.69 -12.98
CA ALA B 87 4.81 -13.52 -12.15
C ALA B 87 5.64 -12.32 -12.61
N ALA B 88 6.92 -12.54 -12.92
CA ALA B 88 7.80 -11.48 -13.38
C ALA B 88 7.39 -11.00 -14.77
N GLY B 89 7.06 -11.93 -15.66
CA GLY B 89 6.62 -11.59 -17.00
C GLY B 89 5.34 -10.79 -16.98
N THR B 90 4.42 -11.17 -16.10
CA THR B 90 3.13 -10.48 -15.92
C THR B 90 3.37 -9.08 -15.35
N ALA B 91 4.31 -8.97 -14.40
CA ALA B 91 4.63 -7.69 -13.79
C ALA B 91 5.17 -6.71 -14.84
N ALA B 92 6.02 -7.20 -15.76
CA ALA B 92 6.59 -6.34 -16.79
C ALA B 92 5.50 -5.73 -17.66
N HIS B 93 4.54 -6.56 -18.11
CA HIS B 93 3.44 -6.05 -18.93
C HIS B 93 2.47 -5.21 -18.10
N SER B 94 2.29 -5.57 -16.81
CA SER B 94 1.40 -4.84 -15.90
C SER B 94 1.83 -3.37 -15.79
N ASP B 95 3.11 -3.12 -15.54
CA ASP B 95 3.60 -1.72 -15.38
C ASP B 95 3.48 -0.98 -16.72
N HIS B 96 3.60 -1.69 -17.83
CA HIS B 96 3.55 -1.07 -19.15
C HIS B 96 2.12 -0.54 -19.33
N GLY B 97 1.13 -1.43 -19.25
CA GLY B 97 -0.27 -1.05 -19.41
C GLY B 97 -0.77 -0.05 -18.38
N ARG B 98 -0.28 -0.16 -17.14
CA ARG B 98 -0.67 0.73 -16.05
C ARG B 98 -0.23 2.16 -16.38
N SER B 99 0.96 2.30 -16.96
CA SER B 99 1.47 3.62 -17.35
C SER B 99 0.60 4.21 -18.47
N ILE B 100 0.08 3.35 -19.37
CA ILE B 100 -0.78 3.78 -20.47
C ILE B 100 -2.10 4.25 -19.90
N ALA B 101 -2.69 3.47 -18.98
CA ALA B 101 -3.95 3.84 -18.35
C ALA B 101 -3.84 5.19 -17.63
N LEU B 102 -2.70 5.45 -16.97
CA LEU B 102 -2.51 6.72 -16.27
C LEU B 102 -2.43 7.86 -17.28
N SER B 103 -1.84 7.61 -18.47
CA SER B 103 -1.76 8.63 -19.50
C SER B 103 -3.15 8.95 -20.01
N LEU B 104 -3.98 7.91 -20.22
CA LEU B 104 -5.36 8.09 -20.68
C LEU B 104 -6.16 8.96 -19.68
N TYR B 105 -5.81 8.87 -18.38
CA TYR B 105 -6.44 9.64 -17.32
C TYR B 105 -5.99 11.12 -17.33
N HIS B 106 -4.89 11.44 -18.03
CA HIS B 106 -4.38 12.81 -18.09
C HIS B 106 -4.47 13.41 -19.49
N THR B 107 -5.46 13.00 -20.28
CA THR B 107 -5.61 13.53 -21.64
C THR B 107 -6.34 14.88 -21.59
N SER B 108 -6.15 15.68 -22.64
CA SER B 108 -6.77 17.03 -22.69
C SER B 108 -6.98 17.45 -24.15
N LYS B 109 -8.00 18.28 -24.41
CA LYS B 109 -8.28 18.73 -25.77
C LYS B 109 -7.07 19.48 -26.32
N ASP B 110 -6.50 20.39 -25.51
CA ASP B 110 -5.33 21.18 -25.89
C ASP B 110 -4.11 20.72 -25.07
N GLY B 111 -3.98 19.41 -24.91
CA GLY B 111 -2.89 18.80 -24.16
C GLY B 111 -1.98 17.99 -25.06
N ASP B 112 -0.82 17.60 -24.55
CA ASP B 112 0.14 16.81 -25.31
C ASP B 112 -0.44 15.44 -25.69
N ILE B 113 -1.13 14.78 -24.73
CA ILE B 113 -1.75 13.47 -24.98
C ILE B 113 -3.24 13.69 -25.22
N LYS B 114 -3.74 13.27 -26.39
CA LYS B 114 -5.12 13.46 -26.76
C LYS B 114 -5.82 12.15 -27.11
N VAL B 115 -7.13 12.20 -27.39
CA VAL B 115 -7.93 11.03 -27.79
C VAL B 115 -8.00 11.06 -29.32
N LYS B 116 -7.07 10.36 -29.99
CA LYS B 116 -7.02 10.35 -31.46
C LYS B 116 -8.12 9.47 -32.07
N ASP B 117 -8.31 8.24 -31.57
CA ASP B 117 -9.36 7.37 -32.08
C ASP B 117 -10.56 7.44 -31.14
N GLU B 118 -11.56 8.26 -31.49
CA GLU B 118 -12.75 8.40 -30.65
C GLU B 118 -13.64 7.18 -30.76
N ASN B 119 -13.76 6.61 -31.97
CA ASN B 119 -14.60 5.42 -32.19
C ASN B 119 -14.16 4.26 -31.30
N LYS B 120 -12.84 4.01 -31.22
CA LYS B 120 -12.32 2.93 -30.40
C LYS B 120 -12.65 3.16 -28.93
N LEU B 121 -12.46 4.40 -28.44
CA LEU B 121 -12.75 4.69 -27.04
C LEU B 121 -14.22 4.44 -26.72
N LYS B 122 -15.11 4.77 -27.65
CA LYS B 122 -16.55 4.57 -27.45
C LYS B 122 -16.84 3.09 -27.31
N GLU B 123 -16.23 2.25 -28.17
CA GLU B 123 -16.43 0.81 -28.09
C GLU B 123 -15.82 0.24 -26.82
N VAL B 124 -14.65 0.75 -26.40
CA VAL B 124 -14.00 0.29 -25.18
C VAL B 124 -14.84 0.68 -23.96
N ALA B 125 -15.50 1.85 -24.00
CA ALA B 125 -16.34 2.30 -22.91
C ALA B 125 -17.50 1.33 -22.67
N LYS B 126 -18.03 0.71 -23.74
CA LYS B 126 -19.11 -0.26 -23.60
C LYS B 126 -18.63 -1.44 -22.77
N SER B 127 -17.41 -1.92 -23.02
CA SER B 127 -16.83 -3.04 -22.29
C SER B 127 -16.71 -2.74 -20.80
N PHE B 128 -16.37 -1.49 -20.44
CA PHE B 128 -16.24 -1.10 -19.04
C PHE B 128 -17.54 -0.54 -18.44
N ASN B 129 -18.63 -0.53 -19.22
CA ASN B 129 -19.92 -0.01 -18.79
C ASN B 129 -19.85 1.47 -18.42
N VAL B 130 -19.25 2.28 -19.31
CA VAL B 130 -19.13 3.72 -19.15
C VAL B 130 -20.04 4.33 -20.22
N GLU B 131 -20.83 5.35 -19.86
CA GLU B 131 -21.76 5.98 -20.79
C GLU B 131 -21.02 6.82 -21.86
N THR B 132 -21.53 6.82 -23.10
CA THR B 132 -20.92 7.55 -24.21
C THR B 132 -21.95 8.39 -24.98
N GLU B 133 -22.97 8.91 -24.29
CA GLU B 133 -24.02 9.68 -24.94
C GLU B 133 -24.03 11.13 -24.50
N GLY B 134 -23.82 12.03 -25.46
CA GLY B 134 -23.81 13.46 -25.21
C GLY B 134 -22.88 13.92 -24.12
N ARG B 135 -21.67 13.33 -24.12
CA ARG B 135 -20.65 13.68 -23.10
C ARG B 135 -19.32 14.00 -23.78
N ASP B 136 -18.52 14.87 -23.17
CA ASP B 136 -17.18 15.19 -23.67
C ASP B 136 -16.33 13.93 -23.79
N ILE B 137 -15.60 13.79 -24.90
CA ILE B 137 -14.78 12.61 -25.13
C ILE B 137 -13.71 12.44 -24.04
N TYR B 138 -13.20 13.54 -23.47
CA TYR B 138 -12.20 13.45 -22.41
C TYR B 138 -12.82 13.04 -21.08
N ASP B 139 -14.12 13.30 -20.87
CA ASP B 139 -14.80 12.86 -19.66
C ASP B 139 -14.98 11.34 -19.74
N ILE B 140 -15.26 10.80 -20.96
CA ILE B 140 -15.41 9.36 -21.18
C ILE B 140 -14.03 8.72 -21.00
N ALA B 141 -12.99 9.31 -21.61
CA ALA B 141 -11.63 8.79 -21.51
C ALA B 141 -11.16 8.61 -20.08
N HIS B 142 -11.43 9.62 -19.21
CA HIS B 142 -11.01 9.54 -17.82
C HIS B 142 -11.77 8.47 -17.05
N ASP B 143 -13.05 8.28 -17.35
CA ASP B 143 -13.86 7.25 -16.69
C ASP B 143 -13.37 5.87 -17.14
N VAL B 144 -13.06 5.71 -18.43
CA VAL B 144 -12.56 4.45 -18.97
C VAL B 144 -11.18 4.15 -18.34
N ALA B 145 -10.33 5.19 -18.20
CA ALA B 145 -9.01 5.03 -17.60
C ALA B 145 -9.15 4.59 -16.14
N LYS B 146 -10.08 5.19 -15.39
CA LYS B 146 -10.30 4.84 -13.99
C LYS B 146 -10.78 3.38 -13.87
N GLU B 147 -11.71 2.96 -14.73
CA GLU B 147 -12.21 1.59 -14.71
C GLU B 147 -11.13 0.61 -15.11
N GLY B 148 -10.25 1.01 -16.02
CA GLY B 148 -9.14 0.18 -16.46
C GLY B 148 -8.15 0.02 -15.34
N LEU B 149 -7.87 1.11 -14.62
CA LEU B 149 -6.94 1.07 -13.49
C LEU B 149 -7.46 0.17 -12.36
N SER B 150 -8.78 0.07 -12.23
CA SER B 150 -9.38 -0.81 -11.19
C SER B 150 -8.90 -2.25 -11.40
N ASN B 151 -8.83 -2.70 -12.65
CA ASN B 151 -8.42 -4.07 -12.94
C ASN B 151 -7.01 -4.39 -12.41
N TYR B 152 -6.23 -3.38 -12.04
CA TYR B 152 -4.88 -3.61 -11.53
C TYR B 152 -4.84 -3.86 -10.03
N GLY B 153 -5.78 -3.29 -9.28
CA GLY B 153 -5.77 -3.45 -7.84
C GLY B 153 -7.09 -3.47 -7.10
N LYS B 154 -8.16 -3.90 -7.76
CA LYS B 154 -9.46 -4.00 -7.04
C LYS B 154 -9.45 -5.24 -6.14
N GLN B 155 -9.80 -5.05 -4.86
CA GLN B 155 -9.82 -6.15 -3.89
C GLN B 155 -11.22 -6.76 -3.75
N LEU B 156 -12.27 -5.99 -4.07
CA LEU B 156 -13.66 -6.45 -4.00
C LEU B 156 -14.31 -6.27 -5.36
N GLY B 157 -15.22 -7.17 -5.71
CA GLY B 157 -15.91 -7.12 -6.99
C GLY B 157 -15.19 -7.93 -8.05
N GLU B 158 -15.75 -7.98 -9.27
CA GLU B 158 -15.13 -8.75 -10.35
C GLU B 158 -14.41 -7.85 -11.33
N VAL B 159 -13.37 -8.39 -11.97
CA VAL B 159 -12.59 -7.64 -12.96
C VAL B 159 -13.33 -7.62 -14.30
N THR B 160 -13.00 -6.65 -15.16
CA THR B 160 -13.63 -6.51 -16.47
C THR B 160 -12.76 -7.15 -17.55
N LEU B 161 -13.31 -8.13 -18.27
CA LEU B 161 -12.55 -8.78 -19.37
C LEU B 161 -13.18 -8.39 -20.72
N PRO B 162 -12.40 -8.36 -21.82
CA PRO B 162 -12.90 -7.96 -23.14
C PRO B 162 -13.98 -8.90 -23.69
N PRO B 163 -14.90 -8.41 -24.54
CA PRO B 163 -15.98 -9.24 -25.08
C PRO B 163 -15.48 -10.40 -25.96
N SER B 164 -14.40 -10.19 -26.72
CA SER B 164 -13.95 -11.24 -27.66
C SER B 164 -13.81 -12.56 -26.90
N LEU B 165 -13.58 -12.50 -25.59
CA LEU B 165 -13.37 -13.71 -24.83
C LEU B 165 -14.62 -14.60 -24.69
N PRO B 166 -14.68 -15.79 -25.32
CA PRO B 166 -15.89 -16.62 -25.21
C PRO B 166 -16.35 -16.95 -23.79
N GLU B 167 -17.67 -17.04 -23.60
CA GLU B 167 -18.25 -17.39 -22.30
C GLU B 167 -17.90 -18.82 -21.92
N LYS B 168 -17.67 -19.68 -22.91
CA LYS B 168 -17.30 -21.07 -22.66
C LYS B 168 -15.93 -21.09 -21.97
N ARG B 169 -15.00 -20.26 -22.46
CA ARG B 169 -13.66 -20.14 -21.91
C ARG B 169 -13.71 -19.57 -20.48
N LYS B 170 -14.57 -18.57 -20.25
CA LYS B 170 -14.71 -17.96 -18.93
C LYS B 170 -15.21 -18.98 -17.91
N GLU B 171 -16.26 -19.74 -18.26
CA GLU B 171 -16.83 -20.76 -17.37
C GLU B 171 -15.84 -21.91 -17.13
N LEU B 172 -15.00 -22.23 -18.12
CA LEU B 172 -14.00 -23.27 -17.98
C LEU B 172 -12.97 -22.83 -16.94
N TRP B 173 -12.53 -21.56 -17.00
CA TRP B 173 -11.57 -21.03 -16.03
C TRP B 173 -12.19 -21.06 -14.63
N ARG B 174 -13.46 -20.65 -14.53
CA ARG B 174 -14.17 -20.65 -13.24
C ARG B 174 -14.20 -22.07 -12.65
N LYS B 175 -14.58 -23.06 -13.47
CA LYS B 175 -14.66 -24.45 -13.03
C LYS B 175 -13.29 -24.98 -12.57
N LEU B 176 -12.21 -24.54 -13.22
CA LEU B 176 -10.84 -24.97 -12.89
C LEU B 176 -10.24 -24.18 -11.69
N GLY B 177 -10.81 -23.02 -11.39
CA GLY B 177 -10.34 -22.18 -10.29
C GLY B 177 -9.23 -21.23 -10.70
N VAL B 178 -9.12 -20.92 -12.02
CA VAL B 178 -8.07 -20.03 -12.54
C VAL B 178 -8.65 -18.75 -13.14
N TYR B 179 -9.89 -18.40 -12.80
CA TYR B 179 -10.45 -17.11 -13.28
C TYR B 179 -9.58 -15.97 -12.76
N PRO B 180 -9.35 -14.90 -13.55
CA PRO B 180 -8.43 -13.83 -13.14
C PRO B 180 -8.92 -12.85 -12.06
N ARG B 181 -8.04 -12.43 -11.15
CA ARG B 181 -8.38 -11.45 -10.12
C ARG B 181 -7.63 -10.16 -10.55
N ALA B 182 -7.41 -9.17 -9.66
CA ALA B 182 -6.69 -7.95 -10.06
C ALA B 182 -5.26 -8.29 -10.52
N VAL B 183 -4.69 -7.48 -11.43
CA VAL B 183 -3.35 -7.76 -11.96
C VAL B 183 -2.29 -7.88 -10.86
N ASP B 184 -2.01 -6.77 -10.16
CA ASP B 184 -0.93 -6.77 -9.14
C ASP B 184 -1.25 -7.77 -8.03
N ARG B 185 -2.54 -7.95 -7.72
CA ARG B 185 -2.96 -8.87 -6.63
C ARG B 185 -2.49 -10.29 -6.95
N GLU B 186 -2.63 -10.72 -8.20
CA GLU B 186 -2.24 -12.10 -8.60
C GLU B 186 -0.72 -12.25 -8.53
N ILE B 187 0.02 -11.20 -8.92
CA ILE B 187 1.48 -11.27 -8.87
C ILE B 187 1.87 -11.54 -7.40
N ALA B 188 1.20 -10.85 -6.46
CA ALA B 188 1.44 -11.02 -5.04
C ALA B 188 1.10 -12.45 -4.62
N ALA B 189 0.00 -13.01 -5.15
CA ALA B 189 -0.41 -14.37 -4.83
C ALA B 189 0.66 -15.40 -5.24
N VAL B 190 1.28 -15.21 -6.41
CA VAL B 190 2.32 -16.14 -6.87
C VAL B 190 3.56 -15.95 -6.03
N MET B 191 3.98 -14.70 -5.82
CA MET B 191 5.16 -14.43 -5.00
C MET B 191 4.99 -14.94 -3.57
N HIS B 192 3.75 -14.97 -3.06
CA HIS B 192 3.47 -15.44 -1.71
C HIS B 192 3.55 -16.97 -1.66
N SER B 193 2.78 -17.68 -2.49
CA SER B 193 2.77 -19.14 -2.49
C SER B 193 4.13 -19.75 -2.84
N THR B 194 5.00 -19.01 -3.55
CA THR B 194 6.33 -19.51 -3.88
C THR B 194 7.31 -19.31 -2.69
N HIS B 195 6.94 -18.49 -1.70
CA HIS B 195 7.78 -18.25 -0.53
C HIS B 195 7.94 -19.57 0.25
N ILE B 196 9.04 -19.66 1.00
CA ILE B 196 9.34 -20.91 1.76
C ILE B 196 8.18 -21.28 2.68
N GLY B 197 7.89 -22.58 2.77
CA GLY B 197 6.86 -23.08 3.66
C GLY B 197 5.44 -22.83 3.22
N CYS B 198 5.20 -22.59 1.91
CA CYS B 198 3.83 -22.35 1.43
C CYS B 198 3.36 -23.50 0.53
N ASN B 199 3.14 -23.26 -0.78
CA ASN B 199 2.66 -24.29 -1.68
C ASN B 199 3.75 -25.31 -1.98
N ALA B 200 3.41 -26.59 -1.91
CA ALA B 200 4.34 -27.68 -2.18
C ALA B 200 3.60 -28.76 -2.97
N ASP B 201 2.89 -28.33 -4.03
CA ASP B 201 2.14 -29.20 -4.92
C ASP B 201 2.30 -28.63 -6.34
N ALA B 202 2.92 -29.40 -7.25
CA ALA B 202 3.15 -28.93 -8.61
C ALA B 202 1.85 -28.53 -9.33
N GLU B 203 0.81 -29.38 -9.28
CA GLU B 203 -0.45 -29.08 -9.96
C GLU B 203 -1.07 -27.76 -9.50
N ALA B 204 -1.07 -27.49 -8.19
CA ALA B 204 -1.65 -26.26 -7.66
C ALA B 204 -0.81 -25.06 -8.06
N MET B 205 0.52 -25.16 -7.97
CA MET B 205 1.39 -24.04 -8.33
C MET B 205 1.27 -23.66 -9.82
N ILE B 206 1.25 -24.67 -10.71
CA ILE B 206 1.12 -24.42 -12.14
C ILE B 206 -0.25 -23.79 -12.44
N LYS B 207 -1.31 -24.16 -11.67
CA LYS B 207 -2.64 -23.57 -11.85
C LYS B 207 -2.63 -22.11 -11.38
N MET B 208 -1.88 -21.79 -10.31
CA MET B 208 -1.79 -20.42 -9.82
C MET B 208 -1.08 -19.53 -10.83
N SER B 209 -0.02 -20.05 -11.48
CA SER B 209 0.71 -19.29 -12.48
C SER B 209 -0.19 -19.02 -13.69
N MET B 210 -1.06 -19.98 -14.04
CA MET B 210 -1.96 -19.81 -15.21
C MET B 210 -2.96 -18.69 -14.91
N ARG B 211 -3.48 -18.65 -13.69
CA ARG B 211 -4.42 -17.59 -13.28
C ARG B 211 -3.73 -16.23 -13.36
N CYS B 212 -2.46 -16.15 -12.93
CA CYS B 212 -1.69 -14.93 -12.97
C CYS B 212 -1.44 -14.50 -14.42
N SER B 213 -1.01 -15.45 -15.27
CA SER B 213 -0.74 -15.18 -16.68
C SER B 213 -1.97 -14.60 -17.39
N LEU B 214 -3.18 -15.03 -16.99
CA LEU B 214 -4.39 -14.51 -17.62
C LEU B 214 -4.56 -13.02 -17.37
N THR B 215 -4.08 -12.52 -16.23
CA THR B 215 -4.16 -11.09 -15.95
C THR B 215 -3.21 -10.29 -16.87
N ASP B 216 -2.37 -10.98 -17.66
CA ASP B 216 -1.45 -10.33 -18.57
C ASP B 216 -2.09 -10.20 -19.96
N GLY B 217 -2.56 -11.30 -20.53
CA GLY B 217 -3.15 -11.30 -21.86
C GLY B 217 -4.49 -10.62 -21.97
N TRP B 218 -5.47 -11.04 -21.17
CA TRP B 218 -6.84 -10.49 -21.30
C TRP B 218 -7.02 -9.17 -20.56
N MET B 219 -5.95 -8.68 -19.91
CA MET B 219 -6.07 -7.44 -19.11
C MET B 219 -4.96 -6.41 -19.39
N GLY B 220 -3.82 -6.53 -18.72
CA GLY B 220 -2.75 -5.52 -18.86
C GLY B 220 -2.33 -5.34 -20.31
N SER B 221 -1.99 -6.44 -21.00
CA SER B 221 -1.57 -6.36 -22.42
C SER B 221 -2.75 -5.90 -23.27
N PHE B 222 -3.96 -6.40 -22.96
CA PHE B 222 -5.14 -6.04 -23.74
C PHE B 222 -5.45 -4.56 -23.49
N MET B 223 -5.42 -4.13 -22.22
CA MET B 223 -5.70 -2.73 -21.89
C MET B 223 -4.63 -1.83 -22.49
N GLY B 224 -3.36 -2.22 -22.38
CA GLY B 224 -2.24 -1.47 -22.90
C GLY B 224 -2.38 -1.22 -24.38
N THR B 225 -2.76 -2.26 -25.13
CA THR B 225 -2.97 -2.13 -26.57
C THR B 225 -4.19 -1.23 -26.85
N GLU B 226 -5.35 -1.55 -26.25
CA GLU B 226 -6.58 -0.79 -26.44
C GLU B 226 -6.43 0.71 -26.14
N PHE B 227 -5.84 1.05 -25.00
CA PHE B 227 -5.65 2.46 -24.62
C PHE B 227 -4.61 3.12 -25.51
N SER B 228 -3.62 2.37 -26.03
CA SER B 228 -2.62 2.94 -26.92
C SER B 228 -3.27 3.33 -28.23
N ASP B 229 -4.13 2.46 -28.78
CA ASP B 229 -4.82 2.76 -30.03
C ASP B 229 -5.76 3.97 -29.86
N ILE B 230 -6.29 4.19 -28.66
CA ILE B 230 -7.18 5.31 -28.41
C ILE B 230 -6.40 6.63 -28.49
N MET B 231 -5.28 6.71 -27.77
CA MET B 231 -4.48 7.93 -27.71
C MET B 231 -3.58 8.16 -28.91
N PHE B 232 -2.95 7.11 -29.44
CA PHE B 232 -2.01 7.24 -30.55
C PHE B 232 -2.56 6.83 -31.92
N GLY B 233 -3.76 6.25 -31.96
CA GLY B 233 -4.39 5.81 -33.18
C GLY B 233 -4.33 4.31 -33.38
N THR B 234 -5.38 3.71 -33.98
CA THR B 234 -5.40 2.27 -34.23
C THR B 234 -4.58 1.99 -35.49
N PRO B 235 -3.64 1.02 -35.48
CA PRO B 235 -2.85 0.79 -36.71
C PRO B 235 -3.67 0.32 -37.90
N HIS B 236 -3.21 0.72 -39.10
CA HIS B 236 -3.80 0.35 -40.40
C HIS B 236 -2.62 -0.02 -41.30
N SER B 237 -2.85 -0.75 -42.40
CA SER B 237 -1.78 -1.18 -43.30
C SER B 237 -0.86 -0.01 -43.69
N ILE B 238 0.45 -0.17 -43.46
CA ILE B 238 1.43 0.87 -43.71
C ILE B 238 2.74 0.29 -44.20
N ASP B 239 3.51 1.08 -44.95
CA ASP B 239 4.79 0.67 -45.48
C ASP B 239 5.94 1.14 -44.58
N THR B 240 7.03 0.37 -44.53
CA THR B 240 8.22 0.68 -43.73
C THR B 240 9.42 -0.09 -44.31
N GLU B 241 10.62 0.14 -43.79
CA GLU B 241 11.84 -0.56 -44.19
C GLU B 241 12.44 -1.15 -42.92
N ALA B 242 13.06 -2.34 -43.03
CA ALA B 242 13.63 -3.03 -41.88
C ALA B 242 15.12 -3.37 -42.07
N ASN B 243 15.81 -3.65 -40.97
CA ASN B 243 17.22 -4.03 -40.91
C ASN B 243 18.16 -2.84 -40.80
N LEU B 244 19.37 -3.08 -40.29
CA LEU B 244 20.37 -2.02 -40.03
C LEU B 244 20.73 -1.14 -41.23
N GLY B 245 20.34 -1.51 -42.44
CA GLY B 245 20.60 -0.69 -43.61
C GLY B 245 19.79 0.61 -43.62
N VAL B 246 18.78 0.71 -42.74
CA VAL B 246 17.93 1.89 -42.60
C VAL B 246 18.68 3.10 -42.03
N LEU B 247 19.79 2.89 -41.33
CA LEU B 247 20.57 3.99 -40.77
C LEU B 247 21.21 4.76 -41.91
N GLU B 248 21.22 6.09 -41.82
CA GLU B 248 21.80 6.93 -42.87
C GLU B 248 23.10 7.61 -42.42
N LYS B 249 24.19 7.48 -43.19
CA LYS B 249 25.48 8.07 -42.83
C LYS B 249 25.50 9.60 -42.77
N ASN B 250 24.71 10.28 -43.60
CA ASN B 250 24.71 11.74 -43.59
C ASN B 250 23.51 12.33 -42.86
N SER B 251 22.82 11.53 -42.03
CA SER B 251 21.67 12.03 -41.26
C SER B 251 21.90 11.80 -39.78
N VAL B 252 21.09 12.45 -38.94
CA VAL B 252 21.20 12.26 -37.51
C VAL B 252 20.44 10.99 -37.22
N ASN B 253 21.13 9.93 -36.80
CA ASN B 253 20.47 8.66 -36.51
C ASN B 253 20.07 8.59 -35.05
N VAL B 254 18.76 8.61 -34.79
CA VAL B 254 18.24 8.52 -33.43
C VAL B 254 17.49 7.20 -33.37
N VAL B 255 18.04 6.23 -32.63
CA VAL B 255 17.44 4.90 -32.48
C VAL B 255 16.67 4.81 -31.16
N LEU B 256 15.38 4.46 -31.24
CA LEU B 256 14.50 4.30 -30.08
C LEU B 256 14.40 2.83 -29.75
N HIS B 257 14.90 2.45 -28.60
CA HIS B 257 14.88 1.05 -28.17
C HIS B 257 14.03 1.06 -26.89
N GLY B 258 13.49 -0.09 -26.54
CA GLY B 258 12.64 -0.21 -25.36
C GLY B 258 11.25 -0.79 -25.57
N HIS B 259 10.28 -0.39 -24.75
CA HIS B 259 8.92 -1.00 -24.85
C HIS B 259 7.83 0.06 -24.68
N GLU B 260 8.07 1.04 -23.80
CA GLU B 260 7.05 2.10 -23.55
C GLU B 260 6.76 2.86 -24.86
N PRO B 261 5.50 3.17 -25.18
CA PRO B 261 5.15 3.83 -26.44
C PRO B 261 5.04 5.36 -26.37
N LEU B 262 4.73 5.91 -25.20
CA LEU B 262 4.53 7.36 -25.08
C LEU B 262 5.79 8.16 -25.42
N LEU B 263 6.95 7.75 -24.89
CA LEU B 263 8.20 8.45 -25.18
C LEU B 263 8.48 8.41 -26.68
N SER B 264 8.41 7.21 -27.28
CA SER B 264 8.65 7.07 -28.73
C SER B 264 7.69 7.95 -29.51
N GLU B 265 6.40 7.91 -29.14
CA GLU B 265 5.38 8.71 -29.83
C GLU B 265 5.76 10.19 -29.77
N MET B 266 6.33 10.61 -28.64
CA MET B 266 6.68 12.05 -28.48
C MET B 266 7.97 12.38 -29.23
N VAL B 267 8.93 11.45 -29.28
CA VAL B 267 10.17 11.72 -30.02
C VAL B 267 9.82 11.87 -31.52
N VAL B 268 8.79 11.16 -32.01
CA VAL B 268 8.37 11.29 -33.39
C VAL B 268 7.81 12.70 -33.62
N GLU B 269 6.93 13.17 -32.72
CA GLU B 269 6.35 14.50 -32.82
C GLU B 269 7.43 15.58 -32.67
N ALA B 270 8.41 15.33 -31.79
CA ALA B 270 9.53 16.25 -31.56
C ALA B 270 10.37 16.38 -32.82
N ALA B 271 10.57 15.28 -33.55
CA ALA B 271 11.38 15.31 -34.78
C ALA B 271 10.78 16.24 -35.85
N SER B 272 9.52 16.67 -35.69
CA SER B 272 8.88 17.59 -36.64
C SER B 272 8.94 19.06 -36.17
N ASP B 273 9.45 19.32 -34.96
CA ASP B 273 9.55 20.67 -34.43
C ASP B 273 10.48 21.47 -35.34
N PRO B 274 10.02 22.57 -35.97
CA PRO B 274 10.90 23.34 -36.86
C PRO B 274 12.27 23.67 -36.26
N GLU B 275 12.32 24.00 -34.97
CA GLU B 275 13.57 24.32 -34.30
C GLU B 275 14.54 23.14 -34.33
N LEU B 276 14.04 21.92 -34.05
CA LEU B 276 14.87 20.73 -34.07
C LEU B 276 15.23 20.30 -35.49
N VAL B 277 14.35 20.57 -36.47
CA VAL B 277 14.63 20.26 -37.87
C VAL B 277 15.79 21.14 -38.32
N GLU B 278 15.77 22.43 -37.95
CA GLU B 278 16.82 23.37 -38.30
C GLU B 278 18.10 23.03 -37.55
N LEU B 279 18.00 22.60 -36.28
CA LEU B 279 19.19 22.24 -35.52
C LEU B 279 19.96 21.12 -36.20
N ALA B 280 19.24 20.13 -36.77
CA ALA B 280 19.87 19.03 -37.49
C ALA B 280 20.65 19.58 -38.70
N LYS B 281 20.20 20.69 -39.29
CA LYS B 281 20.90 21.31 -40.41
C LYS B 281 22.13 22.07 -39.89
N SER B 282 22.00 22.75 -38.73
CA SER B 282 23.10 23.50 -38.14
C SER B 282 24.31 22.61 -37.88
N VAL B 283 24.07 21.37 -37.45
CA VAL B 283 25.17 20.44 -37.20
C VAL B 283 25.74 19.80 -38.50
N GLY B 284 25.09 20.07 -39.64
CA GLY B 284 25.52 19.57 -40.94
C GLY B 284 24.94 18.23 -41.34
N ALA B 285 23.65 18.01 -41.09
CA ALA B 285 23.02 16.74 -41.44
C ALA B 285 21.92 16.91 -42.49
N ASP B 286 21.56 15.81 -43.18
CA ASP B 286 20.50 15.81 -44.19
C ASP B 286 19.13 16.03 -43.51
N GLY B 287 19.00 15.53 -42.29
CA GLY B 287 17.78 15.64 -41.49
C GLY B 287 17.84 14.72 -40.28
N ILE B 288 16.68 14.43 -39.68
CA ILE B 288 16.62 13.54 -38.53
C ILE B 288 16.09 12.17 -38.97
N ASN B 289 16.96 11.14 -38.97
CA ASN B 289 16.58 9.79 -39.34
C ASN B 289 16.18 9.04 -38.08
N LEU B 290 14.87 8.84 -37.93
CA LEU B 290 14.32 8.15 -36.73
C LEU B 290 14.23 6.65 -37.01
N CYS B 291 14.82 5.82 -36.14
CA CYS B 291 14.69 4.38 -36.28
C CYS B 291 14.26 3.79 -34.96
N GLY B 292 13.74 2.58 -35.00
CA GLY B 292 13.27 1.89 -33.81
C GLY B 292 13.82 0.49 -33.71
N MET B 293 13.76 -0.10 -32.51
CA MET B 293 14.24 -1.45 -32.26
C MET B 293 13.33 -2.10 -31.24
N CYS B 294 13.16 -3.42 -31.36
CA CYS B 294 12.33 -4.18 -30.38
C CYS B 294 10.89 -3.65 -30.38
N CYS B 295 10.15 -3.93 -29.30
CA CYS B 295 8.71 -3.56 -29.25
C CYS B 295 8.52 -2.05 -29.50
N THR B 296 9.25 -1.18 -28.82
CA THR B 296 9.00 0.26 -29.02
C THR B 296 9.08 0.62 -30.50
N GLY B 297 10.04 0.05 -31.22
CA GLY B 297 10.18 0.29 -32.64
C GLY B 297 9.01 -0.23 -33.43
N ASN B 298 8.38 -1.32 -32.94
CA ASN B 298 7.21 -1.91 -33.58
C ASN B 298 6.02 -1.00 -33.39
N GLU B 299 5.83 -0.45 -32.18
CA GLU B 299 4.69 0.42 -31.89
C GLU B 299 4.71 1.67 -32.78
N VAL B 300 5.90 2.24 -33.02
CA VAL B 300 6.01 3.44 -33.84
C VAL B 300 5.93 3.12 -35.33
N SER B 301 6.44 1.95 -35.73
CA SER B 301 6.40 1.53 -37.13
C SER B 301 4.95 1.14 -37.52
N MET B 302 4.16 0.61 -36.56
CA MET B 302 2.77 0.20 -36.82
C MET B 302 1.90 1.43 -37.08
N ARG B 303 2.13 2.51 -36.31
CA ARG B 303 1.32 3.73 -36.43
C ARG B 303 1.92 4.81 -37.33
N HIS B 304 3.25 4.87 -37.46
CA HIS B 304 3.88 5.93 -38.26
C HIS B 304 4.87 5.44 -39.32
N GLY B 305 4.97 4.15 -39.53
CA GLY B 305 5.87 3.59 -40.52
C GLY B 305 7.34 3.91 -40.29
N ILE B 306 7.71 4.28 -39.05
CA ILE B 306 9.10 4.59 -38.73
C ILE B 306 9.98 3.36 -38.97
N LYS B 307 11.02 3.51 -39.79
CA LYS B 307 11.93 2.40 -40.14
C LYS B 307 12.41 1.60 -38.91
N ILE B 308 12.51 0.26 -39.05
CA ILE B 308 12.93 -0.64 -37.97
C ILE B 308 14.40 -1.00 -38.16
N ALA B 309 15.28 -0.54 -37.26
CA ALA B 309 16.70 -0.84 -37.34
C ALA B 309 17.04 -2.30 -37.06
N GLY B 310 16.34 -2.92 -36.10
CA GLY B 310 16.61 -4.32 -35.79
C GLY B 310 15.89 -4.86 -34.57
N ASN B 311 16.13 -6.13 -34.26
CA ASN B 311 15.50 -6.82 -33.13
C ASN B 311 16.49 -7.04 -31.97
N PHE B 312 16.05 -7.72 -30.89
CA PHE B 312 16.81 -7.96 -29.68
C PHE B 312 18.35 -8.14 -29.84
N MET B 313 18.83 -9.25 -30.45
CA MET B 313 20.27 -9.48 -30.54
C MET B 313 21.02 -8.59 -31.55
N GLN B 314 20.33 -7.68 -32.24
CA GLN B 314 20.99 -6.76 -33.16
C GLN B 314 21.31 -5.41 -32.50
N GLN B 315 20.69 -5.10 -31.34
CA GLN B 315 20.87 -3.83 -30.63
C GLN B 315 22.34 -3.40 -30.44
N GLU B 316 23.24 -4.32 -30.08
CA GLU B 316 24.64 -3.97 -29.91
C GLU B 316 25.27 -3.65 -31.24
N LEU B 317 24.91 -4.41 -32.28
CA LEU B 317 25.45 -4.21 -33.61
C LEU B 317 25.01 -2.89 -34.23
N ALA B 318 23.90 -2.31 -33.76
CA ALA B 318 23.45 -1.01 -34.26
C ALA B 318 24.48 0.05 -33.82
N VAL B 319 24.95 -0.05 -32.56
CA VAL B 319 25.95 0.88 -32.05
C VAL B 319 27.27 0.68 -32.80
N VAL B 320 27.64 -0.60 -33.06
CA VAL B 320 28.88 -0.96 -33.79
C VAL B 320 28.98 -0.32 -35.18
N THR B 321 27.84 0.05 -35.83
CA THR B 321 27.91 0.71 -37.14
C THR B 321 28.72 2.03 -37.01
N GLY B 322 28.64 2.66 -35.85
CA GLY B 322 29.30 3.92 -35.56
C GLY B 322 28.50 5.11 -36.03
N ALA B 323 27.23 4.86 -36.45
CA ALA B 323 26.36 5.90 -36.97
C ALA B 323 25.20 6.25 -36.04
N VAL B 324 25.06 5.59 -34.88
CA VAL B 324 23.97 5.90 -33.97
C VAL B 324 24.42 7.10 -33.14
N ASP B 325 23.82 8.26 -33.38
CA ASP B 325 24.18 9.47 -32.64
C ASP B 325 23.58 9.44 -31.24
N GLY B 326 22.35 8.93 -31.13
CA GLY B 326 21.67 8.84 -29.86
C GLY B 326 20.81 7.59 -29.79
N LEU B 327 20.97 6.82 -28.71
CA LEU B 327 20.21 5.61 -28.49
C LEU B 327 19.36 5.88 -27.24
N ILE B 328 18.09 6.25 -27.45
CA ILE B 328 17.18 6.57 -26.35
C ILE B 328 16.46 5.30 -25.91
N VAL B 329 16.53 4.98 -24.62
CA VAL B 329 15.90 3.77 -24.09
C VAL B 329 14.97 4.08 -22.93
N ASP B 330 14.10 3.10 -22.62
CA ASP B 330 13.15 3.22 -21.48
C ASP B 330 13.23 1.94 -20.62
N VAL B 331 12.37 0.93 -20.86
CA VAL B 331 12.35 -0.29 -20.04
C VAL B 331 12.34 -1.57 -20.89
N GLN B 332 12.66 -2.70 -20.23
CA GLN B 332 12.54 -4.04 -20.88
C GLN B 332 13.53 -4.34 -22.00
N CYS B 333 14.39 -5.34 -21.80
CA CYS B 333 15.30 -5.83 -22.88
C CYS B 333 16.23 -4.75 -23.43
N ILE B 334 16.80 -3.92 -22.55
CA ILE B 334 17.84 -2.94 -23.00
C ILE B 334 19.16 -3.47 -22.44
N MET B 335 19.84 -4.35 -23.17
CA MET B 335 21.04 -4.98 -22.63
C MET B 335 21.90 -3.97 -21.87
N PRO B 336 22.27 -4.22 -20.59
CA PRO B 336 23.12 -3.25 -19.88
C PRO B 336 24.48 -3.05 -20.57
N ALA B 337 24.92 -4.04 -21.37
CA ALA B 337 26.18 -3.97 -22.09
C ALA B 337 26.29 -2.70 -22.95
N LEU B 338 25.15 -2.13 -23.36
CA LEU B 338 25.15 -0.93 -24.18
C LEU B 338 25.88 0.24 -23.51
N ALA B 339 25.88 0.32 -22.17
CA ALA B 339 26.57 1.40 -21.48
C ALA B 339 28.09 1.35 -21.73
N LYS B 340 28.70 0.16 -21.59
CA LYS B 340 30.14 -0.02 -21.83
C LYS B 340 30.46 0.07 -23.32
N LEU B 341 29.67 -0.60 -24.16
CA LEU B 341 29.87 -0.60 -25.61
C LEU B 341 29.86 0.81 -26.18
N SER B 342 28.92 1.66 -25.71
CA SER B 342 28.82 3.03 -26.19
C SER B 342 30.06 3.89 -25.88
N LYS B 343 30.87 3.47 -24.90
CA LYS B 343 32.09 4.19 -24.56
C LYS B 343 33.14 4.05 -25.67
N SER B 344 33.06 3.00 -26.49
CA SER B 344 34.00 2.78 -27.60
C SER B 344 33.59 3.57 -28.85
N TYR B 345 32.42 4.23 -28.84
CA TYR B 345 31.91 4.99 -29.98
C TYR B 345 31.44 6.36 -29.50
N HIS B 346 31.04 7.25 -30.41
CA HIS B 346 30.56 8.58 -30.03
C HIS B 346 29.12 8.53 -29.48
N THR B 347 28.35 7.47 -29.83
CA THR B 347 26.96 7.27 -29.41
C THR B 347 26.64 7.69 -27.98
N LYS B 348 25.51 8.39 -27.79
CA LYS B 348 25.07 8.81 -26.47
C LYS B 348 23.96 7.87 -26.02
N PHE B 349 24.27 6.97 -25.08
CA PHE B 349 23.29 6.01 -24.56
C PHE B 349 22.48 6.74 -23.50
N ILE B 350 21.22 7.09 -23.81
CA ILE B 350 20.37 7.83 -22.89
C ILE B 350 19.29 6.96 -22.27
N THR B 351 19.24 6.92 -20.93
CA THR B 351 18.23 6.20 -20.16
C THR B 351 17.22 7.25 -19.74
N THR B 352 15.91 6.96 -19.89
CA THR B 352 14.88 7.94 -19.56
C THR B 352 13.87 7.50 -18.50
N SER B 353 13.87 6.22 -18.10
CA SER B 353 12.89 5.75 -17.11
C SER B 353 13.45 5.51 -15.71
N PRO B 354 12.78 6.01 -14.65
CA PRO B 354 13.27 5.71 -13.29
C PRO B 354 13.09 4.22 -12.95
N LYS B 355 12.30 3.49 -13.76
CA LYS B 355 12.08 2.06 -13.58
C LYS B 355 13.32 1.29 -14.07
N ALA B 356 14.10 1.87 -15.02
CA ALA B 356 15.27 1.22 -15.58
C ALA B 356 16.49 2.17 -15.66
N HIS B 357 17.22 2.31 -14.54
CA HIS B 357 18.44 3.12 -14.47
C HIS B 357 19.57 2.19 -14.88
N ILE B 358 20.53 2.68 -15.68
CA ILE B 358 21.67 1.85 -16.08
C ILE B 358 22.92 2.64 -15.77
N THR B 359 23.81 2.08 -14.94
CA THR B 359 25.03 2.77 -14.54
C THR B 359 25.89 3.10 -15.75
N ASP B 360 26.51 4.30 -15.75
CA ASP B 360 27.39 4.80 -16.81
C ASP B 360 26.66 5.19 -18.10
N SER B 361 25.39 5.57 -17.99
CA SER B 361 24.60 5.99 -19.14
C SER B 361 24.05 7.39 -18.87
N ILE B 362 23.87 8.23 -19.90
CA ILE B 362 23.35 9.58 -19.68
C ILE B 362 21.89 9.44 -19.25
N TYR B 363 21.50 9.99 -18.08
CA TYR B 363 20.12 9.85 -17.62
C TYR B 363 19.32 11.12 -17.80
N MET B 364 18.33 11.09 -18.70
CA MET B 364 17.44 12.21 -18.96
C MET B 364 16.03 11.72 -18.68
N GLU B 365 15.52 11.96 -17.47
CA GLU B 365 14.19 11.49 -17.09
C GLU B 365 13.11 12.04 -18.03
N PHE B 366 12.20 11.17 -18.48
CA PHE B 366 11.13 11.59 -19.37
C PHE B 366 9.98 12.12 -18.52
N ASP B 367 9.84 13.46 -18.42
CA ASP B 367 8.79 14.07 -17.61
C ASP B 367 7.42 13.79 -18.22
N GLU B 368 6.60 13.00 -17.51
CA GLU B 368 5.26 12.62 -18.05
C GLU B 368 4.27 13.78 -17.90
N GLU B 369 4.66 14.85 -17.20
CA GLU B 369 3.81 16.04 -17.05
C GLU B 369 3.94 16.97 -18.26
N ASN B 370 5.16 17.11 -18.80
CA ASN B 370 5.42 17.93 -19.99
C ASN B 370 6.09 16.96 -20.97
N PRO B 371 5.31 16.02 -21.57
CA PRO B 371 5.94 15.02 -22.44
C PRO B 371 6.61 15.53 -23.72
N LEU B 372 5.94 16.39 -24.51
CA LEU B 372 6.54 16.87 -25.74
C LEU B 372 7.78 17.71 -25.48
N ASP B 373 7.76 18.59 -24.45
CA ASP B 373 8.93 19.40 -24.13
C ASP B 373 10.08 18.51 -23.68
N SER B 374 9.76 17.46 -22.90
CA SER B 374 10.77 16.50 -22.41
C SER B 374 11.41 15.78 -23.60
N ALA B 375 10.59 15.26 -24.53
CA ALA B 375 11.10 14.55 -25.71
C ALA B 375 11.96 15.47 -26.56
N LYS B 376 11.58 16.76 -26.69
CA LYS B 376 12.36 17.71 -27.47
C LYS B 376 13.75 17.90 -26.83
N LYS B 377 13.81 17.96 -25.49
CA LYS B 377 15.06 18.13 -24.76
C LYS B 377 15.99 16.92 -24.89
N ILE B 378 15.41 15.71 -24.97
CA ILE B 378 16.21 14.49 -25.10
C ILE B 378 16.72 14.43 -26.54
N LEU B 379 15.82 14.57 -27.52
CA LEU B 379 16.16 14.52 -28.93
C LEU B 379 17.22 15.56 -29.28
N LYS B 380 17.19 16.74 -28.65
CA LYS B 380 18.17 17.79 -28.93
C LYS B 380 19.58 17.27 -28.64
N GLU B 381 19.76 16.54 -27.54
CA GLU B 381 21.07 16.01 -27.17
C GLU B 381 21.58 15.03 -28.21
N ALA B 382 20.68 14.22 -28.78
CA ALA B 382 21.04 13.24 -29.81
C ALA B 382 21.46 13.98 -31.08
N ILE B 383 20.74 15.05 -31.44
CA ILE B 383 21.05 15.85 -32.63
C ILE B 383 22.42 16.51 -32.48
N LEU B 384 22.68 17.13 -31.32
CA LEU B 384 23.95 17.80 -31.09
C LEU B 384 25.11 16.81 -31.13
N ASN B 385 24.88 15.55 -30.75
CA ASN B 385 25.95 14.55 -30.75
C ASN B 385 26.43 14.22 -32.15
N PHE B 386 25.67 14.56 -33.21
CA PHE B 386 26.10 14.32 -34.59
C PHE B 386 27.47 14.94 -34.85
N LYS B 387 27.73 16.11 -34.23
CA LYS B 387 28.99 16.83 -34.36
C LYS B 387 30.18 16.00 -33.88
N ASN B 388 29.95 15.01 -33.01
CA ASN B 388 31.02 14.14 -32.49
C ASN B 388 31.17 12.84 -33.26
N ARG B 389 30.58 12.72 -34.47
CA ARG B 389 30.71 11.50 -35.24
C ARG B 389 32.09 11.43 -35.91
N ASP B 390 32.64 10.23 -36.05
CA ASP B 390 33.92 9.99 -36.71
C ASP B 390 33.56 9.26 -37.98
N GLN B 391 33.24 10.01 -39.03
CA GLN B 391 32.80 9.42 -40.30
C GLN B 391 33.77 8.39 -40.89
N SER B 392 35.05 8.39 -40.46
CA SER B 392 36.03 7.43 -40.98
C SER B 392 35.79 6.02 -40.42
N LYS B 393 35.25 5.92 -39.20
CA LYS B 393 34.99 4.61 -38.57
C LYS B 393 33.51 4.16 -38.73
N VAL B 394 32.71 4.84 -39.58
CA VAL B 394 31.30 4.46 -39.79
C VAL B 394 31.21 3.37 -40.84
N MET B 395 30.28 2.43 -40.64
CA MET B 395 30.05 1.33 -41.56
C MET B 395 28.63 0.81 -41.40
N ILE B 396 27.73 1.24 -42.28
CA ILE B 396 26.33 0.80 -42.25
C ILE B 396 26.14 -0.24 -43.36
N PRO B 397 25.85 -1.52 -43.06
CA PRO B 397 25.66 -2.49 -44.16
C PRO B 397 24.61 -2.01 -45.15
N GLU B 398 24.89 -2.11 -46.46
CA GLU B 398 23.95 -1.68 -47.48
C GLU B 398 22.89 -2.77 -47.64
N LEU B 399 22.11 -3.02 -46.58
CA LEU B 399 21.10 -4.06 -46.57
C LEU B 399 19.87 -3.67 -45.75
N LYS B 400 18.78 -3.34 -46.43
CA LYS B 400 17.50 -2.98 -45.82
C LYS B 400 16.41 -3.77 -46.56
N CYS B 401 15.20 -3.84 -46.01
CA CYS B 401 14.14 -4.60 -46.66
C CYS B 401 12.79 -3.90 -46.53
N LYS B 402 11.95 -3.96 -47.58
CA LYS B 402 10.63 -3.34 -47.51
C LYS B 402 9.68 -4.25 -46.73
N ALA B 403 8.75 -3.66 -45.97
CA ALA B 403 7.81 -4.44 -45.20
C ALA B 403 6.50 -3.70 -45.01
N ILE B 404 5.40 -4.46 -44.87
CA ILE B 404 4.07 -3.93 -44.64
C ILE B 404 3.62 -4.42 -43.27
N LEU B 405 3.08 -3.53 -42.46
CA LEU B 405 2.61 -3.87 -41.13
C LEU B 405 1.37 -3.02 -40.79
N GLY B 406 0.94 -3.02 -39.53
CA GLY B 406 -0.24 -2.26 -39.13
C GLY B 406 -1.50 -3.09 -39.18
N TYR B 407 -1.37 -4.43 -39.17
CA TYR B 407 -2.53 -5.30 -39.22
C TYR B 407 -3.15 -5.52 -37.87
N SER B 408 -3.89 -4.53 -37.39
CA SER B 408 -4.62 -4.65 -36.14
C SER B 408 -5.87 -5.47 -36.47
N VAL B 409 -6.66 -5.89 -35.46
CA VAL B 409 -7.86 -6.67 -35.74
C VAL B 409 -8.82 -5.82 -36.60
N GLU B 410 -8.92 -4.52 -36.30
CA GLU B 410 -9.77 -3.59 -37.05
C GLU B 410 -9.34 -3.55 -38.51
N GLU B 411 -8.02 -3.51 -38.77
CA GLU B 411 -7.51 -3.45 -40.13
C GLU B 411 -7.67 -4.77 -40.85
N ILE B 412 -7.49 -5.90 -40.16
CA ILE B 412 -7.67 -7.22 -40.76
C ILE B 412 -9.13 -7.33 -41.20
N ILE B 413 -10.06 -6.97 -40.31
CA ILE B 413 -11.49 -6.97 -40.63
C ILE B 413 -11.78 -6.03 -41.81
N ASN B 414 -11.27 -4.79 -41.78
CA ASN B 414 -11.48 -3.84 -42.88
C ASN B 414 -11.01 -4.41 -44.22
N LYS B 415 -9.90 -5.15 -44.20
CA LYS B 415 -9.35 -5.76 -45.40
C LYS B 415 -10.18 -6.96 -45.86
N LEU B 416 -10.75 -7.72 -44.91
CA LEU B 416 -11.57 -8.89 -45.24
C LEU B 416 -12.90 -8.46 -45.86
N ASP B 417 -13.39 -7.24 -45.57
CA ASP B 417 -14.65 -6.76 -46.13
C ASP B 417 -14.63 -6.67 -47.67
N LYS B 418 -13.44 -6.70 -48.29
CA LYS B 418 -13.35 -6.61 -49.74
C LYS B 418 -13.68 -7.93 -50.42
N VAL B 419 -13.77 -9.03 -49.65
CA VAL B 419 -14.12 -10.34 -50.19
C VAL B 419 -15.54 -10.75 -49.76
N VAL B 420 -16.36 -9.76 -49.45
CA VAL B 420 -17.73 -10.05 -48.93
C VAL B 420 -18.78 -9.41 -49.87
N ASN B 421 -19.74 -10.20 -50.35
CA ASN B 421 -20.74 -9.69 -51.32
C ASN B 421 -21.65 -8.68 -50.61
N THR B 422 -22.02 -7.60 -51.30
CA THR B 422 -22.87 -6.54 -50.69
C THR B 422 -24.27 -7.09 -50.41
N GLN B 423 -24.59 -8.28 -50.97
CA GLN B 423 -25.96 -8.83 -50.80
C GLN B 423 -25.96 -10.12 -49.97
N ILE B 424 -24.84 -10.48 -49.33
CA ILE B 424 -24.88 -11.70 -48.46
C ILE B 424 -24.24 -11.68 -47.07
N GLY B 425 -22.91 -11.59 -47.00
CA GLY B 425 -22.18 -11.68 -45.73
C GLY B 425 -22.30 -10.33 -45.06
N PRO B 426 -22.20 -10.25 -43.71
CA PRO B 426 -22.24 -8.98 -43.00
C PRO B 426 -20.91 -8.24 -43.10
N MET B 427 -20.88 -6.95 -42.77
CA MET B 427 -19.66 -6.18 -42.86
C MET B 427 -19.07 -5.99 -41.46
N GLN B 428 -17.76 -5.74 -41.41
CA GLN B 428 -17.01 -5.53 -40.18
C GLN B 428 -17.03 -6.73 -39.24
N THR B 429 -17.00 -7.95 -39.80
CA THR B 429 -16.97 -9.18 -39.00
C THR B 429 -15.83 -10.08 -39.50
N VAL B 430 -15.45 -11.07 -38.69
CA VAL B 430 -14.38 -12.00 -39.06
C VAL B 430 -14.92 -13.19 -39.87
N LYS B 431 -16.20 -13.15 -40.32
CA LYS B 431 -16.76 -14.28 -41.07
C LYS B 431 -15.88 -14.73 -42.26
N PRO B 432 -15.33 -13.84 -43.12
CA PRO B 432 -14.50 -14.34 -44.24
C PRO B 432 -13.33 -15.20 -43.80
N LEU B 433 -12.68 -14.86 -42.68
CA LEU B 433 -11.55 -15.63 -42.18
C LEU B 433 -12.07 -16.97 -41.64
N ALA B 434 -13.15 -16.96 -40.87
CA ALA B 434 -13.68 -18.26 -40.40
C ALA B 434 -14.14 -19.11 -41.59
N ASP B 435 -14.73 -18.49 -42.60
CA ASP B 435 -15.19 -19.20 -43.80
C ASP B 435 -14.05 -20.00 -44.43
N VAL B 436 -12.91 -19.36 -44.76
CA VAL B 436 -11.78 -20.06 -45.38
C VAL B 436 -11.21 -21.12 -44.45
N LEU B 437 -11.24 -20.89 -43.13
CA LEU B 437 -10.73 -21.86 -42.18
C LEU B 437 -11.61 -23.09 -42.14
N VAL B 438 -12.94 -22.88 -42.17
CA VAL B 438 -13.89 -24.03 -42.15
C VAL B 438 -13.86 -24.73 -43.50
N SER B 439 -13.78 -23.97 -44.59
CA SER B 439 -13.78 -24.56 -45.95
C SER B 439 -12.57 -25.48 -46.14
N GLY B 440 -11.42 -25.10 -45.57
CA GLY B 440 -10.20 -25.92 -45.68
C GLY B 440 -9.17 -25.28 -46.57
N VAL B 441 -9.51 -24.15 -47.22
CA VAL B 441 -8.52 -23.42 -48.06
C VAL B 441 -7.36 -23.04 -47.14
N LEU B 442 -7.66 -22.46 -45.97
CA LEU B 442 -6.60 -22.15 -44.97
C LEU B 442 -6.63 -23.25 -43.93
N ARG B 443 -5.61 -24.11 -43.87
CA ARG B 443 -5.64 -25.28 -42.94
C ARG B 443 -5.65 -24.83 -41.47
N GLY B 444 -5.31 -23.58 -41.19
CA GLY B 444 -5.29 -23.07 -39.83
C GLY B 444 -4.65 -21.70 -39.73
N ALA B 445 -4.39 -21.21 -38.51
CA ALA B 445 -3.74 -19.92 -38.32
C ALA B 445 -2.77 -19.99 -37.15
N ALA B 446 -1.48 -19.76 -37.41
CA ALA B 446 -0.45 -19.82 -36.38
C ALA B 446 0.07 -18.43 -36.04
N ALA B 447 0.48 -18.24 -34.80
CA ALA B 447 1.02 -16.98 -34.32
C ALA B 447 2.46 -17.22 -33.94
N VAL B 448 3.42 -16.64 -34.68
CA VAL B 448 4.83 -16.81 -34.35
C VAL B 448 5.27 -15.52 -33.64
N VAL B 449 5.60 -15.65 -32.36
CA VAL B 449 6.00 -14.53 -31.48
C VAL B 449 7.33 -14.90 -30.81
N GLY B 450 7.97 -13.96 -30.11
CA GLY B 450 9.20 -14.28 -29.40
C GLY B 450 10.38 -13.35 -29.57
N CYS B 451 11.34 -13.52 -28.66
CA CYS B 451 12.60 -12.71 -28.63
C CYS B 451 13.68 -13.49 -29.36
N ASN B 452 14.98 -13.22 -29.11
CA ASN B 452 16.07 -13.98 -29.72
C ASN B 452 17.01 -14.53 -28.65
N ASN B 453 17.46 -15.79 -28.77
CA ASN B 453 18.36 -16.37 -27.78
C ASN B 453 19.67 -16.92 -28.33
N PRO B 454 20.86 -16.61 -27.74
CA PRO B 454 22.11 -17.15 -28.29
C PRO B 454 22.14 -18.67 -28.43
N LYS B 455 21.26 -19.38 -27.72
CA LYS B 455 21.21 -20.87 -27.83
C LYS B 455 20.75 -21.28 -29.23
N VAL B 456 20.06 -20.39 -29.94
CA VAL B 456 19.55 -20.62 -31.30
C VAL B 456 20.25 -19.62 -32.22
N VAL B 457 20.48 -20.01 -33.50
CA VAL B 457 21.12 -19.14 -34.49
C VAL B 457 20.15 -17.99 -34.75
N GLN B 458 20.59 -16.73 -34.53
CA GLN B 458 19.74 -15.55 -34.69
C GLN B 458 18.84 -15.58 -35.94
N ASP B 459 17.51 -15.46 -35.74
CA ASP B 459 16.48 -15.46 -36.78
C ASP B 459 16.27 -16.82 -37.49
N SER B 460 17.18 -17.79 -37.35
CA SER B 460 17.05 -19.07 -38.01
C SER B 460 15.72 -19.78 -37.73
N ALA B 461 15.39 -20.03 -36.45
CA ALA B 461 14.14 -20.71 -36.12
C ALA B 461 12.92 -19.91 -36.52
N HIS B 462 12.95 -18.57 -36.34
CA HIS B 462 11.82 -17.71 -36.71
C HIS B 462 11.48 -17.85 -38.19
N ILE B 463 12.49 -17.70 -39.06
CA ILE B 463 12.28 -17.78 -40.50
C ILE B 463 11.90 -19.21 -40.94
N GLU B 464 12.61 -20.23 -40.43
CA GLU B 464 12.29 -21.61 -40.82
C GLU B 464 10.89 -22.04 -40.38
N THR B 465 10.42 -21.57 -39.22
CA THR B 465 9.10 -21.91 -38.73
C THR B 465 8.03 -21.19 -39.57
N ILE B 466 8.17 -19.86 -39.75
CA ILE B 466 7.19 -19.07 -40.50
C ILE B 466 7.09 -19.58 -41.93
N LYS B 467 8.23 -19.76 -42.60
CA LYS B 467 8.24 -20.24 -43.99
C LYS B 467 7.55 -21.58 -44.12
N GLY B 468 7.80 -22.48 -43.18
CA GLY B 468 7.20 -23.81 -43.19
C GLY B 468 5.70 -23.80 -42.96
N LEU B 469 5.21 -22.91 -42.09
CA LEU B 469 3.77 -22.84 -41.81
C LEU B 469 3.02 -22.26 -43.00
N ILE B 470 3.53 -21.19 -43.62
CA ILE B 470 2.85 -20.58 -44.77
C ILE B 470 2.87 -21.54 -45.97
N LYS B 471 3.93 -22.31 -46.15
CA LYS B 471 3.95 -23.29 -47.26
C LYS B 471 2.81 -24.29 -47.08
N ASN B 472 2.53 -24.70 -45.84
CA ASN B 472 1.49 -25.69 -45.58
C ASN B 472 0.12 -25.00 -45.43
N ASP B 473 -0.12 -23.91 -46.18
CA ASP B 473 -1.39 -23.17 -46.15
C ASP B 473 -1.90 -22.75 -44.76
N VAL B 474 -0.99 -22.39 -43.84
CA VAL B 474 -1.38 -21.93 -42.50
C VAL B 474 -1.05 -20.44 -42.43
N ILE B 475 -2.06 -19.55 -42.39
CA ILE B 475 -1.79 -18.10 -42.32
C ILE B 475 -1.02 -17.81 -41.04
N VAL B 476 0.05 -16.98 -41.13
CA VAL B 476 0.88 -16.68 -39.97
C VAL B 476 0.76 -15.22 -39.55
N VAL B 477 0.59 -15.00 -38.26
CA VAL B 477 0.53 -13.65 -37.68
C VAL B 477 1.77 -13.55 -36.80
N VAL B 478 2.44 -12.39 -36.78
CA VAL B 478 3.69 -12.20 -36.02
C VAL B 478 3.68 -10.93 -35.19
N THR B 479 4.49 -10.93 -34.11
CA THR B 479 4.65 -9.77 -33.21
C THR B 479 6.06 -9.79 -32.59
N GLY B 480 6.50 -8.64 -32.06
CA GLY B 480 7.80 -8.53 -31.41
C GLY B 480 8.98 -8.83 -32.31
N CYS B 481 10.05 -9.39 -31.74
CA CYS B 481 11.25 -9.72 -32.50
C CYS B 481 11.01 -10.73 -33.60
N ALA B 482 9.99 -11.59 -33.45
CA ALA B 482 9.67 -12.57 -34.49
C ALA B 482 9.15 -11.81 -35.72
N ALA B 483 8.31 -10.78 -35.49
CA ALA B 483 7.77 -9.98 -36.59
C ALA B 483 8.90 -9.21 -37.26
N GLN B 484 9.82 -8.66 -36.47
CA GLN B 484 10.96 -7.92 -37.02
C GLN B 484 11.87 -8.87 -37.81
N ALA B 485 12.06 -10.10 -37.33
CA ALA B 485 12.86 -11.09 -38.05
C ALA B 485 12.29 -11.33 -39.45
N ALA B 486 10.95 -11.44 -39.55
CA ALA B 486 10.25 -11.66 -40.82
C ALA B 486 10.33 -10.41 -41.70
N ALA B 487 10.30 -9.21 -41.08
CA ALA B 487 10.38 -7.95 -41.82
C ALA B 487 11.73 -7.86 -42.54
N LYS B 488 12.82 -8.25 -41.85
CA LYS B 488 14.19 -8.21 -42.37
C LYS B 488 14.40 -9.20 -43.51
N TYR B 489 13.84 -10.42 -43.38
CA TYR B 489 14.00 -11.46 -44.39
C TYR B 489 13.26 -11.13 -45.68
N GLY B 490 12.09 -10.51 -45.54
CA GLY B 490 11.26 -10.11 -46.67
C GLY B 490 9.94 -10.86 -46.78
N LEU B 491 9.48 -11.46 -45.68
CA LEU B 491 8.21 -12.19 -45.70
C LEU B 491 7.01 -11.27 -45.50
N LEU B 492 7.21 -10.06 -44.96
CA LEU B 492 6.12 -9.10 -44.74
C LEU B 492 5.86 -8.30 -46.02
N GLN B 493 5.83 -8.97 -47.17
CA GLN B 493 5.60 -8.31 -48.46
C GLN B 493 4.51 -9.04 -49.19
N LYS B 494 3.82 -8.34 -50.10
CA LYS B 494 2.77 -8.98 -50.90
C LYS B 494 3.42 -10.03 -51.83
N GLU B 495 4.63 -9.73 -52.32
CA GLU B 495 5.40 -10.59 -53.20
C GLU B 495 5.77 -11.93 -52.55
N ALA B 496 5.76 -12.02 -51.21
CA ALA B 496 6.14 -13.24 -50.52
C ALA B 496 5.09 -14.36 -50.65
N ALA B 497 3.84 -14.02 -50.98
CA ALA B 497 2.79 -15.04 -51.11
C ALA B 497 3.07 -16.01 -52.26
N GLU B 498 3.44 -15.49 -53.44
CA GLU B 498 3.74 -16.37 -54.57
C GLU B 498 5.05 -17.09 -54.37
N LYS B 499 6.03 -16.47 -53.70
CA LYS B 499 7.32 -17.09 -53.48
C LYS B 499 7.35 -18.17 -52.41
N TYR B 500 6.63 -17.98 -51.28
CA TYR B 500 6.70 -18.94 -50.17
C TYR B 500 5.40 -19.57 -49.66
N ALA B 501 4.22 -19.06 -50.05
CA ALA B 501 2.95 -19.61 -49.55
C ALA B 501 2.37 -20.75 -50.39
N GLY B 502 1.60 -21.62 -49.73
CA GLY B 502 0.96 -22.77 -50.37
C GLY B 502 -0.15 -22.38 -51.33
N PRO B 503 -0.89 -23.35 -51.92
CA PRO B 503 -1.91 -23.00 -52.92
C PRO B 503 -3.05 -22.19 -52.31
N GLY B 504 -3.61 -22.66 -51.19
CA GLY B 504 -4.72 -21.99 -50.55
C GLY B 504 -4.38 -20.61 -50.02
N LEU B 505 -3.27 -20.51 -49.26
CA LEU B 505 -2.87 -19.22 -48.69
C LEU B 505 -2.50 -18.21 -49.78
N ALA B 506 -1.81 -18.64 -50.85
CA ALA B 506 -1.47 -17.71 -51.94
C ALA B 506 -2.73 -17.18 -52.61
N THR B 507 -3.78 -18.02 -52.68
CA THR B 507 -5.07 -17.64 -53.27
C THR B 507 -5.74 -16.59 -52.37
N VAL B 508 -5.77 -16.85 -51.04
CA VAL B 508 -6.38 -15.93 -50.08
C VAL B 508 -5.64 -14.59 -50.09
N CYS B 509 -4.30 -14.63 -50.18
CA CYS B 509 -3.50 -13.41 -50.23
C CYS B 509 -3.87 -12.57 -51.44
N LYS B 510 -4.08 -13.21 -52.60
CA LYS B 510 -4.43 -12.51 -53.82
C LYS B 510 -5.81 -11.86 -53.72
N LEU B 511 -6.77 -12.52 -53.06
CA LEU B 511 -8.12 -11.99 -52.91
C LEU B 511 -8.20 -10.87 -51.87
N VAL B 512 -7.64 -11.10 -50.68
CA VAL B 512 -7.67 -10.10 -49.59
C VAL B 512 -6.61 -9.00 -49.81
N ASP B 513 -5.59 -9.24 -50.65
CA ASP B 513 -4.53 -8.28 -50.94
C ASP B 513 -3.66 -8.05 -49.70
N ILE B 514 -3.07 -9.13 -49.19
CA ILE B 514 -2.24 -9.07 -47.98
C ILE B 514 -0.99 -9.92 -48.12
N PRO B 515 0.07 -9.70 -47.31
CA PRO B 515 1.23 -10.61 -47.38
C PRO B 515 0.85 -11.95 -46.75
N PRO B 516 1.64 -13.03 -46.94
CA PRO B 516 1.29 -14.31 -46.30
C PRO B 516 1.51 -14.31 -44.79
N VAL B 517 2.26 -13.31 -44.27
CA VAL B 517 2.59 -13.14 -42.85
C VAL B 517 2.10 -11.75 -42.40
N LEU B 518 1.20 -11.67 -41.40
CA LEU B 518 0.66 -10.39 -40.94
C LEU B 518 1.31 -9.91 -39.64
N HIS B 519 1.92 -8.72 -39.66
CA HIS B 519 2.55 -8.12 -38.49
C HIS B 519 1.49 -7.43 -37.63
N MET B 520 1.26 -7.91 -36.41
CA MET B 520 0.15 -7.34 -35.59
C MET B 520 0.68 -6.48 -34.44
N GLY B 521 1.97 -6.16 -34.44
CA GLY B 521 2.53 -5.26 -33.43
C GLY B 521 3.58 -5.79 -32.48
N SER B 522 3.58 -5.23 -31.27
CA SER B 522 4.53 -5.68 -30.23
C SER B 522 3.93 -6.88 -29.50
N CYS B 523 4.51 -7.25 -28.35
CA CYS B 523 4.01 -8.40 -27.58
C CYS B 523 2.77 -7.95 -26.79
N VAL B 524 2.74 -6.71 -26.30
CA VAL B 524 1.50 -6.20 -25.68
C VAL B 524 0.42 -6.32 -26.76
N ASP B 525 0.84 -6.36 -28.02
CA ASP B 525 -0.12 -6.51 -29.11
C ASP B 525 -0.45 -7.98 -29.40
N ILE B 526 0.08 -8.94 -28.61
CA ILE B 526 -0.30 -10.36 -28.75
C ILE B 526 -1.79 -10.45 -28.32
N SER B 527 -2.27 -9.46 -27.52
CA SER B 527 -3.67 -9.38 -27.11
C SER B 527 -4.58 -9.30 -28.36
N ARG B 528 -4.06 -8.75 -29.47
CA ARG B 528 -4.78 -8.67 -30.73
C ARG B 528 -5.01 -10.10 -31.25
N ILE B 529 -4.01 -10.99 -31.11
CA ILE B 529 -4.12 -12.38 -31.55
C ILE B 529 -5.24 -13.04 -30.73
N LEU B 530 -5.24 -12.85 -29.41
CA LEU B 530 -6.29 -13.41 -28.55
C LEU B 530 -7.66 -12.88 -28.98
N ASP B 531 -7.74 -11.58 -29.29
CA ASP B 531 -8.99 -10.94 -29.72
C ASP B 531 -9.44 -11.62 -31.02
N LEU B 532 -8.58 -11.65 -32.04
CA LEU B 532 -8.91 -12.25 -33.32
C LEU B 532 -9.39 -13.70 -33.19
N VAL B 533 -8.62 -14.55 -32.50
CA VAL B 533 -8.99 -15.95 -32.32
C VAL B 533 -10.32 -16.04 -31.56
N GLY B 534 -10.46 -15.23 -30.51
CA GLY B 534 -11.68 -15.19 -29.72
C GLY B 534 -12.89 -14.80 -30.53
N ARG B 535 -12.71 -13.86 -31.47
CA ARG B 535 -13.79 -13.39 -32.33
C ARG B 535 -14.24 -14.51 -33.27
N VAL B 536 -13.29 -15.30 -33.79
CA VAL B 536 -13.60 -16.41 -34.68
C VAL B 536 -14.37 -17.47 -33.85
N ALA B 537 -13.88 -17.77 -32.64
CA ALA B 537 -14.54 -18.74 -31.78
C ALA B 537 -16.00 -18.36 -31.51
N ASN B 538 -16.26 -17.09 -31.15
CA ASN B 538 -17.62 -16.62 -30.89
C ASN B 538 -18.49 -16.66 -32.15
N LEU B 539 -17.91 -16.28 -33.29
CA LEU B 539 -18.68 -16.29 -34.57
C LEU B 539 -19.06 -17.72 -34.92
N LEU B 540 -18.18 -18.69 -34.63
CA LEU B 540 -18.48 -20.10 -34.92
C LEU B 540 -19.20 -20.81 -33.74
N GLY B 541 -19.49 -20.09 -32.68
CA GLY B 541 -20.17 -20.64 -31.51
C GLY B 541 -19.44 -21.78 -30.83
N VAL B 542 -18.10 -21.72 -30.81
CA VAL B 542 -17.26 -22.74 -30.19
C VAL B 542 -16.26 -22.09 -29.22
N ASP B 543 -15.45 -22.89 -28.52
CA ASP B 543 -14.43 -22.37 -27.61
C ASP B 543 -13.15 -22.14 -28.42
N MET B 544 -12.15 -21.51 -27.82
CA MET B 544 -10.87 -21.22 -28.56
C MET B 544 -10.10 -22.53 -28.75
N SER B 545 -10.24 -23.48 -27.82
CA SER B 545 -9.57 -24.77 -27.92
C SER B 545 -10.13 -25.63 -29.06
N ASP B 546 -11.29 -25.27 -29.64
CA ASP B 546 -11.88 -26.07 -30.72
C ASP B 546 -11.37 -25.67 -32.11
N LEU B 547 -10.73 -24.51 -32.24
CA LEU B 547 -10.29 -24.02 -33.58
C LEU B 547 -8.92 -24.60 -33.93
N PRO B 548 -8.56 -24.72 -35.23
CA PRO B 548 -7.23 -25.19 -35.64
C PRO B 548 -6.22 -24.04 -35.63
N VAL B 549 -5.86 -23.57 -34.43
CA VAL B 549 -4.90 -22.48 -34.25
C VAL B 549 -3.75 -22.96 -33.37
N ALA B 550 -2.62 -22.23 -33.39
CA ALA B 550 -1.45 -22.57 -32.60
C ALA B 550 -0.54 -21.36 -32.44
N GLY B 551 0.26 -21.37 -31.39
CA GLY B 551 1.23 -20.31 -31.09
C GLY B 551 2.62 -20.89 -31.07
N VAL B 552 3.64 -20.12 -31.50
CA VAL B 552 5.02 -20.59 -31.53
C VAL B 552 5.98 -19.51 -31.02
N ALA B 553 6.95 -19.89 -30.20
CA ALA B 553 7.98 -19.01 -29.63
C ALA B 553 9.31 -19.67 -30.00
N PRO B 554 9.74 -19.54 -31.28
CA PRO B 554 10.96 -20.23 -31.72
C PRO B 554 12.27 -19.92 -31.00
N GLU B 555 12.49 -18.66 -30.56
CA GLU B 555 13.75 -18.29 -29.91
C GLU B 555 13.48 -17.35 -28.74
N TRP B 556 12.72 -17.81 -27.74
CA TRP B 556 12.34 -16.93 -26.61
C TRP B 556 13.45 -16.86 -25.55
N MET B 557 13.35 -15.91 -24.61
CA MET B 557 14.35 -15.81 -23.52
C MET B 557 13.73 -15.02 -22.35
N SER B 558 12.91 -14.01 -22.66
CA SER B 558 12.34 -13.16 -21.59
C SER B 558 11.34 -13.89 -20.69
N GLU B 559 11.23 -13.47 -19.43
CA GLU B 559 10.21 -14.06 -18.54
C GLU B 559 8.81 -13.70 -19.11
N LYS B 560 8.71 -12.58 -19.86
CA LYS B 560 7.46 -12.15 -20.51
C LYS B 560 7.00 -13.26 -21.46
N ALA B 561 7.95 -13.87 -22.19
CA ALA B 561 7.63 -14.96 -23.11
C ALA B 561 7.00 -16.14 -22.36
N VAL B 562 7.46 -16.42 -21.13
CA VAL B 562 6.90 -17.53 -20.35
C VAL B 562 5.45 -17.17 -19.96
N ALA B 563 5.22 -15.92 -19.53
CA ALA B 563 3.87 -15.49 -19.17
C ALA B 563 2.97 -15.53 -20.41
N ILE B 564 3.49 -15.09 -21.57
CA ILE B 564 2.74 -15.10 -22.83
C ILE B 564 2.35 -16.55 -23.11
N GLY B 565 3.34 -17.43 -23.27
CA GLY B 565 3.07 -18.84 -23.53
C GLY B 565 2.06 -19.44 -22.60
N THR B 566 2.19 -19.16 -21.30
CA THR B 566 1.26 -19.68 -20.30
C THR B 566 -0.17 -19.18 -20.55
N TYR B 567 -0.37 -17.86 -20.77
CA TYR B 567 -1.74 -17.38 -21.01
C TYR B 567 -2.26 -17.82 -22.37
N VAL B 568 -1.37 -18.06 -23.35
CA VAL B 568 -1.81 -18.52 -24.67
C VAL B 568 -2.35 -19.95 -24.51
N VAL B 569 -1.66 -20.82 -23.73
CA VAL B 569 -2.12 -22.19 -23.50
C VAL B 569 -3.39 -22.16 -22.64
N THR B 570 -3.39 -21.40 -21.54
CA THR B 570 -4.56 -21.29 -20.66
C THR B 570 -5.78 -20.76 -21.44
N SER B 571 -5.57 -19.88 -22.44
CA SER B 571 -6.65 -19.34 -23.26
C SER B 571 -7.20 -20.40 -24.26
N GLY B 572 -6.57 -21.56 -24.36
CA GLY B 572 -7.02 -22.64 -25.22
C GLY B 572 -6.21 -22.87 -26.49
N ILE B 573 -5.10 -22.13 -26.68
CA ILE B 573 -4.28 -22.25 -27.88
C ILE B 573 -2.99 -23.03 -27.59
N ASP B 574 -2.72 -24.09 -28.37
CA ASP B 574 -1.51 -24.90 -28.19
C ASP B 574 -0.28 -24.05 -28.47
N THR B 575 0.75 -24.14 -27.62
CA THR B 575 1.96 -23.36 -27.80
C THR B 575 3.19 -24.24 -27.96
N TRP B 576 4.05 -23.89 -28.92
CA TRP B 576 5.31 -24.58 -29.19
C TRP B 576 6.45 -23.68 -28.72
N LEU B 577 7.46 -24.28 -28.10
CA LEU B 577 8.62 -23.53 -27.62
C LEU B 577 9.89 -24.02 -28.32
N GLY B 578 10.67 -23.09 -28.86
CA GLY B 578 11.92 -23.38 -29.56
C GLY B 578 13.10 -23.47 -28.64
N VAL B 579 12.95 -22.95 -27.42
CA VAL B 579 13.96 -22.98 -26.38
C VAL B 579 13.31 -23.73 -25.24
N ALA B 580 13.99 -24.74 -24.69
CA ALA B 580 13.42 -25.51 -23.59
C ALA B 580 13.42 -24.69 -22.29
N PRO B 581 12.27 -24.55 -21.61
CA PRO B 581 12.27 -23.80 -20.35
C PRO B 581 12.92 -24.63 -19.21
N PRO B 582 13.25 -24.04 -18.04
CA PRO B 582 13.87 -24.83 -16.97
C PRO B 582 12.86 -25.71 -16.22
N VAL B 583 12.40 -26.81 -16.87
CA VAL B 583 11.42 -27.72 -16.29
C VAL B 583 11.83 -29.20 -16.33
N THR B 584 12.90 -29.55 -17.06
CA THR B 584 13.36 -30.94 -17.20
C THR B 584 13.45 -31.72 -15.87
N GLY B 585 13.98 -31.09 -14.83
CA GLY B 585 14.16 -31.74 -13.53
C GLY B 585 12.91 -32.10 -12.74
N GLY B 586 11.76 -31.62 -13.17
CA GLY B 586 10.49 -31.88 -12.50
C GLY B 586 9.59 -32.76 -13.34
N PRO B 587 9.71 -34.09 -13.24
CA PRO B 587 8.86 -34.98 -14.07
C PRO B 587 7.36 -34.68 -14.03
N GLU B 588 6.82 -34.33 -12.85
CA GLU B 588 5.40 -34.01 -12.70
C GLU B 588 5.12 -32.68 -13.44
N VAL B 589 6.00 -31.68 -13.30
CA VAL B 589 5.82 -30.40 -13.98
C VAL B 589 5.85 -30.59 -15.49
N VAL B 590 6.76 -31.43 -16.00
CA VAL B 590 6.85 -31.70 -17.44
C VAL B 590 5.53 -32.31 -17.90
N ASP B 591 5.04 -33.32 -17.15
CA ASP B 591 3.78 -33.98 -17.46
C ASP B 591 2.65 -32.96 -17.47
N ILE B 592 2.59 -32.09 -16.45
CA ILE B 592 1.53 -31.09 -16.39
C ILE B 592 1.51 -30.17 -17.60
N LEU B 593 2.63 -29.49 -17.89
CA LEU B 593 2.71 -28.56 -19.01
C LEU B 593 2.54 -29.23 -20.38
N THR B 594 3.20 -30.38 -20.60
CA THR B 594 3.14 -31.06 -21.90
C THR B 594 2.13 -32.20 -22.00
N ASN B 595 1.20 -32.36 -21.03
CA ASN B 595 0.22 -33.46 -21.11
C ASN B 595 -1.11 -33.17 -20.36
N LYS B 596 -1.14 -33.19 -19.01
CA LYS B 596 -2.39 -32.98 -18.27
C LYS B 596 -3.08 -31.66 -18.61
N MET B 597 -2.33 -30.64 -19.02
CA MET B 597 -2.93 -29.31 -19.30
C MET B 597 -4.06 -29.45 -20.32
N GLU B 598 -3.89 -30.32 -21.32
CA GLU B 598 -4.87 -30.56 -22.38
C GLU B 598 -6.23 -30.90 -21.75
N ASP B 599 -6.21 -31.65 -20.65
CA ASP B 599 -7.43 -32.05 -19.94
C ASP B 599 -7.98 -30.92 -19.06
N TRP B 600 -7.22 -29.83 -18.85
CA TRP B 600 -7.68 -28.71 -18.03
C TRP B 600 -8.18 -27.54 -18.88
N VAL B 601 -7.43 -27.18 -19.94
CA VAL B 601 -7.78 -26.03 -20.78
C VAL B 601 -7.97 -26.34 -22.28
N GLY B 602 -7.87 -27.60 -22.67
CA GLY B 602 -8.04 -27.98 -24.07
C GLY B 602 -6.85 -27.67 -24.96
N ALA B 603 -5.69 -27.40 -24.34
CA ALA B 603 -4.45 -27.08 -25.07
C ALA B 603 -3.26 -27.42 -24.18
N LYS B 604 -2.08 -27.61 -24.78
CA LYS B 604 -0.89 -27.96 -24.00
C LYS B 604 0.38 -27.35 -24.60
N PHE B 605 1.52 -27.51 -23.90
CA PHE B 605 2.82 -27.01 -24.35
C PHE B 605 3.52 -28.11 -25.17
N PHE B 606 4.32 -27.70 -26.16
CA PHE B 606 5.09 -28.62 -26.99
C PHE B 606 6.48 -28.04 -27.07
N ILE B 607 7.51 -28.76 -26.57
CA ILE B 607 8.88 -28.23 -26.65
C ILE B 607 9.58 -28.86 -27.84
N GLU B 608 9.96 -28.05 -28.84
CA GLU B 608 10.65 -28.56 -30.01
C GLU B 608 11.68 -27.57 -30.51
N THR B 609 12.96 -27.94 -30.41
CA THR B 609 14.07 -27.09 -30.83
C THR B 609 14.25 -27.10 -32.35
N ASP B 610 13.93 -28.22 -33.02
CA ASP B 610 14.04 -28.27 -34.48
C ASP B 610 12.81 -27.59 -35.10
N PRO B 611 12.95 -26.48 -35.86
CA PRO B 611 11.75 -25.83 -36.42
C PRO B 611 11.02 -26.67 -37.46
N HIS B 612 11.74 -27.54 -38.19
CA HIS B 612 11.11 -28.38 -39.22
C HIS B 612 10.21 -29.40 -38.57
N LYS B 613 10.64 -29.99 -37.45
CA LYS B 613 9.81 -30.96 -36.74
C LYS B 613 8.60 -30.22 -36.15
N ALA B 614 8.83 -29.02 -35.57
CA ALA B 614 7.76 -28.21 -34.99
C ALA B 614 6.65 -27.92 -35.99
N VAL B 615 7.01 -27.59 -37.24
CA VAL B 615 6.01 -27.29 -38.27
C VAL B 615 5.17 -28.54 -38.56
N GLU B 616 5.80 -29.72 -38.64
CA GLU B 616 5.07 -30.96 -38.88
C GLU B 616 4.09 -31.21 -37.72
N GLN B 617 4.56 -31.03 -36.50
CA GLN B 617 3.74 -31.23 -35.32
C GLN B 617 2.56 -30.27 -35.28
N ILE B 618 2.76 -29.01 -35.71
CA ILE B 618 1.69 -28.01 -35.71
C ILE B 618 0.61 -28.40 -36.71
N VAL B 619 1.01 -28.72 -37.95
CA VAL B 619 0.07 -29.11 -39.00
C VAL B 619 -0.73 -30.34 -38.58
N ASN B 620 -0.07 -31.35 -38.01
CA ASN B 620 -0.76 -32.56 -37.57
C ASN B 620 -1.74 -32.23 -36.45
N ARG B 621 -1.32 -31.45 -35.45
CA ARG B 621 -2.19 -31.08 -34.34
C ARG B 621 -3.40 -30.28 -34.85
N MET B 622 -3.21 -29.40 -35.85
CA MET B 622 -4.33 -28.61 -36.40
C MET B 622 -5.30 -29.55 -37.09
N ASN B 623 -4.79 -30.50 -37.90
CA ASN B 623 -5.66 -31.47 -38.56
C ASN B 623 -6.45 -32.30 -37.55
N GLU B 624 -5.83 -32.62 -36.41
CA GLU B 624 -6.47 -33.36 -35.33
C GLU B 624 -7.69 -32.54 -34.83
N LYS B 625 -7.49 -31.25 -34.55
CA LYS B 625 -8.56 -30.37 -34.07
C LYS B 625 -9.63 -30.14 -35.15
N ARG B 626 -9.23 -30.17 -36.44
CA ARG B 626 -10.16 -29.98 -37.55
C ARG B 626 -11.06 -31.21 -37.65
N LYS B 627 -10.50 -32.41 -37.43
CA LYS B 627 -11.27 -33.65 -37.51
C LYS B 627 -12.31 -33.69 -36.40
N LYS B 628 -11.93 -33.31 -35.18
CA LYS B 628 -12.86 -33.29 -34.04
C LYS B 628 -14.04 -32.34 -34.30
N LEU B 629 -13.78 -31.24 -35.02
CA LEU B 629 -14.80 -30.24 -35.34
C LEU B 629 -15.57 -30.56 -36.66
N GLY B 630 -15.05 -31.48 -37.47
CA GLY B 630 -15.67 -31.88 -38.72
C GLY B 630 -15.46 -30.88 -39.85
N ILE B 631 -14.25 -30.25 -39.91
CA ILE B 631 -13.92 -29.25 -40.94
C ILE B 631 -12.61 -29.59 -41.67
N GLU C 2 32.91 -33.06 18.54
CA GLU C 2 33.42 -33.23 17.19
C GLU C 2 32.48 -32.53 16.18
N GLU C 3 31.26 -33.05 16.01
CA GLU C 3 30.28 -32.45 15.11
C GLU C 3 29.62 -31.28 15.86
N LYS C 4 29.34 -30.17 15.17
CA LYS C 4 28.71 -29.01 15.82
C LYS C 4 27.34 -29.38 16.38
N ALA C 5 27.00 -28.83 17.55
CA ALA C 5 25.71 -29.13 18.19
C ALA C 5 24.54 -28.73 17.29
N LYS C 6 23.45 -29.50 17.34
CA LYS C 6 22.28 -29.22 16.53
C LYS C 6 21.45 -28.11 17.16
N SER C 7 21.32 -28.11 18.49
CA SER C 7 20.54 -27.10 19.20
C SER C 7 21.05 -26.93 20.63
N ILE C 8 20.59 -25.87 21.30
CA ILE C 8 20.96 -25.60 22.71
C ILE C 8 19.85 -26.05 23.67
N ASP C 9 18.65 -26.39 23.14
CA ASP C 9 17.52 -26.83 23.94
C ASP C 9 17.60 -28.34 24.17
N GLN C 10 17.58 -28.77 25.46
CA GLN C 10 17.67 -30.19 25.78
C GLN C 10 16.48 -31.00 25.27
N ALA C 11 15.29 -30.40 25.22
CA ALA C 11 14.11 -31.10 24.71
C ALA C 11 14.30 -31.41 23.22
N THR C 12 14.88 -30.46 22.46
CA THR C 12 15.16 -30.61 21.04
C THR C 12 16.20 -31.72 20.84
N LEU C 13 17.29 -31.67 21.61
CA LEU C 13 18.36 -32.67 21.51
C LEU C 13 17.87 -34.08 21.82
N GLN C 14 16.92 -34.22 22.76
CA GLN C 14 16.38 -35.53 23.14
C GLN C 14 15.55 -36.12 22.01
N LEU C 15 14.65 -35.32 21.41
CA LEU C 15 13.83 -35.83 20.31
C LEU C 15 14.65 -36.09 19.05
N LEU C 16 15.80 -35.40 18.89
CA LEU C 16 16.65 -35.64 17.73
C LEU C 16 17.22 -37.06 17.80
N ASP C 17 17.54 -37.55 19.01
CA ASP C 17 18.04 -38.91 19.20
C ASP C 17 16.92 -39.90 18.87
N LYS C 18 15.68 -39.60 19.30
CA LYS C 18 14.53 -40.45 19.01
C LYS C 18 14.33 -40.54 17.51
N ALA C 19 14.43 -39.41 16.79
CA ALA C 19 14.27 -39.37 15.34
C ALA C 19 15.28 -40.29 14.65
N LYS C 20 16.51 -40.37 15.16
CA LYS C 20 17.53 -41.25 14.58
C LYS C 20 17.14 -42.70 14.82
N GLN C 21 16.70 -43.02 16.05
CA GLN C 21 16.28 -44.38 16.42
C GLN C 21 15.02 -44.80 15.64
N ASP C 22 14.15 -43.84 15.31
CA ASP C 22 12.93 -44.11 14.54
C ASP C 22 13.23 -44.24 13.04
N GLY C 23 14.35 -43.69 12.59
CA GLY C 23 14.77 -43.76 11.19
C GLY C 23 14.21 -42.65 10.32
N VAL C 24 13.70 -41.58 10.93
CA VAL C 24 13.15 -40.47 10.17
C VAL C 24 14.22 -39.40 9.93
N GLU C 25 14.05 -38.61 8.87
CA GLU C 25 14.98 -37.54 8.53
C GLU C 25 14.42 -36.18 8.96
N THR C 26 15.31 -35.28 9.39
CA THR C 26 14.94 -33.93 9.84
C THR C 26 15.69 -32.89 9.03
N VAL C 27 15.35 -31.60 9.21
CA VAL C 27 15.98 -30.47 8.55
C VAL C 27 17.51 -30.49 8.75
N TRP C 28 17.97 -30.89 9.94
CA TRP C 28 19.40 -30.97 10.23
C TRP C 28 20.07 -32.04 9.36
N ASP C 29 19.35 -33.16 9.09
CA ASP C 29 19.87 -34.25 8.27
C ASP C 29 19.95 -33.82 6.81
N ARG C 30 18.90 -33.13 6.31
CA ARG C 30 18.89 -32.65 4.93
C ARG C 30 19.97 -31.57 4.72
N LYS C 31 20.37 -30.85 5.77
CA LYS C 31 21.43 -29.85 5.68
C LYS C 31 22.75 -30.55 5.40
N ALA C 32 23.01 -31.67 6.09
CA ALA C 32 24.23 -32.42 5.87
C ALA C 32 24.24 -32.98 4.44
N ASP C 33 23.08 -33.44 3.96
CA ASP C 33 22.94 -33.99 2.60
C ASP C 33 23.27 -32.93 1.53
N MET C 34 23.00 -31.65 1.82
CA MET C 34 23.30 -30.59 0.85
C MET C 34 24.81 -30.36 0.71
N LYS C 35 25.57 -30.76 1.73
CA LYS C 35 27.06 -30.62 1.68
C LYS C 35 27.45 -29.18 1.38
N VAL C 36 28.57 -28.98 0.68
CA VAL C 36 29.01 -27.61 0.30
C VAL C 36 27.89 -26.95 -0.51
N GLN C 37 27.54 -25.71 -0.18
CA GLN C 37 26.44 -25.01 -0.88
C GLN C 37 27.04 -24.15 -1.99
N CYS C 38 26.37 -24.03 -3.14
CA CYS C 38 26.95 -23.30 -4.29
C CYS C 38 27.42 -21.91 -3.85
N GLY C 39 28.69 -21.60 -4.10
CA GLY C 39 29.24 -20.28 -3.75
C GLY C 39 28.62 -19.19 -4.60
N PHE C 40 28.45 -19.45 -5.90
CA PHE C 40 27.81 -18.47 -6.80
C PHE C 40 26.47 -18.05 -6.21
N GLY C 41 25.63 -19.03 -5.84
CA GLY C 41 24.33 -18.71 -5.27
C GLY C 41 24.44 -18.09 -3.88
N SER C 42 25.44 -18.53 -3.10
CA SER C 42 25.68 -18.03 -1.74
C SER C 42 26.19 -16.59 -1.76
N ALA C 43 26.96 -16.22 -2.79
CA ALA C 43 27.48 -14.85 -2.94
C ALA C 43 26.48 -13.93 -3.69
N GLY C 44 25.43 -14.53 -4.27
CA GLY C 44 24.40 -13.80 -5.01
C GLY C 44 24.79 -13.50 -6.45
N VAL C 45 25.88 -14.11 -6.96
CA VAL C 45 26.34 -13.85 -8.34
C VAL C 45 25.80 -14.82 -9.40
N CYS C 46 24.73 -15.54 -9.06
CA CYS C 46 24.13 -16.40 -10.09
C CYS C 46 22.79 -15.81 -10.51
N CYS C 47 22.58 -15.64 -11.82
CA CYS C 47 21.31 -15.03 -12.32
C CYS C 47 20.52 -16.05 -13.15
N ARG C 48 19.20 -16.13 -12.97
CA ARG C 48 18.28 -17.00 -13.75
C ARG C 48 17.04 -16.19 -14.15
N ASN C 49 17.17 -14.88 -14.31
CA ASN C 49 16.06 -13.99 -14.68
C ASN C 49 15.63 -14.09 -16.15
N CYS C 50 16.17 -15.08 -16.85
CA CYS C 50 15.71 -15.31 -18.24
C CYS C 50 16.40 -16.58 -18.76
N SER C 51 16.07 -17.00 -19.98
CA SER C 51 16.59 -18.29 -20.51
C SER C 51 17.82 -18.06 -21.40
N MET C 52 18.49 -16.93 -21.28
CA MET C 52 19.76 -16.77 -22.06
C MET C 52 20.84 -17.47 -21.25
N GLY C 53 20.67 -17.56 -19.92
CA GLY C 53 21.64 -18.27 -19.07
C GLY C 53 21.19 -19.70 -18.76
N PRO C 54 21.50 -20.28 -17.59
CA PRO C 54 21.76 -19.49 -16.37
C PRO C 54 23.19 -18.92 -16.34
N CYS C 55 23.32 -17.69 -15.84
CA CYS C 55 24.62 -16.96 -15.84
C CYS C 55 25.23 -17.00 -14.44
N ARG C 56 26.56 -17.07 -14.36
CA ARG C 56 27.26 -17.07 -13.07
C ARG C 56 28.58 -16.31 -13.24
N VAL C 57 28.62 -15.07 -12.72
CA VAL C 57 29.80 -14.22 -12.79
C VAL C 57 30.68 -14.45 -11.56
N SER C 58 31.92 -13.94 -11.56
CA SER C 58 32.85 -14.14 -10.45
C SER C 58 32.55 -13.27 -9.22
N PRO C 59 32.56 -13.83 -7.98
CA PRO C 59 32.34 -12.96 -6.79
C PRO C 59 33.59 -12.14 -6.43
N VAL C 60 34.76 -12.54 -6.94
CA VAL C 60 36.02 -11.85 -6.70
C VAL C 60 36.29 -10.97 -7.93
N PRO C 61 36.17 -9.63 -7.82
CA PRO C 61 36.41 -8.78 -9.02
C PRO C 61 37.82 -8.87 -9.58
N GLY C 62 37.95 -8.60 -10.86
CA GLY C 62 39.23 -8.62 -11.54
C GLY C 62 39.62 -9.98 -12.10
N LYS C 63 38.85 -11.03 -11.79
CA LYS C 63 39.15 -12.37 -12.31
C LYS C 63 37.87 -13.12 -12.66
N GLY C 64 37.99 -14.10 -13.54
CA GLY C 64 36.84 -14.90 -13.96
C GLY C 64 35.90 -14.14 -14.86
N VAL C 65 34.67 -14.67 -15.03
CA VAL C 65 33.65 -14.05 -15.88
C VAL C 65 33.09 -12.80 -15.18
N GLU C 66 33.17 -11.65 -15.83
CA GLU C 66 32.76 -10.40 -15.14
C GLU C 66 31.26 -10.11 -15.37
N ARG C 67 30.74 -10.29 -16.58
CA ARG C 67 29.35 -9.95 -16.82
C ARG C 67 28.50 -11.14 -17.30
N GLY C 68 27.18 -10.99 -17.14
CA GLY C 68 26.20 -11.98 -17.59
C GLY C 68 26.02 -11.91 -19.09
N ILE C 69 25.25 -12.83 -19.69
CA ILE C 69 25.08 -12.84 -21.14
C ILE C 69 24.50 -11.52 -21.68
N CYS C 70 23.63 -10.90 -20.89
CA CYS C 70 22.94 -9.62 -21.25
C CYS C 70 23.90 -8.45 -21.05
N GLY C 71 24.86 -8.58 -20.14
CA GLY C 71 25.78 -7.53 -19.78
C GLY C 71 25.70 -7.13 -18.31
N ALA C 72 24.80 -7.76 -17.55
CA ALA C 72 24.64 -7.46 -16.15
C ALA C 72 25.92 -7.75 -15.38
N THR C 73 26.38 -6.79 -14.57
CA THR C 73 27.58 -6.96 -13.76
C THR C 73 27.21 -7.70 -12.46
N ALA C 74 28.21 -8.11 -11.65
CA ALA C 74 27.92 -8.80 -10.39
C ALA C 74 27.05 -7.94 -9.47
N ASP C 75 27.31 -6.64 -9.42
CA ASP C 75 26.53 -5.73 -8.58
C ASP C 75 25.07 -5.68 -9.03
N VAL C 76 24.84 -5.71 -10.35
CA VAL C 76 23.47 -5.70 -10.87
C VAL C 76 22.80 -7.02 -10.49
N ILE C 77 23.46 -8.14 -10.78
CA ILE C 77 22.91 -9.47 -10.48
C ILE C 77 22.55 -9.60 -9.00
N VAL C 78 23.50 -9.26 -8.11
CA VAL C 78 23.33 -9.33 -6.65
C VAL C 78 22.20 -8.40 -6.17
N SER C 79 22.16 -7.15 -6.65
CA SER C 79 21.12 -6.20 -6.23
C SER C 79 19.72 -6.64 -6.64
N ARG C 80 19.57 -7.24 -7.85
CA ARG C 80 18.27 -7.70 -8.31
C ARG C 80 17.84 -8.91 -7.47
N ASN C 81 18.77 -9.84 -7.23
CA ASN C 81 18.50 -11.02 -6.41
C ASN C 81 18.02 -10.59 -5.02
N PHE C 82 18.66 -9.56 -4.45
CA PHE C 82 18.29 -9.05 -3.14
C PHE C 82 16.86 -8.46 -3.21
N ALA C 83 16.62 -7.62 -4.21
CA ALA C 83 15.31 -7.00 -4.42
C ALA C 83 14.20 -8.04 -4.41
N ARG C 84 14.37 -9.10 -5.21
CA ARG C 84 13.31 -10.10 -5.36
C ARG C 84 12.98 -10.75 -4.01
N MET C 85 13.96 -10.88 -3.10
CA MET C 85 13.71 -11.46 -1.78
C MET C 85 12.80 -10.53 -0.99
N VAL C 86 13.02 -9.22 -1.09
CA VAL C 86 12.21 -8.23 -0.39
C VAL C 86 10.79 -8.29 -0.96
N ALA C 87 10.66 -8.29 -2.30
CA ALA C 87 9.35 -8.36 -2.97
C ALA C 87 8.59 -9.63 -2.59
N ALA C 88 9.30 -10.76 -2.41
CA ALA C 88 8.66 -12.01 -2.02
C ALA C 88 8.23 -11.93 -0.55
N GLY C 89 9.09 -11.38 0.31
CA GLY C 89 8.79 -11.23 1.73
C GLY C 89 7.60 -10.31 1.92
N THR C 90 7.58 -9.19 1.18
CA THR C 90 6.50 -8.22 1.22
C THR C 90 5.18 -8.88 0.82
N ALA C 91 5.22 -9.78 -0.19
CA ALA C 91 4.04 -10.49 -0.67
C ALA C 91 3.46 -11.41 0.38
N ALA C 92 4.31 -12.09 1.16
CA ALA C 92 3.84 -12.99 2.20
C ALA C 92 3.04 -12.21 3.25
N HIS C 93 3.56 -11.06 3.71
CA HIS C 93 2.85 -10.24 4.70
C HIS C 93 1.65 -9.53 4.06
N SER C 94 1.74 -9.21 2.75
CA SER C 94 0.65 -8.54 2.04
C SER C 94 -0.60 -9.41 2.05
N ASP C 95 -0.49 -10.65 1.58
CA ASP C 95 -1.67 -11.55 1.53
C ASP C 95 -2.20 -11.77 2.96
N HIS C 96 -1.30 -11.82 3.95
CA HIS C 96 -1.68 -12.04 5.34
C HIS C 96 -2.66 -10.92 5.74
N GLY C 97 -2.21 -9.67 5.68
CA GLY C 97 -3.04 -8.53 6.05
C GLY C 97 -4.27 -8.37 5.18
N ARG C 98 -4.16 -8.70 3.89
CA ARG C 98 -5.28 -8.60 2.94
C ARG C 98 -6.42 -9.51 3.39
N SER C 99 -6.09 -10.71 3.86
CA SER C 99 -7.06 -11.69 4.34
C SER C 99 -7.73 -11.16 5.61
N ILE C 100 -6.95 -10.54 6.52
CA ILE C 100 -7.47 -9.98 7.78
C ILE C 100 -8.48 -8.88 7.45
N ALA C 101 -8.12 -8.00 6.51
CA ALA C 101 -8.99 -6.89 6.12
C ALA C 101 -10.29 -7.40 5.50
N LEU C 102 -10.22 -8.47 4.70
CA LEU C 102 -11.43 -9.04 4.09
C LEU C 102 -12.34 -9.61 5.18
N SER C 103 -11.75 -10.17 6.26
CA SER C 103 -12.52 -10.71 7.38
C SER C 103 -13.23 -9.55 8.09
N LEU C 104 -12.52 -8.42 8.30
CA LEU C 104 -13.10 -7.23 8.95
C LEU C 104 -14.30 -6.71 8.14
N TYR C 105 -14.25 -6.84 6.81
CA TYR C 105 -15.33 -6.41 5.91
C TYR C 105 -16.58 -7.31 6.05
N HIS C 106 -16.41 -8.54 6.57
CA HIS C 106 -17.52 -9.49 6.75
C HIS C 106 -17.83 -9.72 8.24
N THR C 107 -17.80 -8.68 9.06
CA THR C 107 -18.10 -8.80 10.49
C THR C 107 -19.57 -8.49 10.73
N SER C 108 -20.20 -9.18 11.69
CA SER C 108 -21.61 -8.97 12.01
C SER C 108 -21.84 -9.18 13.51
N LYS C 109 -22.88 -8.55 14.07
CA LYS C 109 -23.19 -8.68 15.49
C LYS C 109 -23.61 -10.07 15.98
N ASP C 110 -24.19 -10.87 15.07
CA ASP C 110 -24.63 -12.23 15.40
C ASP C 110 -23.98 -13.08 14.31
N GLY C 111 -22.66 -12.93 14.18
CA GLY C 111 -21.87 -13.68 13.23
C GLY C 111 -20.68 -14.35 13.87
N ASP C 112 -20.03 -15.26 13.14
CA ASP C 112 -18.87 -16.00 13.65
C ASP C 112 -17.70 -15.05 13.93
N ILE C 113 -17.49 -14.05 13.07
CA ILE C 113 -16.42 -13.07 13.22
C ILE C 113 -17.08 -11.76 13.64
N LYS C 114 -16.55 -11.14 14.71
CA LYS C 114 -17.15 -9.88 15.23
C LYS C 114 -16.07 -8.94 15.74
N VAL C 115 -16.40 -7.66 15.94
CA VAL C 115 -15.45 -6.65 16.49
C VAL C 115 -15.43 -6.76 18.02
N LYS C 116 -14.29 -7.14 18.59
CA LYS C 116 -14.12 -7.26 20.03
C LYS C 116 -13.62 -5.95 20.66
N ASP C 117 -12.65 -5.27 20.03
CA ASP C 117 -12.13 -4.02 20.57
C ASP C 117 -12.72 -2.83 19.83
N GLU C 118 -13.81 -2.27 20.36
CA GLU C 118 -14.48 -1.12 19.74
C GLU C 118 -13.62 0.13 19.86
N ASN C 119 -12.94 0.32 21.00
CA ASN C 119 -12.10 1.49 21.21
C ASN C 119 -10.97 1.56 20.18
N LYS C 120 -10.32 0.42 19.91
CA LYS C 120 -9.25 0.38 18.93
C LYS C 120 -9.79 0.70 17.55
N LEU C 121 -10.96 0.17 17.21
CA LEU C 121 -11.58 0.45 15.92
C LEU C 121 -11.89 1.93 15.77
N LYS C 122 -12.33 2.59 16.84
CA LYS C 122 -12.66 4.02 16.78
C LYS C 122 -11.39 4.83 16.49
N GLU C 123 -10.25 4.42 17.06
CA GLU C 123 -8.96 5.09 16.86
C GLU C 123 -8.43 4.84 15.45
N VAL C 124 -8.52 3.59 14.96
CA VAL C 124 -8.05 3.25 13.62
C VAL C 124 -8.92 3.99 12.59
N ALA C 125 -10.23 4.06 12.82
CA ALA C 125 -11.13 4.76 11.91
C ALA C 125 -10.74 6.23 11.75
N LYS C 126 -10.13 6.83 12.77
CA LYS C 126 -9.72 8.23 12.69
C LYS C 126 -8.59 8.39 11.66
N SER C 127 -7.61 7.47 11.68
CA SER C 127 -6.50 7.53 10.73
C SER C 127 -6.97 7.35 9.29
N PHE C 128 -7.96 6.45 9.05
CA PHE C 128 -8.48 6.23 7.71
C PHE C 128 -9.55 7.25 7.29
N ASN C 129 -9.81 8.27 8.13
CA ASN C 129 -10.79 9.32 7.85
C ASN C 129 -12.21 8.73 7.70
N VAL C 130 -12.56 7.80 8.59
CA VAL C 130 -13.88 7.16 8.61
C VAL C 130 -14.60 7.72 9.83
N GLU C 131 -15.82 8.24 9.66
CA GLU C 131 -16.59 8.81 10.77
C GLU C 131 -17.04 7.75 11.77
N THR C 132 -17.11 8.11 13.06
CA THR C 132 -17.53 7.20 14.13
C THR C 132 -18.76 7.71 14.89
N GLU C 133 -18.93 9.04 14.96
CA GLU C 133 -20.03 9.67 15.70
C GLU C 133 -21.40 9.10 15.34
N GLY C 134 -22.09 8.55 16.34
CA GLY C 134 -23.43 7.98 16.19
C GLY C 134 -23.60 7.02 15.03
N ARG C 135 -22.72 6.01 14.92
CA ARG C 135 -22.78 5.03 13.85
C ARG C 135 -22.58 3.61 14.39
N ASP C 136 -23.12 2.59 13.69
CA ASP C 136 -22.97 1.20 14.11
C ASP C 136 -21.51 0.80 14.06
N ILE C 137 -21.02 0.09 15.07
CA ILE C 137 -19.62 -0.34 15.08
C ILE C 137 -19.32 -1.24 13.87
N TYR C 138 -20.31 -1.99 13.37
CA TYR C 138 -20.09 -2.84 12.20
C TYR C 138 -20.11 -2.04 10.91
N ASP C 139 -20.85 -0.92 10.86
CA ASP C 139 -20.85 -0.07 9.68
C ASP C 139 -19.47 0.64 9.62
N ILE C 140 -18.90 1.02 10.78
CA ILE C 140 -17.59 1.65 10.85
C ILE C 140 -16.55 0.60 10.43
N ALA C 141 -16.64 -0.62 10.99
CA ALA C 141 -15.71 -1.71 10.67
C ALA C 141 -15.64 -2.01 9.18
N HIS C 142 -16.77 -1.94 8.47
CA HIS C 142 -16.79 -2.21 7.05
C HIS C 142 -16.17 -1.06 6.26
N ASP C 143 -16.44 0.19 6.66
CA ASP C 143 -15.87 1.35 5.98
C ASP C 143 -14.35 1.38 6.20
N VAL C 144 -13.88 0.97 7.40
CA VAL C 144 -12.45 0.93 7.71
C VAL C 144 -11.80 -0.14 6.84
N ALA C 145 -12.42 -1.32 6.75
CA ALA C 145 -11.91 -2.41 5.92
C ALA C 145 -11.80 -1.98 4.47
N LYS C 146 -12.77 -1.21 3.96
CA LYS C 146 -12.73 -0.74 2.58
C LYS C 146 -11.57 0.22 2.38
N GLU C 147 -11.33 1.11 3.37
CA GLU C 147 -10.22 2.07 3.30
C GLU C 147 -8.87 1.36 3.42
N GLY C 148 -8.82 0.34 4.27
CA GLY C 148 -7.61 -0.44 4.48
C GLY C 148 -7.27 -1.26 3.25
N LEU C 149 -8.28 -1.86 2.61
CA LEU C 149 -8.06 -2.67 1.42
C LEU C 149 -7.52 -1.82 0.27
N SER C 150 -7.91 -0.54 0.18
CA SER C 150 -7.44 0.35 -0.89
C SER C 150 -5.92 0.50 -0.85
N ASN C 151 -5.33 0.45 0.34
CA ASN C 151 -3.86 0.60 0.48
C ASN C 151 -3.14 -0.54 -0.26
N TYR C 152 -3.85 -1.62 -0.61
CA TYR C 152 -3.24 -2.74 -1.29
C TYR C 152 -3.16 -2.57 -2.81
N GLY C 153 -4.14 -1.91 -3.43
CA GLY C 153 -4.13 -1.74 -4.87
C GLY C 153 -4.65 -0.44 -5.44
N LYS C 154 -4.60 0.67 -4.70
CA LYS C 154 -5.08 1.94 -5.24
C LYS C 154 -4.04 2.49 -6.24
N GLN C 155 -4.50 2.95 -7.41
CA GLN C 155 -3.60 3.46 -8.45
C GLN C 155 -3.51 5.00 -8.48
N LEU C 156 -4.47 5.67 -7.85
CA LEU C 156 -4.50 7.14 -7.78
C LEU C 156 -4.69 7.55 -6.31
N GLY C 157 -4.29 8.77 -5.99
CA GLY C 157 -4.41 9.27 -4.62
C GLY C 157 -3.23 8.88 -3.76
N GLU C 158 -3.25 9.28 -2.48
CA GLU C 158 -2.16 8.99 -1.54
C GLU C 158 -2.55 7.90 -0.57
N VAL C 159 -1.54 7.10 -0.16
CA VAL C 159 -1.78 5.96 0.78
C VAL C 159 -1.86 6.47 2.22
N THR C 160 -2.67 5.82 3.05
CA THR C 160 -2.85 6.18 4.46
C THR C 160 -1.78 5.48 5.29
N LEU C 161 -1.01 6.28 6.02
CA LEU C 161 0.09 5.72 6.87
C LEU C 161 -0.27 5.93 8.35
N PRO C 162 0.36 5.21 9.29
CA PRO C 162 0.04 5.29 10.71
C PRO C 162 0.43 6.64 11.31
N PRO C 163 -0.24 7.09 12.39
CA PRO C 163 0.10 8.36 13.04
C PRO C 163 1.45 8.29 13.76
N SER C 164 1.89 7.09 14.15
CA SER C 164 3.14 6.98 14.93
C SER C 164 4.36 7.26 14.05
N LEU C 165 4.17 7.33 12.73
CA LEU C 165 5.30 7.53 11.82
C LEU C 165 5.69 9.02 11.82
N PRO C 166 6.86 9.41 12.37
CA PRO C 166 7.21 10.84 12.38
C PRO C 166 7.20 11.51 11.01
N GLU C 167 6.78 12.78 10.97
CA GLU C 167 6.72 13.55 9.73
C GLU C 167 8.13 13.71 9.12
N LYS C 168 9.18 13.71 9.96
CA LYS C 168 10.56 13.84 9.49
C LYS C 168 10.94 12.62 8.66
N ARG C 169 10.50 11.43 9.09
CA ARG C 169 10.77 10.18 8.38
C ARG C 169 10.02 10.16 7.05
N LYS C 170 8.78 10.66 7.02
CA LYS C 170 7.99 10.69 5.78
C LYS C 170 8.63 11.63 4.76
N GLU C 171 9.05 12.83 5.20
CA GLU C 171 9.69 13.79 4.30
C GLU C 171 11.04 13.26 3.79
N LEU C 172 11.76 12.50 4.62
CA LEU C 172 13.05 11.93 4.22
C LEU C 172 12.81 10.94 3.08
N TRP C 173 11.78 10.10 3.20
CA TRP C 173 11.45 9.11 2.17
C TRP C 173 11.04 9.84 0.90
N ARG C 174 10.20 10.86 1.01
CA ARG C 174 9.75 11.64 -0.14
C ARG C 174 10.92 12.22 -0.92
N LYS C 175 11.88 12.84 -0.23
CA LYS C 175 13.03 13.45 -0.88
C LYS C 175 13.95 12.37 -1.47
N LEU C 176 14.07 11.21 -0.81
CA LEU C 176 14.91 10.12 -1.30
C LEU C 176 14.23 9.35 -2.48
N GLY C 177 12.92 9.53 -2.64
CA GLY C 177 12.14 8.88 -3.69
C GLY C 177 11.70 7.47 -3.35
N VAL C 178 11.56 7.16 -2.05
CA VAL C 178 11.16 5.83 -1.61
C VAL C 178 9.86 5.86 -0.79
N TYR C 179 9.08 6.94 -0.92
CA TYR C 179 7.76 6.97 -0.22
C TYR C 179 6.90 5.82 -0.77
N PRO C 180 6.23 5.03 0.08
CA PRO C 180 5.49 3.84 -0.38
C PRO C 180 4.21 4.14 -1.17
N ARG C 181 3.81 3.22 -2.07
CA ARG C 181 2.54 3.36 -2.83
C ARG C 181 1.66 2.18 -2.43
N ALA C 182 0.70 1.77 -3.27
CA ALA C 182 -0.06 0.57 -2.90
C ALA C 182 0.82 -0.66 -2.68
N VAL C 183 0.39 -1.57 -1.79
CA VAL C 183 1.17 -2.76 -1.45
C VAL C 183 1.50 -3.63 -2.69
N ASP C 184 0.47 -4.15 -3.37
CA ASP C 184 0.68 -4.99 -4.54
C ASP C 184 1.41 -4.23 -5.66
N ARG C 185 1.20 -2.92 -5.73
CA ARG C 185 1.83 -2.11 -6.80
C ARG C 185 3.35 -2.17 -6.65
N GLU C 186 3.86 -2.01 -5.42
CA GLU C 186 5.32 -1.99 -5.23
C GLU C 186 5.93 -3.35 -5.50
N ILE C 187 5.19 -4.44 -5.24
CA ILE C 187 5.70 -5.79 -5.49
C ILE C 187 5.88 -5.94 -7.00
N ALA C 188 4.88 -5.49 -7.78
CA ALA C 188 4.94 -5.55 -9.23
C ALA C 188 6.09 -4.69 -9.74
N ALA C 189 6.25 -3.49 -9.17
CA ALA C 189 7.32 -2.58 -9.58
C ALA C 189 8.70 -3.22 -9.47
N VAL C 190 8.97 -3.95 -8.38
CA VAL C 190 10.26 -4.61 -8.18
C VAL C 190 10.41 -5.76 -9.16
N MET C 191 9.35 -6.57 -9.31
CA MET C 191 9.38 -7.71 -10.23
C MET C 191 9.60 -7.25 -11.67
N HIS C 192 9.03 -6.11 -12.05
CA HIS C 192 9.20 -5.57 -13.39
C HIS C 192 10.64 -5.12 -13.62
N SER C 193 11.19 -4.31 -12.70
CA SER C 193 12.54 -3.80 -12.84
C SER C 193 13.62 -4.87 -12.72
N THR C 194 13.33 -5.99 -12.04
CA THR C 194 14.30 -7.08 -11.94
C THR C 194 14.30 -7.92 -13.23
N HIS C 195 13.27 -7.78 -14.09
CA HIS C 195 13.17 -8.50 -15.37
C HIS C 195 14.38 -8.17 -16.24
N ILE C 196 14.72 -9.07 -17.16
CA ILE C 196 15.90 -8.87 -18.04
C ILE C 196 15.80 -7.54 -18.78
N GLY C 197 16.92 -6.84 -18.95
CA GLY C 197 16.96 -5.60 -19.69
C GLY C 197 16.22 -4.44 -19.08
N CYS C 198 16.10 -4.39 -17.76
CA CYS C 198 15.44 -3.26 -17.10
C CYS C 198 16.48 -2.49 -16.26
N ASN C 199 16.38 -2.51 -14.92
CA ASN C 199 17.32 -1.79 -14.08
C ASN C 199 18.68 -2.49 -14.06
N ALA C 200 19.75 -1.70 -14.18
CA ALA C 200 21.12 -2.17 -14.15
C ALA C 200 21.96 -1.16 -13.37
N ASP C 201 21.46 -0.77 -12.18
CA ASP C 201 22.11 0.17 -11.30
C ASP C 201 21.86 -0.31 -9.87
N ALA C 202 22.92 -0.66 -9.12
CA ALA C 202 22.78 -1.17 -7.76
C ALA C 202 22.04 -0.20 -6.81
N GLU C 203 22.42 1.09 -6.80
CA GLU C 203 21.79 2.06 -5.91
C GLU C 203 20.30 2.21 -6.19
N ALA C 204 19.92 2.36 -7.46
CA ALA C 204 18.51 2.52 -7.83
C ALA C 204 17.75 1.26 -7.46
N MET C 205 18.33 0.08 -7.72
CA MET C 205 17.62 -1.19 -7.40
C MET C 205 17.39 -1.32 -5.90
N ILE C 206 18.42 -1.07 -5.09
CA ILE C 206 18.29 -1.20 -3.64
C ILE C 206 17.27 -0.19 -3.10
N LYS C 207 17.16 1.00 -3.73
CA LYS C 207 16.18 2.00 -3.31
C LYS C 207 14.76 1.50 -3.64
N MET C 208 14.60 0.75 -4.73
CA MET C 208 13.30 0.21 -5.11
C MET C 208 12.83 -0.82 -4.09
N SER C 209 13.77 -1.59 -3.55
CA SER C 209 13.45 -2.60 -2.51
C SER C 209 13.03 -1.87 -1.23
N MET C 210 13.69 -0.76 -0.92
CA MET C 210 13.39 -0.01 0.30
C MET C 210 11.95 0.49 0.24
N ARG C 211 11.57 1.10 -0.90
CA ARG C 211 10.23 1.62 -1.13
C ARG C 211 9.19 0.50 -0.98
N CYS C 212 9.50 -0.67 -1.53
CA CYS C 212 8.63 -1.85 -1.47
C CYS C 212 8.48 -2.36 -0.05
N SER C 213 9.60 -2.53 0.67
CA SER C 213 9.60 -3.02 2.05
C SER C 213 8.75 -2.14 2.97
N LEU C 214 8.69 -0.83 2.71
CA LEU C 214 7.88 0.07 3.55
C LEU C 214 6.43 -0.34 3.51
N THR C 215 5.92 -0.74 2.33
CA THR C 215 4.52 -1.18 2.22
C THR C 215 4.21 -2.43 3.06
N ASP C 216 5.25 -3.07 3.62
CA ASP C 216 5.07 -4.24 4.44
C ASP C 216 4.93 -3.76 5.89
N GLY C 217 6.00 -3.23 6.47
CA GLY C 217 5.99 -2.77 7.85
C GLY C 217 4.93 -1.75 8.23
N TRP C 218 4.83 -0.66 7.48
CA TRP C 218 3.86 0.39 7.80
C TRP C 218 2.48 0.21 7.19
N MET C 219 2.28 -0.81 6.33
CA MET C 219 0.97 -1.03 5.71
C MET C 219 0.45 -2.47 5.88
N GLY C 220 1.08 -3.44 5.21
CA GLY C 220 0.67 -4.84 5.27
C GLY C 220 0.66 -5.40 6.68
N SER C 221 1.76 -5.24 7.39
CA SER C 221 1.87 -5.81 8.76
C SER C 221 1.01 -4.98 9.72
N PHE C 222 1.19 -3.66 9.72
CA PHE C 222 0.40 -2.78 10.62
C PHE C 222 -1.08 -3.14 10.54
N MET C 223 -1.68 -2.98 9.36
CA MET C 223 -3.13 -3.25 9.18
C MET C 223 -3.41 -4.69 9.61
N GLY C 224 -2.50 -5.62 9.33
CA GLY C 224 -2.68 -6.99 9.77
C GLY C 224 -2.77 -7.09 11.28
N THR C 225 -1.88 -6.37 11.98
CA THR C 225 -1.87 -6.36 13.45
C THR C 225 -3.07 -5.57 13.99
N GLU C 226 -3.25 -4.33 13.52
CA GLU C 226 -4.36 -3.49 14.00
C GLU C 226 -5.74 -4.14 13.82
N PHE C 227 -6.01 -4.72 12.64
CA PHE C 227 -7.31 -5.35 12.39
C PHE C 227 -7.46 -6.65 13.18
N SER C 228 -6.35 -7.38 13.43
CA SER C 228 -6.42 -8.61 14.22
C SER C 228 -6.80 -8.26 15.66
N ASP C 229 -6.28 -7.14 16.21
CA ASP C 229 -6.61 -6.71 17.56
C ASP C 229 -8.07 -6.24 17.63
N ILE C 230 -8.60 -5.67 16.54
CA ILE C 230 -9.99 -5.20 16.52
C ILE C 230 -10.92 -6.42 16.60
N MET C 231 -10.71 -7.41 15.73
CA MET C 231 -11.57 -8.59 15.66
C MET C 231 -11.32 -9.64 16.75
N PHE C 232 -10.07 -9.81 17.20
CA PHE C 232 -9.76 -10.85 18.18
C PHE C 232 -9.38 -10.33 19.57
N GLY C 233 -9.23 -9.01 19.73
CA GLY C 233 -8.87 -8.40 21.00
C GLY C 233 -7.42 -7.96 21.09
N THR C 234 -7.17 -6.77 21.67
CA THR C 234 -5.82 -6.25 21.81
C THR C 234 -5.09 -7.05 22.88
N PRO C 235 -3.89 -7.62 22.62
CA PRO C 235 -3.23 -8.42 23.67
C PRO C 235 -2.83 -7.67 24.92
N HIS C 236 -2.77 -8.39 26.04
N HIS C 236 -2.77 -8.38 26.04
CA HIS C 236 -2.39 -7.83 27.35
CA HIS C 236 -2.38 -7.81 27.34
C HIS C 236 -1.56 -8.88 28.10
C HIS C 236 -1.59 -8.88 28.11
N SER C 237 -0.78 -8.46 29.11
CA SER C 237 0.07 -9.38 29.90
C SER C 237 -0.65 -10.67 30.30
N ILE C 238 -0.14 -11.81 29.80
CA ILE C 238 -0.75 -13.11 30.01
C ILE C 238 0.31 -14.19 30.23
N ASP C 239 -0.04 -15.22 30.98
CA ASP C 239 0.94 -16.29 31.28
C ASP C 239 0.71 -17.50 30.38
N THR C 240 1.77 -18.29 30.19
CA THR C 240 1.68 -19.50 29.33
C THR C 240 2.93 -20.37 29.52
N GLU C 241 2.93 -21.58 28.94
CA GLU C 241 4.05 -22.50 29.04
C GLU C 241 4.59 -22.68 27.61
N ALA C 242 5.91 -22.86 27.49
CA ALA C 242 6.58 -23.00 26.21
C ALA C 242 7.40 -24.29 26.12
N ASN C 243 7.76 -24.70 24.91
CA ASN C 243 8.60 -25.91 24.70
C ASN C 243 7.74 -27.16 24.48
N LEU C 244 8.30 -28.18 23.85
CA LEU C 244 7.59 -29.43 23.55
C LEU C 244 7.06 -30.19 24.77
N GLY C 245 7.51 -29.84 25.98
CA GLY C 245 7.00 -30.49 27.19
C GLY C 245 5.54 -30.14 27.46
N VAL C 246 4.97 -29.26 26.63
CA VAL C 246 3.57 -28.80 26.84
C VAL C 246 2.59 -29.87 26.36
N LEU C 247 2.99 -30.73 25.41
CA LEU C 247 2.10 -31.80 24.94
C LEU C 247 1.75 -32.74 26.10
N GLU C 248 0.49 -33.22 26.10
CA GLU C 248 0.01 -34.15 27.16
C GLU C 248 -0.24 -35.53 26.56
N LYS C 249 0.34 -36.58 27.15
CA LYS C 249 0.17 -37.94 26.65
C LYS C 249 -1.27 -38.47 26.69
N ASN C 250 -2.01 -38.22 27.77
CA ASN C 250 -3.38 -38.72 27.91
C ASN C 250 -4.48 -37.81 27.34
N SER C 251 -4.07 -36.68 26.75
CA SER C 251 -5.03 -35.75 26.12
C SER C 251 -4.84 -35.76 24.61
N VAL C 252 -5.86 -35.32 23.88
CA VAL C 252 -5.70 -35.16 22.41
C VAL C 252 -4.85 -33.91 22.15
N ASN C 253 -3.73 -34.08 21.43
CA ASN C 253 -2.88 -32.93 21.13
C ASN C 253 -3.16 -32.43 19.72
N VAL C 254 -3.60 -31.17 19.61
CA VAL C 254 -3.89 -30.52 18.34
C VAL C 254 -2.91 -29.37 18.21
N VAL C 255 -1.89 -29.54 17.35
CA VAL C 255 -0.85 -28.52 17.15
C VAL C 255 -1.22 -27.62 15.97
N LEU C 256 -1.30 -26.31 16.20
CA LEU C 256 -1.62 -25.35 15.14
C LEU C 256 -0.33 -24.72 14.67
N HIS C 257 -0.03 -24.82 13.38
CA HIS C 257 1.19 -24.26 12.80
C HIS C 257 0.72 -23.36 11.66
N GLY C 258 1.57 -22.42 11.27
CA GLY C 258 1.24 -21.48 10.20
C GLY C 258 1.34 -20.02 10.60
N HIS C 259 0.53 -19.16 9.97
CA HIS C 259 0.54 -17.72 10.25
C HIS C 259 -0.83 -17.05 10.33
N GLU C 260 -1.81 -17.57 9.59
CA GLU C 260 -3.15 -16.91 9.56
C GLU C 260 -3.82 -17.03 10.93
N PRO C 261 -4.23 -15.92 11.58
CA PRO C 261 -4.85 -15.97 12.90
C PRO C 261 -6.35 -16.33 12.96
N LEU C 262 -7.11 -16.16 11.86
CA LEU C 262 -8.54 -16.46 11.88
C LEU C 262 -8.80 -17.95 12.12
N LEU C 263 -8.08 -18.84 11.43
CA LEU C 263 -8.27 -20.28 11.62
C LEU C 263 -7.95 -20.67 13.06
N SER C 264 -6.87 -20.13 13.61
CA SER C 264 -6.48 -20.53 15.00
C SER C 264 -7.48 -19.95 16.00
N GLU C 265 -8.00 -18.73 15.77
CA GLU C 265 -9.02 -18.18 16.67
C GLU C 265 -10.29 -19.04 16.67
N MET C 266 -10.63 -19.67 15.53
CA MET C 266 -11.82 -20.52 15.44
C MET C 266 -11.56 -21.91 16.01
N VAL C 267 -10.33 -22.44 15.89
CA VAL C 267 -10.04 -23.76 16.47
C VAL C 267 -10.04 -23.63 18.01
N VAL C 268 -9.73 -22.43 18.55
CA VAL C 268 -9.76 -22.19 19.99
C VAL C 268 -11.22 -22.23 20.45
N GLU C 269 -12.11 -21.53 19.74
CA GLU C 269 -13.52 -21.51 20.09
C GLU C 269 -14.14 -22.90 19.91
N ALA C 270 -13.73 -23.64 18.87
CA ALA C 270 -14.22 -24.99 18.62
C ALA C 270 -13.85 -25.91 19.78
N ALA C 271 -12.69 -25.69 20.40
CA ALA C 271 -12.23 -26.56 21.52
C ALA C 271 -13.15 -26.40 22.73
N SER C 272 -14.03 -25.39 22.73
CA SER C 272 -14.94 -25.13 23.83
C SER C 272 -16.39 -25.59 23.53
N ASP C 273 -16.62 -26.26 22.39
CA ASP C 273 -17.97 -26.73 22.04
C ASP C 273 -18.25 -27.97 22.89
N PRO C 274 -19.33 -27.97 23.70
CA PRO C 274 -19.62 -29.15 24.53
C PRO C 274 -19.58 -30.51 23.81
N GLU C 275 -20.09 -30.59 22.57
CA GLU C 275 -20.07 -31.85 21.83
C GLU C 275 -18.64 -32.33 21.60
N LEU C 276 -17.74 -31.40 21.30
CA LEU C 276 -16.35 -31.82 20.99
C LEU C 276 -15.61 -32.19 22.28
N VAL C 277 -15.92 -31.50 23.39
CA VAL C 277 -15.26 -31.85 24.64
C VAL C 277 -15.69 -33.28 25.04
N GLU C 278 -16.96 -33.64 24.79
CA GLU C 278 -17.48 -34.98 25.11
C GLU C 278 -16.95 -36.03 24.14
N LEU C 279 -16.74 -35.67 22.87
CA LEU C 279 -16.20 -36.61 21.88
C LEU C 279 -14.77 -37.00 22.30
N ALA C 280 -13.99 -36.06 22.84
CA ALA C 280 -12.62 -36.33 23.30
C ALA C 280 -12.64 -37.38 24.40
N LYS C 281 -13.61 -37.29 25.33
CA LYS C 281 -13.74 -38.25 26.41
C LYS C 281 -14.18 -39.61 25.85
N SER C 282 -15.08 -39.62 24.84
CA SER C 282 -15.55 -40.84 24.19
C SER C 282 -14.40 -41.68 23.63
N VAL C 283 -13.36 -41.00 23.11
CA VAL C 283 -12.19 -41.67 22.55
C VAL C 283 -11.19 -42.15 23.63
N GLY C 284 -11.33 -41.66 24.85
CA GLY C 284 -10.46 -42.06 25.95
C GLY C 284 -9.40 -41.04 26.26
N ALA C 285 -9.72 -39.75 26.12
CA ALA C 285 -8.79 -38.65 26.39
C ALA C 285 -9.27 -37.79 27.55
N ASP C 286 -8.34 -37.13 28.23
CA ASP C 286 -8.66 -36.25 29.36
C ASP C 286 -9.44 -35.04 28.84
N GLY C 287 -8.95 -34.45 27.77
CA GLY C 287 -9.56 -33.28 27.15
C GLY C 287 -8.87 -32.93 25.85
N ILE C 288 -9.02 -31.67 25.40
CA ILE C 288 -8.40 -31.21 24.16
C ILE C 288 -7.25 -30.26 24.49
N ASN C 289 -6.01 -30.70 24.26
CA ASN C 289 -4.82 -29.90 24.52
C ASN C 289 -4.38 -29.17 23.25
N LEU C 290 -4.73 -27.88 23.19
CA LEU C 290 -4.39 -27.04 22.00
C LEU C 290 -2.98 -26.48 22.17
N CYS C 291 -2.15 -26.56 21.14
CA CYS C 291 -0.79 -26.03 21.17
C CYS C 291 -0.53 -25.24 19.90
N GLY C 292 0.43 -24.34 19.97
CA GLY C 292 0.79 -23.50 18.83
C GLY C 292 2.25 -23.60 18.45
N MET C 293 2.56 -23.17 17.23
CA MET C 293 3.96 -23.19 16.76
C MET C 293 4.16 -21.99 15.83
N CYS C 294 5.32 -21.36 15.89
CA CYS C 294 5.63 -20.21 14.99
C CYS C 294 4.60 -19.09 15.19
N CYS C 295 4.40 -18.24 14.19
CA CYS C 295 3.49 -17.08 14.33
C CYS C 295 2.10 -17.52 14.80
N THR C 296 1.41 -18.39 14.06
CA THR C 296 0.02 -18.73 14.45
C THR C 296 -0.01 -19.09 15.96
N GLY C 297 1.08 -19.62 16.50
CA GLY C 297 1.08 -19.95 17.92
C GLY C 297 1.23 -18.71 18.78
N ASN C 298 2.07 -17.76 18.32
CA ASN C 298 2.28 -16.50 19.03
C ASN C 298 0.98 -15.70 19.07
N GLU C 299 0.27 -15.62 17.94
CA GLU C 299 -0.99 -14.88 17.85
C GLU C 299 -2.05 -15.42 18.82
N VAL C 300 -1.96 -16.70 19.21
CA VAL C 300 -2.99 -17.30 20.12
C VAL C 300 -2.47 -17.25 21.56
N SER C 301 -1.17 -17.37 21.78
CA SER C 301 -0.60 -17.25 23.13
C SER C 301 -0.67 -15.82 23.63
N MET C 302 -0.63 -14.84 22.72
CA MET C 302 -0.70 -13.43 23.09
C MET C 302 -2.11 -13.04 23.56
N ARG C 303 -3.14 -13.54 22.86
CA ARG C 303 -4.54 -13.20 23.17
C ARG C 303 -5.26 -14.18 24.10
N HIS C 304 -4.96 -15.47 24.03
CA HIS C 304 -5.66 -16.46 24.86
C HIS C 304 -4.76 -17.34 25.73
N GLY C 305 -3.49 -17.02 25.82
CA GLY C 305 -2.55 -17.78 26.64
C GLY C 305 -2.38 -19.24 26.26
N ILE C 306 -2.67 -19.59 24.99
CA ILE C 306 -2.50 -20.97 24.54
C ILE C 306 -1.02 -21.34 24.63
N LYS C 307 -0.73 -22.56 25.07
CA LYS C 307 0.66 -22.98 25.25
C LYS C 307 1.40 -23.11 23.91
N ILE C 308 2.72 -22.79 23.90
CA ILE C 308 3.55 -22.84 22.69
C ILE C 308 4.36 -24.13 22.66
N ALA C 309 4.20 -24.92 21.61
CA ALA C 309 4.93 -26.18 21.48
C ALA C 309 6.39 -25.93 21.10
N GLY C 310 6.64 -24.98 20.20
CA GLY C 310 8.00 -24.69 19.76
C GLY C 310 8.07 -23.78 18.55
N ASN C 311 9.30 -23.44 18.15
CA ASN C 311 9.55 -22.55 17.02
C ASN C 311 9.88 -23.30 15.72
N PHE C 312 10.13 -22.55 14.64
CA PHE C 312 10.40 -23.06 13.29
C PHE C 312 11.09 -24.46 13.19
N MET C 313 12.37 -24.61 13.58
CA MET C 313 13.04 -25.90 13.42
C MET C 313 12.55 -27.01 14.37
N GLN C 314 11.62 -26.72 15.27
CA GLN C 314 11.09 -27.72 16.18
C GLN C 314 9.83 -28.38 15.60
N GLN C 315 9.26 -27.82 14.51
CA GLN C 315 8.03 -28.36 13.91
C GLN C 315 8.11 -29.84 13.54
N GLU C 316 9.26 -30.33 13.07
CA GLU C 316 9.40 -31.79 12.74
C GLU C 316 9.46 -32.60 14.04
N LEU C 317 10.26 -32.16 15.02
CA LEU C 317 10.41 -32.91 16.25
C LEU C 317 9.11 -33.00 17.05
N ALA C 318 8.15 -32.10 16.80
CA ALA C 318 6.86 -32.15 17.49
C ALA C 318 6.13 -33.43 17.07
N VAL C 319 6.20 -33.79 15.78
CA VAL C 319 5.58 -35.01 15.25
C VAL C 319 6.31 -36.25 15.79
N VAL C 320 7.65 -36.17 15.92
CA VAL C 320 8.49 -37.26 16.42
C VAL C 320 8.06 -37.68 17.84
N THR C 321 7.46 -36.76 18.65
CA THR C 321 6.99 -37.15 19.99
C THR C 321 5.95 -38.28 19.91
N GLY C 322 5.30 -38.42 18.75
CA GLY C 322 4.28 -39.44 18.55
C GLY C 322 2.98 -39.14 19.27
N ALA C 323 2.84 -37.91 19.81
CA ALA C 323 1.66 -37.49 20.54
C ALA C 323 0.79 -36.48 19.78
N VAL C 324 1.24 -35.98 18.61
CA VAL C 324 0.45 -35.04 17.84
C VAL C 324 -0.59 -35.82 17.07
N ASP C 325 -1.86 -35.68 17.45
CA ASP C 325 -2.95 -36.39 16.79
C ASP C 325 -3.33 -35.64 15.50
N GLY C 326 -3.43 -34.33 15.60
CA GLY C 326 -3.75 -33.47 14.46
C GLY C 326 -2.80 -32.29 14.37
N LEU C 327 -2.22 -32.08 13.17
CA LEU C 327 -1.31 -30.97 12.90
C LEU C 327 -1.95 -30.11 11.82
N ILE C 328 -2.72 -29.09 12.24
CA ILE C 328 -3.43 -28.22 11.31
C ILE C 328 -2.54 -27.06 10.88
N VAL C 329 -2.31 -26.95 9.57
CA VAL C 329 -1.42 -25.89 9.03
C VAL C 329 -2.19 -24.98 8.06
N ASP C 330 -1.76 -23.73 7.93
CA ASP C 330 -2.42 -22.76 7.02
C ASP C 330 -1.35 -22.33 6.02
N VAL C 331 -0.56 -21.29 6.29
CA VAL C 331 0.43 -20.83 5.27
C VAL C 331 1.77 -20.35 5.85
N GLN C 332 2.82 -20.35 5.04
CA GLN C 332 4.17 -19.85 5.39
C GLN C 332 4.89 -20.62 6.50
N CYS C 333 6.19 -20.87 6.28
CA CYS C 333 7.11 -21.54 7.20
C CYS C 333 6.71 -22.98 7.60
N ILE C 334 5.86 -23.64 6.80
CA ILE C 334 5.45 -25.03 7.02
C ILE C 334 6.35 -25.90 6.12
N MET C 335 7.33 -26.57 6.72
CA MET C 335 8.27 -27.42 5.97
C MET C 335 7.53 -28.52 5.21
N PRO C 336 7.65 -28.61 3.88
CA PRO C 336 6.94 -29.70 3.17
C PRO C 336 7.30 -31.11 3.64
N ALA C 337 8.39 -31.28 4.39
CA ALA C 337 8.79 -32.59 4.90
C ALA C 337 7.74 -33.19 5.83
N LEU C 338 6.91 -32.35 6.46
CA LEU C 338 5.88 -32.80 7.40
C LEU C 338 4.90 -33.79 6.75
N ALA C 339 4.73 -33.75 5.43
CA ALA C 339 3.83 -34.68 4.75
C ALA C 339 4.44 -36.09 4.76
N LYS C 340 5.76 -36.19 4.46
CA LYS C 340 6.48 -37.47 4.45
C LYS C 340 6.71 -37.98 5.88
N LEU C 341 7.02 -37.06 6.79
CA LEU C 341 7.26 -37.41 8.20
C LEU C 341 5.99 -37.97 8.84
N SER C 342 4.84 -37.29 8.68
CA SER C 342 3.59 -37.75 9.28
C SER C 342 3.18 -39.15 8.84
N LYS C 343 3.79 -39.70 7.78
CA LYS C 343 3.47 -41.04 7.32
C LYS C 343 4.04 -42.09 8.28
N SER C 344 5.21 -41.83 8.89
CA SER C 344 5.82 -42.75 9.84
C SER C 344 5.14 -42.75 11.22
N TYR C 345 4.16 -41.86 11.44
CA TYR C 345 3.44 -41.77 12.70
C TYR C 345 1.92 -41.73 12.42
N HIS C 346 1.12 -41.75 13.47
CA HIS C 346 -0.36 -41.69 13.32
C HIS C 346 -0.80 -40.24 13.12
N THR C 347 0.14 -39.30 13.21
CA THR C 347 -0.21 -37.85 13.11
C THR C 347 -0.97 -37.57 11.81
N LYS C 348 -1.98 -36.70 11.85
CA LYS C 348 -2.74 -36.33 10.62
C LYS C 348 -2.33 -34.92 10.18
N PHE C 349 -1.64 -34.81 9.04
CA PHE C 349 -1.19 -33.49 8.53
C PHE C 349 -2.33 -32.87 7.72
N ILE C 350 -3.01 -31.87 8.27
CA ILE C 350 -4.20 -31.29 7.58
C ILE C 350 -3.87 -29.91 7.02
N THR C 351 -3.87 -29.75 5.69
CA THR C 351 -3.63 -28.43 5.07
C THR C 351 -4.98 -27.73 4.89
N THR C 352 -5.07 -26.42 5.07
CA THR C 352 -6.40 -25.76 5.05
C THR C 352 -6.47 -24.59 4.05
N SER C 353 -5.34 -23.97 3.70
CA SER C 353 -5.39 -22.80 2.84
C SER C 353 -5.16 -23.16 1.37
N PRO C 354 -6.01 -22.68 0.42
CA PRO C 354 -5.75 -22.99 -0.99
C PRO C 354 -4.46 -22.32 -1.51
N LYS C 355 -3.83 -21.44 -0.70
CA LYS C 355 -2.59 -20.76 -1.03
C LYS C 355 -1.42 -21.71 -0.81
N ALA C 356 -1.51 -22.58 0.20
CA ALA C 356 -0.45 -23.53 0.52
C ALA C 356 -0.96 -24.97 0.50
N HIS C 357 -0.90 -25.61 -0.67
CA HIS C 357 -1.33 -27.00 -0.83
C HIS C 357 -0.08 -27.86 -0.73
N ILE C 358 -0.06 -28.88 0.12
CA ILE C 358 1.10 -29.76 0.24
C ILE C 358 0.69 -31.16 -0.21
N THR C 359 1.46 -31.73 -1.15
CA THR C 359 1.16 -33.06 -1.68
C THR C 359 1.19 -34.12 -0.58
N ASP C 360 0.33 -35.15 -0.69
CA ASP C 360 0.22 -36.24 0.29
C ASP C 360 -0.12 -35.74 1.69
N SER C 361 -1.11 -34.85 1.77
CA SER C 361 -1.56 -34.30 3.04
C SER C 361 -3.08 -34.22 3.01
N ILE C 362 -3.72 -34.34 4.17
CA ILE C 362 -5.17 -34.27 4.24
C ILE C 362 -5.52 -32.82 3.97
N TYR C 363 -6.39 -32.53 2.99
CA TYR C 363 -6.74 -31.15 2.69
C TYR C 363 -8.18 -30.86 3.11
N MET C 364 -8.35 -30.01 4.12
CA MET C 364 -9.67 -29.60 4.58
C MET C 364 -9.69 -28.09 4.47
N GLU C 365 -10.20 -27.57 3.35
CA GLU C 365 -10.26 -26.12 3.13
C GLU C 365 -11.02 -25.41 4.24
N PHE C 366 -10.51 -24.26 4.70
CA PHE C 366 -11.16 -23.50 5.75
C PHE C 366 -12.22 -22.59 5.12
N ASP C 367 -13.51 -22.93 5.28
CA ASP C 367 -14.59 -22.13 4.70
C ASP C 367 -14.69 -20.81 5.45
N GLU C 368 -14.35 -19.70 4.79
CA GLU C 368 -14.38 -18.37 5.45
C GLU C 368 -15.83 -17.89 5.59
N GLU C 369 -16.76 -18.49 4.84
CA GLU C 369 -18.18 -18.11 4.94
C GLU C 369 -18.74 -18.63 6.27
N ASN C 370 -18.46 -19.90 6.61
CA ASN C 370 -18.89 -20.53 7.87
C ASN C 370 -17.59 -20.90 8.60
N PRO C 371 -16.90 -19.92 9.22
CA PRO C 371 -15.60 -20.23 9.85
C PRO C 371 -15.63 -21.16 11.06
N LEU C 372 -16.54 -20.91 12.02
CA LEU C 372 -16.61 -21.73 13.22
C LEU C 372 -17.01 -23.17 12.88
N ASP C 373 -17.97 -23.35 11.97
CA ASP C 373 -18.40 -24.69 11.57
C ASP C 373 -17.25 -25.42 10.87
N SER C 374 -16.51 -24.71 10.01
CA SER C 374 -15.37 -25.29 9.30
C SER C 374 -14.28 -25.72 10.29
N ALA C 375 -14.03 -24.88 11.32
CA ALA C 375 -13.03 -25.18 12.33
C ALA C 375 -13.41 -26.40 13.15
N LYS C 376 -14.70 -26.56 13.46
CA LYS C 376 -15.18 -27.71 14.23
C LYS C 376 -15.00 -29.00 13.42
N LYS C 377 -15.20 -28.96 12.09
CA LYS C 377 -15.05 -30.15 11.25
C LYS C 377 -13.61 -30.64 11.23
N ILE C 378 -12.65 -29.70 11.23
CA ILE C 378 -11.23 -30.06 11.20
C ILE C 378 -10.80 -30.57 12.57
N LEU C 379 -11.22 -29.87 13.64
CA LEU C 379 -10.87 -30.29 15.00
C LEU C 379 -11.45 -31.67 15.34
N LYS C 380 -12.64 -31.99 14.81
CA LYS C 380 -13.27 -33.29 15.05
C LYS C 380 -12.39 -34.42 14.49
N GLU C 381 -11.78 -34.19 13.32
CA GLU C 381 -10.92 -35.20 12.69
C GLU C 381 -9.67 -35.47 13.51
N ALA C 382 -9.13 -34.44 14.17
CA ALA C 382 -7.95 -34.59 15.01
C ALA C 382 -8.29 -35.39 16.27
N ILE C 383 -9.49 -35.14 16.84
CA ILE C 383 -9.98 -35.83 18.04
C ILE C 383 -10.15 -37.31 17.74
N LEU C 384 -10.84 -37.64 16.65
CA LEU C 384 -11.07 -39.03 16.27
C LEU C 384 -9.76 -39.76 15.98
N ASN C 385 -8.72 -39.04 15.54
CA ASN C 385 -7.43 -39.68 15.26
C ASN C 385 -6.73 -40.17 16.53
N PHE C 386 -7.10 -39.66 17.71
CA PHE C 386 -6.48 -40.13 18.96
C PHE C 386 -6.66 -41.66 19.12
N LYS C 387 -7.67 -42.25 18.45
CA LYS C 387 -7.93 -43.69 18.46
C LYS C 387 -6.75 -44.49 17.91
N ASN C 388 -5.95 -43.88 17.01
CA ASN C 388 -4.79 -44.54 16.39
C ASN C 388 -3.46 -44.21 17.09
N ARG C 389 -3.50 -43.61 18.28
CA ARG C 389 -2.28 -43.27 19.01
C ARG C 389 -1.61 -44.55 19.53
N ASP C 390 -0.29 -44.68 19.34
CA ASP C 390 0.47 -45.83 19.85
C ASP C 390 1.16 -45.34 21.13
N GLN C 391 0.42 -45.33 22.23
CA GLN C 391 0.91 -44.84 23.53
C GLN C 391 2.26 -45.42 23.98
N SER C 392 2.61 -46.65 23.56
CA SER C 392 3.88 -47.26 23.95
C SER C 392 5.07 -46.53 23.32
N LYS C 393 4.91 -46.02 22.09
CA LYS C 393 5.99 -45.33 21.39
C LYS C 393 5.94 -43.79 21.55
N VAL C 394 5.07 -43.26 22.43
CA VAL C 394 4.97 -41.82 22.66
C VAL C 394 6.12 -41.39 23.57
N MET C 395 6.74 -40.24 23.30
CA MET C 395 7.84 -39.75 24.11
C MET C 395 7.86 -38.23 24.09
N ILE C 396 7.18 -37.61 25.06
CA ILE C 396 7.15 -36.15 25.18
C ILE C 396 8.18 -35.76 26.23
N PRO C 397 9.32 -35.12 25.87
CA PRO C 397 10.30 -34.75 26.91
C PRO C 397 9.67 -33.92 28.03
N GLU C 398 9.91 -34.27 29.31
CA GLU C 398 9.34 -33.52 30.42
C GLU C 398 10.18 -32.26 30.60
N LEU C 399 10.02 -31.31 29.66
CA LEU C 399 10.77 -30.06 29.68
C LEU C 399 9.91 -28.93 29.11
N LYS C 400 9.38 -28.09 30.01
CA LYS C 400 8.55 -26.95 29.65
C LYS C 400 9.03 -25.74 30.45
N CYS C 401 8.64 -24.53 30.05
CA CYS C 401 9.07 -23.32 30.73
C CYS C 401 7.96 -22.28 30.77
N LYS C 402 7.85 -21.52 31.86
CA LYS C 402 6.80 -20.50 31.97
C LYS C 402 7.20 -19.24 31.21
N ALA C 403 6.22 -18.43 30.78
CA ALA C 403 6.50 -17.21 30.05
C ALA C 403 5.36 -16.20 30.13
N ILE C 404 5.72 -14.92 30.01
CA ILE C 404 4.69 -13.83 30.06
C ILE C 404 4.76 -13.08 28.73
N LEU C 405 3.61 -12.88 28.09
CA LEU C 405 3.56 -12.18 26.79
C LEU C 405 2.30 -11.32 26.74
N GLY C 406 1.96 -10.78 25.57
CA GLY C 406 0.80 -9.87 25.47
C GLY C 406 1.26 -8.44 25.58
N TYR C 407 2.56 -8.21 25.41
CA TYR C 407 3.12 -6.88 25.53
C TYR C 407 2.95 -6.06 24.26
N SER C 408 1.71 -5.61 24.02
CA SER C 408 1.40 -4.76 22.89
C SER C 408 1.74 -3.32 23.29
N VAL C 409 1.67 -2.35 22.35
CA VAL C 409 1.99 -0.97 22.68
C VAL C 409 1.01 -0.44 23.73
N GLU C 410 -0.28 -0.79 23.59
CA GLU C 410 -1.31 -0.38 24.54
C GLU C 410 -1.00 -0.94 25.93
N GLU C 411 -0.60 -2.21 25.99
CA GLU C 411 -0.27 -2.86 27.27
C GLU C 411 0.98 -2.28 27.89
N ILE C 412 2.03 -2.03 27.08
CA ILE C 412 3.27 -1.47 27.61
C ILE C 412 2.98 -0.09 28.20
N ILE C 413 2.18 0.74 27.50
CA ILE C 413 1.82 2.07 28.00
C ILE C 413 1.07 1.95 29.34
N ASN C 414 0.11 1.00 29.42
CA ASN C 414 -0.66 0.78 30.65
C ASN C 414 0.28 0.42 31.82
N LYS C 415 1.28 -0.44 31.58
CA LYS C 415 2.23 -0.84 32.62
C LYS C 415 3.16 0.31 33.00
N LEU C 416 3.55 1.14 32.03
CA LEU C 416 4.42 2.27 32.31
C LEU C 416 3.68 3.33 33.16
N ASP C 417 2.34 3.36 33.11
CA ASP C 417 1.55 4.33 33.90
C ASP C 417 1.76 4.12 35.41
N LYS C 418 2.15 2.91 35.83
CA LYS C 418 2.39 2.58 37.23
C LYS C 418 3.53 3.43 37.81
N VAL C 419 4.51 3.80 36.98
CA VAL C 419 5.64 4.61 37.45
C VAL C 419 5.44 6.12 37.14
N VAL C 420 4.18 6.53 36.94
CA VAL C 420 3.88 7.96 36.65
C VAL C 420 3.25 8.60 37.90
N ASN C 421 3.74 9.79 38.29
CA ASN C 421 3.15 10.51 39.46
C ASN C 421 1.83 11.14 39.03
N THR C 422 0.78 10.98 39.84
CA THR C 422 -0.57 11.49 39.47
C THR C 422 -0.58 13.02 39.43
N GLN C 423 0.17 13.67 40.33
CA GLN C 423 0.13 15.16 40.43
C GLN C 423 1.01 15.82 39.37
N ILE C 424 1.88 15.05 38.73
CA ILE C 424 2.87 15.67 37.80
C ILE C 424 2.76 15.04 36.42
N GLY C 425 3.37 13.86 36.27
CA GLY C 425 3.42 13.19 34.95
C GLY C 425 2.11 13.06 34.20
N PRO C 426 2.11 13.08 32.86
CA PRO C 426 0.90 12.86 32.06
C PRO C 426 0.63 11.35 31.97
N MET C 427 -0.57 10.95 31.51
CA MET C 427 -0.90 9.50 31.54
C MET C 427 -1.12 8.93 30.14
N GLN C 428 -1.03 7.60 30.00
CA GLN C 428 -1.24 6.91 28.74
C GLN C 428 -0.34 7.43 27.61
N THR C 429 0.93 7.67 27.91
CA THR C 429 1.92 8.12 26.93
C THR C 429 3.19 7.28 27.13
N VAL C 430 4.09 7.29 26.16
CA VAL C 430 5.35 6.53 26.28
C VAL C 430 6.40 7.33 27.06
N LYS C 431 6.04 8.47 27.69
CA LYS C 431 7.01 9.29 28.39
C LYS C 431 7.91 8.52 29.37
N PRO C 432 7.40 7.66 30.26
CA PRO C 432 8.31 6.94 31.18
C PRO C 432 9.42 6.20 30.45
N LEU C 433 9.14 5.62 29.27
CA LEU C 433 10.17 4.92 28.51
C LEU C 433 11.15 5.92 27.92
N ALA C 434 10.63 7.02 27.35
CA ALA C 434 11.48 8.07 26.77
C ALA C 434 12.39 8.68 27.83
N ASP C 435 11.85 8.92 29.05
CA ASP C 435 12.58 9.50 30.17
C ASP C 435 13.75 8.62 30.61
N VAL C 436 13.52 7.30 30.70
CA VAL C 436 14.55 6.34 31.12
C VAL C 436 15.67 6.26 30.06
N LEU C 437 15.33 6.41 28.77
CA LEU C 437 16.32 6.34 27.69
C LEU C 437 17.19 7.59 27.64
N VAL C 438 16.59 8.76 27.77
CA VAL C 438 17.34 10.04 27.71
C VAL C 438 18.26 10.14 28.93
N SER C 439 17.77 9.76 30.11
CA SER C 439 18.54 9.86 31.34
C SER C 439 19.81 9.01 31.26
N GLY C 440 19.69 7.83 30.65
CA GLY C 440 20.82 6.93 30.50
C GLY C 440 20.72 5.69 31.37
N VAL C 441 19.63 5.55 32.15
CA VAL C 441 19.42 4.38 33.02
C VAL C 441 19.40 3.15 32.11
N LEU C 442 18.66 3.23 30.99
CA LEU C 442 18.61 2.18 29.97
C LEU C 442 19.49 2.70 28.85
N ARG C 443 20.55 1.96 28.52
CA ARG C 443 21.46 2.35 27.45
C ARG C 443 20.73 2.47 26.10
N GLY C 444 19.71 1.64 25.90
CA GLY C 444 18.92 1.68 24.67
C GLY C 444 17.85 0.61 24.62
N ALA C 445 17.22 0.46 23.46
CA ALA C 445 16.17 -0.55 23.27
C ALA C 445 16.46 -1.31 21.99
N ALA C 446 16.55 -2.64 22.07
CA ALA C 446 16.83 -3.50 20.92
C ALA C 446 15.65 -4.42 20.64
N ALA C 447 15.49 -4.82 19.37
CA ALA C 447 14.41 -5.72 18.95
C ALA C 447 15.03 -6.96 18.34
N VAL C 448 15.04 -8.08 19.08
CA VAL C 448 15.58 -9.33 18.55
C VAL C 448 14.44 -10.13 17.93
N VAL C 449 14.44 -10.20 16.60
CA VAL C 449 13.38 -10.95 15.88
C VAL C 449 14.13 -11.93 14.97
N GLY C 450 13.42 -12.83 14.30
CA GLY C 450 14.14 -13.73 13.36
C GLY C 450 13.67 -15.17 13.36
N CYS C 451 14.29 -16.02 12.52
CA CYS C 451 13.86 -17.43 12.37
C CYS C 451 14.89 -18.41 12.92
N ASN C 452 14.91 -19.63 12.39
CA ASN C 452 15.90 -20.65 12.81
C ASN C 452 16.61 -21.12 11.54
N ASN C 453 17.94 -21.19 11.55
CA ASN C 453 18.67 -21.56 10.35
C ASN C 453 19.68 -22.67 10.66
N PRO C 454 19.75 -23.78 9.89
CA PRO C 454 20.74 -24.82 10.21
C PRO C 454 22.20 -24.38 10.10
N LYS C 455 22.44 -23.16 9.63
CA LYS C 455 23.81 -22.63 9.55
C LYS C 455 24.26 -22.15 10.96
N VAL C 456 23.28 -21.93 11.87
CA VAL C 456 23.47 -21.50 13.25
C VAL C 456 22.93 -22.59 14.19
N VAL C 457 23.59 -22.79 15.33
CA VAL C 457 23.05 -23.76 16.34
C VAL C 457 21.66 -23.24 16.75
N GLN C 458 20.65 -24.11 16.76
CA GLN C 458 19.26 -23.64 17.04
C GLN C 458 19.20 -22.84 18.34
N ASP C 459 18.68 -21.61 18.28
CA ASP C 459 18.47 -20.78 19.50
C ASP C 459 19.78 -20.25 20.07
N SER C 460 20.93 -20.79 19.66
CA SER C 460 22.19 -20.35 20.24
C SER C 460 22.38 -18.84 20.11
N ALA C 461 22.34 -18.32 18.87
CA ALA C 461 22.53 -16.89 18.64
C ALA C 461 21.42 -16.05 19.23
N HIS C 462 20.17 -16.56 19.27
CA HIS C 462 19.05 -15.82 19.83
C HIS C 462 19.26 -15.55 21.33
N ILE C 463 19.60 -16.60 22.09
CA ILE C 463 19.80 -16.46 23.53
C ILE C 463 21.07 -15.66 23.84
N GLU C 464 22.18 -15.99 23.17
CA GLU C 464 23.45 -15.25 23.41
C GLU C 464 23.25 -13.76 23.12
N THR C 465 22.51 -13.44 22.06
CA THR C 465 22.29 -12.04 21.67
C THR C 465 21.41 -11.35 22.70
N ILE C 466 20.24 -11.94 23.03
CA ILE C 466 19.33 -11.33 24.00
C ILE C 466 20.04 -11.15 25.34
N LYS C 467 20.70 -12.20 25.83
CA LYS C 467 21.42 -12.17 27.10
C LYS C 467 22.41 -11.00 27.18
N GLY C 468 23.25 -10.87 26.17
CA GLY C 468 24.27 -9.82 26.13
C GLY C 468 23.70 -8.42 26.10
N LEU C 469 22.56 -8.24 25.44
CA LEU C 469 21.95 -6.91 25.35
C LEU C 469 21.31 -6.54 26.70
N ILE C 470 20.52 -7.44 27.31
CA ILE C 470 19.89 -7.13 28.60
C ILE C 470 20.96 -6.92 29.69
N LYS C 471 22.09 -7.63 29.62
CA LYS C 471 23.17 -7.47 30.60
C LYS C 471 23.76 -6.05 30.50
N ASN C 472 23.78 -5.46 29.28
CA ASN C 472 24.31 -4.12 29.07
C ASN C 472 23.24 -3.03 29.19
N ASP C 473 22.17 -3.27 29.98
CA ASP C 473 21.10 -2.32 30.21
C ASP C 473 20.36 -1.91 28.94
N VAL C 474 20.11 -2.86 28.04
CA VAL C 474 19.38 -2.59 26.80
C VAL C 474 18.10 -3.40 26.87
N ILE C 475 16.94 -2.74 27.03
CA ILE C 475 15.67 -3.46 27.09
C ILE C 475 15.45 -4.15 25.75
N VAL C 476 15.11 -5.44 25.76
CA VAL C 476 14.93 -6.20 24.53
C VAL C 476 13.47 -6.58 24.29
N VAL C 477 12.98 -6.34 23.07
CA VAL C 477 11.62 -6.69 22.66
C VAL C 477 11.78 -7.80 21.63
N VAL C 478 10.93 -8.83 21.68
CA VAL C 478 11.06 -9.97 20.77
C VAL C 478 9.76 -10.32 20.09
N THR C 479 9.89 -10.95 18.91
CA THR C 479 8.70 -11.40 18.13
C THR C 479 9.07 -12.67 17.35
N GLY C 480 8.08 -13.42 16.87
CA GLY C 480 8.27 -14.65 16.10
C GLY C 480 9.05 -15.75 16.78
N CYS C 481 9.85 -16.49 16.01
CA CYS C 481 10.64 -17.59 16.53
C CYS C 481 11.69 -17.14 17.52
N ALA C 482 12.18 -15.89 17.41
CA ALA C 482 13.17 -15.38 18.36
C ALA C 482 12.50 -15.27 19.74
N ALA C 483 11.25 -14.76 19.79
CA ALA C 483 10.51 -14.62 21.03
C ALA C 483 10.26 -15.99 21.64
N GLN C 484 9.92 -16.96 20.82
CA GLN C 484 9.68 -18.31 21.29
C GLN C 484 10.98 -18.89 21.85
N ALA C 485 12.11 -18.70 21.15
CA ALA C 485 13.40 -19.18 21.62
C ALA C 485 13.68 -18.73 23.07
N ALA C 486 13.37 -17.44 23.36
CA ALA C 486 13.53 -16.84 24.68
C ALA C 486 12.54 -17.48 25.66
N ALA C 487 11.28 -17.66 25.25
CA ALA C 487 10.24 -18.28 26.09
C ALA C 487 10.66 -19.70 26.53
N LYS C 488 11.31 -20.45 25.63
CA LYS C 488 11.76 -21.82 25.91
C LYS C 488 12.92 -21.83 26.91
N TYR C 489 13.80 -20.84 26.82
CA TYR C 489 14.95 -20.73 27.70
C TYR C 489 14.56 -20.26 29.09
N GLY C 490 13.59 -19.35 29.15
CA GLY C 490 13.10 -18.80 30.41
C GLY C 490 13.41 -17.35 30.63
N LEU C 491 13.72 -16.60 29.56
CA LEU C 491 14.02 -15.18 29.69
C LEU C 491 12.74 -14.34 29.81
N LEU C 492 11.59 -14.88 29.37
CA LEU C 492 10.32 -14.16 29.46
C LEU C 492 9.65 -14.39 30.81
N GLN C 493 10.39 -14.11 31.88
CA GLN C 493 9.92 -14.25 33.26
C GLN C 493 10.31 -13.03 34.05
N LYS C 494 9.54 -12.70 35.09
CA LYS C 494 9.83 -11.53 35.92
C LYS C 494 11.18 -11.73 36.63
N GLU C 495 11.45 -12.98 37.07
CA GLU C 495 12.69 -13.32 37.77
C GLU C 495 13.95 -13.33 36.90
N ALA C 496 13.80 -13.20 35.57
CA ALA C 496 14.96 -13.16 34.68
C ALA C 496 15.70 -11.82 34.79
N ALA C 497 15.06 -10.78 35.37
CA ALA C 497 15.70 -9.48 35.53
C ALA C 497 16.87 -9.58 36.52
N GLU C 498 16.65 -10.13 37.72
CA GLU C 498 17.75 -10.27 38.69
C GLU C 498 18.82 -11.23 38.16
N LYS C 499 18.39 -12.30 37.50
CA LYS C 499 19.29 -13.32 36.99
C LYS C 499 20.18 -12.87 35.83
N TYR C 500 19.65 -12.05 34.89
CA TYR C 500 20.44 -11.65 33.72
C TYR C 500 20.53 -10.15 33.42
N ALA C 501 19.53 -9.35 33.81
CA ALA C 501 19.55 -7.91 33.50
C ALA C 501 20.64 -7.13 34.22
N GLY C 502 21.08 -6.05 33.59
CA GLY C 502 22.12 -5.17 34.13
C GLY C 502 21.60 -4.32 35.28
N PRO C 503 22.40 -3.37 35.78
CA PRO C 503 21.95 -2.56 36.92
C PRO C 503 20.71 -1.69 36.65
N GLY C 504 20.73 -0.96 35.56
CA GLY C 504 19.63 -0.07 35.18
C GLY C 504 18.37 -0.81 34.75
N LEU C 505 18.52 -1.78 33.84
CA LEU C 505 17.38 -2.55 33.35
C LEU C 505 16.71 -3.32 34.47
N ALA C 506 17.49 -3.88 35.42
CA ALA C 506 16.89 -4.61 36.54
C ALA C 506 16.04 -3.66 37.40
N THR C 507 16.49 -2.41 37.55
CA THR C 507 15.76 -1.41 38.32
C THR C 507 14.45 -1.08 37.62
N VAL C 508 14.49 -0.84 36.30
CA VAL C 508 13.29 -0.53 35.51
C VAL C 508 12.33 -1.71 35.51
N CYS C 509 12.85 -2.94 35.41
CA CYS C 509 12.02 -4.14 35.44
C CYS C 509 11.26 -4.24 36.76
N LYS C 510 11.94 -3.92 37.87
CA LYS C 510 11.33 -3.99 39.18
C LYS C 510 10.27 -2.91 39.35
N LEU C 511 10.57 -1.67 38.92
CA LEU C 511 9.64 -0.54 39.05
C LEU C 511 8.38 -0.73 38.19
N VAL C 512 8.56 -1.07 36.91
CA VAL C 512 7.44 -1.26 35.98
C VAL C 512 6.78 -2.65 36.13
N ASP C 513 7.45 -3.59 36.82
CA ASP C 513 6.95 -4.94 37.05
C ASP C 513 6.78 -5.68 35.72
N ILE C 514 7.91 -5.97 35.06
CA ILE C 514 7.92 -6.64 33.76
C ILE C 514 9.18 -7.50 33.64
N PRO C 515 9.22 -8.48 32.69
CA PRO C 515 10.47 -9.23 32.51
C PRO C 515 11.50 -8.38 31.75
N PRO C 516 12.78 -8.78 31.65
CA PRO C 516 13.74 -7.96 30.89
C PRO C 516 13.55 -8.07 29.37
N VAL C 517 12.82 -9.10 28.91
CA VAL C 517 12.53 -9.34 27.49
C VAL C 517 11.02 -9.22 27.32
N LEU C 518 10.55 -8.43 26.36
CA LEU C 518 9.11 -8.23 26.16
C LEU C 518 8.62 -8.88 24.87
N HIS C 519 7.73 -9.87 24.98
CA HIS C 519 7.19 -10.54 23.80
C HIS C 519 6.10 -9.65 23.22
N MET C 520 6.35 -9.12 22.01
CA MET C 520 5.39 -8.15 21.43
C MET C 520 4.47 -8.83 20.41
N GLY C 521 4.69 -10.12 20.13
CA GLY C 521 3.76 -10.85 19.25
C GLY C 521 4.44 -11.56 18.10
N SER C 522 3.71 -11.71 16.99
CA SER C 522 4.21 -12.43 15.79
C SER C 522 5.12 -11.52 14.98
N CYS C 523 5.63 -12.01 13.84
CA CYS C 523 6.48 -11.17 12.96
C CYS C 523 5.62 -10.03 12.38
N VAL C 524 4.36 -10.32 12.04
CA VAL C 524 3.45 -9.21 11.59
C VAL C 524 3.37 -8.20 12.73
N ASP C 525 3.44 -8.68 13.97
CA ASP C 525 3.39 -7.78 15.13
C ASP C 525 4.69 -6.96 15.31
N ILE C 526 5.67 -7.08 14.39
CA ILE C 526 6.88 -6.25 14.44
C ILE C 526 6.45 -4.78 14.18
N SER C 527 5.25 -4.58 13.58
CA SER C 527 4.69 -3.26 13.34
C SER C 527 4.47 -2.56 14.69
N ARG C 528 4.25 -3.33 15.79
CA ARG C 528 4.09 -2.78 17.13
C ARG C 528 5.42 -2.15 17.57
N ILE C 529 6.55 -2.77 17.20
CA ILE C 529 7.88 -2.27 17.53
C ILE C 529 8.07 -0.95 16.78
N LEU C 530 7.71 -0.89 15.49
CA LEU C 530 7.81 0.36 14.73
C LEU C 530 6.93 1.42 15.41
N ASP C 531 5.73 1.03 15.84
CA ASP C 531 4.78 1.92 16.50
C ASP C 531 5.35 2.46 17.81
N LEU C 532 5.99 1.60 18.61
CA LEU C 532 6.57 2.01 19.88
C LEU C 532 7.74 2.97 19.62
N VAL C 533 8.71 2.57 18.78
CA VAL C 533 9.86 3.41 18.47
C VAL C 533 9.42 4.75 17.85
N GLY C 534 8.31 4.74 17.12
CA GLY C 534 7.79 5.95 16.50
C GLY C 534 7.23 6.93 17.52
N ARG C 535 6.47 6.41 18.49
CA ARG C 535 5.88 7.25 19.55
C ARG C 535 6.98 7.91 20.38
N VAL C 536 8.05 7.17 20.70
CA VAL C 536 9.18 7.69 21.46
C VAL C 536 9.84 8.82 20.66
N ALA C 537 10.03 8.60 19.35
CA ALA C 537 10.64 9.62 18.49
C ALA C 537 9.75 10.87 18.45
N ASN C 538 8.44 10.70 18.19
CA ASN C 538 7.52 11.83 18.13
C ASN C 538 7.43 12.59 19.44
N LEU C 539 7.41 11.88 20.56
CA LEU C 539 7.34 12.50 21.88
C LEU C 539 8.58 13.34 22.17
N LEU C 540 9.76 12.90 21.69
CA LEU C 540 11.00 13.64 21.90
C LEU C 540 11.27 14.68 20.79
N GLY C 541 10.41 14.74 19.78
CA GLY C 541 10.55 15.68 18.67
C GLY C 541 11.72 15.40 17.74
N VAL C 542 12.10 14.13 17.64
CA VAL C 542 13.24 13.72 16.80
C VAL C 542 12.78 12.66 15.78
N ASP C 543 13.70 12.23 14.89
CA ASP C 543 13.42 11.18 13.90
C ASP C 543 13.79 9.83 14.54
N MET C 544 13.31 8.72 13.97
CA MET C 544 13.62 7.39 14.52
C MET C 544 15.10 7.03 14.44
N SER C 545 15.83 7.66 13.50
CA SER C 545 17.26 7.41 13.35
C SER C 545 18.09 8.06 14.48
N ASP C 546 17.52 9.03 15.22
CA ASP C 546 18.24 9.72 16.28
C ASP C 546 18.20 8.97 17.63
N LEU C 547 17.30 7.99 17.78
CA LEU C 547 17.18 7.25 19.04
C LEU C 547 18.20 6.12 19.16
N PRO C 548 18.61 5.74 20.40
CA PRO C 548 19.54 4.61 20.53
C PRO C 548 18.75 3.29 20.44
N VAL C 549 18.35 2.93 19.23
CA VAL C 549 17.57 1.73 18.98
C VAL C 549 18.24 0.87 17.92
N ALA C 550 17.98 -0.43 17.95
CA ALA C 550 18.56 -1.37 16.99
C ALA C 550 17.66 -2.61 16.83
N GLY C 551 17.81 -3.29 15.70
CA GLY C 551 17.07 -4.51 15.40
C GLY C 551 18.07 -5.62 15.14
N VAL C 552 17.74 -6.86 15.54
CA VAL C 552 18.66 -7.99 15.34
C VAL C 552 17.92 -9.22 14.82
N ALA C 553 18.54 -9.91 13.85
CA ALA C 553 18.01 -11.14 13.28
C ALA C 553 19.14 -12.18 13.43
N PRO C 554 19.33 -12.71 14.66
CA PRO C 554 20.43 -13.66 14.89
C PRO C 554 20.42 -14.89 14.00
N GLU C 555 19.24 -15.42 13.73
CA GLU C 555 19.08 -16.59 12.88
C GLU C 555 17.90 -16.21 12.01
N TRP C 556 18.06 -16.26 10.68
CA TRP C 556 16.97 -15.89 9.79
C TRP C 556 17.10 -16.64 8.49
N MET C 557 15.98 -16.88 7.81
CA MET C 557 16.00 -17.58 6.53
C MET C 557 14.96 -16.93 5.63
N SER C 558 13.69 -16.89 6.07
CA SER C 558 12.59 -16.45 5.23
C SER C 558 12.85 -15.13 4.54
N GLU C 559 12.38 -15.00 3.30
CA GLU C 559 12.47 -13.75 2.54
C GLU C 559 11.71 -12.64 3.33
N LYS C 560 10.80 -13.03 4.27
CA LYS C 560 10.09 -12.09 5.11
C LYS C 560 11.08 -11.37 6.01
N ALA C 561 12.08 -12.10 6.54
CA ALA C 561 13.11 -11.52 7.39
C ALA C 561 13.92 -10.47 6.63
N VAL C 562 14.11 -10.67 5.30
CA VAL C 562 14.84 -9.72 4.46
C VAL C 562 14.01 -8.45 4.32
N ALA C 563 12.71 -8.59 4.00
CA ALA C 563 11.82 -7.44 3.86
C ALA C 563 11.72 -6.70 5.20
N ILE C 564 11.65 -7.45 6.32
CA ILE C 564 11.59 -6.90 7.67
C ILE C 564 12.84 -6.08 7.93
N GLY C 565 14.01 -6.68 7.74
CA GLY C 565 15.27 -5.99 7.92
C GLY C 565 15.31 -4.71 7.10
N THR C 566 14.96 -4.81 5.81
CA THR C 566 14.96 -3.67 4.91
C THR C 566 14.06 -2.53 5.38
N TYR C 567 12.80 -2.81 5.78
CA TYR C 567 11.92 -1.73 6.24
C TYR C 567 12.35 -1.21 7.60
N VAL C 568 13.03 -2.03 8.41
CA VAL C 568 13.51 -1.58 9.71
C VAL C 568 14.65 -0.57 9.46
N VAL C 569 15.58 -0.89 8.55
CA VAL C 569 16.69 0.03 8.23
C VAL C 569 16.18 1.27 7.52
N THR C 570 15.21 1.12 6.60
CA THR C 570 14.64 2.27 5.88
C THR C 570 13.86 3.17 6.86
N SER C 571 13.28 2.59 7.93
CA SER C 571 12.55 3.37 8.92
C SER C 571 13.50 4.19 9.83
N GLY C 572 14.80 3.92 9.76
CA GLY C 572 15.83 4.61 10.53
C GLY C 572 16.42 3.79 11.65
N ILE C 573 16.13 2.48 11.71
CA ILE C 573 16.66 1.62 12.78
C ILE C 573 17.74 0.68 12.23
N ASP C 574 18.97 0.75 12.78
CA ASP C 574 20.07 -0.13 12.35
C ASP C 574 19.68 -1.59 12.56
N THR C 575 20.13 -2.49 11.67
CA THR C 575 19.79 -3.91 11.80
C THR C 575 21.01 -4.80 11.69
N TRP C 576 21.13 -5.74 12.62
CA TRP C 576 22.23 -6.69 12.62
C TRP C 576 21.71 -8.01 12.10
N LEU C 577 22.46 -8.66 11.19
CA LEU C 577 22.07 -9.95 10.62
C LEU C 577 23.03 -11.05 11.07
N GLY C 578 22.49 -12.10 11.67
CA GLY C 578 23.25 -13.25 12.15
C GLY C 578 23.62 -14.21 11.03
N VAL C 579 22.79 -14.24 9.98
CA VAL C 579 23.00 -15.07 8.78
C VAL C 579 23.36 -14.08 7.67
N ALA C 580 24.44 -14.33 6.95
CA ALA C 580 24.87 -13.44 5.88
C ALA C 580 23.98 -13.55 4.65
N PRO C 581 23.38 -12.45 4.15
CA PRO C 581 22.57 -12.57 2.92
C PRO C 581 23.45 -12.81 1.68
N PRO C 582 22.87 -13.24 0.54
CA PRO C 582 23.70 -13.48 -0.65
C PRO C 582 24.12 -12.18 -1.35
N VAL C 583 25.02 -11.42 -0.71
CA VAL C 583 25.50 -10.15 -1.24
C VAL C 583 27.02 -10.08 -1.38
N THR C 584 27.75 -11.02 -0.79
CA THR C 584 29.22 -11.07 -0.82
C THR C 584 29.86 -10.75 -2.16
N GLY C 585 29.33 -11.31 -3.25
CA GLY C 585 29.88 -11.12 -4.58
C GLY C 585 29.70 -9.75 -5.20
N GLY C 586 28.85 -8.92 -4.60
CA GLY C 586 28.56 -7.58 -5.08
C GLY C 586 29.21 -6.51 -4.23
N PRO C 587 30.45 -6.07 -4.54
CA PRO C 587 31.10 -5.04 -3.70
C PRO C 587 30.30 -3.75 -3.54
N GLU C 588 29.67 -3.26 -4.61
CA GLU C 588 28.87 -2.04 -4.54
C GLU C 588 27.67 -2.28 -3.64
N VAL C 589 27.02 -3.45 -3.75
CA VAL C 589 25.85 -3.77 -2.93
C VAL C 589 26.24 -3.87 -1.46
N VAL C 590 27.43 -4.43 -1.16
CA VAL C 590 27.90 -4.53 0.22
C VAL C 590 28.12 -3.12 0.78
N ASP C 591 28.72 -2.24 -0.02
CA ASP C 591 28.97 -0.86 0.41
C ASP C 591 27.65 -0.13 0.65
N ILE C 592 26.67 -0.32 -0.26
CA ILE C 592 25.38 0.33 -0.11
C ILE C 592 24.70 -0.16 1.18
N LEU C 593 24.45 -1.47 1.28
CA LEU C 593 23.76 -2.02 2.44
C LEU C 593 24.44 -1.75 3.78
N THR C 594 25.76 -1.95 3.87
CA THR C 594 26.49 -1.78 5.12
C THR C 594 27.27 -0.45 5.25
N ASN C 595 26.96 0.59 4.47
CA ASN C 595 27.68 1.86 4.59
C ASN C 595 26.94 3.06 3.97
N LYS C 596 26.91 3.19 2.62
CA LYS C 596 26.27 4.33 1.95
C LYS C 596 24.82 4.56 2.41
N MET C 597 24.08 3.48 2.67
CA MET C 597 22.68 3.53 3.12
C MET C 597 22.48 4.49 4.29
N GLU C 598 23.45 4.51 5.22
CA GLU C 598 23.42 5.39 6.40
C GLU C 598 23.22 6.85 5.98
N ASP C 599 23.83 7.27 4.87
CA ASP C 599 23.70 8.63 4.37
C ASP C 599 22.31 8.91 3.79
N TRP C 600 21.53 7.87 3.44
CA TRP C 600 20.21 8.05 2.88
C TRP C 600 19.10 7.98 3.93
N VAL C 601 19.14 6.98 4.81
CA VAL C 601 18.07 6.78 5.81
C VAL C 601 18.51 6.92 7.27
N GLY C 602 19.77 7.24 7.53
CA GLY C 602 20.25 7.40 8.91
C GLY C 602 20.51 6.10 9.65
N ALA C 603 20.42 4.96 8.97
CA ALA C 603 20.66 3.65 9.55
C ALA C 603 21.31 2.75 8.49
N LYS C 604 21.92 1.64 8.91
CA LYS C 604 22.59 0.73 7.97
C LYS C 604 22.49 -0.72 8.44
N PHE C 605 22.92 -1.65 7.58
CA PHE C 605 22.92 -3.05 7.92
C PHE C 605 24.28 -3.40 8.53
N PHE C 606 24.31 -4.43 9.38
CA PHE C 606 25.54 -4.91 10.00
C PHE C 606 25.49 -6.43 9.94
N ILE C 607 26.44 -7.07 9.27
CA ILE C 607 26.45 -8.54 9.18
C ILE C 607 27.44 -9.07 10.21
N GLU C 608 26.95 -9.83 11.19
CA GLU C 608 27.82 -10.39 12.22
C GLU C 608 27.27 -11.74 12.67
N THR C 609 28.01 -12.82 12.38
CA THR C 609 27.60 -14.17 12.75
C THR C 609 27.89 -14.44 14.24
N ASP C 610 28.95 -13.83 14.81
CA ASP C 610 29.30 -14.00 16.22
C ASP C 610 28.38 -13.14 17.08
N PRO C 611 27.50 -13.72 17.93
CA PRO C 611 26.59 -12.87 18.74
C PRO C 611 27.29 -12.02 19.78
N HIS C 612 28.45 -12.47 20.28
CA HIS C 612 29.19 -11.72 21.28
C HIS C 612 29.78 -10.44 20.66
N LYS C 613 30.21 -10.51 19.40
CA LYS C 613 30.72 -9.34 18.72
C LYS C 613 29.55 -8.43 18.35
N ALA C 614 28.39 -9.02 17.99
CA ALA C 614 27.21 -8.26 17.62
C ALA C 614 26.73 -7.35 18.76
N VAL C 615 26.65 -7.87 19.99
CA VAL C 615 26.20 -7.04 21.13
C VAL C 615 27.20 -5.92 21.39
N GLU C 616 28.51 -6.16 21.17
CA GLU C 616 29.52 -5.12 21.37
C GLU C 616 29.28 -3.99 20.37
N GLN C 617 28.97 -4.34 19.12
CA GLN C 617 28.71 -3.38 18.05
C GLN C 617 27.41 -2.61 18.28
N ILE C 618 26.36 -3.30 18.75
CA ILE C 618 25.07 -2.66 19.00
C ILE C 618 25.23 -1.60 20.09
N VAL C 619 25.91 -1.97 21.19
CA VAL C 619 26.14 -1.05 22.30
C VAL C 619 26.96 0.16 21.83
N ASN C 620 28.08 -0.08 21.11
CA ASN C 620 28.93 1.00 20.62
C ASN C 620 28.15 1.92 19.68
N ARG C 621 27.35 1.35 18.76
CA ARG C 621 26.55 2.12 17.81
C ARG C 621 25.51 2.96 18.54
N MET C 622 24.80 2.37 19.52
CA MET C 622 23.79 3.08 20.30
C MET C 622 24.43 4.28 20.98
N ASN C 623 25.58 4.07 21.63
CA ASN C 623 26.30 5.15 22.30
C ASN C 623 26.62 6.26 21.31
N GLU C 624 27.11 5.92 20.10
CA GLU C 624 27.41 6.93 19.09
C GLU C 624 26.18 7.81 18.81
N LYS C 625 25.00 7.18 18.65
CA LYS C 625 23.76 7.90 18.41
C LYS C 625 23.33 8.71 19.65
N ARG C 626 23.70 8.24 20.87
CA ARG C 626 23.39 8.94 22.12
C ARG C 626 24.26 10.19 22.18
N LYS C 627 25.55 10.05 21.85
CA LYS C 627 26.47 11.21 21.93
C LYS C 627 26.04 12.29 20.92
N LYS C 628 25.67 11.89 19.70
CA LYS C 628 25.20 12.84 18.70
C LYS C 628 23.96 13.59 19.18
N LEU C 629 23.05 12.90 19.86
CA LEU C 629 21.82 13.50 20.37
C LEU C 629 22.03 14.29 21.67
N GLY C 630 23.11 14.00 22.40
CA GLY C 630 23.42 14.67 23.66
C GLY C 630 22.76 14.00 24.85
N ILE C 631 22.61 12.67 24.81
CA ILE C 631 21.99 11.90 25.90
C ILE C 631 22.91 10.77 26.37
N MET D 1 24.96 18.83 28.88
CA MET D 1 25.47 17.47 28.97
C MET D 1 24.45 16.54 29.64
N ASN D 2 24.53 15.23 29.36
CA ASN D 2 23.62 14.24 29.92
C ASN D 2 23.74 14.09 31.45
N LEU D 3 22.75 13.43 32.06
CA LEU D 3 22.70 13.23 33.52
C LEU D 3 23.98 12.59 34.07
N PHE D 4 24.54 11.59 33.37
CA PHE D 4 25.74 10.93 33.85
C PHE D 4 26.93 11.88 33.95
N GLN D 5 27.30 12.54 32.85
CA GLN D 5 28.43 13.47 32.90
C GLN D 5 28.18 14.62 33.86
N THR D 6 26.91 15.01 34.08
CA THR D 6 26.58 16.08 35.02
C THR D 6 26.87 15.61 36.45
N VAL D 7 26.60 14.33 36.75
CA VAL D 7 26.87 13.78 38.08
C VAL D 7 28.40 13.63 38.23
N PHE D 8 29.09 13.05 37.23
CA PHE D 8 30.53 12.89 37.30
C PHE D 8 31.24 14.25 37.46
N THR D 9 30.74 15.31 36.82
CA THR D 9 31.34 16.63 36.92
C THR D 9 31.24 17.17 38.35
N GLY D 10 30.05 17.13 38.93
CA GLY D 10 29.83 17.60 40.28
C GLY D 10 30.56 16.80 41.33
N SER D 11 30.73 15.48 41.09
CA SER D 11 31.45 14.60 42.02
C SER D 11 32.94 14.95 41.97
N LYS D 12 33.49 15.19 40.77
CA LYS D 12 34.90 15.57 40.64
C LYS D 12 35.11 16.94 41.31
N GLN D 13 34.11 17.84 41.20
CA GLN D 13 34.15 19.16 41.84
C GLN D 13 34.16 18.96 43.36
N ALA D 14 33.32 18.05 43.87
CA ALA D 14 33.26 17.75 45.30
C ALA D 14 34.58 17.18 45.79
N LEU D 15 35.26 16.36 44.95
CA LEU D 15 36.55 15.80 45.34
C LEU D 15 37.57 16.93 45.43
N ALA D 16 37.60 17.80 44.40
CA ALA D 16 38.53 18.95 44.36
C ALA D 16 38.35 19.86 45.58
N ALA D 17 37.09 20.12 45.97
CA ALA D 17 36.79 20.97 47.11
C ALA D 17 37.29 20.32 48.41
N ALA D 18 37.07 19.00 48.55
CA ALA D 18 37.52 18.26 49.73
C ALA D 18 39.06 18.20 49.78
N GLU D 19 39.71 18.16 48.62
CA GLU D 19 41.17 18.13 48.54
C GLU D 19 41.78 19.45 48.98
N GLY D 20 41.09 20.56 48.70
CA GLY D 20 41.55 21.89 49.04
C GLY D 20 41.46 22.17 50.53
N ILE D 21 40.29 21.90 51.13
CA ILE D 21 40.10 22.13 52.56
C ILE D 21 40.92 21.16 53.42
N VAL D 22 41.15 19.94 52.92
CA VAL D 22 41.96 18.95 53.68
C VAL D 22 43.41 19.43 53.73
N LYS D 23 43.92 20.01 52.63
CA LYS D 23 45.27 20.54 52.60
C LYS D 23 45.41 21.70 53.59
N GLN D 24 44.38 22.53 53.69
CA GLN D 24 44.36 23.66 54.62
C GLN D 24 44.49 23.16 56.06
N ALA D 25 43.83 22.04 56.40
CA ALA D 25 43.90 21.45 57.74
C ALA D 25 45.28 20.85 58.00
N VAL D 26 45.89 20.26 56.97
CA VAL D 26 47.23 19.66 57.10
C VAL D 26 48.23 20.79 57.37
N ASP D 27 48.15 21.88 56.58
CA ASP D 27 49.07 23.01 56.71
C ASP D 27 48.87 23.84 57.98
N GLU D 28 47.63 23.98 58.48
CA GLU D 28 47.38 24.80 59.67
C GLU D 28 47.38 24.02 60.98
N LYS D 29 46.69 22.88 61.03
CA LYS D 29 46.58 22.10 62.26
C LYS D 29 47.49 20.84 62.31
N GLY D 30 48.10 20.47 61.19
CA GLY D 30 48.98 19.31 61.15
C GLY D 30 48.21 18.01 60.94
N ARG D 31 48.91 16.93 60.53
CA ARG D 31 48.28 15.63 60.29
C ARG D 31 47.88 14.88 61.57
N ASP D 32 48.30 15.36 62.75
CA ASP D 32 47.95 14.69 64.02
C ASP D 32 46.79 15.35 64.75
N TYR D 33 46.28 16.50 64.26
CA TYR D 33 45.15 17.18 64.91
C TYR D 33 43.93 16.28 64.87
N LYS D 34 43.22 16.18 66.00
CA LYS D 34 42.05 15.31 66.09
C LYS D 34 40.82 15.85 65.36
N VAL D 35 40.17 14.99 64.57
CA VAL D 35 38.97 15.35 63.82
C VAL D 35 37.80 14.54 64.42
N ALA D 36 36.70 15.20 64.74
CA ALA D 36 35.53 14.54 65.33
C ALA D 36 34.30 15.43 65.22
N PHE D 37 33.11 14.82 65.25
CA PHE D 37 31.86 15.55 65.17
C PHE D 37 31.22 15.67 66.58
N PRO D 38 30.46 16.74 66.87
CA PRO D 38 29.88 16.88 68.22
C PRO D 38 28.97 15.75 68.70
N ASP D 39 29.45 14.96 69.69
CA ASP D 39 28.69 13.87 70.30
C ASP D 39 28.19 12.82 69.30
N THR D 40 29.06 11.87 68.92
CA THR D 40 28.71 10.78 68.00
C THR D 40 29.63 9.58 68.22
N ALA D 41 29.02 8.40 68.38
CA ALA D 41 29.78 7.17 68.60
C ALA D 41 30.18 6.47 67.29
N TYR D 42 29.91 7.09 66.13
CA TYR D 42 30.23 6.50 64.84
C TYR D 42 31.25 7.32 64.04
N SER D 43 32.08 8.13 64.73
CA SER D 43 33.12 8.96 64.09
C SER D 43 32.46 9.69 62.88
N LEU D 44 32.86 9.39 61.63
CA LEU D 44 32.31 10.06 60.44
C LEU D 44 31.31 9.03 59.90
N PRO D 45 30.00 9.17 60.17
CA PRO D 45 29.02 8.15 59.77
C PRO D 45 29.13 7.62 58.34
N VAL D 46 29.23 8.51 57.35
CA VAL D 46 29.22 8.05 55.96
C VAL D 46 30.41 7.14 55.71
N ILE D 47 31.60 7.58 56.11
CA ILE D 47 32.82 6.79 55.91
C ILE D 47 32.76 5.52 56.75
N PHE D 48 32.23 5.62 57.98
CA PHE D 48 32.11 4.45 58.84
C PHE D 48 31.11 3.44 58.25
N ALA D 49 30.08 3.91 57.55
CA ALA D 49 29.09 3.01 56.95
C ALA D 49 29.68 2.31 55.72
N ALA D 50 30.38 3.07 54.86
CA ALA D 50 30.96 2.51 53.65
C ALA D 50 32.19 1.64 53.87
N THR D 51 33.11 2.06 54.74
CA THR D 51 34.36 1.33 54.99
C THR D 51 34.38 0.56 56.30
N GLY D 52 33.61 1.02 57.28
CA GLY D 52 33.60 0.42 58.60
C GLY D 52 34.81 0.84 59.41
N LYS D 53 35.46 1.94 59.00
CA LYS D 53 36.66 2.46 59.64
C LYS D 53 36.35 3.82 60.26
N LYS D 54 36.96 4.11 61.41
CA LYS D 54 36.75 5.39 62.08
C LYS D 54 37.91 6.33 61.80
N ILE D 55 37.60 7.59 61.46
CA ILE D 55 38.61 8.62 61.17
C ILE D 55 38.79 9.44 62.46
N THR D 56 40.01 9.47 63.01
CA THR D 56 40.31 10.17 64.27
C THR D 56 41.26 11.38 64.15
N ASN D 57 42.10 11.44 63.11
CA ASN D 57 43.02 12.56 62.95
C ASN D 57 43.01 13.12 61.52
N VAL D 58 43.64 14.30 61.31
CA VAL D 58 43.71 14.94 60.00
C VAL D 58 44.39 14.01 58.96
N GLY D 59 45.39 13.26 59.39
CA GLY D 59 46.09 12.32 58.51
C GLY D 59 45.15 11.24 58.01
N GLU D 60 44.28 10.72 58.88
CA GLU D 60 43.30 9.69 58.52
C GLU D 60 42.22 10.31 57.60
N LEU D 61 41.86 11.59 57.84
CA LEU D 61 40.89 12.32 57.02
C LEU D 61 41.46 12.50 55.61
N GLU D 62 42.79 12.66 55.50
CA GLU D 62 43.46 12.79 54.21
C GLU D 62 43.35 11.48 53.43
N GLY D 63 43.50 10.35 54.14
CA GLY D 63 43.38 9.03 53.54
C GLY D 63 41.98 8.74 53.04
N ALA D 64 40.96 9.28 53.73
CA ALA D 64 39.56 9.09 53.34
C ALA D 64 39.29 9.68 51.93
N LEU D 65 40.17 10.55 51.45
CA LEU D 65 40.00 11.15 50.10
C LEU D 65 40.04 10.04 49.04
N ASP D 66 40.79 8.97 49.29
CA ASP D 66 40.91 7.87 48.32
C ASP D 66 39.57 7.13 48.18
N ILE D 67 38.70 7.19 49.20
CA ILE D 67 37.38 6.57 49.15
C ILE D 67 36.54 7.33 48.11
N VAL D 68 36.64 8.68 48.10
CA VAL D 68 35.92 9.54 47.15
C VAL D 68 36.41 9.19 45.73
N ARG D 69 37.74 9.08 45.56
CA ARG D 69 38.35 8.74 44.27
C ARG D 69 37.89 7.39 43.75
N SER D 70 37.89 6.37 44.63
CA SER D 70 37.50 5.02 44.25
C SER D 70 36.02 4.92 43.82
N LEU D 71 35.14 5.68 44.47
CA LEU D 71 33.71 5.65 44.13
C LEU D 71 33.40 6.35 42.79
N ILE D 72 34.30 7.19 42.27
CA ILE D 72 34.06 7.86 40.99
C ILE D 72 34.65 7.03 39.84
N VAL D 73 33.78 6.32 39.11
CA VAL D 73 34.15 5.51 37.95
C VAL D 73 33.33 6.11 36.80
N GLU D 74 33.99 6.84 35.89
CA GLU D 74 33.30 7.50 34.79
C GLU D 74 32.88 6.57 33.66
N GLU D 75 31.89 5.69 33.93
CA GLU D 75 31.34 4.75 32.95
C GLU D 75 29.83 4.91 33.00
N GLU D 76 29.19 5.04 31.84
CA GLU D 76 27.74 5.26 31.79
C GLU D 76 26.90 4.00 32.02
N MET D 77 26.72 3.64 33.30
CA MET D 77 25.90 2.51 33.77
C MET D 77 25.30 2.96 35.12
N LEU D 78 24.02 2.66 35.40
CA LEU D 78 23.38 3.10 36.65
C LEU D 78 24.21 2.90 37.93
N ASP D 79 24.79 1.71 38.13
CA ASP D 79 25.59 1.43 39.33
C ASP D 79 26.76 2.41 39.51
N LYS D 80 27.28 2.95 38.42
CA LYS D 80 28.42 3.88 38.46
C LYS D 80 27.94 5.27 38.87
N LEU D 81 26.78 5.70 38.36
CA LEU D 81 26.22 7.03 38.77
C LEU D 81 25.97 7.01 40.27
N LEU D 82 25.31 5.97 40.75
CA LEU D 82 24.94 5.91 42.16
C LEU D 82 26.18 5.93 43.03
N ASN D 83 27.25 5.23 42.61
CA ASN D 83 28.52 5.23 43.34
C ASN D 83 29.13 6.64 43.28
N SER D 84 29.02 7.31 42.12
CA SER D 84 29.52 8.67 41.97
C SER D 84 28.76 9.61 42.91
N GLY D 85 27.46 9.37 43.10
CA GLY D 85 26.63 10.15 44.00
C GLY D 85 27.08 9.98 45.44
N LEU D 86 27.49 8.74 45.81
CA LEU D 86 28.01 8.44 47.15
C LEU D 86 29.38 9.08 47.35
N ALA D 87 30.18 9.23 46.27
CA ALA D 87 31.49 9.90 46.34
C ALA D 87 31.26 11.35 46.76
N THR D 88 30.20 11.99 46.22
CA THR D 88 29.82 13.37 46.55
C THR D 88 29.49 13.43 48.02
N ALA D 89 28.74 12.43 48.53
CA ALA D 89 28.36 12.36 49.94
C ALA D 89 29.59 12.20 50.83
N VAL D 90 30.53 11.29 50.48
CA VAL D 90 31.74 11.09 51.28
C VAL D 90 32.56 12.39 51.28
N ALA D 91 32.66 13.05 50.11
CA ALA D 91 33.40 14.31 49.98
C ALA D 91 32.73 15.38 50.85
N ALA D 92 31.40 15.46 50.84
CA ALA D 92 30.66 16.44 51.65
C ALA D 92 30.95 16.24 53.14
N GLU D 93 31.06 14.97 53.58
CA GLU D 93 31.37 14.68 54.97
C GLU D 93 32.81 15.09 55.28
N ILE D 94 33.75 14.85 54.35
CA ILE D 94 35.14 15.24 54.54
C ILE D 94 35.25 16.76 54.67
N ILE D 95 34.52 17.50 53.82
CA ILE D 95 34.53 18.97 53.85
C ILE D 95 33.93 19.45 55.18
N GLU D 96 32.80 18.86 55.60
CA GLU D 96 32.16 19.24 56.85
C GLU D 96 33.01 18.86 58.06
N ALA D 97 33.79 17.78 57.96
CA ALA D 97 34.67 17.37 59.06
C ALA D 97 35.81 18.37 59.18
N ALA D 98 36.38 18.79 58.04
CA ALA D 98 37.46 19.77 58.02
C ALA D 98 36.97 21.16 58.46
N LYS D 99 35.68 21.43 58.28
CA LYS D 99 35.11 22.74 58.71
C LYS D 99 35.21 22.85 60.23
N TYR D 100 34.91 21.76 60.94
CA TYR D 100 34.97 21.74 62.41
C TYR D 100 36.42 21.78 62.92
N VAL D 101 37.38 21.37 62.09
CA VAL D 101 38.81 21.36 62.45
C VAL D 101 39.37 22.78 62.38
N LEU D 102 39.13 23.47 61.25
CA LEU D 102 39.64 24.82 61.01
C LEU D 102 38.86 25.95 61.69
N SER D 103 37.81 25.64 62.46
CA SER D 103 37.03 26.69 63.14
C SER D 103 36.50 26.21 64.48
N ASP D 104 36.57 27.07 65.51
CA ASP D 104 36.09 26.73 66.84
C ASP D 104 34.57 26.57 66.79
N ALA D 105 33.89 27.52 66.11
CA ALA D 105 32.43 27.52 65.92
C ALA D 105 32.14 27.65 64.42
N PRO D 106 32.10 26.54 63.66
CA PRO D 106 31.86 26.67 62.21
C PRO D 106 30.44 27.08 61.83
N TYR D 107 29.45 26.81 62.69
CA TYR D 107 28.06 27.12 62.39
C TYR D 107 27.52 28.28 63.21
N ALA D 108 26.78 29.18 62.55
CA ALA D 108 26.15 30.36 63.16
C ALA D 108 24.64 30.19 63.14
N GLU D 109 23.95 30.77 64.13
CA GLU D 109 22.50 30.66 64.21
C GLU D 109 21.80 31.25 62.97
N PRO D 110 20.61 30.73 62.60
CA PRO D 110 19.86 29.63 63.23
C PRO D 110 20.33 28.22 62.83
N CYS D 111 21.37 28.12 61.99
CA CYS D 111 21.89 26.84 61.51
C CYS D 111 22.35 25.94 62.65
N VAL D 112 22.13 24.62 62.49
CA VAL D 112 22.48 23.63 63.49
C VAL D 112 23.77 22.89 63.14
N GLY D 113 23.90 22.49 61.88
CA GLY D 113 25.09 21.77 61.43
C GLY D 113 24.97 20.30 61.77
N PHE D 114 26.01 19.71 62.38
CA PHE D 114 25.98 18.29 62.74
C PHE D 114 24.89 18.00 63.76
N ILE D 115 24.14 16.90 63.56
CA ILE D 115 23.07 16.49 64.47
C ILE D 115 23.61 15.42 65.43
N SER D 116 23.52 15.66 66.75
CA SER D 116 24.04 14.73 67.76
C SER D 116 23.29 13.39 67.81
N ASP D 117 24.00 12.32 68.22
CA ASP D 117 23.40 10.98 68.32
C ASP D 117 22.13 10.95 69.18
N PRO D 118 22.07 11.61 70.36
CA PRO D 118 20.82 11.58 71.14
C PRO D 118 19.62 12.14 70.36
N ILE D 119 19.83 13.10 69.45
CA ILE D 119 18.73 13.65 68.66
C ILE D 119 18.23 12.56 67.69
N ILE D 120 19.15 11.77 67.12
CA ILE D 120 18.81 10.67 66.21
C ILE D 120 17.94 9.64 66.97
N ARG D 121 18.31 9.37 68.24
CA ARG D 121 17.58 8.44 69.11
C ARG D 121 16.19 9.02 69.44
N SER D 122 16.12 10.35 69.62
CA SER D 122 14.88 11.07 69.93
C SER D 122 13.88 10.97 68.79
N LEU D 123 14.36 11.06 67.54
CA LEU D 123 13.50 10.99 66.36
C LEU D 123 13.23 9.55 65.87
N GLY D 124 13.96 8.58 66.40
CA GLY D 124 13.81 7.18 66.01
C GLY D 124 12.48 6.57 66.35
N VAL D 125 12.00 6.78 67.59
CA VAL D 125 10.71 6.21 67.99
C VAL D 125 9.56 6.84 67.18
N PRO D 126 9.43 8.19 67.11
CA PRO D 126 8.34 8.78 66.32
C PRO D 126 8.36 8.38 64.84
N LEU D 127 9.53 7.99 64.30
CA LEU D 127 9.62 7.55 62.89
C LEU D 127 8.97 6.18 62.75
N VAL D 128 9.25 5.28 63.71
CA VAL D 128 8.70 3.92 63.71
C VAL D 128 7.17 3.94 63.89
N THR D 129 6.67 4.64 64.91
CA THR D 129 5.21 4.71 65.15
C THR D 129 4.46 5.49 64.04
N GLY D 130 5.17 6.22 63.20
CA GLY D 130 4.55 6.98 62.13
C GLY D 130 4.18 8.41 62.50
N ASP D 131 4.60 8.89 63.68
CA ASP D 131 4.32 10.26 64.11
C ASP D 131 5.03 11.23 63.14
N ILE D 132 6.25 10.86 62.71
CA ILE D 132 7.01 11.61 61.71
C ILE D 132 6.80 10.78 60.44
N PRO D 133 5.82 11.12 59.57
CA PRO D 133 5.60 10.30 58.37
C PRO D 133 6.72 10.37 57.33
N GLY D 134 7.42 11.49 57.27
CA GLY D 134 8.50 11.68 56.31
C GLY D 134 9.50 12.74 56.71
N VAL D 135 10.67 12.73 56.06
CA VAL D 135 11.66 13.81 56.30
C VAL D 135 11.89 14.56 54.98
N ALA D 136 11.36 15.76 54.87
CA ALA D 136 11.48 16.60 53.69
C ALA D 136 12.80 17.35 53.71
N VAL D 137 13.72 17.03 52.78
CA VAL D 137 15.01 17.70 52.72
C VAL D 137 14.93 18.79 51.66
N ILE D 138 14.62 20.02 52.06
CA ILE D 138 14.48 21.13 51.12
C ILE D 138 15.81 21.81 50.92
N LEU D 139 16.24 21.92 49.66
CA LEU D 139 17.52 22.51 49.29
C LEU D 139 17.35 23.50 48.13
N GLY D 140 18.08 24.60 48.17
CA GLY D 140 18.04 25.60 47.10
C GLY D 140 17.39 26.93 47.46
N GLU D 141 16.71 27.54 46.47
CA GLU D 141 16.06 28.83 46.60
C GLU D 141 14.72 28.85 45.85
N CYS D 142 13.66 29.33 46.50
CA CYS D 142 12.32 29.42 45.91
C CYS D 142 12.16 30.75 45.15
N PRO D 143 11.19 30.91 44.23
CA PRO D 143 11.03 32.20 43.53
C PRO D 143 10.79 33.37 44.49
N ASP D 144 10.11 33.09 45.61
CA ASP D 144 9.78 34.13 46.62
C ASP D 144 9.68 33.46 47.99
N SER D 145 9.75 34.24 49.08
CA SER D 145 9.65 33.68 50.43
C SER D 145 8.23 33.19 50.78
N GLU D 146 7.20 33.67 50.06
CA GLU D 146 5.83 33.25 50.34
C GLU D 146 5.66 31.77 50.00
N THR D 147 6.17 31.36 48.83
CA THR D 147 6.07 29.96 48.39
C THR D 147 6.90 29.05 49.30
N ALA D 148 8.08 29.49 49.73
CA ALA D 148 8.92 28.68 50.60
C ALA D 148 8.20 28.40 51.93
N ALA D 149 7.65 29.45 52.57
CA ALA D 149 6.94 29.30 53.84
C ALA D 149 5.68 28.45 53.72
N LYS D 150 4.95 28.54 52.60
CA LYS D 150 3.73 27.76 52.40
C LYS D 150 4.08 26.26 52.37
N ILE D 151 5.18 25.90 51.66
CA ILE D 151 5.62 24.52 51.54
C ILE D 151 6.14 24.00 52.88
N ILE D 152 6.98 24.78 53.56
CA ILE D 152 7.46 24.33 54.90
C ILE D 152 6.26 24.14 55.82
N LYS D 153 5.45 25.18 56.00
CA LYS D 153 4.34 25.10 56.94
C LYS D 153 3.41 23.94 56.61
N ASP D 154 3.29 23.56 55.33
CA ASP D 154 2.42 22.44 54.95
C ASP D 154 3.06 21.13 55.38
N TYR D 155 4.38 20.94 55.13
CA TYR D 155 5.07 19.73 55.54
C TYR D 155 5.04 19.62 57.07
N GLN D 156 5.34 20.72 57.74
CA GLN D 156 5.30 20.73 59.23
C GLN D 156 3.90 20.34 59.68
N SER D 157 2.87 20.87 58.99
CA SER D 157 1.47 20.54 59.36
C SER D 157 1.26 19.03 59.26
N LYS D 158 1.85 18.38 58.26
CA LYS D 158 1.70 16.91 58.08
C LYS D 158 2.56 16.20 59.14
N GLY D 159 3.39 16.95 59.86
CA GLY D 159 4.23 16.36 60.92
C GLY D 159 5.52 15.80 60.37
N LEU D 160 5.70 15.89 59.04
CA LEU D 160 6.96 15.47 58.38
C LEU D 160 8.08 16.37 58.88
N LEU D 161 9.24 15.80 59.22
CA LEU D 161 10.40 16.65 59.60
C LEU D 161 10.90 17.41 58.37
N THR D 162 11.19 18.69 58.51
CA THR D 162 11.65 19.47 57.33
C THR D 162 13.04 20.02 57.62
N CYS D 163 14.03 19.68 56.79
CA CYS D 163 15.42 20.07 57.01
C CYS D 163 15.79 21.00 55.89
N LEU D 164 16.25 22.20 56.21
CA LEU D 164 16.58 23.18 55.19
C LEU D 164 18.07 23.44 54.99
N VAL D 165 18.45 23.56 53.72
CA VAL D 165 19.87 23.80 53.38
C VAL D 165 19.95 24.74 52.18
N GLY D 166 20.60 25.90 52.34
CA GLY D 166 20.73 26.90 51.30
C GLY D 166 19.98 28.18 51.62
N LYS D 167 19.64 28.96 50.58
CA LYS D 167 18.91 30.23 50.76
C LYS D 167 17.49 30.03 51.30
N VAL D 168 16.94 28.81 51.22
CA VAL D 168 15.60 28.56 51.77
C VAL D 168 15.55 28.89 53.27
N ILE D 169 16.70 28.89 53.96
CA ILE D 169 16.74 29.21 55.39
C ILE D 169 16.39 30.68 55.56
N ASP D 170 16.99 31.56 54.75
CA ASP D 170 16.73 33.00 54.80
C ASP D 170 15.29 33.32 54.40
N GLN D 171 14.76 32.59 53.41
CA GLN D 171 13.39 32.78 52.93
C GLN D 171 12.35 32.36 53.97
N ALA D 172 12.60 31.24 54.67
CA ALA D 172 11.70 30.76 55.70
C ALA D 172 11.63 31.74 56.87
N ILE D 173 12.78 32.33 57.23
CA ILE D 173 12.85 33.32 58.33
C ILE D 173 11.94 34.51 57.98
N GLU D 174 12.09 35.04 56.77
CA GLU D 174 11.30 36.19 56.29
C GLU D 174 9.81 35.84 56.21
N GLY D 175 9.50 34.63 55.76
CA GLY D 175 8.11 34.18 55.65
C GLY D 175 7.51 33.72 56.97
N LYS D 176 8.13 34.11 58.11
CA LYS D 176 7.67 33.78 59.45
C LYS D 176 7.39 32.33 59.85
N VAL D 177 8.37 31.46 59.60
CA VAL D 177 8.20 30.02 60.01
C VAL D 177 8.79 29.81 61.41
N LYS D 178 8.17 28.92 62.18
CA LYS D 178 8.66 28.59 63.51
C LYS D 178 9.67 27.44 63.43
N MET D 179 10.97 27.75 63.59
CA MET D 179 12.01 26.73 63.49
C MET D 179 12.47 26.19 64.84
N GLY D 180 12.87 24.92 64.85
CA GLY D 180 13.34 24.24 66.04
C GLY D 180 13.21 22.73 65.90
N LEU D 181 14.00 21.98 66.68
CA LEU D 181 13.96 20.51 66.61
C LEU D 181 12.56 20.00 66.99
N ASP D 182 11.93 20.59 68.02
CA ASP D 182 10.59 20.17 68.44
C ASP D 182 9.56 20.61 67.38
N LEU D 183 9.76 21.79 66.78
CA LEU D 183 8.85 22.28 65.73
C LEU D 183 9.02 21.52 64.40
N ARG D 184 9.91 20.52 64.35
CA ARG D 184 10.16 19.67 63.20
C ARG D 184 10.66 20.42 61.95
N VAL D 185 11.37 21.54 62.17
CA VAL D 185 11.96 22.31 61.04
C VAL D 185 13.39 22.68 61.45
N ILE D 186 14.39 21.98 60.90
CA ILE D 186 15.80 22.21 61.35
C ILE D 186 16.63 22.80 60.21
N PRO D 187 17.16 24.04 60.33
CA PRO D 187 18.04 24.60 59.31
C PRO D 187 19.47 24.06 59.51
N LEU D 188 20.03 23.37 58.53
CA LEU D 188 21.37 22.75 58.71
C LEU D 188 22.46 23.77 58.39
N GLY D 189 22.43 24.36 57.19
CA GLY D 189 23.46 25.31 56.79
C GLY D 189 23.25 25.87 55.41
N TYR D 190 23.97 26.94 55.08
CA TYR D 190 23.84 27.58 53.77
C TYR D 190 24.65 26.88 52.69
N ASP D 191 25.77 26.22 53.06
CA ASP D 191 26.58 25.51 52.07
C ASP D 191 25.86 24.25 51.59
N VAL D 192 26.14 23.81 50.36
CA VAL D 192 25.50 22.61 49.81
C VAL D 192 25.89 21.39 50.64
N THR D 193 27.16 21.30 51.04
CA THR D 193 27.66 20.17 51.85
C THR D 193 26.88 19.95 53.16
N SER D 194 26.17 20.98 53.67
CA SER D 194 25.40 20.83 54.91
C SER D 194 24.31 19.74 54.79
N VAL D 195 23.96 19.37 53.56
CA VAL D 195 22.91 18.33 53.35
C VAL D 195 23.43 16.97 53.82
N ILE D 196 24.74 16.85 54.05
CA ILE D 196 25.34 15.54 54.44
C ILE D 196 24.87 15.14 55.84
N HIS D 197 24.59 16.13 56.70
CA HIS D 197 24.23 15.81 58.11
C HIS D 197 22.85 15.14 58.17
N VAL D 198 21.98 15.38 57.18
CA VAL D 198 20.68 14.66 57.15
C VAL D 198 20.96 13.25 56.63
N VAL D 199 21.81 13.13 55.62
CA VAL D 199 22.20 11.84 55.08
C VAL D 199 22.74 10.97 56.25
N THR D 200 23.50 11.60 57.18
CA THR D 200 24.04 10.90 58.35
C THR D 200 22.90 10.50 59.31
N ILE D 201 21.77 11.22 59.32
CA ILE D 201 20.62 10.87 60.16
C ILE D 201 20.10 9.51 59.70
N ALA D 202 19.95 9.34 58.37
CA ALA D 202 19.46 8.09 57.80
C ALA D 202 20.48 6.96 57.96
N ILE D 203 21.78 7.25 57.77
CA ILE D 203 22.81 6.22 57.91
C ILE D 203 22.92 5.79 59.38
N ARG D 204 22.95 6.76 60.31
CA ARG D 204 23.03 6.41 61.72
C ARG D 204 21.78 5.67 62.17
N ALA D 205 20.61 5.95 61.56
CA ALA D 205 19.38 5.23 61.92
C ALA D 205 19.54 3.74 61.60
N ALA D 206 20.26 3.40 60.52
CA ALA D 206 20.49 2.02 60.13
C ALA D 206 21.47 1.34 61.09
N LEU D 207 22.48 2.09 61.57
CA LEU D 207 23.46 1.53 62.50
C LEU D 207 22.85 1.40 63.91
N ILE D 208 22.13 2.43 64.35
CA ILE D 208 21.51 2.46 65.69
C ILE D 208 20.27 1.54 65.78
N PHE D 209 19.20 1.84 65.01
CA PHE D 209 17.97 1.06 65.09
C PHE D 209 18.04 -0.22 64.27
N GLY D 210 18.52 -0.11 63.04
CA GLY D 210 18.64 -1.28 62.18
C GLY D 210 19.59 -2.33 62.70
N GLY D 211 20.56 -1.91 63.50
CA GLY D 211 21.55 -2.82 64.05
C GLY D 211 22.50 -3.34 63.00
N ILE D 212 22.73 -2.54 61.93
CA ILE D 212 23.63 -2.94 60.86
C ILE D 212 25.04 -2.56 61.31
N LYS D 213 26.05 -3.35 60.90
CA LYS D 213 27.44 -3.10 61.29
C LYS D 213 28.13 -2.25 60.23
N GLY D 214 29.16 -1.50 60.64
CA GLY D 214 29.92 -0.65 59.73
C GLY D 214 30.59 -1.47 58.65
N GLY D 215 30.63 -0.94 57.43
CA GLY D 215 31.23 -1.65 56.31
C GLY D 215 30.19 -2.34 55.44
N GLN D 216 29.02 -2.69 56.01
CA GLN D 216 27.94 -3.34 55.28
C GLN D 216 27.15 -2.25 54.56
N LEU D 217 27.76 -1.67 53.50
CA LEU D 217 27.16 -0.59 52.74
C LEU D 217 25.85 -0.99 52.07
N ASN D 218 25.83 -2.15 51.41
CA ASN D 218 24.61 -2.61 50.74
C ASN D 218 23.44 -2.77 51.71
N ASP D 219 23.72 -3.25 52.93
CA ASP D 219 22.68 -3.43 53.93
C ASP D 219 22.21 -2.09 54.52
N ILE D 220 23.12 -1.11 54.66
CA ILE D 220 22.76 0.22 55.18
C ILE D 220 21.92 0.96 54.14
N LEU D 221 22.33 0.90 52.86
CA LEU D 221 21.59 1.56 51.78
C LEU D 221 20.21 0.94 51.60
N LYS D 222 20.04 -0.34 51.96
CA LYS D 222 18.75 -1.03 51.88
C LYS D 222 17.84 -0.48 53.00
N TYR D 223 18.40 -0.30 54.22
CA TYR D 223 17.64 0.21 55.34
C TYR D 223 17.14 1.62 55.07
N THR D 224 18.00 2.53 54.60
CA THR D 224 17.58 3.90 54.32
C THR D 224 16.50 3.93 53.25
N ALA D 225 16.67 3.12 52.20
CA ALA D 225 15.73 3.06 51.08
C ALA D 225 14.36 2.50 51.48
N GLU D 226 14.32 1.50 52.36
CA GLU D 226 13.05 0.88 52.76
C GLU D 226 12.47 1.41 54.06
N ARG D 227 13.29 1.90 54.98
CA ARG D 227 12.79 2.35 56.29
C ARG D 227 12.81 3.86 56.53
N VAL D 228 13.82 4.59 56.04
CA VAL D 228 13.88 6.04 56.28
C VAL D 228 13.03 6.74 55.24
N PRO D 229 11.87 7.34 55.61
CA PRO D 229 10.98 7.97 54.64
C PRO D 229 11.43 9.39 54.25
N ALA D 230 12.58 9.47 53.57
CA ALA D 230 13.15 10.78 53.20
C ALA D 230 13.01 11.07 51.71
N PHE D 231 13.02 12.34 51.34
CA PHE D 231 12.97 12.77 49.95
C PHE D 231 13.57 14.17 49.84
N VAL D 232 14.06 14.54 48.66
CA VAL D 232 14.67 15.85 48.48
C VAL D 232 13.76 16.74 47.64
N ASN D 233 13.79 18.05 47.94
CA ASN D 233 13.00 19.04 47.16
C ASN D 233 13.96 20.17 46.76
N ALA D 234 14.57 20.07 45.58
CA ALA D 234 15.55 21.04 45.12
C ALA D 234 14.89 22.18 44.34
N PHE D 235 14.96 23.41 44.87
CA PHE D 235 14.36 24.58 44.23
C PHE D 235 15.42 25.51 43.64
N GLY D 236 15.04 26.26 42.61
CA GLY D 236 15.93 27.19 41.94
C GLY D 236 16.96 26.49 41.08
N PRO D 237 17.81 27.23 40.35
CA PRO D 237 18.83 26.57 39.50
C PRO D 237 19.68 25.53 40.24
N LEU D 238 19.95 24.42 39.55
CA LEU D 238 20.73 23.31 40.11
C LEU D 238 22.13 23.30 39.52
N SER D 239 23.17 23.34 40.35
CA SER D 239 24.54 23.28 39.88
C SER D 239 24.94 21.82 39.68
N GLU D 240 26.11 21.56 39.04
CA GLU D 240 26.56 20.17 38.83
C GLU D 240 26.76 19.48 40.19
N LEU D 241 27.30 20.21 41.17
CA LEU D 241 27.54 19.69 42.51
C LEU D 241 26.22 19.27 43.17
N VAL D 242 25.18 20.09 43.02
CA VAL D 242 23.86 19.80 43.59
C VAL D 242 23.27 18.56 42.93
N VAL D 243 23.43 18.41 41.60
CA VAL D 243 22.91 17.23 40.91
C VAL D 243 23.63 15.97 41.41
N SER D 244 24.94 16.06 41.74
CA SER D 244 25.69 14.93 42.27
C SER D 244 25.15 14.55 43.65
N ALA D 245 24.80 15.56 44.46
CA ALA D 245 24.21 15.32 45.78
C ALA D 245 22.85 14.61 45.59
N GLY D 246 22.11 15.00 44.55
CA GLY D 246 20.83 14.38 44.21
C GLY D 246 21.02 12.92 43.88
N ALA D 247 22.13 12.58 43.20
CA ALA D 247 22.47 11.20 42.87
C ALA D 247 22.79 10.44 44.17
N GLY D 248 23.44 11.11 45.13
CA GLY D 248 23.76 10.53 46.42
C GLY D 248 22.49 10.23 47.20
N ALA D 249 21.53 11.16 47.15
CA ALA D 249 20.24 10.97 47.81
C ALA D 249 19.51 9.80 47.14
N ILE D 250 19.57 9.70 45.80
CA ILE D 250 18.95 8.61 45.05
C ILE D 250 19.61 7.28 45.45
N ALA D 251 20.93 7.28 45.70
CA ALA D 251 21.67 6.07 46.13
C ALA D 251 21.11 5.55 47.47
N LEU D 252 20.65 6.46 48.34
CA LEU D 252 20.06 6.06 49.63
C LEU D 252 18.58 5.68 49.47
N GLY D 253 18.05 5.67 48.25
CA GLY D 253 16.66 5.35 47.97
C GLY D 253 15.71 6.51 48.16
N PHE D 254 16.24 7.73 48.27
CA PHE D 254 15.39 8.91 48.46
C PHE D 254 15.10 9.59 47.11
N PRO D 255 13.82 9.71 46.69
CA PRO D 255 13.55 10.42 45.43
C PRO D 255 13.92 11.90 45.53
N VAL D 256 14.28 12.50 44.39
CA VAL D 256 14.65 13.91 44.32
C VAL D 256 13.66 14.62 43.40
N LEU D 257 12.91 15.59 43.91
CA LEU D 257 11.96 16.33 43.09
C LEU D 257 12.42 17.78 42.97
N THR D 258 12.37 18.33 41.75
CA THR D 258 12.85 19.69 41.51
C THR D 258 11.90 20.50 40.63
N ASP D 259 11.96 21.82 40.75
CA ASP D 259 11.15 22.72 39.93
C ASP D 259 11.86 23.02 38.59
N GLN D 260 13.16 22.66 38.46
CA GLN D 260 13.96 22.90 37.26
C GLN D 260 13.84 21.74 36.28
N VAL D 261 14.05 22.01 34.98
CA VAL D 261 13.98 20.99 33.95
C VAL D 261 15.25 20.15 33.99
N VAL D 262 15.11 18.83 34.22
CA VAL D 262 16.24 17.91 34.30
C VAL D 262 15.90 16.60 33.57
N PRO D 263 16.87 15.73 33.23
CA PRO D 263 16.53 14.45 32.59
C PRO D 263 15.88 13.55 33.65
N GLU D 264 14.55 13.50 33.65
CA GLU D 264 13.80 12.73 34.63
C GLU D 264 14.06 11.23 34.59
N VAL D 265 13.88 10.58 35.75
CA VAL D 265 14.03 9.13 35.95
C VAL D 265 12.80 8.74 36.78
N PRO D 266 11.81 8.01 36.21
CA PRO D 266 10.57 7.68 36.94
C PRO D 266 10.80 7.20 38.37
N THR D 267 9.93 7.66 39.30
CA THR D 267 9.99 7.25 40.73
C THR D 267 11.37 7.51 41.34
N LEU D 268 12.18 8.35 40.71
CA LEU D 268 13.48 8.76 41.33
C LEU D 268 13.71 10.27 41.18
N LEU D 269 13.98 10.74 39.96
CA LEU D 269 14.19 12.20 39.72
C LEU D 269 12.98 12.76 38.97
N LEU D 270 12.19 13.59 39.64
CA LEU D 270 11.01 14.18 39.00
C LEU D 270 11.02 15.70 38.98
N THR D 271 10.25 16.29 38.06
CA THR D 271 10.15 17.74 37.92
C THR D 271 8.78 18.39 38.06
N GLN D 272 8.53 19.03 39.21
CA GLN D 272 7.25 19.74 39.44
C GLN D 272 7.34 21.27 39.47
N LYS D 273 6.83 21.92 38.42
CA LYS D 273 6.89 23.37 38.33
C LYS D 273 5.81 24.05 39.19
N ASP D 274 4.67 23.38 39.40
CA ASP D 274 3.60 23.94 40.22
C ASP D 274 3.94 23.73 41.70
N TYR D 275 4.21 24.83 42.41
CA TYR D 275 4.56 24.79 43.82
C TYR D 275 3.36 24.39 44.69
N ASP D 276 2.12 24.70 44.24
CA ASP D 276 0.91 24.34 44.97
C ASP D 276 0.64 22.82 44.93
N LYS D 277 1.40 22.06 44.12
CA LYS D 277 1.27 20.61 44.01
C LYS D 277 2.51 19.91 44.59
N MET D 278 3.63 20.64 44.73
CA MET D 278 4.88 20.02 45.23
C MET D 278 4.73 19.08 46.44
N VAL D 279 4.01 19.51 47.47
CA VAL D 279 3.88 18.69 48.69
C VAL D 279 3.20 17.36 48.35
N LYS D 280 2.04 17.42 47.65
CA LYS D 280 1.32 16.21 47.28
C LYS D 280 2.16 15.26 46.41
N THR D 281 2.97 15.81 45.51
CA THR D 281 3.84 14.99 44.64
C THR D 281 4.90 14.31 45.49
N SER D 282 5.58 15.07 46.36
CA SER D 282 6.64 14.53 47.21
C SER D 282 6.15 13.39 48.08
N LEU D 283 4.97 13.53 48.69
CA LEU D 283 4.45 12.48 49.55
C LEU D 283 4.14 11.25 48.72
N GLU D 284 3.52 11.42 47.54
CA GLU D 284 3.22 10.29 46.66
C GLU D 284 4.51 9.61 46.20
N ALA D 285 5.54 10.40 45.87
CA ALA D 285 6.81 9.86 45.41
C ALA D 285 7.50 8.97 46.45
N ARG D 286 7.26 9.23 47.74
CA ARG D 286 7.88 8.44 48.80
C ARG D 286 6.84 7.62 49.60
N ASN D 287 5.70 7.29 48.96
CA ASN D 287 4.61 6.52 49.56
C ASN D 287 4.25 6.94 50.99
N ILE D 288 4.19 8.26 51.24
CA ILE D 288 3.82 8.77 52.55
C ILE D 288 2.32 9.05 52.56
N LYS D 289 1.56 8.26 53.34
CA LYS D 289 0.11 8.42 53.43
C LYS D 289 -0.23 9.14 54.73
N ILE D 290 -0.80 10.36 54.61
CA ILE D 290 -1.16 11.17 55.78
C ILE D 290 -2.58 10.88 56.23
N LYS D 291 -2.74 10.39 57.47
CA LYS D 291 -4.06 10.11 58.03
C LYS D 291 -4.66 11.44 58.51
N ILE D 292 -5.38 12.12 57.62
CA ILE D 292 -5.99 13.41 57.91
C ILE D 292 -7.23 13.24 58.79
N THR D 293 -7.31 14.02 59.89
CA THR D 293 -8.45 13.98 60.80
C THR D 293 -9.50 15.03 60.39
N GLU D 294 -9.07 16.15 59.77
CA GLU D 294 -9.96 17.22 59.30
C GLU D 294 -10.86 17.91 60.33
N ILE D 295 -10.26 18.39 61.42
CA ILE D 295 -11.01 19.09 62.46
C ILE D 295 -11.46 20.50 62.04
N PRO D 296 -12.74 20.88 62.23
CA PRO D 296 -13.17 22.23 61.82
C PRO D 296 -12.66 23.32 62.76
N ILE D 297 -11.43 23.79 62.54
CA ILE D 297 -10.79 24.82 63.38
C ILE D 297 -10.01 25.81 62.50
N PRO D 298 -9.92 27.09 62.90
CA PRO D 298 -9.19 28.07 62.08
C PRO D 298 -7.67 28.09 62.26
N VAL D 299 -7.13 27.30 63.20
CA VAL D 299 -5.69 27.25 63.46
C VAL D 299 -5.16 25.85 63.15
N SER D 300 -3.85 25.73 62.90
CA SER D 300 -3.23 24.44 62.58
C SER D 300 -3.27 23.45 63.76
N PHE D 301 -3.05 22.16 63.48
CA PHE D 301 -3.08 21.10 64.50
C PHE D 301 -2.10 20.01 64.09
N ALA D 302 -0.96 19.91 64.80
CA ALA D 302 0.07 18.91 64.48
C ALA D 302 0.98 18.62 65.68
N ALA D 303 1.69 17.48 65.64
CA ALA D 303 2.61 17.09 66.70
C ALA D 303 3.78 18.06 66.85
N ALA D 304 4.06 18.88 65.84
CA ALA D 304 5.15 19.85 65.89
C ALA D 304 4.86 20.95 66.93
N PHE D 305 3.58 21.25 67.18
CA PHE D 305 3.20 22.29 68.14
C PHE D 305 3.05 21.76 69.58
N GLU D 306 3.62 20.57 69.81
CA GLU D 306 3.60 20.00 71.18
C GLU D 306 4.67 20.71 72.00
N GLY D 307 4.44 20.87 73.30
CA GLY D 307 5.42 21.52 74.17
C GLY D 307 5.65 22.97 73.78
N GLU D 308 4.57 23.60 73.30
CA GLU D 308 4.66 25.03 72.87
C GLU D 308 4.95 25.89 74.10
N ARG D 309 5.83 26.89 73.93
CA ARG D 309 6.21 27.78 75.06
C ARG D 309 5.43 29.11 74.95
N ILE D 310 4.12 29.08 75.24
CA ILE D 310 3.29 30.27 75.18
C ILE D 310 3.67 31.14 76.37
N ARG D 311 4.51 32.15 76.14
CA ARG D 311 5.00 32.98 77.28
C ARG D 311 4.07 34.17 77.51
N LYS D 312 4.24 34.87 78.64
CA LYS D 312 3.35 36.01 79.02
C LYS D 312 3.12 36.99 77.86
N ASN D 313 4.18 37.58 77.31
CA ASN D 313 3.95 38.62 76.30
C ASN D 313 3.19 38.09 75.08
N ASP D 314 3.58 36.92 74.57
CA ASP D 314 2.93 36.32 73.39
C ASP D 314 1.56 35.68 73.71
N MET D 315 1.11 35.83 74.96
CA MET D 315 -0.16 35.16 75.33
C MET D 315 -1.29 36.18 75.49
N LEU D 316 -2.53 35.75 75.28
CA LEU D 316 -3.70 36.61 75.37
C LEU D 316 -4.55 36.22 76.58
N ALA D 317 -4.85 34.92 76.73
CA ALA D 317 -5.68 34.44 77.85
C ALA D 317 -4.99 33.36 78.66
N GLU D 318 -5.25 33.38 79.97
CA GLU D 318 -4.65 32.39 80.89
C GLU D 318 -5.77 31.75 81.72
N PHE D 319 -5.65 30.45 81.98
CA PHE D 319 -6.64 29.71 82.77
C PHE D 319 -5.88 28.70 83.64
N GLY D 320 -6.42 28.47 84.84
CA GLY D 320 -5.77 27.52 85.77
C GLY D 320 -4.56 28.16 86.41
N GLY D 321 -3.69 27.33 87.00
CA GLY D 321 -2.47 27.86 87.65
C GLY D 321 -2.81 28.58 88.95
N ASN D 322 -1.80 29.15 89.60
CA ASN D 322 -2.05 29.94 90.83
C ASN D 322 -2.60 31.29 90.36
N LYS D 323 -3.64 31.27 89.51
CA LYS D 323 -4.19 32.51 88.98
C LYS D 323 -5.72 32.43 89.04
N THR D 324 -6.31 31.37 88.45
CA THR D 324 -7.76 31.19 88.45
C THR D 324 -8.13 29.70 88.56
N LYS D 325 -9.37 29.40 88.94
CA LYS D 325 -9.81 28.02 89.09
C LYS D 325 -10.13 27.39 87.75
N ALA D 326 -9.49 26.24 87.45
CA ALA D 326 -9.70 25.53 86.19
C ALA D 326 -9.74 24.02 86.41
N TRP D 327 -10.52 23.30 85.59
CA TRP D 327 -10.64 21.86 85.73
C TRP D 327 -11.06 21.18 84.43
N GLU D 328 -10.97 19.83 84.40
CA GLU D 328 -11.36 19.03 83.25
C GLU D 328 -11.98 17.71 83.74
N LEU D 329 -12.87 17.10 82.95
CA LEU D 329 -13.53 15.86 83.35
C LEU D 329 -14.20 15.13 82.18
N VAL D 330 -14.25 13.80 82.22
CA VAL D 330 -14.90 12.97 81.21
C VAL D 330 -15.90 12.07 81.96
N MET D 331 -17.17 12.08 81.53
CA MET D 331 -18.23 11.31 82.19
C MET D 331 -18.85 10.24 81.29
N CYS D 332 -19.35 9.18 81.92
CA CYS D 332 -20.02 8.06 81.25
C CYS D 332 -21.51 8.30 81.45
N ALA D 333 -22.28 8.34 80.35
CA ALA D 333 -23.72 8.61 80.43
C ALA D 333 -24.50 7.84 79.35
N ASP D 334 -25.83 7.74 79.50
CA ASP D 334 -26.68 7.04 78.54
C ASP D 334 -26.91 7.89 77.28
N GLN D 335 -27.42 7.28 76.20
CA GLN D 335 -27.68 7.99 74.93
C GLN D 335 -28.62 9.19 75.06
N GLY D 336 -29.43 9.24 76.12
CA GLY D 336 -30.36 10.33 76.34
C GLY D 336 -29.70 11.62 76.80
N GLU D 337 -28.65 11.52 77.63
CA GLU D 337 -27.95 12.69 78.13
C GLU D 337 -27.04 13.31 77.06
N VAL D 338 -26.45 12.46 76.20
CA VAL D 338 -25.52 12.90 75.16
C VAL D 338 -26.26 13.19 73.85
N GLU D 339 -26.07 14.41 73.29
CA GLU D 339 -26.69 14.83 72.04
C GLU D 339 -25.62 14.90 70.93
N ASP D 340 -24.82 13.83 70.77
CA ASP D 340 -23.75 13.72 69.77
C ASP D 340 -22.93 15.05 69.62
N HIS D 341 -22.63 15.53 68.39
CA HIS D 341 -21.87 16.76 68.23
C HIS D 341 -22.66 17.93 68.80
N LYS D 342 -22.24 18.41 69.98
CA LYS D 342 -22.92 19.50 70.67
C LYS D 342 -21.87 20.34 71.41
N ILE D 343 -21.70 21.61 71.01
CA ILE D 343 -20.71 22.50 71.63
C ILE D 343 -21.44 23.66 72.28
N GLU D 344 -21.41 23.74 73.62
CA GLU D 344 -22.06 24.82 74.37
C GLU D 344 -21.01 25.53 75.21
N VAL D 345 -20.72 26.80 74.89
CA VAL D 345 -19.74 27.58 75.61
C VAL D 345 -20.43 28.47 76.64
N ILE D 346 -20.72 27.90 77.82
CA ILE D 346 -21.35 28.64 78.91
C ILE D 346 -20.31 29.64 79.46
N GLY D 347 -20.74 30.86 79.72
CA GLY D 347 -19.86 31.90 80.23
C GLY D 347 -19.30 32.76 79.12
N PRO D 348 -18.47 33.77 79.45
CA PRO D 348 -17.92 34.64 78.40
C PRO D 348 -16.95 33.93 77.44
N ASP D 349 -16.63 34.56 76.31
CA ASP D 349 -15.71 33.99 75.32
C ASP D 349 -14.47 34.88 75.19
N ILE D 350 -13.43 34.41 74.49
CA ILE D 350 -12.20 35.16 74.31
C ILE D 350 -12.43 36.54 73.63
N ASP D 351 -13.58 36.74 72.96
CA ASP D 351 -13.87 38.02 72.33
C ASP D 351 -14.05 39.12 73.39
N THR D 352 -14.67 38.75 74.53
CA THR D 352 -14.92 39.67 75.66
C THR D 352 -13.61 40.27 76.24
N ILE D 353 -12.47 39.61 75.99
CA ILE D 353 -11.17 40.08 76.50
C ILE D 353 -10.78 41.41 75.84
N ASP D 354 -9.99 42.23 76.54
CA ASP D 354 -9.53 43.51 76.03
C ASP D 354 -8.06 43.75 76.41
N LYS D 355 -7.72 43.53 77.69
CA LYS D 355 -6.35 43.70 78.18
C LYS D 355 -5.48 42.54 77.66
N ALA D 356 -4.18 42.76 77.45
CA ALA D 356 -3.31 41.71 76.93
C ALA D 356 -3.22 40.45 77.85
N PRO D 357 -2.88 40.54 79.17
CA PRO D 357 -2.81 39.31 79.99
C PRO D 357 -4.10 39.02 80.77
N GLY D 358 -5.24 39.02 80.08
CA GLY D 358 -6.53 38.75 80.71
C GLY D 358 -6.67 37.31 81.13
N ARG D 359 -7.21 37.09 82.34
CA ARG D 359 -7.33 35.71 82.87
C ARG D 359 -8.79 35.43 83.24
N MET D 360 -9.27 34.22 82.96
CA MET D 360 -10.65 33.82 83.26
C MET D 360 -10.72 32.34 83.71
N PRO D 361 -11.76 31.89 84.46
CA PRO D 361 -11.83 30.47 84.84
C PRO D 361 -12.11 29.57 83.63
N LEU D 362 -11.88 28.26 83.76
CA LEU D 362 -12.12 27.35 82.64
C LEU D 362 -12.44 25.93 83.09
N GLY D 363 -13.63 25.45 82.74
CA GLY D 363 -14.07 24.10 83.08
C GLY D 363 -14.37 23.33 81.81
N MET D 364 -13.95 22.07 81.72
CA MET D 364 -14.18 21.25 80.53
C MET D 364 -14.89 19.95 80.87
N LEU D 365 -16.23 19.95 80.78
CA LEU D 365 -17.03 18.76 81.06
C LEU D 365 -17.38 18.07 79.74
N ILE D 366 -17.08 16.76 79.64
CA ILE D 366 -17.34 15.99 78.42
C ILE D 366 -18.16 14.74 78.76
N LYS D 367 -19.30 14.54 78.08
CA LYS D 367 -20.14 13.36 78.33
C LYS D 367 -19.94 12.34 77.19
N VAL D 368 -20.05 11.06 77.53
CA VAL D 368 -19.88 9.98 76.51
C VAL D 368 -21.10 9.06 76.55
N SER D 369 -21.44 8.44 75.42
CA SER D 369 -22.59 7.53 75.34
C SER D 369 -22.23 6.08 75.62
N GLY D 370 -23.22 5.32 76.11
CA GLY D 370 -23.06 3.92 76.45
C GLY D 370 -22.94 2.98 75.26
N THR D 371 -21.71 2.46 75.07
CA THR D 371 -21.42 1.51 73.97
C THR D 371 -20.21 0.66 74.40
N ASN D 372 -20.43 -0.43 75.14
CA ASN D 372 -19.36 -1.28 75.65
C ASN D 372 -18.25 -0.44 76.33
N MET D 373 -18.71 0.61 77.02
CA MET D 373 -17.77 1.51 77.75
C MET D 373 -18.19 1.57 79.22
N GLN D 374 -17.23 1.52 80.14
CA GLN D 374 -17.48 1.54 81.58
C GLN D 374 -16.87 2.79 82.23
N LYS D 375 -17.26 3.08 83.48
CA LYS D 375 -16.71 4.22 84.22
C LYS D 375 -15.19 4.06 84.41
N ASP D 376 -14.69 2.81 84.40
CA ASP D 376 -13.26 2.56 84.54
C ASP D 376 -12.45 3.06 83.33
N PHE D 377 -13.12 3.39 82.20
CA PHE D 377 -12.44 3.89 81.01
C PHE D 377 -12.34 5.43 81.01
N GLU D 378 -13.18 6.12 81.80
CA GLU D 378 -13.16 7.60 81.85
C GLU D 378 -11.75 8.17 82.13
N PRO D 379 -10.95 7.61 83.07
CA PRO D 379 -9.62 8.18 83.32
C PRO D 379 -8.70 8.22 82.11
N VAL D 380 -8.82 7.23 81.22
CA VAL D 380 -7.95 7.17 80.01
C VAL D 380 -8.35 8.31 79.07
N LEU D 381 -9.66 8.52 78.90
CA LEU D 381 -10.19 9.54 78.00
C LEU D 381 -9.82 10.93 78.54
N GLU D 382 -9.99 11.13 79.85
CA GLU D 382 -9.70 12.42 80.48
C GLU D 382 -8.21 12.75 80.42
N ARG D 383 -7.33 11.75 80.59
CA ARG D 383 -5.90 11.98 80.57
C ARG D 383 -5.43 12.43 79.18
N ARG D 384 -5.99 11.87 78.12
CA ARG D 384 -5.60 12.22 76.76
C ARG D 384 -5.95 13.64 76.33
N LEU D 385 -6.79 14.34 77.11
CA LEU D 385 -7.16 15.74 76.76
C LEU D 385 -5.89 16.59 76.58
N HIS D 386 -4.88 16.37 77.42
CA HIS D 386 -3.63 17.13 77.39
C HIS D 386 -2.95 16.95 76.03
N TYR D 387 -2.81 15.69 75.60
CA TYR D 387 -2.20 15.32 74.34
C TYR D 387 -2.96 15.96 73.17
N PHE D 388 -4.30 15.89 73.17
CA PHE D 388 -5.11 16.45 72.10
C PHE D 388 -5.08 17.98 72.04
N LEU D 389 -5.19 18.63 73.20
CA LEU D 389 -5.26 20.12 73.22
C LEU D 389 -3.88 20.72 72.89
N ASN D 390 -2.80 20.08 73.32
CA ASN D 390 -1.45 20.67 73.12
C ASN D 390 -1.09 20.65 71.63
N TYR D 391 -1.71 19.76 70.85
CA TYR D 391 -1.46 19.65 69.41
C TYR D 391 -1.90 20.93 68.67
N ILE D 392 -2.84 21.71 69.25
CA ILE D 392 -3.31 22.94 68.64
C ILE D 392 -2.19 23.97 68.68
N GLU D 393 -1.92 24.65 67.56
CA GLU D 393 -0.90 25.68 67.52
C GLU D 393 -1.45 26.93 68.21
N GLY D 394 -0.63 27.57 69.04
CA GLY D 394 -1.03 28.76 69.77
C GLY D 394 -1.45 28.50 71.20
N VAL D 395 -2.04 27.31 71.47
CA VAL D 395 -2.48 27.00 72.84
C VAL D 395 -1.51 26.00 73.50
N MET D 396 -1.51 26.01 74.83
CA MET D 396 -0.63 25.10 75.61
C MET D 396 -1.39 24.63 76.85
N HIS D 397 -1.66 23.32 76.93
CA HIS D 397 -2.37 22.72 78.06
C HIS D 397 -1.39 21.96 78.94
N VAL D 398 -1.39 22.24 80.25
CA VAL D 398 -0.49 21.60 81.21
C VAL D 398 -1.27 21.27 82.47
N GLY D 399 -1.16 20.04 82.96
CA GLY D 399 -1.85 19.62 84.18
C GLY D 399 -2.91 18.58 83.97
N GLN D 400 -3.70 18.30 85.02
CA GLN D 400 -4.77 17.31 84.98
C GLN D 400 -5.83 17.57 86.05
N ARG D 401 -7.02 16.96 85.92
CA ARG D 401 -8.12 17.08 86.87
C ARG D 401 -8.44 18.56 87.25
N ASN D 402 -8.40 18.94 88.55
CA ASN D 402 -8.70 20.32 88.94
C ASN D 402 -7.44 21.17 89.12
N LEU D 403 -6.33 20.79 88.50
CA LEU D 403 -5.08 21.54 88.58
C LEU D 403 -4.51 21.70 87.16
N THR D 404 -5.37 22.12 86.22
CA THR D 404 -5.00 22.33 84.82
C THR D 404 -4.50 23.76 84.64
N TRP D 405 -3.84 24.02 83.49
CA TRP D 405 -3.30 25.33 83.16
C TRP D 405 -3.27 25.50 81.65
N VAL D 406 -4.22 26.26 81.11
CA VAL D 406 -4.32 26.51 79.68
C VAL D 406 -3.83 27.94 79.37
N ARG D 407 -3.08 28.10 78.27
CA ARG D 407 -2.55 29.39 77.85
C ARG D 407 -2.80 29.56 76.36
N ILE D 408 -3.65 30.52 75.96
CA ILE D 408 -3.94 30.75 74.54
C ILE D 408 -3.06 31.89 74.01
N GLY D 409 -2.53 31.71 72.81
CA GLY D 409 -1.65 32.69 72.17
C GLY D 409 -2.38 33.82 71.46
N LYS D 410 -1.69 34.95 71.25
CA LYS D 410 -2.28 36.10 70.58
C LYS D 410 -2.53 35.79 69.11
N GLU D 411 -1.64 35.00 68.48
CA GLU D 411 -1.76 34.63 67.08
C GLU D 411 -3.01 33.77 66.84
N ALA D 412 -3.37 32.90 67.79
CA ALA D 412 -4.54 32.04 67.66
C ALA D 412 -5.84 32.84 67.58
N PHE D 413 -5.98 33.88 68.42
CA PHE D 413 -7.17 34.71 68.41
C PHE D 413 -7.32 35.44 67.08
N GLU D 414 -6.21 35.92 66.51
CA GLU D 414 -6.23 36.61 65.22
C GLU D 414 -6.68 35.65 64.11
N LYS D 415 -6.22 34.38 64.17
CA LYS D 415 -6.61 33.37 63.16
C LYS D 415 -8.11 33.04 63.23
N GLY D 416 -8.74 33.31 64.36
CA GLY D 416 -10.16 33.06 64.57
C GLY D 416 -10.46 32.01 65.63
N PHE D 417 -9.49 31.72 66.52
CA PHE D 417 -9.69 30.72 67.56
C PHE D 417 -10.56 31.25 68.70
N ARG D 418 -11.57 30.47 69.08
CA ARG D 418 -12.50 30.80 70.16
C ARG D 418 -12.71 29.55 71.02
N LEU D 419 -13.35 29.69 72.19
CA LEU D 419 -13.59 28.53 73.07
C LEU D 419 -14.39 27.43 72.36
N LYS D 420 -15.20 27.77 71.35
CA LYS D 420 -16.00 26.79 70.60
C LYS D 420 -15.08 25.74 69.95
N HIS D 421 -13.88 26.14 69.56
CA HIS D 421 -12.98 25.21 68.82
C HIS D 421 -12.38 24.18 69.80
N PHE D 422 -12.22 24.56 71.06
CA PHE D 422 -11.59 23.64 72.05
C PHE D 422 -12.33 22.30 72.01
N GLY D 423 -13.66 22.35 72.03
CA GLY D 423 -14.46 21.10 72.01
C GLY D 423 -14.36 20.40 70.68
N GLU D 424 -14.29 21.16 69.58
CA GLU D 424 -14.25 20.56 68.26
C GLU D 424 -13.07 19.58 68.16
N VAL D 425 -11.92 19.92 68.76
CA VAL D 425 -10.76 19.02 68.72
C VAL D 425 -11.02 17.81 69.61
N ILE D 426 -11.65 18.03 70.77
CA ILE D 426 -11.94 16.94 71.70
C ILE D 426 -12.92 15.96 71.05
N TYR D 427 -14.06 16.45 70.56
CA TYR D 427 -15.05 15.58 69.92
C TYR D 427 -14.46 14.83 68.73
N ALA D 428 -13.64 15.50 67.91
CA ALA D 428 -13.03 14.85 66.75
C ALA D 428 -12.01 13.78 67.14
N LYS D 429 -11.12 14.07 68.10
CA LYS D 429 -10.11 13.11 68.52
C LYS D 429 -10.68 12.00 69.41
N MET D 430 -11.79 12.25 70.11
CA MET D 430 -12.40 11.23 70.97
C MET D 430 -12.97 10.08 70.13
N LEU D 431 -13.34 10.33 68.86
CA LEU D 431 -13.87 9.30 67.98
C LEU D 431 -12.76 8.72 67.10
N ASP D 432 -11.80 9.56 66.67
CA ASP D 432 -10.71 9.10 65.82
C ASP D 432 -9.74 8.20 66.58
N GLU D 433 -9.51 8.47 67.87
CA GLU D 433 -8.58 7.68 68.68
C GLU D 433 -9.31 6.62 69.52
N PHE D 434 -10.45 6.97 70.14
CA PHE D 434 -11.19 6.04 70.99
C PHE D 434 -12.57 5.68 70.44
N GLY D 435 -12.68 5.48 69.14
CA GLY D 435 -13.93 5.10 68.51
C GLY D 435 -14.34 3.68 68.85
N SER D 436 -13.39 2.86 69.32
CA SER D 436 -13.62 1.46 69.68
C SER D 436 -14.65 1.33 70.81
N VAL D 437 -14.67 2.29 71.76
CA VAL D 437 -15.62 2.24 72.88
C VAL D 437 -16.48 3.52 72.99
N VAL D 438 -16.47 4.40 71.98
CA VAL D 438 -17.26 5.63 72.00
C VAL D 438 -18.04 5.78 70.69
N ASP D 439 -19.34 6.11 70.80
CA ASP D 439 -20.21 6.30 69.64
C ASP D 439 -20.64 7.78 69.56
N LYS D 440 -21.11 8.34 70.68
CA LYS D 440 -21.55 9.73 70.76
C LYS D 440 -20.79 10.46 71.88
N CYS D 441 -20.63 11.79 71.75
CA CYS D 441 -19.91 12.59 72.75
C CYS D 441 -20.28 14.07 72.60
N GLU D 442 -20.32 14.81 73.72
CA GLU D 442 -20.63 16.25 73.69
C GLU D 442 -19.75 17.00 74.69
N VAL D 443 -19.31 18.22 74.32
CA VAL D 443 -18.45 19.05 75.16
C VAL D 443 -19.20 20.28 75.68
N THR D 444 -18.91 20.68 76.92
CA THR D 444 -19.52 21.85 77.55
C THR D 444 -18.43 22.69 78.22
N ILE D 445 -18.00 23.77 77.57
CA ILE D 445 -16.96 24.64 78.12
C ILE D 445 -17.61 25.64 79.09
N ILE D 446 -16.95 25.92 80.23
CA ILE D 446 -17.50 26.85 81.24
C ILE D 446 -16.48 27.93 81.59
N THR D 447 -16.82 29.20 81.34
CA THR D 447 -15.96 30.34 81.67
C THR D 447 -16.58 31.21 82.79
N ASP D 448 -17.83 30.92 83.21
CA ASP D 448 -18.50 31.67 84.27
C ASP D 448 -17.95 31.20 85.64
N PRO D 449 -17.42 32.10 86.50
CA PRO D 449 -16.90 31.63 87.80
C PRO D 449 -17.90 30.88 88.67
N GLY D 450 -19.16 31.31 88.65
CA GLY D 450 -20.21 30.70 89.43
C GLY D 450 -20.54 29.28 89.03
N LYS D 451 -20.86 29.06 87.74
CA LYS D 451 -21.21 27.72 87.25
C LYS D 451 -20.04 26.75 87.28
N ALA D 452 -18.80 27.22 87.05
CA ALA D 452 -17.63 26.36 87.09
C ALA D 452 -17.43 25.79 88.49
N GLU D 453 -17.65 26.61 89.51
CA GLU D 453 -17.50 26.19 90.90
C GLU D 453 -18.56 25.14 91.26
N GLU D 454 -19.80 25.34 90.82
CA GLU D 454 -20.89 24.41 91.12
C GLU D 454 -20.67 23.07 90.41
N LEU D 455 -20.43 23.10 89.08
CA LEU D 455 -20.21 21.89 88.29
C LEU D 455 -18.99 21.10 88.77
N GLU D 456 -17.99 21.78 89.35
CA GLU D 456 -16.80 21.12 89.86
C GLU D 456 -17.18 20.18 91.02
N GLY D 457 -17.97 20.67 91.95
CA GLY D 457 -18.40 19.87 93.11
C GLY D 457 -19.49 18.87 92.79
N LYS D 458 -20.25 19.10 91.70
CA LYS D 458 -21.35 18.20 91.33
C LYS D 458 -20.85 16.84 90.83
N TYR D 459 -20.03 16.81 89.76
CA TYR D 459 -19.53 15.55 89.20
C TYR D 459 -18.01 15.40 89.15
N ALA D 460 -17.26 16.50 89.05
CA ALA D 460 -15.80 16.40 88.97
C ALA D 460 -15.14 15.89 90.28
N VAL D 461 -15.33 16.58 91.43
CA VAL D 461 -14.70 16.16 92.69
C VAL D 461 -15.14 14.75 93.12
N PRO D 462 -16.44 14.40 93.09
CA PRO D 462 -16.83 13.03 93.50
C PRO D 462 -16.24 11.94 92.61
N ARG D 463 -16.01 12.25 91.31
CA ARG D 463 -15.44 11.26 90.38
C ARG D 463 -13.99 10.97 90.71
N TYR D 464 -13.17 12.01 90.97
CA TYR D 464 -11.77 11.82 91.31
C TYR D 464 -11.63 10.95 92.57
N LYS D 465 -12.53 11.14 93.54
CA LYS D 465 -12.53 10.37 94.78
C LYS D 465 -12.91 8.91 94.49
N GLU D 466 -13.91 8.70 93.63
CA GLU D 466 -14.39 7.37 93.25
C GLU D 466 -13.28 6.58 92.54
N ARG D 467 -12.58 7.25 91.61
CA ARG D 467 -11.51 6.57 90.84
C ARG D 467 -10.34 6.24 91.79
N ASP D 468 -9.91 7.21 92.59
CA ASP D 468 -8.75 7.01 93.47
C ASP D 468 -8.99 5.88 94.47
N ALA D 469 -10.25 5.66 94.88
CA ALA D 469 -10.56 4.60 95.84
C ALA D 469 -11.06 3.33 95.14
N ARG D 470 -10.65 3.10 93.87
CA ARG D 470 -11.09 1.91 93.15
C ARG D 470 -10.57 0.63 93.82
N LEU D 471 -9.31 0.64 94.28
CA LEU D 471 -8.75 -0.55 94.94
C LEU D 471 -7.67 -0.14 95.95
N GLU D 472 -8.07 0.05 97.21
CA GLU D 472 -7.08 0.50 98.23
C GLU D 472 -6.59 -0.69 99.06
N SER D 473 -6.66 -1.91 98.50
CA SER D 473 -6.16 -3.09 99.20
C SER D 473 -5.07 -3.84 98.41
N LEU D 474 -4.90 -3.54 97.11
CA LEU D 474 -3.89 -4.21 96.31
C LEU D 474 -2.50 -3.70 96.66
N VAL D 475 -1.54 -4.62 96.75
CA VAL D 475 -0.15 -4.29 97.06
C VAL D 475 0.76 -4.73 95.91
N ASP D 476 1.94 -4.11 95.80
CA ASP D 476 2.89 -4.45 94.74
C ASP D 476 3.41 -5.89 94.85
N GLU D 477 3.27 -6.52 96.02
CA GLU D 477 3.74 -7.89 96.24
C GLU D 477 2.80 -8.93 95.63
N LYS D 478 1.49 -8.63 95.53
CA LYS D 478 0.51 -9.56 94.99
C LYS D 478 0.20 -9.33 93.50
N VAL D 479 1.13 -8.70 92.76
CA VAL D 479 0.94 -8.42 91.33
C VAL D 479 2.15 -8.91 90.53
N ASP D 480 1.95 -9.31 89.26
CA ASP D 480 3.03 -9.79 88.40
C ASP D 480 3.37 -8.84 87.24
N THR D 481 2.47 -7.90 86.90
CA THR D 481 2.70 -6.96 85.81
C THR D 481 2.60 -5.50 86.26
N PHE D 482 3.67 -4.72 85.99
CA PHE D 482 3.71 -3.29 86.30
C PHE D 482 3.47 -2.57 84.97
N TYR D 483 3.38 -1.22 84.97
CA TYR D 483 3.15 -0.48 83.73
C TYR D 483 4.09 0.70 83.57
N SER D 484 4.33 1.13 82.33
CA SER D 484 5.22 2.24 82.04
C SER D 484 4.49 3.24 81.15
N CYS D 485 4.54 4.53 81.50
CA CYS D 485 3.89 5.58 80.73
C CYS D 485 4.94 6.55 80.20
N ASN D 486 4.88 6.87 78.90
CA ASN D 486 5.81 7.79 78.26
C ASN D 486 5.12 9.08 77.76
N LEU D 487 3.91 9.36 78.26
CA LEU D 487 3.16 10.54 77.83
C LEU D 487 3.94 11.83 78.10
N CYS D 488 4.55 11.96 79.28
CA CYS D 488 5.29 13.15 79.64
C CYS D 488 6.67 13.25 78.97
N GLN D 489 6.97 12.41 77.97
CA GLN D 489 8.25 12.50 77.27
C GLN D 489 8.31 13.73 76.35
N SER D 490 7.15 14.33 76.02
CA SER D 490 7.09 15.52 75.17
C SER D 490 7.85 16.67 75.86
N PHE D 491 7.71 16.79 77.18
CA PHE D 491 8.40 17.81 77.95
C PHE D 491 9.77 17.26 78.42
N ALA D 492 9.77 16.19 79.23
CA ALA D 492 11.00 15.59 79.74
C ALA D 492 11.37 14.35 78.93
N PRO D 493 12.28 14.46 77.94
CA PRO D 493 12.59 13.27 77.12
C PRO D 493 13.08 12.01 77.81
N ALA D 494 13.78 12.14 78.94
CA ALA D 494 14.30 10.97 79.64
C ALA D 494 13.36 10.40 80.70
N HIS D 495 12.26 11.09 81.01
CA HIS D 495 11.32 10.62 82.02
C HIS D 495 10.49 9.41 81.58
N VAL D 496 10.39 8.41 82.48
CA VAL D 496 9.61 7.20 82.27
C VAL D 496 8.87 6.95 83.58
N CYS D 497 7.55 6.76 83.54
CA CYS D 497 6.76 6.52 84.75
C CYS D 497 6.43 5.05 84.96
N ILE D 498 6.96 4.44 86.04
CA ILE D 498 6.68 3.05 86.37
C ILE D 498 5.53 2.99 87.37
N VAL D 499 4.33 2.69 86.88
CA VAL D 499 3.11 2.72 87.75
C VAL D 499 2.89 1.34 88.40
N THR D 500 2.88 1.28 89.74
CA THR D 500 2.58 0.02 90.45
C THR D 500 1.37 0.26 91.34
N PRO D 501 0.64 -0.76 91.84
CA PRO D 501 -0.57 -0.55 92.63
C PRO D 501 -0.41 0.53 93.71
N GLU D 502 0.74 0.56 94.40
CA GLU D 502 0.99 1.51 95.49
C GLU D 502 1.66 2.80 94.99
N ARG D 503 2.50 2.73 93.96
CA ARG D 503 3.18 3.91 93.40
C ARG D 503 2.52 4.28 92.07
N LEU D 504 1.47 5.10 92.15
CA LEU D 504 0.73 5.49 90.92
C LEU D 504 1.50 6.59 90.19
N GLY D 505 0.98 7.01 89.03
CA GLY D 505 1.62 8.04 88.23
C GLY D 505 1.85 9.33 88.99
N LEU D 506 2.85 10.11 88.57
CA LEU D 506 3.19 11.38 89.24
C LEU D 506 2.09 12.43 89.03
N CYS D 507 1.43 12.38 87.86
CA CYS D 507 0.34 13.29 87.55
C CYS D 507 -0.82 13.11 88.52
N GLY D 508 -1.04 11.89 88.98
CA GLY D 508 -2.12 11.58 89.90
C GLY D 508 -3.37 11.07 89.21
N ALA D 509 -3.39 11.09 87.87
CA ALA D 509 -4.53 10.64 87.08
C ALA D 509 -4.29 9.29 86.36
N VAL D 510 -3.18 8.58 86.68
CA VAL D 510 -2.87 7.29 86.06
C VAL D 510 -2.48 6.27 87.13
N SER D 511 -3.46 5.49 87.62
CA SER D 511 -3.22 4.45 88.62
C SER D 511 -2.86 3.14 87.92
N TRP D 512 -2.49 2.09 88.68
CA TRP D 512 -2.15 0.80 88.06
C TRP D 512 -3.35 0.23 87.28
N LEU D 513 -4.58 0.54 87.72
CA LEU D 513 -5.80 0.09 87.09
C LEU D 513 -6.04 0.88 85.80
N ASP D 514 -5.81 2.20 85.84
CA ASP D 514 -6.01 3.08 84.68
C ASP D 514 -4.96 2.79 83.60
N ALA D 515 -3.74 2.42 84.01
CA ALA D 515 -2.68 2.10 83.05
C ALA D 515 -2.99 0.82 82.30
N LYS D 516 -3.56 -0.19 83.01
CA LYS D 516 -3.93 -1.46 82.39
C LYS D 516 -5.06 -1.20 81.38
N ALA D 517 -6.06 -0.40 81.76
CA ALA D 517 -7.19 -0.07 80.89
C ALA D 517 -6.72 0.64 79.63
N THR D 518 -5.69 1.50 79.75
CA THR D 518 -5.13 2.24 78.62
C THR D 518 -4.57 1.25 77.59
N LEU D 519 -3.81 0.25 78.05
CA LEU D 519 -3.21 -0.75 77.18
C LEU D 519 -4.29 -1.60 76.48
N GLU D 520 -5.40 -1.86 77.17
CA GLU D 520 -6.49 -2.66 76.60
C GLU D 520 -7.15 -1.89 75.45
N LEU D 521 -7.45 -0.61 75.67
CA LEU D 521 -8.12 0.22 74.67
C LEU D 521 -7.18 0.66 73.53
N ASN D 522 -5.87 0.72 73.78
CA ASN D 522 -4.93 1.12 72.74
C ASN D 522 -3.62 0.33 72.90
N PRO D 523 -3.45 -0.80 72.18
CA PRO D 523 -2.20 -1.57 72.33
C PRO D 523 -0.94 -0.76 72.03
N THR D 524 -1.05 0.21 71.11
CA THR D 524 0.05 1.09 70.73
C THR D 524 -0.11 2.45 71.43
N GLY D 525 -0.44 2.41 72.72
CA GLY D 525 -0.66 3.61 73.51
C GLY D 525 0.54 4.00 74.35
N PRO D 526 0.39 5.03 75.20
CA PRO D 526 1.53 5.44 76.04
C PRO D 526 1.87 4.43 77.14
N CYS D 527 0.85 3.72 77.66
CA CYS D 527 1.04 2.73 78.72
C CYS D 527 1.34 1.36 78.13
N GLN D 528 2.44 0.73 78.59
CA GLN D 528 2.85 -0.60 78.14
C GLN D 528 3.13 -1.49 79.37
N ALA D 529 2.97 -2.81 79.22
CA ALA D 529 3.18 -3.74 80.32
C ALA D 529 4.67 -3.99 80.61
N VAL D 530 4.99 -4.25 81.88
CA VAL D 530 6.34 -4.51 82.36
C VAL D 530 6.28 -5.71 83.30
N PRO D 531 6.71 -6.92 82.91
CA PRO D 531 6.63 -8.06 83.84
C PRO D 531 7.65 -7.91 84.98
N LYS D 532 7.21 -8.15 86.22
CA LYS D 532 8.06 -8.02 87.41
C LYS D 532 9.05 -9.18 87.52
N GLU D 533 10.10 -9.17 86.67
CA GLU D 533 11.11 -10.23 86.63
C GLU D 533 12.50 -9.72 87.00
N GLY D 534 13.32 -10.61 87.55
CA GLY D 534 14.68 -10.26 87.95
C GLY D 534 14.74 -9.49 89.25
N VAL D 535 14.03 -9.99 90.25
CA VAL D 535 13.95 -9.26 91.55
C VAL D 535 15.35 -9.26 92.17
N VAL D 536 15.77 -8.13 92.72
CA VAL D 536 17.10 -8.06 93.39
C VAL D 536 16.90 -7.50 94.80
N ASP D 537 16.07 -6.49 94.93
CA ASP D 537 15.77 -6.00 96.29
C ASP D 537 14.32 -5.53 96.34
N GLU D 538 13.46 -6.19 97.12
CA GLU D 538 12.05 -5.79 97.22
C GLU D 538 11.83 -4.66 98.24
N ASN D 539 12.81 -4.39 99.11
CA ASN D 539 12.68 -3.30 100.09
C ASN D 539 12.98 -1.99 99.38
N LEU D 540 14.04 -1.97 98.54
CA LEU D 540 14.41 -0.77 97.77
C LEU D 540 13.55 -0.68 96.51
N GLY D 541 13.20 -1.82 95.92
CA GLY D 541 12.40 -1.87 94.72
C GLY D 541 13.27 -1.89 93.48
N ILE D 542 14.03 -2.98 93.29
CA ILE D 542 14.91 -3.13 92.15
C ILE D 542 14.58 -4.41 91.38
N TRP D 543 14.21 -4.27 90.09
CA TRP D 543 13.90 -5.39 89.21
C TRP D 543 14.67 -5.19 87.92
N GLU D 544 15.30 -6.24 87.41
CA GLU D 544 16.08 -6.13 86.18
C GLU D 544 15.21 -5.73 85.00
N LYS D 545 14.01 -6.32 84.87
CA LYS D 545 13.12 -5.99 83.75
C LYS D 545 12.68 -4.52 83.83
N VAL D 546 12.47 -4.00 85.04
CA VAL D 546 12.08 -2.60 85.22
C VAL D 546 13.24 -1.71 84.76
N ASN D 547 14.44 -2.02 85.26
CA ASN D 547 15.66 -1.24 84.87
C ASN D 547 15.84 -1.28 83.35
N GLU D 548 15.54 -2.42 82.72
CA GLU D 548 15.73 -2.58 81.28
C GLU D 548 14.71 -1.78 80.49
N THR D 549 13.43 -1.79 80.89
CA THR D 549 12.41 -1.04 80.18
C THR D 549 12.67 0.46 80.32
N VAL D 550 13.19 0.90 81.48
CA VAL D 550 13.51 2.30 81.71
C VAL D 550 14.68 2.68 80.80
N SER D 551 15.71 1.83 80.70
CA SER D 551 16.86 2.10 79.83
C SER D 551 16.44 2.17 78.36
N LYS D 552 15.45 1.34 77.97
CA LYS D 552 14.96 1.32 76.60
C LYS D 552 14.17 2.60 76.27
N ILE D 553 13.19 2.97 77.10
CA ILE D 553 12.36 4.15 76.86
C ILE D 553 13.17 5.44 77.04
N SER D 554 14.07 5.51 78.04
CA SER D 554 14.89 6.69 78.26
C SER D 554 15.97 6.87 77.20
N GLN D 555 16.12 5.92 76.27
CA GLN D 555 17.15 5.96 75.24
C GLN D 555 18.54 5.97 75.90
N GLY D 556 18.68 5.17 76.97
CA GLY D 556 19.92 5.02 77.70
C GLY D 556 20.26 6.11 78.70
N ALA D 557 19.36 7.09 78.90
CA ALA D 557 19.65 8.19 79.84
C ALA D 557 19.59 7.70 81.30
N VAL D 558 18.57 6.90 81.63
CA VAL D 558 18.40 6.37 82.97
C VAL D 558 18.56 4.85 82.88
N THR D 559 19.51 4.27 83.64
CA THR D 559 19.74 2.83 83.60
C THR D 559 19.33 2.12 84.91
N SER D 560 19.84 2.58 86.07
CA SER D 560 19.51 1.97 87.36
C SER D 560 18.43 2.78 88.08
N VAL D 561 17.44 2.08 88.63
CA VAL D 561 16.28 2.75 89.29
C VAL D 561 15.83 1.98 90.53
N THR D 562 15.25 2.67 91.52
CA THR D 562 14.70 2.10 92.75
C THR D 562 13.29 2.67 92.84
N LEU D 563 12.26 1.82 92.84
CA LEU D 563 10.88 2.29 92.90
C LEU D 563 10.47 2.77 94.29
N TYR D 564 11.19 2.38 95.36
CA TYR D 564 10.82 2.79 96.72
C TYR D 564 11.92 3.55 97.47
N SER D 565 12.74 4.35 96.77
CA SER D 565 13.80 5.11 97.42
C SER D 565 14.03 6.46 96.75
N ILE D 566 14.41 7.47 97.55
CA ILE D 566 14.68 8.82 97.05
C ILE D 566 16.19 9.11 97.01
N LEU D 567 17.04 8.27 97.63
CA LEU D 567 18.48 8.48 97.64
C LEU D 567 19.22 7.57 96.64
N GLN D 568 19.02 6.24 96.74
CA GLN D 568 19.70 5.31 95.84
C GLN D 568 19.00 5.25 94.49
N ASP D 569 19.71 5.67 93.41
CA ASP D 569 19.20 5.67 92.03
C ASP D 569 17.68 5.93 91.95
N PRO D 570 17.22 7.11 92.41
CA PRO D 570 15.78 7.36 92.42
C PRO D 570 15.13 7.45 91.05
N MET D 571 13.82 7.29 91.03
CA MET D 571 13.04 7.39 89.79
C MET D 571 13.00 8.85 89.34
N THR D 572 12.95 9.11 88.04
CA THR D 572 12.92 10.47 87.52
C THR D 572 11.52 11.09 87.67
N SER D 573 11.45 12.42 87.74
CA SER D 573 10.18 13.13 87.85
C SER D 573 10.04 14.11 86.68
N CYS D 574 8.84 14.25 86.13
CA CYS D 574 8.61 15.14 84.98
C CYS D 574 8.30 16.58 85.43
N GLY D 575 7.03 16.96 85.53
CA GLY D 575 6.68 18.32 85.93
C GLY D 575 5.22 18.53 86.27
N CYS D 576 4.41 17.49 86.19
CA CYS D 576 2.98 17.56 86.51
C CYS D 576 2.68 17.20 87.96
N PHE D 577 3.62 16.55 88.66
CA PHE D 577 3.46 16.14 90.06
C PHE D 577 2.83 17.17 90.99
N GLU D 578 1.90 16.72 91.83
CA GLU D 578 1.23 17.66 92.78
C GLU D 578 2.10 17.92 94.02
N CYS D 579 2.87 16.93 94.46
CA CYS D 579 3.69 17.09 95.64
C CYS D 579 5.17 16.87 95.35
N ILE D 580 6.03 17.38 96.25
CA ILE D 580 7.48 17.23 96.18
C ILE D 580 7.96 16.93 97.58
N THR D 581 8.80 15.89 97.74
CA THR D 581 9.34 15.51 99.05
C THR D 581 10.86 15.66 99.06
N GLY D 582 11.35 16.66 99.78
CA GLY D 582 12.78 16.95 99.88
C GLY D 582 13.38 16.52 101.21
N ILE D 583 14.67 16.18 101.18
CA ILE D 583 15.37 15.70 102.40
C ILE D 583 15.75 16.89 103.30
N MET D 584 15.55 16.74 104.60
CA MET D 584 15.91 17.78 105.57
C MET D 584 16.90 17.11 106.54
N PRO D 585 18.23 17.20 106.27
CA PRO D 585 19.19 16.54 107.17
C PRO D 585 19.10 17.03 108.61
N GLU D 586 18.65 18.25 108.83
CA GLU D 586 18.52 18.84 110.16
C GLU D 586 17.55 18.04 111.01
N ALA D 587 16.43 17.58 110.40
CA ALA D 587 15.41 16.82 111.11
C ALA D 587 15.46 15.30 110.84
N ASN D 588 16.53 14.80 110.18
CA ASN D 588 16.68 13.37 109.86
C ASN D 588 15.42 12.78 109.23
N GLY D 589 14.77 13.58 108.39
CA GLY D 589 13.54 13.18 107.73
C GLY D 589 13.24 14.13 106.58
N VAL D 590 12.10 13.92 105.92
CA VAL D 590 11.67 14.73 104.77
C VAL D 590 10.50 15.69 104.94
N VAL D 591 10.47 16.78 104.14
CA VAL D 591 9.36 17.74 104.16
C VAL D 591 8.55 17.55 102.88
N MET D 592 7.24 17.83 102.92
CA MET D 592 6.40 17.67 101.74
C MET D 592 5.70 18.97 101.41
N VAL D 593 5.49 19.24 100.12
CA VAL D 593 4.83 20.51 99.69
C VAL D 593 3.93 20.23 98.48
N ASN D 594 2.73 20.82 98.46
CA ASN D 594 1.80 20.65 97.35
C ASN D 594 1.87 21.90 96.47
N ARG D 595 1.44 21.78 95.21
CA ARG D 595 1.49 22.89 94.25
C ARG D 595 0.75 24.15 94.73
N GLU D 596 -0.39 23.99 95.41
CA GLU D 596 -1.17 25.13 95.89
C GLU D 596 -0.47 25.96 96.98
N PHE D 597 0.36 25.31 97.82
CA PHE D 597 1.09 25.98 98.90
C PHE D 597 2.13 26.96 98.35
N GLY D 598 1.87 28.25 98.49
CA GLY D 598 2.75 29.30 97.97
C GLY D 598 3.80 29.83 98.94
N ALA D 599 3.71 29.47 100.22
CA ALA D 599 4.66 29.96 101.23
C ALA D 599 5.98 29.15 101.21
N THR D 600 7.03 29.67 101.88
CA THR D 600 8.33 29.00 101.96
C THR D 600 8.22 27.78 102.88
N THR D 601 9.17 26.84 102.74
CA THR D 601 9.20 25.59 103.53
C THR D 601 10.44 25.53 104.43
N PRO D 602 10.58 24.51 105.31
CA PRO D 602 11.77 24.46 106.17
C PRO D 602 13.10 24.35 105.43
N LEU D 603 13.06 24.02 104.13
CA LEU D 603 14.28 23.92 103.34
C LEU D 603 14.64 25.29 102.70
N GLY D 604 13.92 26.35 103.08
CA GLY D 604 14.17 27.68 102.54
C GLY D 604 13.81 27.81 101.07
N MET D 605 12.78 27.07 100.65
CA MET D 605 12.34 27.08 99.25
C MET D 605 10.83 26.92 99.15
N THR D 606 10.26 27.45 98.07
CA THR D 606 8.82 27.34 97.81
C THR D 606 8.64 26.15 96.85
N PHE D 607 7.39 25.70 96.64
CA PHE D 607 7.14 24.57 95.73
C PHE D 607 7.74 24.81 94.34
N GLY D 608 7.64 26.04 93.84
CA GLY D 608 8.19 26.37 92.53
C GLY D 608 9.70 26.22 92.47
N GLU D 609 10.38 26.61 93.57
CA GLU D 609 11.84 26.53 93.65
C GLU D 609 12.27 25.06 93.72
N LEU D 610 11.54 24.24 94.49
CA LEU D 610 11.83 22.82 94.63
C LEU D 610 11.55 22.09 93.31
N ALA D 611 10.50 22.49 92.58
CA ALA D 611 10.13 21.86 91.31
C ALA D 611 11.24 21.98 90.28
N SER D 612 11.98 23.09 90.28
CA SER D 612 13.09 23.28 89.36
C SER D 612 14.23 22.27 89.67
N MET D 613 14.34 21.81 90.92
CA MET D 613 15.36 20.87 91.35
C MET D 613 14.94 19.40 91.23
N THR D 614 13.65 19.11 90.98
CA THR D 614 13.21 17.71 90.92
C THR D 614 12.77 17.27 89.52
N GLY D 615 12.04 18.12 88.81
CA GLY D 615 11.55 17.79 87.48
C GLY D 615 12.59 17.87 86.39
N GLY D 616 12.18 17.47 85.18
CA GLY D 616 13.03 17.49 84.00
C GLY D 616 13.52 16.14 83.50
N GLY D 617 13.08 15.06 84.11
CA GLY D 617 13.50 13.72 83.72
C GLY D 617 14.93 13.42 84.12
N VAL D 618 15.36 13.93 85.28
CA VAL D 618 16.72 13.73 85.79
C VAL D 618 16.65 13.04 87.15
N GLN D 619 17.54 12.06 87.40
CA GLN D 619 17.56 11.34 88.68
C GLN D 619 18.10 12.30 89.72
N THR D 620 17.23 12.74 90.64
CA THR D 620 17.60 13.72 91.66
C THR D 620 17.62 13.15 93.09
N PRO D 621 18.77 12.61 93.54
CA PRO D 621 18.83 12.10 94.93
C PRO D 621 18.41 13.13 95.96
N GLY D 622 17.59 12.71 96.91
CA GLY D 622 17.11 13.57 97.99
C GLY D 622 15.78 14.25 97.74
N PHE D 623 15.36 14.36 96.48
CA PHE D 623 14.10 15.03 96.16
C PHE D 623 13.29 14.21 95.16
N MET D 624 11.96 14.14 95.35
CA MET D 624 11.10 13.37 94.45
C MET D 624 9.73 14.02 94.25
N GLY D 625 9.14 13.82 93.08
CA GLY D 625 7.81 14.33 92.74
C GLY D 625 6.80 13.21 92.74
N HIS D 626 5.55 13.48 93.11
CA HIS D 626 4.51 12.44 93.15
C HIS D 626 3.12 13.02 93.42
N GLY D 627 2.09 12.20 93.22
CA GLY D 627 0.71 12.60 93.47
C GLY D 627 0.40 12.58 94.96
N ARG D 628 -0.76 13.12 95.38
CA ARG D 628 -1.10 13.15 96.80
C ARG D 628 -1.60 11.79 97.35
N GLN D 629 -1.93 10.84 96.47
CA GLN D 629 -2.41 9.53 96.90
C GLN D 629 -1.25 8.60 97.32
N PHE D 630 -0.03 8.85 96.82
CA PHE D 630 1.15 8.06 97.17
C PHE D 630 1.72 8.39 98.57
N ILE D 631 1.18 9.42 99.24
CA ILE D 631 1.66 9.83 100.56
C ILE D 631 1.46 8.73 101.62
N ALA D 632 0.26 8.16 101.69
CA ALA D 632 -0.04 7.11 102.68
C ALA D 632 0.46 5.72 102.27
N SER D 633 0.86 5.54 101.01
CA SER D 633 1.34 4.25 100.49
C SER D 633 2.38 3.58 101.39
N LYS D 634 2.32 2.25 101.48
CA LYS D 634 3.27 1.49 102.29
C LYS D 634 4.64 1.48 101.61
N LYS D 635 4.69 1.80 100.30
CA LYS D 635 5.93 1.85 99.53
C LYS D 635 6.56 3.26 99.49
N PHE D 636 5.98 4.22 100.21
CA PHE D 636 6.51 5.58 100.23
C PHE D 636 7.80 5.58 101.06
N MET D 637 8.94 5.73 100.39
CA MET D 637 10.25 5.79 101.10
C MET D 637 10.50 4.47 101.85
N LYS D 638 10.08 3.34 101.27
CA LYS D 638 10.32 2.04 101.91
C LYS D 638 11.80 1.77 102.23
N GLY D 639 12.67 2.08 101.30
CA GLY D 639 14.11 1.87 101.47
C GLY D 639 14.76 2.73 102.53
N GLU D 640 14.08 3.80 102.96
CA GLU D 640 14.62 4.70 103.97
C GLU D 640 13.92 4.56 105.34
N GLY D 641 12.91 3.71 105.44
CA GLY D 641 12.19 3.51 106.70
C GLY D 641 10.73 3.90 106.65
N GLY D 642 10.15 3.92 105.45
CA GLY D 642 8.74 4.26 105.28
C GLY D 642 8.41 5.70 105.55
N LEU D 643 7.10 6.01 105.43
CA LEU D 643 6.57 7.37 105.64
C LEU D 643 6.92 7.99 107.00
N GLY D 644 7.42 7.19 107.94
CA GLY D 644 7.75 7.68 109.28
C GLY D 644 8.74 8.84 109.24
N ARG D 645 9.33 9.11 108.05
CA ARG D 645 10.29 10.19 107.85
C ARG D 645 9.62 11.55 107.58
N ILE D 646 8.29 11.58 107.33
CA ILE D 646 7.60 12.85 107.07
C ILE D 646 7.63 13.69 108.33
N VAL D 647 8.32 14.83 108.31
CA VAL D 647 8.42 15.69 109.49
C VAL D 647 7.72 17.04 109.33
N TRP D 648 7.35 17.42 108.10
CA TRP D 648 6.70 18.70 107.87
C TRP D 648 5.90 18.64 106.58
N MET D 649 4.68 19.16 106.59
CA MET D 649 3.84 19.20 105.39
C MET D 649 2.73 20.22 105.62
N PRO D 650 2.22 20.93 104.59
CA PRO D 650 1.18 21.93 104.84
C PRO D 650 -0.03 21.37 105.60
N LYS D 651 -0.66 22.22 106.43
CA LYS D 651 -1.84 21.84 107.21
C LYS D 651 -2.94 21.35 106.26
N GLU D 652 -3.09 22.01 105.10
CA GLU D 652 -4.09 21.62 104.11
C GLU D 652 -3.91 20.16 103.68
N LEU D 653 -2.69 19.78 103.28
CA LEU D 653 -2.39 18.43 102.85
C LEU D 653 -2.48 17.45 104.02
N LYS D 654 -1.97 17.83 105.20
CA LYS D 654 -2.02 16.98 106.38
C LYS D 654 -3.46 16.58 106.72
N ASP D 655 -4.39 17.54 106.72
CA ASP D 655 -5.79 17.27 107.02
C ASP D 655 -6.39 16.36 105.97
N PHE D 656 -6.11 16.62 104.69
CA PHE D 656 -6.63 15.82 103.58
C PHE D 656 -6.21 14.36 103.71
N VAL D 657 -4.91 14.10 103.96
CA VAL D 657 -4.42 12.74 104.09
C VAL D 657 -4.35 12.23 105.54
N ALA D 658 -5.08 12.87 106.45
CA ALA D 658 -4.98 12.50 107.89
C ALA D 658 -5.22 11.00 108.09
N GLU D 659 -6.42 10.51 107.78
CA GLU D 659 -6.77 9.09 108.08
C GLU D 659 -5.99 8.10 107.19
N LYS D 660 -6.00 8.29 105.87
CA LYS D 660 -5.36 7.28 104.98
C LYS D 660 -3.94 6.98 105.49
N LEU D 661 -3.26 7.95 106.11
CA LEU D 661 -1.85 7.74 106.54
C LEU D 661 -1.75 7.17 107.97
N ASN D 662 -2.44 7.78 108.94
CA ASN D 662 -2.40 7.32 110.33
C ASN D 662 -2.69 5.82 110.34
N LYS D 663 -3.52 5.34 109.39
CA LYS D 663 -3.92 3.92 109.32
C LYS D 663 -2.76 3.04 108.83
N THR D 664 -1.74 3.64 108.22
CA THR D 664 -0.60 2.89 107.70
C THR D 664 0.64 3.50 108.37
N ALA D 665 0.48 4.07 109.58
CA ALA D 665 1.64 4.66 110.28
C ALA D 665 2.41 3.53 110.95
N LYS D 666 3.34 2.90 110.20
CA LYS D 666 4.14 1.75 110.66
C LYS D 666 3.19 0.63 111.07
N GLU D 667 2.14 0.40 110.24
CA GLU D 667 1.09 -0.58 110.48
C GLU D 667 0.13 -0.15 111.61
N LEU D 668 0.15 1.15 111.96
CA LEU D 668 -0.76 1.72 112.99
C LEU D 668 -0.35 1.20 114.38
N TYR D 669 -0.03 -0.09 114.51
CA TYR D 669 0.40 -0.63 115.83
C TYR D 669 1.59 0.13 116.42
N ASN D 670 2.62 0.42 115.62
CA ASN D 670 3.83 1.08 116.21
C ASN D 670 3.45 2.49 116.70
N ILE D 671 2.75 3.27 115.86
CA ILE D 671 2.43 4.68 116.28
C ILE D 671 1.01 5.03 115.83
N ASP D 672 0.28 5.78 116.65
CA ASP D 672 -1.11 6.19 116.31
C ASP D 672 -1.18 7.72 116.27
N ASN D 673 -2.10 8.27 115.46
CA ASN D 673 -2.22 9.75 115.33
C ASN D 673 -0.85 10.33 114.93
N PHE D 674 -0.20 9.73 113.94
CA PHE D 674 1.13 10.21 113.48
C PHE D 674 1.02 11.68 113.06
N ALA D 675 -0.09 12.02 112.39
CA ALA D 675 -0.29 13.41 111.92
C ALA D 675 0.02 14.39 113.06
N ASP D 676 -0.55 14.15 114.25
CA ASP D 676 -0.34 15.06 115.37
C ASP D 676 1.15 15.31 115.67
N MET D 677 2.05 14.46 115.14
CA MET D 677 3.49 14.59 115.34
C MET D 677 4.16 15.36 114.19
N ILE D 678 3.53 15.41 113.00
CA ILE D 678 4.08 16.11 111.85
C ILE D 678 3.87 17.61 112.01
N CYS D 679 4.87 18.43 111.64
CA CYS D 679 4.78 19.89 111.76
C CYS D 679 4.12 20.51 110.51
N ASP D 680 3.66 21.76 110.61
CA ASP D 680 3.03 22.47 109.49
C ASP D 680 3.24 23.99 109.61
N GLU D 681 2.83 24.76 108.59
CA GLU D 681 3.01 26.22 108.59
C GLU D 681 2.37 26.92 109.79
N THR D 682 1.34 26.32 110.41
CA THR D 682 0.67 26.93 111.56
C THR D 682 1.51 26.78 112.83
N ILE D 683 2.27 25.68 112.95
CA ILE D 683 3.11 25.45 114.12
C ILE D 683 4.41 26.27 113.96
N ALA D 684 5.17 26.02 112.86
CA ALA D 684 6.42 26.73 112.56
C ALA D 684 7.00 26.29 111.20
N THR D 685 7.78 27.16 110.56
CA THR D 685 8.40 26.85 109.27
C THR D 685 9.93 26.84 109.34
N GLU D 686 10.53 27.68 110.20
CA GLU D 686 11.99 27.74 110.34
C GLU D 686 12.56 26.42 110.85
N SER D 687 13.66 25.97 110.26
CA SER D 687 14.31 24.70 110.64
C SER D 687 14.59 24.59 112.14
N GLU D 688 15.07 25.66 112.77
CA GLU D 688 15.37 25.61 114.21
C GLU D 688 14.10 25.39 115.03
N GLU D 689 13.01 26.04 114.65
CA GLU D 689 11.74 25.90 115.41
C GLU D 689 11.16 24.50 115.14
N VAL D 690 11.24 24.05 113.89
CA VAL D 690 10.66 22.75 113.51
C VAL D 690 11.37 21.61 114.24
N VAL D 691 12.72 21.65 114.33
CA VAL D 691 13.44 20.58 115.03
C VAL D 691 13.07 20.56 116.52
N LYS D 692 12.75 21.73 117.11
CA LYS D 692 12.35 21.78 118.52
C LYS D 692 10.99 21.11 118.69
N PHE D 693 10.03 21.39 117.80
CA PHE D 693 8.70 20.79 117.84
C PHE D 693 8.79 19.27 117.69
N LEU D 694 9.68 18.80 116.82
CA LEU D 694 9.86 17.37 116.59
C LEU D 694 10.51 16.70 117.80
N GLU D 695 11.44 17.40 118.47
CA GLU D 695 12.10 16.88 119.67
C GLU D 695 11.06 16.79 120.80
N GLU D 696 10.18 17.80 120.90
CA GLU D 696 9.13 17.84 121.93
C GLU D 696 8.20 16.64 121.79
N LYS D 697 7.64 16.44 120.58
CA LYS D 697 6.72 15.33 120.34
C LYS D 697 7.41 13.96 120.27
N GLY D 698 8.72 13.93 120.10
CA GLY D 698 9.46 12.68 120.01
C GLY D 698 9.11 11.97 118.71
N HIS D 699 9.26 12.69 117.59
CA HIS D 699 8.94 12.18 116.27
C HIS D 699 9.72 10.91 115.96
N PRO D 700 9.09 9.88 115.37
CA PRO D 700 9.83 8.65 115.07
C PRO D 700 11.03 8.85 114.12
N ALA D 701 11.03 9.95 113.35
CA ALA D 701 12.11 10.26 112.40
C ALA D 701 13.43 10.55 113.10
N LEU D 702 13.38 11.22 114.25
CA LEU D 702 14.61 11.55 114.99
C LEU D 702 15.23 10.28 115.56
N LYS D 703 14.42 9.32 116.01
CA LYS D 703 14.94 8.06 116.57
C LYS D 703 14.89 6.95 115.52
N MET D 704 15.56 7.20 114.38
CA MET D 704 15.61 6.22 113.27
C MET D 704 16.99 6.31 112.62
N ASP D 705 17.46 5.22 112.00
CA ASP D 705 18.85 5.24 111.44
C ASP D 705 19.01 6.46 110.52
N PRO D 706 20.16 7.16 110.63
CA PRO D 706 20.43 8.35 109.83
C PRO D 706 20.05 8.08 108.38
N ILE D 707 19.27 8.99 107.82
CA ILE D 707 18.81 8.72 106.44
C ILE D 707 19.96 8.93 105.46
N MET D 708 20.76 9.98 105.67
CA MET D 708 21.90 10.28 104.75
C MET D 708 23.21 9.97 105.48
FE1 SF4 E . -15.87 20.83 -62.33
FE2 SF4 E . -15.54 23.40 -62.57
FE3 SF4 E . -17.44 22.47 -60.99
FE4 SF4 E . -17.65 22.23 -63.62
S1 SF4 E . -17.68 24.21 -62.46
S2 SF4 E . -18.15 20.58 -62.11
S3 SF4 E . -15.49 21.90 -64.32
S4 SF4 E . -15.19 22.23 -60.63
NI NI F . -20.87 26.64 -65.45
NI NI G . -19.55 24.51 -64.67
C1 EDO H . -28.69 -14.32 -47.43
O1 EDO H . -27.98 -15.40 -46.87
C2 EDO H . -28.32 -13.01 -46.84
O2 EDO H . -28.66 -11.91 -47.66
O5 PE4 I . -39.23 -32.20 -56.06
C9 PE4 I . -39.71 -33.37 -55.47
C10 PE4 I . -38.79 -34.54 -55.81
O6 PE4 I . -39.05 -35.01 -57.11
C11 PE4 I . -40.00 -36.03 -57.29
C12 PE4 I . -41.03 -35.59 -58.32
O7 PE4 I . -40.38 -35.18 -59.51
C13 PE4 I . -40.87 -34.03 -60.16
C14 PE4 I . -40.12 -32.79 -59.68
O8 PE4 I . -40.86 -32.13 -58.68
C1 EDO J . -22.29 -34.24 -48.32
O1 EDO J . -22.57 -35.61 -48.10
C2 EDO J . -21.71 -33.59 -47.07
O2 EDO J . -22.65 -32.73 -46.43
C1 GOL K . -35.01 53.53 -55.85
O1 GOL K . -36.11 52.67 -56.18
C2 GOL K . -34.48 54.23 -57.07
O2 GOL K . -34.06 53.28 -58.04
C3 GOL K . -35.49 55.17 -57.68
O3 GOL K . -34.96 55.82 -58.83
C1 PEG L . -3.67 -29.69 -63.69
O1 PEG L . -2.32 -29.93 -63.36
C2 PEG L . -4.00 -28.22 -63.65
O2 PEG L . -4.27 -27.82 -62.30
C3 PEG L . -4.74 -26.50 -62.16
C4 PEG L . -5.72 -26.43 -61.02
O4 PEG L . -5.12 -26.88 -59.80
CA CA M . -18.78 -27.61 -90.43
CA CA N . -48.24 -23.56 -61.56
CA CA O . -36.68 -28.35 -54.51
CA CA P . 1.36 -34.94 -53.22
CL CL Q . -14.75 -14.28 -60.19
CL CL R . -25.67 -12.73 -81.43
C1 EDO S . -2.02 -17.85 -82.32
O1 EDO S . -3.20 -18.36 -82.94
C2 EDO S . -2.29 -16.46 -81.78
O2 EDO S . -2.75 -15.62 -82.82
C1 EDO T . -20.24 -2.12 -76.75
O1 EDO T . -20.27 -2.76 -78.02
C2 EDO T . -20.38 -0.63 -76.93
O2 EDO T . -19.21 -0.11 -77.56
C1 EDO U . -26.48 54.03 -71.65
O1 EDO U . -26.23 52.63 -71.50
C2 EDO U . -27.09 54.31 -73.01
O2 EDO U . -28.42 53.84 -73.04
C1 EDO V . -4.33 -34.83 -66.33
O1 EDO V . -3.69 -36.03 -65.94
C2 EDO V . -3.58 -33.60 -65.80
O2 EDO V . -2.96 -32.88 -66.85
C1 EDO W . -18.36 -43.80 -55.09
O1 EDO W . -17.39 -44.19 -56.03
C2 EDO W . -17.77 -43.21 -53.86
O2 EDO W . -17.97 -41.81 -53.75
C1 EDO X . -25.87 -38.01 -63.01
O1 EDO X . -25.49 -37.64 -64.32
C2 EDO X . -26.65 -36.95 -62.31
O2 EDO X . -27.77 -36.50 -63.04
C1 GOL Y . 15.16 10.25 -44.61
O1 GOL Y . 15.06 9.45 -43.44
C2 GOL Y . 14.96 11.72 -44.29
O2 GOL Y . 13.71 11.91 -43.63
C3 GOL Y . 16.08 12.28 -43.44
O3 GOL Y . 17.33 12.23 -44.12
FE1 SF4 Z . 16.36 -24.74 0.45
FE2 SF4 Z . 13.73 -25.16 0.35
FE3 SF4 Z . 14.95 -23.69 -1.53
FE4 SF4 Z . 14.71 -22.72 0.88
S1 SF4 Z . 12.94 -23.17 -0.53
S2 SF4 Z . 16.61 -22.60 -0.39
S3 SF4 Z . 14.94 -24.57 2.24
S4 SF4 Z . 15.24 -25.97 -1.17
C1 PEG AA . -18.01 -25.91 -37.23
O1 PEG AA . -18.62 -24.99 -38.12
C2 PEG AA . -18.55 -25.77 -35.83
O2 PEG AA . -19.12 -27.01 -35.43
C3 PEG AA . -20.23 -26.93 -34.53
C4 PEG AA . -19.77 -27.07 -33.10
O4 PEG AA . -20.45 -26.18 -32.23
C1 GOL BA . 35.28 -13.37 -25.62
O1 GOL BA . 35.87 -14.48 -24.97
C2 GOL BA . 36.11 -12.11 -25.46
O2 GOL BA . 35.97 -11.60 -24.14
C3 GOL BA . 35.77 -11.05 -26.46
O3 GOL BA . 36.49 -9.85 -26.24
FE1 XCC CA . 12.07 -8.32 -25.21
FE2 XCC CA . 9.31 -6.82 -26.91
FE3 XCC CA . 11.27 -11.12 -26.47
FE4 XCC CA . 11.93 -8.65 -28.46
S1 XCC CA . 10.36 -10.01 -28.02
S2 XCC CA . 12.65 -9.59 -26.74
S4 XCC CA . 10.28 -9.67 -25.07
S3 XCC CA . 11.39 -7.26 -26.93
NI XCC CA . 8.44 -9.25 -27.01
C1 GOL DA . -23.65 -18.83 -33.34
O1 GOL DA . -23.30 -18.34 -32.04
C2 GOL DA . -23.49 -20.33 -33.42
O2 GOL DA . -24.57 -20.98 -32.75
C3 GOL DA . -23.38 -20.84 -34.84
O3 GOL DA . -23.17 -22.26 -34.87
C1 GOL EA . 13.42 -33.82 -27.89
O1 GOL EA . 12.81 -34.93 -28.53
C2 GOL EA . 13.51 -32.62 -28.81
O2 GOL EA . 14.38 -31.62 -28.25
C3 GOL EA . 13.96 -32.96 -30.22
O3 GOL EA . 14.51 -31.83 -30.89
CA CA FA . -12.60 -3.70 -27.39
CL CL GA . -16.77 -10.62 -35.47
CL CL HA . 31.76 6.95 -34.57
CL CL IA . 33.09 -3.50 -25.16
CL CL JA . 17.08 -19.19 -45.76
CL CL KA . 32.20 -14.54 -35.71
C1 EDO LA . -21.99 -3.48 -40.29
O1 EDO LA . -22.35 -2.85 -41.52
C2 EDO LA . -22.91 -4.65 -40.03
O2 EDO LA . -22.25 -5.63 -39.23
C1 EDO MA . -11.62 2.75 -35.87
O1 EDO MA . -10.49 1.94 -35.60
C2 EDO MA . -11.21 3.99 -36.65
O2 EDO MA . -12.17 5.03 -36.48
C1 EDO NA . -0.06 -0.94 -47.69
O1 EDO NA . 1.12 -1.04 -48.47
C2 EDO NA . -0.22 0.47 -47.18
O2 EDO NA . -0.51 1.34 -48.26
C1 EDO OA . -3.83 -37.90 -21.76
O1 EDO OA . -4.79 -37.00 -21.24
C2 EDO OA . -3.53 -37.52 -23.19
O2 EDO OA . -3.17 -36.14 -23.20
C1 EDO PA . 36.48 6.13 -28.57
O1 EDO PA . 35.98 5.91 -29.87
C2 EDO PA . 35.58 6.96 -27.73
O2 EDO PA . 34.96 8.01 -28.43
C1 EDO QA . 37.55 1.27 -31.97
O1 EDO QA . 37.64 1.72 -30.65
C2 EDO QA . 36.36 1.77 -32.69
O2 EDO QA . 35.81 2.93 -32.11
C1 EDO RA . 13.87 16.37 -19.79
O1 EDO RA . 14.65 15.25 -19.45
C2 EDO RA . 13.00 16.84 -18.69
O2 EDO RA . 12.19 17.96 -19.04
C1 EDO SA . -8.82 -31.06 -27.71
O1 EDO SA . -8.50 -31.39 -29.05
C2 EDO SA . -9.62 -29.82 -27.58
O2 EDO SA . -10.67 -29.74 -28.52
C1 EDO TA . -7.71 -4.79 -31.37
O1 EDO TA . -6.68 -4.66 -32.33
C2 EDO TA . -7.22 -5.29 -30.07
O2 EDO TA . -7.76 -6.55 -29.73
C1 EDO UA . -19.78 -10.04 -23.71
O1 EDO UA . -18.95 -10.57 -22.68
C2 EDO UA . -19.60 -10.70 -25.01
O2 EDO UA . -19.78 -12.10 -24.94
C1 EDO VA . 0.52 18.50 -21.65
O1 EDO VA . 0.28 19.30 -22.80
C2 EDO VA . -0.59 17.59 -21.31
O2 EDO VA . -0.54 16.35 -22.00
C1 EDO WA . -11.97 11.21 -34.62
O1 EDO WA . -11.16 10.07 -34.44
C2 EDO WA . -11.43 12.43 -33.98
O2 EDO WA . -10.14 12.80 -34.46
C1 EDO XA . -11.44 -1.77 -3.54
O1 EDO XA . -10.65 -2.85 -3.10
C2 EDO XA . -12.23 -2.07 -4.76
O2 EDO XA . -13.06 -1.01 -5.17
C1 EDO YA . -3.34 6.89 -36.82
O1 EDO YA . -2.39 5.86 -37.03
C2 EDO YA . -2.74 8.10 -36.22
O2 EDO YA . -3.62 9.21 -36.23
C1 EDO ZA . -10.17 -4.86 -21.57
O1 EDO ZA . -10.10 -5.51 -20.32
C2 EDO ZA . -11.52 -4.88 -22.18
O2 EDO ZA . -12.29 -3.74 -21.86
FE1 SF4 AB . 23.73 -23.46 -10.50
FE2 SF4 AB . 23.29 -20.98 -9.80
FE3 SF4 AB . 24.79 -22.52 -8.27
FE4 SF4 AB . 22.18 -22.91 -8.48
S1 SF4 AB . 23.17 -21.06 -7.52
S2 SF4 AB . 23.76 -24.58 -8.50
S3 SF4 AB . 21.70 -22.41 -10.65
S4 SF4 AB . 25.37 -21.82 -10.37
FE1 SF4 BB . 19.67 -13.39 -18.41
FE2 SF4 BB . 21.43 -11.44 -17.91
FE3 SF4 BB . 22.11 -14.03 -17.65
FE4 SF4 BB . 20.42 -12.94 -15.95
S1 SF4 BB . 22.63 -12.34 -16.16
S2 SF4 BB . 20.17 -15.00 -16.88
S3 SF4 BB . 19.23 -11.47 -17.22
S4 SF4 BB . 21.59 -12.96 -19.63
C1 EDO CB . 24.77 8.17 13.47
O1 EDO CB . 24.33 8.58 12.18
C2 EDO CB . 26.23 8.50 13.66
O2 EDO CB . 26.83 7.59 14.57
FE1 XCC DB . 8.74 -16.85 9.15
FE2 XCC DB . 6.30 -16.74 11.69
FE3 XCC DB . 11.37 -16.07 11.10
FE4 XCC DB . 9.22 -18.59 11.97
S1 XCC DB . 9.92 -16.72 12.54
S2 XCC DB . 10.31 -17.70 10.38
S4 XCC DB . 9.53 -15.05 10.09
S3 XCC DB . 7.55 -17.88 10.68
NI XCC DB . 8.33 -15.16 12.28
CA CA EB . -13.83 -27.78 6.24
CA CA FB . 0.94 -11.88 34.29
CA CA GB . -2.95 2.05 9.90
CL CL HB . 2.92 8.52 23.20
C1 EDO IB . -8.82 -11.75 24.10
O1 EDO IB . -10.12 -11.38 23.67
C2 EDO IB . -7.95 -10.53 24.28
O2 EDO IB . -6.91 -10.78 25.22
C1 EDO JB . 33.48 -1.35 23.88
O1 EDO JB . 32.85 -2.59 23.59
C2 EDO JB . 32.73 -0.62 24.98
O2 EDO JB . 31.44 -0.25 24.54
C1 EDO KB . 30.42 6.54 6.18
O1 EDO KB . 30.80 6.28 4.84
C2 EDO KB . 28.98 6.99 6.22
O2 EDO KB . 28.91 8.37 5.95
C1 EDO LB . -3.54 3.99 15.80
O1 EDO LB . -2.30 3.29 15.69
C2 EDO LB . -4.12 4.26 14.42
O2 EDO LB . -4.88 5.46 14.42
C1 EDO MB . 39.60 -12.47 -16.41
O1 EDO MB . 40.54 -13.14 -15.58
C2 EDO MB . 39.01 -11.28 -15.78
O2 EDO MB . 38.10 -10.58 -16.63
C1 EDO NB . -7.75 2.89 -8.85
O1 EDO NB . -8.63 2.83 -9.97
C2 EDO NB . -7.63 4.26 -8.29
O2 EDO NB . -7.33 4.27 -6.91
FE1 SF4 OB . 2.00 9.28 82.29
FE2 SF4 OB . 3.73 9.56 84.30
FE3 SF4 OB . 1.24 10.51 84.52
FE4 SF4 OB . 2.97 11.65 82.88
S1 SF4 OB . 3.16 11.62 85.17
S2 SF4 OB . 0.77 11.21 82.37
S3 SF4 OB . 4.21 9.89 82.08
S4 SF4 OB . 1.80 8.29 84.37
NI NI PB . 4.06 13.93 83.84
NI NI QB . 5.13 15.85 85.66
C1 PEG RB . 29.97 -1.09 46.78
O1 PEG RB . 31.06 -1.59 46.04
C2 PEG RB . 28.68 -1.64 46.29
O2 PEG RB . 27.59 -0.86 46.76
C3 PEG RB . 27.22 0.25 45.93
C4 PEG RB . 26.25 -0.20 44.87
O4 PEG RB . 25.75 0.90 44.14
N1A ACO SB . 1.87 24.99 86.93
C2A ACO SB . 3.20 25.22 87.03
N3A ACO SB . 3.67 26.50 86.97
C4A ACO SB . 2.81 27.51 86.79
C5A ACO SB . 1.49 27.30 86.69
C6A ACO SB . 1.03 26.00 86.76
N6A ACO SB . -0.38 25.65 86.65
N7A ACO SB . 0.86 28.48 86.51
C8A ACO SB . 1.75 29.48 86.50
N9A ACO SB . 2.89 28.84 86.67
C1B ACO SB . 3.98 29.62 86.72
C2B ACO SB . 5.28 28.83 86.53
O2B ACO SB . 5.73 28.26 87.83
C3B ACO SB . 6.27 29.89 86.05
O3B ACO SB . 7.11 30.32 87.12
P3B ACO SB . 8.60 29.61 87.25
O7A ACO SB . 9.36 29.82 85.97
O8A ACO SB . 9.36 30.24 88.39
O9A ACO SB . 8.43 28.13 87.51
C4B ACO SB . 5.31 31.11 85.58
O4B ACO SB . 4.00 30.55 85.64
C5B ACO SB . 5.67 31.53 84.17
O5B ACO SB . 6.86 30.89 83.80
P1A ACO SB . 7.74 31.45 82.53
O1A ACO SB . 9.18 31.61 82.94
O2A ACO SB . 7.20 32.80 82.08
O3A ACO SB . 7.63 30.42 81.25
P2A ACO SB . 6.42 29.33 81.08
O4A ACO SB . 5.88 29.36 79.67
O5A ACO SB . 5.29 29.66 82.02
O6A ACO SB . 6.99 27.83 81.43
CBP ACO SB . 8.75 27.16 82.92
CCP ACO SB . 7.28 27.56 82.78
CDP ACO SB . 9.65 28.28 82.42
CEP ACO SB . 9.03 26.91 84.41
CAP ACO SB . 9.00 25.89 82.10
OAP ACO SB . 9.66 26.22 80.92
C9P ACO SB . 9.84 24.90 82.91
O9P ACO SB . 11.00 25.07 83.04
N8P ACO SB . 9.20 23.73 83.50
C7P ACO SB . 7.77 23.50 83.33
C6P ACO SB . 7.54 22.67 82.06
C5P ACO SB . 6.19 21.93 82.12
O5P ACO SB . 5.30 22.25 81.41
N4P ACO SB . 6.01 20.82 83.06
C3P ACO SB . 4.73 20.13 83.10
C2P ACO SB . 4.58 19.35 81.79
S1P ACO SB . 3.96 17.68 82.12
C ACO SB . 2.15 17.74 82.16
O ACO SB . 1.60 18.71 82.57
CH3 ACO SB . 1.32 16.55 81.67
C1 GOL TB . 8.07 14.48 69.32
O1 GOL TB . 7.02 14.20 70.25
C2 GOL TB . 8.06 15.94 68.90
O2 GOL TB . 8.10 16.79 70.05
C3 GOL TB . 9.19 16.29 67.95
O3 GOL TB . 10.40 15.61 68.29
C TRS UB . 16.47 21.03 85.99
C1 TRS UB . 16.50 19.89 87.00
C2 TRS UB . 17.45 22.13 86.40
C3 TRS UB . 15.06 21.59 85.84
N TRS UB . 16.90 20.49 84.66
O1 TRS UB . 16.28 18.63 86.40
O2 TRS UB . 16.91 22.96 87.42
O3 TRS UB . 14.11 20.84 86.58
CA CA VB . 18.69 4.56 106.62
CA CA WB . 10.44 19.31 74.57
C1 EDO XB . -2.67 2.95 96.74
O1 EDO XB . -2.52 3.66 95.51
C2 EDO XB . -3.40 1.65 96.52
O2 EDO XB . -2.99 0.69 97.47
C1 EDO YB . 10.13 3.91 115.40
O1 EDO YB . 10.10 2.63 114.78
C2 EDO YB . 11.01 4.84 114.61
O2 EDO YB . 12.35 4.58 114.96
C1 EDO ZB . 15.30 32.97 41.98
O1 EDO ZB . 14.97 31.60 42.07
C2 EDO ZB . 14.29 33.81 42.74
O2 EDO ZB . 14.87 35.02 43.19
C1 EDO AC . 5.37 5.00 42.28
O1 EDO AC . 6.03 4.77 43.51
C2 EDO AC . 4.06 5.66 42.43
O2 EDO AC . 4.12 7.06 42.28
#